data_9JJE
#
_entry.id   9JJE
#
_cell.length_a   1.00
_cell.length_b   1.00
_cell.length_c   1.00
_cell.angle_alpha   90.00
_cell.angle_beta   90.00
_cell.angle_gamma   90.00
#
_symmetry.space_group_name_H-M   'P 1'
#
loop_
_entity.id
_entity.type
_entity.pdbx_description
1 polymer 'Transient receptor potential cation channel subfamily M member-like 2'
2 branched 2-acetamido-2-deoxy-beta-D-glucopyranose-(1-4)-2-acetamido-2-deoxy-beta-D-glucopyranose
3 non-polymer 'CALCIUM ION'
4 non-polymer '[(2R,3R,4R,5R)-5-(6-AMINO-9H-PURIN-9-YL)-3-HYDROXY-4-(PHOSPHONOOXY)TETRAHYDROFURAN-2-YL]METHYL [(2R,3S,4R,5R)-3,4,5-TRIHYDROXYTETRAHYDROFURAN-2-YL]METHYL DIHYDROGEN DIPHOSPHATE'
#
_entity_poly.entity_id   1
_entity_poly.type   'polypeptide(L)'
_entity_poly.pdbx_seq_one_letter_code
;MGKDSFTPLYDGGDSSHVHLNKFGSNQLSQSKKSWIARNFSRRECIRFVPKSHDVSRCKCGRPRERHSQQALESGQGSEE
WNVASCTTKHPTNAYGEIDFEGYGGQKRAPYLRMSHDTDANLVITLMLKRWNLEIPNLVISVTGGAKSFVLKPRLREMFR
RGLIKAAKTTGAWIITGGTNTGVMKHVGEAVKEQQLMFGSDTQVNVIGIATWGIVDKQSDLISEKNGKYPALYSMEPTPG
HQGAMLDPNHSHFFLVDDGTEGKYGVEIGMRSRIEEAIMKVKTDSRSEAGSIGVPVVLLVLEGGPNTVATMYELIKKKVP
AVVIDGSGRAASVVGFAYNHTIKRNVDGQTINVIDPQYEDEVRAKVVEVFGAKGADKTYSMIKDVLEDEKMISVYSLDGE
ISQDIDLAILKALLKANRSSPVAQLNLALAWNRIDLAKSDIFTEEQQWTTETLSAAMLTALLDDKAEFAELFLQNGLSMR
EFLSLDILCKLYAEVPGNTTIKPLLQKEMGKRQVKTIDMDVVGEVIEELMGDMFESYYRKDGHYFGELASYAEGLVLKNR
KSSKDLLANINRIDPLPTPYLDVFLWAVLCNRRELARVLWEAGREPMAAALMASRLLKRMASRAQEDNTITDISSDLYDH
ARLFEERAVGVLDECFNENETLSQTLLVRELDHYSRMTALELAVSAESQDFIAHTSCQVLLTRLWMGTMAMNTRWWKVLV
CLYLPVLIFPIIYFVPDEQHERQAAEREHQKSLNQKSSKVKSHKEKNDAPVVPVYRSKEEKAVSNDEEARVGTENEEEDF
QLEDYIPEIREDDSMEVIMRNKKLGFCDRIMHFYSAPFSKFVGNVVGYLAFIFLYAYVVLFNFPRFDPAKTLGGIHPTEI
VLYFWVFTILIEEIRQLAAKPPKYIKDKVSVYFSDTWNFVDIFSLTVFIIAIILRFFTNSRIFTASRIILSLDIIFFIVR
SLQIFSVNRLLGPKLVMIQKMMQDLAQFIIILAVFTIAYGIALHAVMFPSPGIYARNNTWVTITSVVQYPYWQMYGELFL
DEIQGEKPKEFGEVDPDGRWLSPLLLAIYMVFTNILLLNLLIAIFNYTFERVQEDSDKVWKFQRYDLVQEYHSRPVFAPP
LVLLGHILIFIRWVWRMCRCGHPPRGSTMKIGLSPAEMEQMDNWEFQAAEMYIHQQQQKNSGTLEERVRALGDRVDCINS
QLNRVLDSMSGTRAHALTDGNGLEGGHDSEGRLARMEVELSSNSESLQKILALLQQQPPVKGQAAVPIQLTLLHYKARSS
PYPGSTAKRFAVQDNMVDWQVPFPDYKPVNYTAPVVLANPVWADKDLMAMSPRPELPYNQMDHTCNVNRVSYNGTYVVKD
GLPLNPMGRTGMQGRGLLGRFGPNHAADPVVTRWKRTSAGVMLQGGKKVLEFVAIQRKDNNQWAIPGGMVEPGQLVTQAL
KAEFGEEAMAKLNVSQEEKERIAKQIERLFQQGQEIYKGYVDDPRNTDNAWMETVAVNFHDDKGDLFGDITLQAGDDAAA
VRWQRVSGNIPLYASHVSILEKVAKMRDAAFSNSLEVLFQ
;
_entity_poly.pdbx_strand_id   A,B,C,D
#
loop_
_chem_comp.id
_chem_comp.type
_chem_comp.name
_chem_comp.formula
A2R non-polymer '[(2R,3R,4R,5R)-5-(6-AMINO-9H-PURIN-9-YL)-3-HYDROXY-4-(PHOSPHONOOXY)TETRAHYDROFURAN-2-YL]METHYL [(2R,3S,4R,5R)-3,4,5-TRIHYDROXYTETRAHYDROFURAN-2-YL]METHYL DIHYDROGEN DIPHOSPHATE' 'C15 H24 N5 O17 P3'
CA non-polymer 'CALCIUM ION' 'Ca 2'
NAG D-saccharide, beta linking 2-acetamido-2-deoxy-beta-D-glucopyranose 'C8 H15 N O6'
#
# COMPACT_ATOMS: atom_id res chain seq x y z
N ALA A 94 52.11 51.44 -12.96
CA ALA A 94 52.43 50.02 -13.02
C ALA A 94 51.18 49.18 -13.22
N TYR A 95 51.08 48.55 -14.39
CA TYR A 95 49.95 47.69 -14.72
C TYR A 95 50.46 46.43 -15.39
N GLY A 96 49.76 45.33 -15.15
CA GLY A 96 50.21 44.07 -15.69
C GLY A 96 49.38 42.88 -15.27
N GLU A 97 50.02 41.78 -14.89
CA GLU A 97 49.30 40.54 -14.65
C GLU A 97 50.09 39.65 -13.70
N ILE A 98 49.53 39.42 -12.51
CA ILE A 98 50.18 38.59 -11.50
C ILE A 98 50.02 37.13 -11.90
N ASP A 99 51.13 36.38 -11.84
CA ASP A 99 51.14 34.92 -11.79
C ASP A 99 51.49 34.56 -10.35
N PHE A 100 50.49 34.12 -9.59
CA PHE A 100 50.72 33.70 -8.22
C PHE A 100 51.45 32.36 -8.21
N GLU A 101 52.46 32.25 -7.34
CA GLU A 101 53.42 31.15 -7.39
C GLU A 101 52.79 29.88 -6.79
N GLY A 102 52.01 29.20 -7.63
CA GLY A 102 51.41 27.93 -7.27
C GLY A 102 50.39 27.99 -6.17
N TYR A 103 49.58 29.05 -6.13
CA TYR A 103 48.61 29.27 -5.07
C TYR A 103 47.22 28.74 -5.43
N GLY A 104 47.13 27.92 -6.48
CA GLY A 104 45.85 27.36 -6.88
C GLY A 104 45.26 28.05 -8.10
N GLY A 105 45.37 27.40 -9.25
CA GLY A 105 44.80 27.96 -10.48
C GLY A 105 45.87 28.30 -11.50
N GLN A 106 45.62 27.89 -12.75
CA GLN A 106 46.54 28.17 -13.84
C GLN A 106 46.39 29.60 -14.35
N LYS A 107 45.18 30.15 -14.29
CA LYS A 107 44.91 31.46 -14.89
C LYS A 107 45.52 32.59 -14.06
N ARG A 108 46.04 33.59 -14.76
CA ARG A 108 46.71 34.73 -14.15
C ARG A 108 45.75 35.90 -14.04
N ALA A 109 46.04 36.84 -13.14
CA ALA A 109 45.09 37.90 -12.84
C ALA A 109 45.69 39.28 -13.10
N PRO A 110 45.11 40.10 -13.97
CA PRO A 110 45.70 41.42 -14.25
C PRO A 110 45.41 42.45 -13.16
N TYR A 111 46.36 43.38 -13.02
CA TYR A 111 46.29 44.46 -12.06
C TYR A 111 46.49 45.80 -12.75
N LEU A 112 45.90 46.83 -12.14
CA LEU A 112 45.94 48.19 -12.69
C LEU A 112 46.10 49.20 -11.56
N ARG A 113 47.17 49.98 -11.63
CA ARG A 113 47.36 51.14 -10.76
C ARG A 113 46.44 52.28 -11.21
N MET A 114 45.81 52.94 -10.24
CA MET A 114 44.82 53.97 -10.53
C MET A 114 44.96 55.11 -9.52
N SER A 115 44.51 56.29 -9.93
CA SER A 115 44.30 57.43 -9.05
C SER A 115 42.81 57.78 -9.05
N HIS A 116 42.37 58.49 -8.02
CA HIS A 116 40.97 58.88 -7.92
C HIS A 116 40.63 60.07 -8.81
N ASP A 117 41.62 60.70 -9.44
CA ASP A 117 41.34 61.79 -10.37
C ASP A 117 40.68 61.27 -11.65
N THR A 118 41.03 60.05 -12.06
CA THR A 118 40.46 59.50 -13.29
C THR A 118 39.00 59.10 -13.08
N ASP A 119 38.19 59.33 -14.10
CA ASP A 119 36.78 58.99 -14.05
C ASP A 119 36.59 57.47 -14.12
N ALA A 120 35.37 57.04 -13.80
CA ALA A 120 35.05 55.61 -13.81
C ALA A 120 34.69 55.10 -15.20
N ASN A 121 34.33 55.98 -16.12
CA ASN A 121 33.94 55.55 -17.47
C ASN A 121 35.13 54.99 -18.24
N LEU A 122 36.32 55.57 -18.03
CA LEU A 122 37.54 55.01 -18.61
C LEU A 122 37.84 53.63 -18.02
N VAL A 123 37.55 53.44 -16.73
CA VAL A 123 37.74 52.15 -16.10
C VAL A 123 36.80 51.11 -16.68
N ILE A 124 35.55 51.50 -16.95
CA ILE A 124 34.56 50.55 -17.48
C ILE A 124 34.87 50.21 -18.93
N THR A 125 35.24 51.20 -19.75
CA THR A 125 35.61 50.90 -21.13
C THR A 125 36.97 50.22 -21.22
N LEU A 126 37.79 50.28 -20.16
CA LEU A 126 39.01 49.49 -20.12
C LEU A 126 38.71 48.04 -19.76
N MET A 127 37.79 47.82 -18.82
CA MET A 127 37.52 46.46 -18.37
C MET A 127 36.51 45.73 -19.26
N LEU A 128 35.81 46.43 -20.15
CA LEU A 128 34.91 45.77 -21.08
C LEU A 128 35.49 45.61 -22.48
N LYS A 129 36.53 46.37 -22.83
CA LYS A 129 37.15 46.28 -24.15
C LYS A 129 38.59 45.80 -24.09
N ARG A 130 39.42 46.43 -23.25
CA ARG A 130 40.85 46.11 -23.23
C ARG A 130 41.14 44.82 -22.50
N TRP A 131 40.27 44.42 -21.57
CA TRP A 131 40.45 43.19 -20.81
C TRP A 131 39.45 42.10 -21.19
N ASN A 132 38.49 42.40 -22.07
CA ASN A 132 37.58 41.43 -22.70
C ASN A 132 36.71 40.71 -21.67
N LEU A 133 35.87 41.48 -21.00
CA LEU A 133 34.87 40.94 -20.08
C LEU A 133 33.48 41.18 -20.63
N GLU A 134 32.62 40.18 -20.48
CA GLU A 134 31.23 40.33 -20.91
C GLU A 134 30.44 41.20 -19.93
N ILE A 135 29.47 41.94 -20.47
CA ILE A 135 28.58 42.76 -19.66
C ILE A 135 27.63 41.82 -18.91
N PRO A 136 27.75 41.69 -17.59
CA PRO A 136 27.10 40.60 -16.88
C PRO A 136 25.62 40.88 -16.64
N ASN A 137 24.94 39.87 -16.08
CA ASN A 137 23.56 40.02 -15.64
C ASN A 137 23.46 40.60 -14.25
N LEU A 138 24.56 40.70 -13.51
CA LEU A 138 24.56 41.07 -12.11
C LEU A 138 25.99 41.42 -11.70
N VAL A 139 26.11 42.37 -10.78
CA VAL A 139 27.36 42.64 -10.08
C VAL A 139 27.10 42.56 -8.58
N ILE A 140 27.66 41.54 -7.93
CA ILE A 140 27.61 41.37 -6.49
C ILE A 140 28.83 42.04 -5.89
N SER A 141 28.64 42.85 -4.85
CA SER A 141 29.74 43.48 -4.14
C SER A 141 29.74 42.95 -2.70
N VAL A 142 30.72 42.12 -2.37
CA VAL A 142 30.78 41.48 -1.06
C VAL A 142 31.67 42.31 -0.14
N THR A 143 31.19 42.61 1.07
CA THR A 143 31.85 43.55 1.95
C THR A 143 31.82 43.03 3.38
N GLY A 144 32.96 43.08 4.06
CA GLY A 144 33.02 42.73 5.46
C GLY A 144 34.34 43.07 6.11
N GLY A 145 34.73 42.31 7.13
CA GLY A 145 35.98 42.54 7.80
C GLY A 145 37.16 41.92 7.09
N ALA A 146 38.35 42.45 7.39
CA ALA A 146 39.59 41.93 6.85
C ALA A 146 40.49 41.36 7.94
N LYS A 147 40.86 42.16 8.95
CA LYS A 147 41.72 41.67 10.03
C LYS A 147 40.88 41.17 11.19
N SER A 148 40.05 42.04 11.76
CA SER A 148 39.08 41.63 12.77
C SER A 148 37.89 41.02 12.07
N PHE A 149 37.77 39.68 12.10
CA PHE A 149 36.73 38.99 11.35
C PHE A 149 36.43 37.67 12.07
N VAL A 150 35.34 37.65 12.84
CA VAL A 150 34.89 36.47 13.57
C VAL A 150 33.65 35.93 12.89
N LEU A 151 33.65 34.64 12.58
CA LEU A 151 32.64 34.05 11.72
C LEU A 151 32.24 32.66 12.22
N LYS A 152 30.94 32.36 12.11
CA LYS A 152 30.33 31.09 12.51
C LYS A 152 30.48 30.06 11.39
N PRO A 153 30.66 28.77 11.73
CA PRO A 153 30.85 27.76 10.67
C PRO A 153 29.58 27.47 9.87
N ARG A 154 28.42 27.38 10.52
CA ARG A 154 27.16 27.23 9.80
C ARG A 154 26.89 28.43 8.92
N LEU A 155 27.12 29.64 9.45
CA LEU A 155 26.88 30.86 8.70
C LEU A 155 27.85 31.00 7.54
N ARG A 156 29.13 30.64 7.76
CA ARG A 156 30.09 30.74 6.65
C ARG A 156 29.79 29.72 5.57
N GLU A 157 29.28 28.52 5.94
CA GLU A 157 29.00 27.51 4.92
C GLU A 157 27.75 27.88 4.13
N MET A 158 26.70 28.36 4.81
CA MET A 158 25.49 28.79 4.11
C MET A 158 25.75 30.01 3.24
N PHE A 159 26.58 30.95 3.72
CA PHE A 159 26.90 32.14 2.94
C PHE A 159 27.71 31.79 1.70
N ARG A 160 28.73 30.94 1.84
CA ARG A 160 29.54 30.61 0.68
C ARG A 160 28.78 29.74 -0.30
N ARG A 161 27.88 28.88 0.19
CA ARG A 161 27.08 28.03 -0.71
C ARG A 161 26.09 28.87 -1.50
N GLY A 162 25.38 29.78 -0.82
CA GLY A 162 24.45 30.64 -1.54
C GLY A 162 25.12 31.62 -2.49
N LEU A 163 26.27 32.16 -2.07
CA LEU A 163 26.97 33.14 -2.92
C LEU A 163 27.59 32.47 -4.14
N ILE A 164 28.17 31.28 -3.97
CA ILE A 164 28.67 30.49 -5.10
C ILE A 164 27.53 30.09 -6.03
N LYS A 165 26.39 29.67 -5.47
CA LYS A 165 25.25 29.26 -6.29
C LYS A 165 24.72 30.42 -7.11
N ALA A 166 24.60 31.60 -6.50
CA ALA A 166 24.13 32.78 -7.22
C ALA A 166 25.13 33.23 -8.29
N ALA A 167 26.42 33.27 -7.94
CA ALA A 167 27.42 33.79 -8.86
C ALA A 167 27.73 32.82 -9.99
N LYS A 168 27.47 31.53 -9.80
CA LYS A 168 27.71 30.56 -10.87
C LYS A 168 26.48 30.29 -11.72
N THR A 169 25.27 30.39 -11.15
CA THR A 169 24.09 30.29 -12.00
C THR A 169 23.80 31.59 -12.73
N THR A 170 24.27 32.72 -12.22
CA THR A 170 24.09 33.99 -12.92
C THR A 170 25.28 34.30 -13.84
N GLY A 171 26.50 34.11 -13.35
CA GLY A 171 27.67 34.58 -14.07
C GLY A 171 27.91 36.05 -13.76
N ALA A 172 28.07 36.36 -12.47
CA ALA A 172 28.12 37.73 -11.98
C ALA A 172 29.55 38.10 -11.58
N TRP A 173 29.80 39.42 -11.62
CA TRP A 173 31.06 39.96 -11.14
C TRP A 173 31.03 40.08 -9.62
N ILE A 174 32.03 39.50 -8.95
CA ILE A 174 32.16 39.61 -7.51
C ILE A 174 33.21 40.67 -7.23
N ILE A 175 32.78 41.83 -6.77
CA ILE A 175 33.67 42.93 -6.39
C ILE A 175 33.87 42.88 -4.87
N THR A 176 35.12 42.66 -4.47
CA THR A 176 35.54 42.64 -3.08
C THR A 176 36.77 43.51 -2.88
N GLY A 177 37.40 43.41 -1.72
CA GLY A 177 38.71 44.00 -1.53
C GLY A 177 39.81 43.09 -2.05
N GLY A 178 41.04 43.61 -2.03
CA GLY A 178 42.20 42.86 -2.48
C GLY A 178 43.02 42.32 -1.33
N THR A 179 42.35 41.79 -0.32
CA THR A 179 42.98 41.39 0.93
C THR A 179 42.98 39.86 1.05
N ASN A 180 44.09 39.30 1.50
CA ASN A 180 44.24 37.86 1.66
C ASN A 180 43.75 37.37 3.03
N THR A 181 42.96 38.19 3.75
CA THR A 181 42.38 37.75 5.01
C THR A 181 41.03 38.43 5.21
N GLY A 182 40.14 37.72 5.90
CA GLY A 182 38.81 38.25 6.21
C GLY A 182 37.71 37.60 5.39
N VAL A 183 36.70 38.39 5.02
CA VAL A 183 35.64 37.85 4.16
C VAL A 183 36.15 37.70 2.72
N MET A 184 37.18 38.46 2.34
CA MET A 184 37.77 38.30 1.02
C MET A 184 38.48 36.96 0.89
N LYS A 185 39.14 36.52 1.97
CA LYS A 185 39.78 35.20 1.97
C LYS A 185 38.76 34.07 1.89
N HIS A 186 37.64 34.21 2.60
CA HIS A 186 36.64 33.15 2.58
C HIS A 186 35.88 33.10 1.26
N VAL A 187 35.60 34.28 0.66
CA VAL A 187 35.04 34.31 -0.69
C VAL A 187 36.02 33.71 -1.69
N GLY A 188 37.33 34.01 -1.53
CA GLY A 188 38.32 33.45 -2.42
C GLY A 188 38.50 31.95 -2.29
N GLU A 189 38.44 31.43 -1.07
CA GLU A 189 38.50 29.99 -0.86
C GLU A 189 37.23 29.30 -1.35
N ALA A 190 36.08 29.98 -1.23
CA ALA A 190 34.83 29.46 -1.75
C ALA A 190 34.86 29.40 -3.28
N VAL A 191 35.44 30.42 -3.92
CA VAL A 191 35.61 30.39 -5.37
C VAL A 191 36.61 29.30 -5.75
N LYS A 192 37.67 29.13 -4.94
CA LYS A 192 38.72 28.14 -5.23
C LYS A 192 38.18 26.72 -5.20
N GLU A 193 37.38 26.39 -4.19
CA GLU A 193 36.79 25.05 -4.13
C GLU A 193 35.59 24.90 -5.06
N GLN A 194 35.12 25.98 -5.70
CA GLN A 194 33.95 25.91 -6.58
C GLN A 194 34.23 26.48 -7.96
N GLN A 195 35.49 26.67 -8.34
CA GLN A 195 35.85 26.85 -9.75
C GLN A 195 36.70 25.72 -10.27
N LEU A 196 37.29 24.91 -9.39
CA LEU A 196 38.02 23.73 -9.80
C LEU A 196 37.06 22.56 -9.99
N MET A 197 37.30 21.81 -11.08
CA MET A 197 36.62 20.56 -11.40
C MET A 197 35.11 20.78 -11.56
N PHE A 198 34.81 21.53 -12.61
CA PHE A 198 33.45 21.69 -13.13
C PHE A 198 33.56 21.66 -14.66
N GLY A 199 32.52 22.14 -15.33
CA GLY A 199 32.64 22.41 -16.75
C GLY A 199 33.67 23.48 -17.04
N SER A 200 34.16 23.47 -18.28
CA SER A 200 35.27 24.35 -18.64
C SER A 200 34.84 25.81 -18.71
N ASP A 201 33.55 26.06 -18.98
CA ASP A 201 33.02 27.43 -18.98
C ASP A 201 32.45 27.83 -17.63
N THR A 202 33.24 27.63 -16.57
CA THR A 202 32.85 27.97 -15.20
C THR A 202 33.97 28.83 -14.60
N GLN A 203 33.92 30.13 -14.86
CA GLN A 203 34.87 31.08 -14.30
C GLN A 203 34.13 32.34 -13.90
N VAL A 204 34.26 32.71 -12.63
CA VAL A 204 33.62 33.91 -12.09
C VAL A 204 34.63 35.04 -12.08
N ASN A 205 34.30 36.15 -12.72
CA ASN A 205 35.18 37.32 -12.76
C ASN A 205 35.17 37.99 -11.40
N VAL A 206 36.22 37.75 -10.62
CA VAL A 206 36.32 38.24 -9.26
C VAL A 206 37.23 39.47 -9.29
N ILE A 207 36.61 40.65 -9.20
CA ILE A 207 37.33 41.92 -9.20
C ILE A 207 37.60 42.32 -7.76
N GLY A 208 38.84 42.77 -7.49
CA GLY A 208 39.17 43.32 -6.20
C GLY A 208 39.60 44.78 -6.30
N ILE A 209 38.83 45.67 -5.69
CA ILE A 209 39.19 47.08 -5.60
C ILE A 209 39.84 47.29 -4.24
N ALA A 210 41.11 47.69 -4.23
CA ALA A 210 41.83 47.91 -2.99
C ALA A 210 42.79 49.09 -3.19
N THR A 211 43.66 49.28 -2.21
CA THR A 211 44.60 50.39 -2.22
C THR A 211 46.02 49.89 -2.51
N TRP A 212 46.78 50.75 -3.18
CA TRP A 212 48.20 50.49 -3.41
C TRP A 212 49.02 50.67 -2.14
N GLY A 213 48.50 51.40 -1.16
CA GLY A 213 49.17 51.64 0.09
C GLY A 213 49.11 50.51 1.11
N ILE A 214 48.60 49.33 0.75
CA ILE A 214 48.58 48.21 1.66
C ILE A 214 49.29 47.02 1.05
N VAL A 215 49.49 47.04 -0.27
CA VAL A 215 50.06 45.88 -0.95
C VAL A 215 51.58 45.88 -0.80
N ASP A 216 52.18 44.73 -1.05
CA ASP A 216 53.63 44.57 -0.94
C ASP A 216 54.34 45.05 -2.21
N GLY A 243 50.56 46.83 4.64
CA GLY A 243 49.18 46.61 5.03
C GLY A 243 48.74 45.16 4.94
N ALA A 244 48.39 44.72 3.73
CA ALA A 244 47.94 43.36 3.51
C ALA A 244 48.22 42.96 2.07
N MET A 245 48.69 41.73 1.88
CA MET A 245 49.00 41.21 0.56
C MET A 245 47.72 40.85 -0.19
N LEU A 246 47.88 40.59 -1.49
CA LEU A 246 46.74 40.30 -2.35
C LEU A 246 46.28 38.86 -2.17
N ASP A 247 44.96 38.67 -2.25
CA ASP A 247 44.39 37.33 -2.25
C ASP A 247 44.60 36.71 -3.62
N PRO A 248 45.24 35.53 -3.71
CA PRO A 248 45.51 34.93 -5.02
C PRO A 248 44.32 34.28 -5.71
N ASN A 249 43.08 34.50 -5.25
CA ASN A 249 41.92 33.93 -5.90
C ASN A 249 41.08 34.96 -6.67
N HIS A 250 41.39 36.25 -6.54
CA HIS A 250 40.74 37.27 -7.34
C HIS A 250 41.19 37.16 -8.80
N SER A 251 40.38 37.77 -9.68
CA SER A 251 40.64 37.71 -11.12
C SER A 251 41.07 39.03 -11.72
N HIS A 252 40.77 40.15 -11.05
CA HIS A 252 41.16 41.47 -11.54
C HIS A 252 41.49 42.34 -10.35
N PHE A 253 42.44 43.27 -10.50
CA PHE A 253 42.87 44.12 -9.39
C PHE A 253 42.85 45.59 -9.78
N PHE A 254 42.14 46.40 -9.00
CA PHE A 254 42.14 47.85 -9.10
C PHE A 254 42.82 48.39 -7.85
N LEU A 255 44.08 48.80 -7.97
CA LEU A 255 44.84 49.29 -6.81
C LEU A 255 44.96 50.81 -6.95
N VAL A 256 44.31 51.53 -6.04
CA VAL A 256 44.16 52.98 -6.18
C VAL A 256 44.70 53.69 -4.95
N ASP A 257 45.38 54.82 -5.16
CA ASP A 257 45.94 55.60 -4.06
C ASP A 257 46.13 57.05 -4.50
N ASP A 258 46.33 57.92 -3.51
CA ASP A 258 46.77 59.29 -3.74
C ASP A 258 47.88 59.74 -2.81
N GLY A 259 48.01 59.18 -1.62
CA GLY A 259 48.97 59.63 -0.64
C GLY A 259 49.83 58.47 -0.14
N THR A 260 50.24 58.59 1.12
CA THR A 260 51.13 57.61 1.74
C THR A 260 50.34 56.36 2.16
N GLU A 261 51.07 55.40 2.72
CA GLU A 261 50.46 54.14 3.11
C GLU A 261 49.59 54.30 4.35
N GLY A 262 48.45 53.61 4.36
CA GLY A 262 47.48 53.71 5.43
C GLY A 262 46.18 54.36 5.03
N LYS A 263 46.09 54.91 3.82
CA LYS A 263 44.85 55.53 3.35
C LYS A 263 43.87 54.46 2.87
N TYR A 264 42.62 54.58 3.29
CA TYR A 264 41.61 53.56 3.03
C TYR A 264 40.41 54.06 2.23
N GLY A 265 40.12 55.36 2.28
CA GLY A 265 38.88 55.87 1.71
C GLY A 265 38.85 55.96 0.20
N VAL A 266 40.02 55.94 -0.46
CA VAL A 266 40.05 55.99 -1.91
C VAL A 266 39.55 54.69 -2.52
N GLU A 267 39.75 53.56 -1.81
CA GLU A 267 39.10 52.30 -2.16
C GLU A 267 37.58 52.43 -2.09
N ILE A 268 37.07 53.14 -1.09
CA ILE A 268 35.64 53.31 -0.91
C ILE A 268 35.06 54.17 -2.02
N GLY A 269 35.77 55.25 -2.39
CA GLY A 269 35.30 56.13 -3.44
C GLY A 269 35.33 55.49 -4.83
N MET A 270 36.37 54.70 -5.11
CA MET A 270 36.42 53.98 -6.38
C MET A 270 35.36 52.88 -6.44
N ARG A 271 35.14 52.17 -5.32
CA ARG A 271 34.12 51.15 -5.28
C ARG A 271 32.72 51.73 -5.40
N SER A 272 32.55 53.00 -5.01
CA SER A 272 31.29 53.69 -5.27
C SER A 272 31.14 54.06 -6.75
N ARG A 273 32.12 54.80 -7.29
CA ARG A 273 31.93 55.41 -8.61
C ARG A 273 32.05 54.41 -9.76
N ILE A 274 32.92 53.40 -9.64
CA ILE A 274 33.04 52.38 -10.67
C ILE A 274 31.76 51.56 -10.79
N GLU A 275 31.15 51.21 -9.65
CA GLU A 275 29.89 50.48 -9.71
C GLU A 275 28.73 51.38 -10.13
N GLU A 276 28.82 52.69 -9.86
CA GLU A 276 27.85 53.63 -10.46
C GLU A 276 27.94 53.61 -11.98
N ALA A 277 29.16 53.62 -12.51
CA ALA A 277 29.33 53.56 -13.97
C ALA A 277 28.99 52.18 -14.54
N ILE A 278 29.05 51.14 -13.71
CA ILE A 278 28.48 49.85 -14.11
C ILE A 278 26.96 49.96 -14.25
N MET A 279 26.31 50.64 -13.29
CA MET A 279 24.87 50.86 -13.37
C MET A 279 24.49 51.74 -14.56
N LYS A 280 25.39 52.63 -14.99
CA LYS A 280 25.12 53.44 -16.18
C LYS A 280 25.12 52.59 -17.45
N VAL A 281 26.09 51.71 -17.60
CA VAL A 281 26.18 50.88 -18.80
C VAL A 281 25.34 49.62 -18.64
N ILE A 292 18.03 51.38 -15.33
CA ILE A 292 19.47 51.15 -15.45
C ILE A 292 19.74 49.98 -16.38
N GLY A 293 21.01 49.76 -16.69
CA GLY A 293 21.40 48.67 -17.55
C GLY A 293 21.77 47.40 -16.79
N VAL A 294 22.67 47.51 -15.82
CA VAL A 294 23.19 46.38 -15.09
C VAL A 294 22.80 46.52 -13.62
N PRO A 295 22.09 45.57 -13.03
CA PRO A 295 21.79 45.63 -11.60
C PRO A 295 23.01 45.29 -10.76
N VAL A 296 23.33 46.16 -9.81
CA VAL A 296 24.44 45.98 -8.88
C VAL A 296 23.87 45.86 -7.48
N VAL A 297 24.29 44.85 -6.74
CA VAL A 297 23.80 44.57 -5.40
C VAL A 297 24.99 44.58 -4.43
N LEU A 298 24.69 44.89 -3.17
CA LEU A 298 25.69 44.89 -2.10
C LEU A 298 25.32 43.84 -1.05
N LEU A 299 26.34 43.10 -0.61
CA LEU A 299 26.21 42.14 0.49
C LEU A 299 27.14 42.59 1.61
N VAL A 300 26.60 42.73 2.81
CA VAL A 300 27.36 43.18 3.97
C VAL A 300 27.19 42.18 5.09
N LEU A 301 28.30 41.62 5.58
CA LEU A 301 28.29 40.79 6.77
C LEU A 301 29.64 40.90 7.46
N GLU A 302 29.61 41.12 8.78
CA GLU A 302 30.75 41.01 9.68
C GLU A 302 31.88 41.99 9.30
N GLY A 303 31.57 43.27 9.38
CA GLY A 303 32.50 44.29 8.95
C GLY A 303 32.85 45.32 10.00
N GLY A 304 33.57 46.38 9.60
CA GLY A 304 33.97 47.42 10.51
C GLY A 304 33.53 48.80 10.09
N PRO A 305 34.35 49.81 10.37
CA PRO A 305 33.99 51.18 9.97
C PRO A 305 34.05 51.43 8.47
N ASN A 306 35.06 50.87 7.79
CA ASN A 306 35.14 51.03 6.35
C ASN A 306 34.07 50.22 5.63
N THR A 307 33.58 49.14 6.28
CA THR A 307 32.47 48.37 5.71
C THR A 307 31.19 49.20 5.64
N VAL A 308 30.81 49.83 6.75
CA VAL A 308 29.61 50.67 6.74
C VAL A 308 29.87 51.98 5.98
N ALA A 309 31.13 52.39 5.84
CA ALA A 309 31.45 53.51 4.95
C ALA A 309 31.20 53.16 3.49
N THR A 310 31.60 51.96 3.07
CA THR A 310 31.26 51.48 1.73
C THR A 310 29.77 51.32 1.56
N MET A 311 29.08 50.88 2.62
CA MET A 311 27.62 50.78 2.61
C MET A 311 26.98 52.12 2.31
N TYR A 312 27.42 53.17 3.02
CA TYR A 312 26.88 54.52 2.80
C TYR A 312 27.21 55.05 1.41
N GLU A 313 28.47 54.89 0.98
CA GLU A 313 28.86 55.40 -0.33
C GLU A 313 28.25 54.62 -1.48
N LEU A 314 27.80 53.37 -1.26
CA LEU A 314 27.09 52.64 -2.29
C LEU A 314 25.58 52.87 -2.26
N ILE A 315 25.01 53.21 -1.09
CA ILE A 315 23.64 53.71 -1.08
C ILE A 315 23.57 55.08 -1.75
N LYS A 316 24.65 55.87 -1.67
CA LYS A 316 24.73 57.12 -2.41
C LYS A 316 24.77 56.90 -3.92
N LYS A 317 25.33 55.78 -4.38
CA LYS A 317 25.40 55.48 -5.80
C LYS A 317 24.25 54.61 -6.30
N LYS A 318 23.14 54.58 -5.54
CA LYS A 318 21.91 53.86 -5.90
C LYS A 318 22.14 52.37 -6.08
N VAL A 319 23.05 51.80 -5.30
CA VAL A 319 23.28 50.36 -5.25
C VAL A 319 22.52 49.80 -4.05
N PRO A 320 21.52 48.94 -4.23
CA PRO A 320 20.84 48.35 -3.09
C PRO A 320 21.73 47.35 -2.34
N ALA A 321 21.44 47.21 -1.05
CA ALA A 321 22.30 46.46 -0.14
C ALA A 321 21.50 45.38 0.58
N VAL A 322 22.16 44.25 0.82
CA VAL A 322 21.61 43.14 1.60
C VAL A 322 22.53 42.91 2.80
N VAL A 323 21.98 43.05 4.00
CA VAL A 323 22.75 42.97 5.25
C VAL A 323 22.39 41.67 5.94
N ILE A 324 23.40 40.82 6.16
CA ILE A 324 23.19 39.55 6.85
C ILE A 324 23.11 39.85 8.35
N ASP A 325 21.89 39.90 8.88
CA ASP A 325 21.69 40.12 10.30
C ASP A 325 22.02 38.84 11.06
N GLY A 326 22.44 39.01 12.31
CA GLY A 326 22.83 37.87 13.10
C GLY A 326 24.16 37.27 12.70
N SER A 327 25.02 38.06 12.06
CA SER A 327 26.31 37.57 11.58
C SER A 327 27.48 38.02 12.45
N GLY A 328 27.64 39.32 12.65
CA GLY A 328 28.81 39.82 13.34
C GLY A 328 28.62 41.09 14.13
N ARG A 329 29.57 42.02 13.99
CA ARG A 329 29.66 43.17 14.87
C ARG A 329 29.07 44.45 14.28
N ALA A 330 29.03 44.58 12.95
CA ALA A 330 28.45 45.77 12.32
C ALA A 330 27.17 45.49 11.55
N ALA A 331 27.07 44.31 10.92
CA ALA A 331 25.85 43.95 10.21
C ALA A 331 24.68 43.75 11.17
N SER A 332 24.96 43.29 12.39
CA SER A 332 23.94 43.21 13.42
C SER A 332 23.47 44.60 13.84
N VAL A 333 24.37 45.59 13.81
CA VAL A 333 23.98 46.96 14.13
C VAL A 333 23.05 47.53 13.06
N VAL A 334 23.35 47.24 11.79
CA VAL A 334 22.50 47.71 10.69
C VAL A 334 21.14 47.01 10.74
N GLY A 335 21.14 45.72 11.09
CA GLY A 335 19.88 45.00 11.23
C GLY A 335 19.05 45.49 12.40
N PHE A 336 19.70 45.73 13.55
CA PHE A 336 19.00 46.21 14.73
C PHE A 336 18.56 47.67 14.58
N ALA A 337 19.20 48.43 13.70
CA ALA A 337 18.69 49.74 13.36
C ALA A 337 17.59 49.68 12.29
N TYR A 338 17.52 48.59 11.54
CA TYR A 338 16.52 48.49 10.48
C TYR A 338 15.17 48.03 11.00
N ASN A 339 15.09 46.80 11.55
CA ASN A 339 13.79 46.19 11.84
C ASN A 339 13.27 46.50 13.24
N HIS A 340 14.16 46.90 14.16
CA HIS A 340 13.74 47.21 15.53
C HIS A 340 13.38 48.68 15.70
N THR A 341 13.94 49.56 14.86
CA THR A 341 13.75 51.00 15.03
C THR A 341 13.16 51.63 13.78
N ILE A 342 12.11 51.02 13.23
CA ILE A 342 11.44 51.56 12.06
C ILE A 342 10.51 52.70 12.49
N LYS A 343 10.50 53.78 11.71
CA LYS A 343 9.69 54.96 12.02
C LYS A 343 9.52 55.80 10.76
N ARG A 344 8.31 56.30 10.55
CA ARG A 344 8.00 57.22 9.45
C ARG A 344 7.26 58.41 10.05
N ASN A 345 7.99 59.50 10.30
CA ASN A 345 7.43 60.68 10.98
C ASN A 345 7.93 61.96 10.32
N VAL A 346 7.90 62.01 8.98
CA VAL A 346 8.45 63.14 8.25
C VAL A 346 7.74 63.26 6.91
N ASP A 347 7.78 64.46 6.33
CA ASP A 347 7.42 64.70 4.95
C ASP A 347 8.71 64.84 4.13
N GLY A 348 8.57 64.77 2.81
CA GLY A 348 9.76 64.72 1.97
C GLY A 348 10.14 63.30 1.63
N GLN A 349 9.21 62.58 1.01
CA GLN A 349 9.29 61.20 0.54
C GLN A 349 9.40 60.18 1.67
N THR A 350 9.14 60.59 2.92
CA THR A 350 8.86 59.73 4.08
C THR A 350 10.04 58.77 4.37
N ILE A 351 11.14 59.39 4.79
CA ILE A 351 12.38 58.65 5.05
C ILE A 351 12.27 57.86 6.34
N ASN A 352 13.20 56.94 6.55
CA ASN A 352 13.29 56.19 7.80
C ASN A 352 14.49 56.69 8.59
N VAL A 353 14.31 56.87 9.90
CA VAL A 353 15.34 57.28 10.82
C VAL A 353 15.31 56.36 12.04
N ILE A 354 16.17 56.66 13.01
CA ILE A 354 16.21 55.88 14.24
C ILE A 354 15.01 56.25 15.12
N ASP A 355 14.66 55.33 16.04
CA ASP A 355 13.66 55.70 17.03
C ASP A 355 14.30 56.56 18.12
N PRO A 356 13.55 57.53 18.66
CA PRO A 356 14.04 58.24 19.85
C PRO A 356 14.00 57.41 21.11
N GLN A 357 13.26 56.30 21.12
CA GLN A 357 13.21 55.42 22.28
C GLN A 357 14.47 54.57 22.39
N TYR A 358 14.95 54.01 21.29
CA TYR A 358 16.09 53.10 21.29
C TYR A 358 17.34 53.72 20.69
N GLU A 359 17.46 55.05 20.72
CA GLU A 359 18.66 55.69 20.20
C GLU A 359 19.84 55.54 21.15
N ASP A 360 19.58 55.41 22.46
CA ASP A 360 20.65 55.21 23.42
C ASP A 360 21.25 53.81 23.29
N GLU A 361 20.41 52.81 23.00
CA GLU A 361 20.90 51.44 22.85
C GLU A 361 21.74 51.28 21.60
N VAL A 362 21.32 51.89 20.48
CA VAL A 362 22.13 51.80 19.27
C VAL A 362 23.35 52.68 19.38
N ARG A 363 23.30 53.74 20.21
CA ARG A 363 24.49 54.55 20.48
C ARG A 363 25.53 53.76 21.25
N ALA A 364 25.08 53.05 22.30
CA ALA A 364 25.99 52.18 23.06
C ALA A 364 26.50 51.01 22.23
N LYS A 365 25.67 50.50 21.32
CA LYS A 365 26.08 49.38 20.48
C LYS A 365 27.08 49.82 19.42
N VAL A 366 26.92 51.03 18.88
CA VAL A 366 27.87 51.52 17.88
C VAL A 366 29.14 52.04 18.54
N VAL A 367 29.12 52.35 19.83
CA VAL A 367 30.36 52.76 20.50
C VAL A 367 31.08 51.59 21.17
N GLU A 368 30.39 50.47 21.41
CA GLU A 368 31.01 49.35 22.13
C GLU A 368 31.39 48.20 21.21
N VAL A 369 30.56 47.85 20.23
CA VAL A 369 30.77 46.60 19.51
C VAL A 369 31.82 46.77 18.42
N PHE A 370 31.82 47.91 17.72
CA PHE A 370 32.90 48.21 16.78
C PHE A 370 33.21 49.70 16.83
N GLY A 371 34.49 50.04 16.90
CA GLY A 371 34.90 51.42 16.90
C GLY A 371 34.92 52.03 18.29
N ALA A 372 36.08 52.53 18.71
CA ALA A 372 36.22 53.13 20.04
C ALA A 372 36.04 54.64 20.00
N LYS A 373 36.88 55.33 19.23
CA LYS A 373 36.86 56.78 19.15
C LYS A 373 36.31 57.23 17.81
N GLY A 374 35.67 58.40 17.81
CA GLY A 374 35.11 58.95 16.59
C GLY A 374 33.88 58.22 16.08
N ALA A 375 33.02 57.73 16.97
CA ALA A 375 31.84 56.98 16.59
C ALA A 375 30.65 57.87 16.24
N ASP A 376 30.80 59.19 16.35
CA ASP A 376 29.69 60.09 16.06
C ASP A 376 29.45 60.21 14.57
N LYS A 377 30.53 60.28 13.78
CA LYS A 377 30.37 60.38 12.33
C LYS A 377 29.82 59.09 11.74
N THR A 378 30.24 57.93 12.26
CA THR A 378 29.66 56.68 11.77
C THR A 378 28.27 56.43 12.32
N TYR A 379 27.90 57.04 13.45
CA TYR A 379 26.53 56.92 13.95
C TYR A 379 25.57 57.76 13.11
N SER A 380 25.96 59.01 12.80
CA SER A 380 25.16 59.82 11.88
C SER A 380 25.14 59.22 10.48
N MET A 381 26.24 58.58 10.07
CA MET A 381 26.31 57.94 8.76
C MET A 381 25.44 56.69 8.70
N ILE A 382 25.39 55.90 9.78
CA ILE A 382 24.53 54.72 9.78
C ILE A 382 23.07 55.10 9.99
N LYS A 383 22.79 56.29 10.53
CA LYS A 383 21.43 56.81 10.46
C LYS A 383 21.06 57.29 9.07
N ASP A 384 22.01 57.87 8.33
CA ASP A 384 21.74 58.35 6.98
C ASP A 384 21.75 57.24 5.94
N VAL A 385 22.27 56.05 6.27
CA VAL A 385 22.15 54.89 5.37
C VAL A 385 20.67 54.51 5.20
N LEU A 386 19.90 54.55 6.28
CA LEU A 386 18.51 54.14 6.29
C LEU A 386 17.55 55.18 5.71
N GLU A 387 18.06 56.15 4.95
CA GLU A 387 17.25 57.25 4.43
C GLU A 387 16.24 56.80 3.37
N ASP A 388 16.49 55.68 2.70
CA ASP A 388 15.55 55.18 1.70
C ASP A 388 15.19 53.74 2.03
N GLU A 389 13.88 53.47 2.12
CA GLU A 389 13.42 52.14 2.52
C GLU A 389 13.64 51.11 1.41
N LYS A 390 13.67 51.54 0.16
CA LYS A 390 13.80 50.62 -0.96
C LYS A 390 15.24 50.26 -1.26
N MET A 391 16.21 50.88 -0.58
CA MET A 391 17.62 50.69 -0.89
C MET A 391 18.35 49.80 0.10
N ILE A 392 17.83 49.64 1.32
CA ILE A 392 18.43 48.76 2.30
C ILE A 392 17.51 47.56 2.48
N SER A 393 18.11 46.38 2.58
CA SER A 393 17.39 45.14 2.86
C SER A 393 18.20 44.37 3.88
N VAL A 394 17.52 43.79 4.87
CA VAL A 394 18.17 43.08 5.95
C VAL A 394 17.59 41.68 5.99
N TYR A 395 18.40 40.70 5.64
CA TYR A 395 18.04 39.29 5.67
C TYR A 395 18.87 38.59 6.74
N SER A 396 18.21 38.08 7.77
CA SER A 396 18.92 37.49 8.89
C SER A 396 19.27 36.03 8.59
N LEU A 397 19.96 35.39 9.53
CA LEU A 397 20.23 33.96 9.44
C LEU A 397 19.13 33.16 10.13
N ASP A 398 18.95 33.40 11.44
CA ASP A 398 18.04 32.59 12.25
C ASP A 398 16.57 32.86 11.94
N GLY A 399 16.26 33.94 11.23
CA GLY A 399 14.91 34.18 10.77
C GLY A 399 14.52 33.21 9.68
N GLU A 400 15.31 33.17 8.61
CA GLU A 400 15.09 32.24 7.50
C GLU A 400 16.41 31.57 7.15
N ILE A 401 16.54 30.29 7.47
CA ILE A 401 17.73 29.51 7.10
C ILE A 401 17.57 28.90 5.72
N SER A 402 16.42 28.28 5.45
CA SER A 402 16.16 27.58 4.19
C SER A 402 15.88 28.53 3.03
N GLN A 403 15.90 29.83 3.23
CA GLN A 403 15.78 30.81 2.16
C GLN A 403 17.18 31.23 1.72
N ASP A 404 17.49 31.00 0.45
CA ASP A 404 18.82 31.26 -0.07
C ASP A 404 19.07 32.75 -0.27
N ILE A 405 20.34 33.13 -0.30
CA ILE A 405 20.73 34.54 -0.37
C ILE A 405 20.43 35.14 -1.74
N ASP A 406 20.28 34.30 -2.78
CA ASP A 406 19.97 34.84 -4.09
C ASP A 406 18.55 35.38 -4.17
N LEU A 407 17.62 34.78 -3.42
CA LEU A 407 16.29 35.36 -3.31
C LEU A 407 16.32 36.69 -2.56
N ALA A 408 17.23 36.86 -1.59
CA ALA A 408 17.37 38.14 -0.91
C ALA A 408 17.93 39.20 -1.85
N ILE A 409 18.91 38.82 -2.69
CA ILE A 409 19.46 39.72 -3.70
C ILE A 409 18.38 40.11 -4.70
N LEU A 410 17.56 39.15 -5.12
CA LEU A 410 16.52 39.43 -6.11
C LEU A 410 15.41 40.28 -5.51
N LYS A 411 15.06 40.06 -4.24
CA LYS A 411 14.09 40.92 -3.57
C LYS A 411 14.62 42.33 -3.39
N ALA A 412 15.93 42.49 -3.14
CA ALA A 412 16.52 43.83 -3.05
C ALA A 412 16.48 44.54 -4.40
N LEU A 413 16.77 43.82 -5.48
CA LEU A 413 16.76 44.44 -6.80
C LEU A 413 15.35 44.75 -7.28
N LEU A 414 14.37 43.91 -6.93
CA LEU A 414 12.97 44.21 -7.25
C LEU A 414 12.36 45.22 -6.29
N LYS A 415 13.00 45.44 -5.13
CA LYS A 415 12.54 46.44 -4.19
C LYS A 415 13.07 47.83 -4.55
N ALA A 416 14.28 47.89 -5.10
CA ALA A 416 14.89 49.17 -5.46
C ALA A 416 14.16 49.84 -6.62
N ASN A 417 13.55 49.04 -7.51
CA ASN A 417 12.74 49.50 -8.65
C ASN A 417 13.58 50.39 -9.58
N ARG A 418 14.75 49.89 -9.96
CA ARG A 418 15.60 50.58 -10.91
C ARG A 418 16.00 49.74 -12.11
N SER A 419 15.98 48.42 -11.99
CA SER A 419 16.43 47.55 -13.06
C SER A 419 15.37 47.44 -14.16
N SER A 420 15.80 46.97 -15.32
CA SER A 420 14.87 46.67 -16.39
C SER A 420 14.05 45.43 -16.04
N PRO A 421 12.83 45.32 -16.58
CA PRO A 421 12.05 44.09 -16.35
C PRO A 421 12.68 42.84 -16.94
N VAL A 422 13.46 42.96 -18.03
CA VAL A 422 14.12 41.80 -18.60
C VAL A 422 15.32 41.38 -17.75
N ALA A 423 15.95 42.34 -17.05
CA ALA A 423 17.06 42.00 -16.15
C ALA A 423 16.56 41.31 -14.89
N GLN A 424 15.45 41.81 -14.33
CA GLN A 424 14.79 41.12 -13.23
C GLN A 424 14.30 39.74 -13.68
N LEU A 425 13.85 39.65 -14.93
CA LEU A 425 13.33 38.39 -15.45
C LEU A 425 14.41 37.33 -15.62
N ASN A 426 15.55 37.69 -16.21
CA ASN A 426 16.57 36.64 -16.38
C ASN A 426 17.37 36.40 -15.11
N LEU A 427 17.40 37.34 -14.15
CA LEU A 427 17.89 37.00 -12.83
C LEU A 427 16.96 36.03 -12.12
N ALA A 428 15.64 36.18 -12.30
CA ALA A 428 14.71 35.18 -11.77
C ALA A 428 14.83 33.85 -12.49
N LEU A 429 15.18 33.87 -13.78
CA LEU A 429 15.40 32.64 -14.54
C LEU A 429 16.61 31.88 -14.01
N ALA A 430 17.73 32.59 -13.81
CA ALA A 430 18.98 31.94 -13.40
C ALA A 430 18.89 31.33 -12.01
N TRP A 431 17.99 31.86 -11.17
CA TRP A 431 17.86 31.41 -9.80
C TRP A 431 16.63 30.55 -9.54
N ASN A 432 15.84 30.27 -10.59
CA ASN A 432 14.64 29.44 -10.53
C ASN A 432 13.62 30.01 -9.53
N ARG A 433 13.42 31.32 -9.57
CA ARG A 433 12.51 32.01 -8.67
C ARG A 433 11.21 32.27 -9.41
N ILE A 434 10.29 31.30 -9.32
CA ILE A 434 9.05 31.38 -10.08
C ILE A 434 7.97 32.17 -9.34
N ASP A 435 7.95 32.11 -8.00
CA ASP A 435 6.88 32.77 -7.25
C ASP A 435 7.09 34.28 -7.20
N LEU A 436 8.33 34.73 -7.04
CA LEU A 436 8.61 36.15 -7.08
C LEU A 436 8.45 36.72 -8.49
N ALA A 437 8.69 35.89 -9.51
CA ALA A 437 8.43 36.31 -10.88
C ALA A 437 6.94 36.46 -11.14
N LYS A 438 6.13 35.53 -10.63
CA LYS A 438 4.68 35.65 -10.76
C LYS A 438 4.13 36.82 -9.93
N SER A 439 4.79 37.14 -8.82
CA SER A 439 4.30 38.21 -7.95
C SER A 439 4.65 39.59 -8.49
N ASP A 440 5.94 39.86 -8.71
CA ASP A 440 6.41 41.22 -8.88
C ASP A 440 7.08 41.49 -10.24
N ILE A 441 7.19 40.51 -11.12
CA ILE A 441 7.73 40.73 -12.45
C ILE A 441 6.64 40.68 -13.52
N PHE A 442 5.61 39.86 -13.33
CA PHE A 442 4.53 39.68 -14.30
C PHE A 442 3.23 40.34 -13.81
N THR A 443 3.35 41.54 -13.26
CA THR A 443 2.22 42.29 -12.77
C THR A 443 1.33 42.77 -13.93
N GLU A 444 0.20 43.38 -13.55
CA GLU A 444 -0.78 43.81 -14.54
C GLU A 444 -0.31 45.04 -15.31
N GLU A 445 0.24 46.04 -14.59
CA GLU A 445 0.58 47.32 -15.19
C GLU A 445 1.76 47.24 -16.16
N GLN A 446 2.56 46.20 -16.09
CA GLN A 446 3.68 46.00 -16.99
C GLN A 446 3.32 44.92 -18.01
N GLN A 447 3.33 45.28 -19.28
CA GLN A 447 2.88 44.42 -20.36
C GLN A 447 4.08 43.80 -21.07
N TRP A 448 4.01 42.49 -21.30
CA TRP A 448 5.06 41.76 -22.00
C TRP A 448 4.66 41.48 -23.45
N THR A 449 5.67 41.24 -24.28
CA THR A 449 5.45 40.92 -25.68
C THR A 449 6.34 39.75 -26.10
N THR A 450 6.40 39.49 -27.41
CA THR A 450 7.22 38.39 -27.93
C THR A 450 8.71 38.70 -27.82
N GLU A 451 9.11 39.91 -28.23
CA GLU A 451 10.53 40.23 -28.35
C GLU A 451 11.20 40.43 -27.00
N THR A 452 10.48 40.92 -26.00
CA THR A 452 11.05 41.04 -24.66
C THR A 452 11.14 39.71 -23.95
N LEU A 453 10.22 38.79 -24.23
CA LEU A 453 10.23 37.46 -23.65
C LEU A 453 11.02 36.45 -24.48
N SER A 454 11.61 36.86 -25.61
CA SER A 454 12.20 35.89 -26.54
C SER A 454 13.48 35.28 -25.99
N ALA A 455 14.45 36.10 -25.56
CA ALA A 455 15.70 35.56 -25.03
C ALA A 455 15.47 34.86 -23.70
N ALA A 456 14.51 35.33 -22.91
CA ALA A 456 14.11 34.64 -21.69
C ALA A 456 13.50 33.28 -21.97
N MET A 457 12.71 33.18 -23.05
CA MET A 457 12.15 31.90 -23.45
C MET A 457 13.22 30.94 -23.92
N LEU A 458 14.22 31.46 -24.65
CA LEU A 458 15.34 30.63 -25.08
C LEU A 458 16.15 30.12 -23.90
N THR A 459 16.35 30.98 -22.89
CA THR A 459 17.04 30.57 -21.67
C THR A 459 16.23 29.54 -20.89
N ALA A 460 14.90 29.72 -20.81
CA ALA A 460 14.06 28.80 -20.06
C ALA A 460 13.92 27.45 -20.76
N LEU A 461 13.96 27.44 -22.09
CA LEU A 461 13.95 26.18 -22.83
C LEU A 461 15.28 25.45 -22.69
N LEU A 462 16.39 26.15 -22.93
CA LEU A 462 17.70 25.49 -22.94
C LEU A 462 18.16 25.04 -21.55
N ASP A 463 17.62 25.61 -20.48
CA ASP A 463 18.03 25.24 -19.13
C ASP A 463 16.99 24.38 -18.42
N ASP A 464 15.94 23.94 -19.13
CA ASP A 464 14.80 23.20 -18.60
C ASP A 464 14.15 23.95 -17.43
N LYS A 465 13.54 25.08 -17.77
CA LYS A 465 12.74 25.86 -16.83
C LYS A 465 11.31 25.82 -17.36
N ALA A 466 10.58 24.78 -16.98
CA ALA A 466 9.27 24.52 -17.55
C ALA A 466 8.19 25.41 -16.96
N GLU A 467 8.31 25.76 -15.68
CA GLU A 467 7.36 26.68 -15.06
C GLU A 467 7.52 28.08 -15.66
N PHE A 468 8.77 28.49 -15.91
CA PHE A 468 9.01 29.77 -16.58
C PHE A 468 8.54 29.74 -18.02
N ALA A 469 8.72 28.61 -18.71
CA ALA A 469 8.26 28.46 -20.09
C ALA A 469 6.74 28.53 -20.18
N GLU A 470 6.05 27.86 -19.26
CA GLU A 470 4.59 27.93 -19.16
C GLU A 470 4.13 29.34 -18.88
N LEU A 471 4.81 30.04 -17.95
CA LEU A 471 4.43 31.40 -17.57
C LEU A 471 4.64 32.37 -18.73
N PHE A 472 5.72 32.17 -19.51
CA PHE A 472 5.97 32.98 -20.70
C PHE A 472 4.87 32.76 -21.73
N LEU A 473 4.49 31.49 -21.95
CA LEU A 473 3.44 31.20 -22.92
C LEU A 473 2.07 31.72 -22.48
N GLN A 474 1.81 31.81 -21.17
CA GLN A 474 0.50 32.27 -20.71
C GLN A 474 0.49 33.70 -20.18
N ASN A 475 1.56 34.48 -20.41
CA ASN A 475 1.49 35.92 -20.16
C ASN A 475 1.52 36.77 -21.42
N GLY A 476 2.56 36.67 -22.25
CA GLY A 476 2.68 37.59 -23.35
C GLY A 476 3.24 37.04 -24.65
N LEU A 477 3.50 35.74 -24.71
CA LEU A 477 4.30 35.15 -25.77
C LEU A 477 3.53 34.06 -26.53
N SER A 478 3.70 34.05 -27.84
CA SER A 478 3.17 33.01 -28.71
C SER A 478 4.31 32.27 -29.39
N MET A 479 4.15 30.95 -29.54
CA MET A 479 5.13 30.15 -30.26
C MET A 479 5.19 30.51 -31.75
N ARG A 480 4.08 31.02 -32.30
CA ARG A 480 4.02 31.35 -33.72
C ARG A 480 4.99 32.48 -34.07
N GLU A 481 5.13 33.47 -33.18
CA GLU A 481 6.04 34.57 -33.41
C GLU A 481 7.43 34.33 -32.86
N PHE A 482 7.55 33.50 -31.82
CA PHE A 482 8.84 33.25 -31.19
C PHE A 482 9.73 32.37 -32.05
N LEU A 483 9.29 31.14 -32.34
CA LEU A 483 10.17 30.14 -32.92
C LEU A 483 10.41 30.39 -34.40
N SER A 484 11.67 30.37 -34.80
CA SER A 484 12.10 30.41 -36.20
C SER A 484 12.96 29.17 -36.48
N LEU A 485 13.56 29.14 -37.67
CA LEU A 485 14.39 27.99 -38.05
C LEU A 485 15.69 27.96 -37.26
N ASP A 486 16.35 29.11 -37.12
CA ASP A 486 17.64 29.17 -36.45
C ASP A 486 17.51 28.95 -34.95
N ILE A 487 16.42 29.44 -34.35
CA ILE A 487 16.16 29.19 -32.93
C ILE A 487 15.91 27.71 -32.70
N LEU A 488 15.23 27.04 -33.63
CA LEU A 488 14.95 25.61 -33.48
C LEU A 488 16.22 24.78 -33.66
N CYS A 489 17.05 25.11 -34.65
CA CYS A 489 18.30 24.38 -34.85
C CYS A 489 19.29 24.65 -33.72
N LYS A 490 19.29 25.86 -33.19
CA LYS A 490 20.06 26.18 -31.99
C LYS A 490 19.50 25.46 -30.76
N LEU A 491 18.18 25.27 -30.72
CA LEU A 491 17.55 24.58 -29.61
C LEU A 491 17.92 23.11 -29.59
N TYR A 492 18.02 22.49 -30.78
CA TYR A 492 18.60 21.16 -30.90
C TYR A 492 20.13 21.16 -30.80
N ALA A 493 20.78 22.33 -30.89
CA ALA A 493 22.24 22.38 -30.82
C ALA A 493 22.75 22.30 -29.39
N GLU A 494 22.14 23.05 -28.47
CA GLU A 494 22.59 23.09 -27.07
C GLU A 494 21.78 22.15 -26.18
N VAL A 495 21.46 20.96 -26.68
CA VAL A 495 21.01 19.84 -25.85
C VAL A 495 22.14 19.53 -24.85
N PRO A 496 21.82 19.12 -23.61
CA PRO A 496 22.85 19.11 -22.55
C PRO A 496 23.99 18.10 -22.71
N GLY A 497 23.66 16.83 -22.94
CA GLY A 497 24.71 15.84 -23.09
C GLY A 497 24.44 14.53 -22.39
N ASN A 498 23.65 14.57 -21.32
CA ASN A 498 23.24 13.36 -20.60
C ASN A 498 22.01 12.69 -21.21
N THR A 499 21.60 13.12 -22.40
CA THR A 499 20.41 12.60 -23.06
C THR A 499 20.78 11.48 -24.03
N THR A 500 19.75 10.89 -24.63
CA THR A 500 19.92 9.95 -25.74
C THR A 500 20.03 10.69 -27.08
N ILE A 501 19.42 11.88 -27.15
CA ILE A 501 19.31 12.59 -28.42
C ILE A 501 20.65 13.18 -28.85
N LYS A 502 21.55 13.50 -27.91
CA LYS A 502 22.86 13.97 -28.36
C LYS A 502 23.71 12.84 -28.96
N PRO A 503 23.79 11.62 -28.37
CA PRO A 503 24.43 10.52 -29.14
C PRO A 503 23.73 10.17 -30.44
N LEU A 504 22.39 10.25 -30.51
CA LEU A 504 21.71 9.94 -31.76
C LEU A 504 21.99 10.98 -32.85
N LEU A 505 21.95 12.27 -32.48
CA LEU A 505 22.23 13.33 -33.44
C LEU A 505 23.69 13.36 -33.85
N GLN A 506 24.61 13.08 -32.92
CA GLN A 506 26.02 13.05 -33.29
C GLN A 506 26.37 11.80 -34.11
N LYS A 507 25.65 10.69 -33.90
CA LYS A 507 25.85 9.53 -34.74
C LYS A 507 25.32 9.76 -36.15
N GLU A 508 24.20 10.50 -36.27
CA GLU A 508 23.69 10.80 -37.61
C GLU A 508 24.52 11.86 -38.31
N MET A 509 25.04 12.84 -37.58
CA MET A 509 25.95 13.81 -38.19
C MET A 509 27.29 13.19 -38.54
N GLY A 510 27.68 12.11 -37.84
CA GLY A 510 28.85 11.36 -38.25
C GLY A 510 28.60 10.56 -39.52
N LYS A 511 27.35 10.19 -39.78
CA LYS A 511 26.99 9.48 -41.01
C LYS A 511 26.83 10.41 -42.20
N ARG A 512 26.81 11.73 -41.98
CA ARG A 512 26.65 12.69 -43.05
C ARG A 512 27.80 13.68 -43.19
N GLN A 513 28.75 13.67 -42.24
CA GLN A 513 29.96 14.51 -42.25
C GLN A 513 29.62 16.00 -42.32
N VAL A 514 28.66 16.43 -41.49
CA VAL A 514 28.27 17.82 -41.37
C VAL A 514 28.49 18.23 -39.91
N LYS A 515 29.23 19.32 -39.70
CA LYS A 515 29.59 19.73 -38.35
C LYS A 515 28.46 20.48 -37.66
N THR A 516 27.53 21.07 -38.40
CA THR A 516 26.43 21.81 -37.82
C THR A 516 25.16 20.95 -37.83
N ILE A 517 24.21 21.34 -36.99
CA ILE A 517 22.93 20.66 -36.91
C ILE A 517 21.90 21.46 -37.70
N ASP A 518 21.08 20.75 -38.47
CA ASP A 518 19.92 21.31 -39.13
C ASP A 518 18.73 20.38 -38.87
N MET A 519 17.60 20.70 -39.46
CA MET A 519 16.42 19.89 -39.18
C MET A 519 16.35 18.63 -40.02
N ASP A 520 17.22 18.44 -41.01
CA ASP A 520 17.21 17.18 -41.76
C ASP A 520 17.82 16.05 -40.94
N VAL A 521 18.84 16.36 -40.13
CA VAL A 521 19.43 15.36 -39.25
C VAL A 521 18.45 14.99 -38.14
N VAL A 522 17.79 16.00 -37.56
CA VAL A 522 16.74 15.79 -36.57
C VAL A 522 15.60 14.98 -37.17
N GLY A 523 15.25 15.27 -38.43
CA GLY A 523 14.20 14.52 -39.10
C GLY A 523 14.57 13.08 -39.36
N GLU A 524 15.84 12.81 -39.69
CA GLU A 524 16.24 11.43 -39.94
C GLU A 524 16.32 10.64 -38.63
N VAL A 525 16.73 11.30 -37.55
CA VAL A 525 16.71 10.66 -36.23
C VAL A 525 15.27 10.35 -35.82
N ILE A 526 14.34 11.26 -36.08
CA ILE A 526 12.92 11.02 -35.78
C ILE A 526 12.34 9.92 -36.67
N GLU A 527 12.79 9.84 -37.93
CA GLU A 527 12.29 8.79 -38.82
C GLU A 527 12.81 7.42 -38.43
N GLU A 528 14.08 7.30 -38.05
CA GLU A 528 14.59 6.03 -37.56
C GLU A 528 14.17 5.74 -36.13
N LEU A 529 13.63 6.73 -35.42
CA LEU A 529 13.22 6.60 -34.04
C LEU A 529 11.71 6.54 -33.88
N MET A 530 10.97 6.62 -34.98
CA MET A 530 9.56 6.23 -35.06
C MET A 530 9.38 4.88 -35.75
N GLY A 531 10.12 4.65 -36.82
CA GLY A 531 10.02 3.43 -37.60
C GLY A 531 8.74 3.36 -38.42
N ASP A 532 8.56 2.19 -39.05
CA ASP A 532 7.36 1.82 -39.80
C ASP A 532 7.09 2.79 -40.96
N MET A 533 8.17 3.20 -41.63
CA MET A 533 8.16 4.13 -42.77
C MET A 533 7.52 5.47 -42.40
N PHE A 534 7.83 5.94 -41.20
CA PHE A 534 7.49 7.30 -40.81
C PHE A 534 8.29 8.29 -41.65
N GLU A 535 7.65 9.38 -42.05
CA GLU A 535 8.30 10.44 -42.82
C GLU A 535 8.14 11.73 -42.06
N SER A 536 9.24 12.25 -41.51
CA SER A 536 9.19 13.47 -40.72
C SER A 536 9.04 14.68 -41.62
N TYR A 537 8.29 15.67 -41.14
CA TYR A 537 7.93 16.82 -41.98
C TYR A 537 9.05 17.85 -42.11
N TYR A 538 10.20 17.67 -41.44
CA TYR A 538 11.31 18.58 -41.67
C TYR A 538 12.00 18.31 -42.99
N ARG A 539 11.88 17.09 -43.49
CA ARG A 539 12.51 16.68 -44.74
C ARG A 539 11.69 17.08 -45.96
N LYS A 540 10.39 17.31 -45.79
CA LYS A 540 9.50 17.52 -46.92
C LYS A 540 9.00 18.96 -47.04
N ASP A 541 8.90 19.68 -45.93
CA ASP A 541 8.42 21.05 -45.94
C ASP A 541 9.59 22.01 -46.15
N GLY A 542 9.35 23.07 -46.91
CA GLY A 542 10.37 24.06 -47.19
C GLY A 542 10.67 25.01 -46.05
N HIS A 543 9.86 25.00 -45.00
CA HIS A 543 10.09 25.87 -43.84
C HIS A 543 11.18 25.35 -42.92
N TYR A 544 11.73 24.15 -43.17
CA TYR A 544 12.71 23.55 -42.28
C TYR A 544 13.99 23.19 -43.02
N PHE A 545 14.32 23.91 -44.09
CA PHE A 545 15.51 23.62 -44.88
C PHE A 545 16.64 24.61 -44.55
N PRO A 575 6.94 32.43 -40.66
CA PRO A 575 6.97 31.64 -39.44
C PRO A 575 6.92 30.14 -39.72
N LEU A 576 7.10 29.33 -38.68
CA LEU A 576 7.06 27.89 -38.85
C LEU A 576 5.61 27.39 -38.72
N PRO A 577 5.25 26.30 -39.45
CA PRO A 577 3.86 25.83 -39.42
C PRO A 577 3.40 25.32 -38.07
N THR A 578 4.19 24.44 -37.44
CA THR A 578 3.84 23.84 -36.14
C THR A 578 4.93 24.16 -35.12
N PRO A 579 4.89 25.34 -34.48
CA PRO A 579 5.91 25.64 -33.47
C PRO A 579 5.71 24.90 -32.16
N TYR A 580 4.44 24.77 -31.72
CA TYR A 580 4.13 24.00 -30.52
C TYR A 580 4.53 22.55 -30.67
N LEU A 581 4.29 21.98 -31.86
CA LEU A 581 4.56 20.56 -32.08
C LEU A 581 6.06 20.26 -32.11
N ASP A 582 6.86 21.08 -32.78
CA ASP A 582 8.27 20.72 -32.86
C ASP A 582 9.08 21.17 -31.64
N VAL A 583 8.65 22.22 -30.92
CA VAL A 583 9.28 22.45 -29.62
C VAL A 583 8.86 21.35 -28.63
N PHE A 584 7.63 20.83 -28.78
CA PHE A 584 7.20 19.65 -28.02
C PHE A 584 8.06 18.43 -28.34
N LEU A 585 8.34 18.18 -29.63
CA LEU A 585 9.16 17.05 -30.01
C LEU A 585 10.60 17.21 -29.54
N TRP A 586 11.09 18.44 -29.50
CA TRP A 586 12.40 18.70 -28.91
C TRP A 586 12.43 18.36 -27.42
N ALA A 587 11.38 18.75 -26.68
CA ALA A 587 11.34 18.44 -25.26
C ALA A 587 11.13 16.95 -25.01
N VAL A 588 10.49 16.25 -25.93
CA VAL A 588 10.33 14.80 -25.82
C VAL A 588 11.65 14.09 -26.11
N LEU A 589 12.41 14.56 -27.11
CA LEU A 589 13.71 13.97 -27.43
C LEU A 589 14.73 14.21 -26.33
N CYS A 590 14.58 15.29 -25.56
CA CYS A 590 15.53 15.61 -24.49
C CYS A 590 15.17 14.96 -23.17
N ASN A 591 14.08 14.18 -23.11
CA ASN A 591 13.56 13.53 -21.90
C ASN A 591 13.29 14.54 -20.79
N ARG A 592 12.62 15.63 -21.14
CA ARG A 592 12.28 16.68 -20.19
C ARG A 592 10.80 16.51 -19.86
N ARG A 593 10.52 16.12 -18.62
CA ARG A 593 9.16 15.75 -18.19
C ARG A 593 8.21 16.93 -18.25
N GLU A 594 8.44 17.93 -17.40
CA GLU A 594 7.49 19.02 -17.23
C GLU A 594 7.47 19.94 -18.44
N LEU A 595 8.59 20.06 -19.15
CA LEU A 595 8.62 20.90 -20.35
C LEU A 595 7.81 20.30 -21.48
N ALA A 596 7.95 18.99 -21.72
CA ALA A 596 7.12 18.32 -22.70
C ALA A 596 5.67 18.28 -22.26
N ARG A 597 5.41 18.25 -20.95
CA ARG A 597 4.04 18.36 -20.46
C ARG A 597 3.42 19.71 -20.81
N VAL A 598 4.16 20.81 -20.57
CA VAL A 598 3.68 22.15 -20.89
C VAL A 598 3.45 22.31 -22.38
N LEU A 599 4.38 21.81 -23.20
CA LEU A 599 4.26 21.94 -24.64
C LEU A 599 3.19 21.02 -25.22
N TRP A 600 2.88 19.92 -24.53
CA TRP A 600 1.74 19.10 -24.91
C TRP A 600 0.43 19.79 -24.57
N GLU A 601 0.38 20.43 -23.40
CA GLU A 601 -0.83 21.13 -22.97
C GLU A 601 -1.08 22.37 -23.82
N ALA A 602 -0.04 22.97 -24.39
CA ALA A 602 -0.19 24.19 -25.17
C ALA A 602 -0.44 23.94 -26.66
N GLY A 603 -0.25 22.71 -27.14
CA GLY A 603 -0.23 22.43 -28.56
C GLY A 603 -1.50 21.75 -29.07
N ARG A 604 -1.63 21.78 -30.40
CA ARG A 604 -2.75 21.15 -31.08
C ARG A 604 -2.46 19.68 -31.40
N GLU A 605 -3.53 18.96 -31.78
CA GLU A 605 -3.60 17.52 -31.99
C GLU A 605 -2.94 16.75 -30.86
N PRO A 606 -3.54 16.73 -29.67
CA PRO A 606 -2.81 16.30 -28.47
C PRO A 606 -2.64 14.80 -28.32
N MET A 607 -3.63 13.98 -28.67
CA MET A 607 -3.44 12.55 -28.47
C MET A 607 -2.50 11.97 -29.51
N ALA A 608 -2.47 12.55 -30.71
CA ALA A 608 -1.47 12.18 -31.72
C ALA A 608 -0.07 12.56 -31.24
N ALA A 609 0.05 13.74 -30.61
CA ALA A 609 1.33 14.17 -30.06
C ALA A 609 1.78 13.27 -28.91
N ALA A 610 0.84 12.83 -28.07
CA ALA A 610 1.17 11.96 -26.95
C ALA A 610 1.53 10.56 -27.41
N LEU A 611 0.86 10.04 -28.46
CA LEU A 611 1.22 8.72 -28.96
C LEU A 611 2.55 8.74 -29.70
N MET A 612 2.82 9.81 -30.46
CA MET A 612 4.13 9.96 -31.09
C MET A 612 5.23 10.12 -30.04
N ALA A 613 4.94 10.85 -28.96
CA ALA A 613 5.89 10.99 -27.86
C ALA A 613 6.13 9.68 -27.16
N SER A 614 5.09 8.86 -26.99
CA SER A 614 5.24 7.56 -26.35
C SER A 614 6.09 6.61 -27.19
N ARG A 615 5.80 6.54 -28.50
CA ARG A 615 6.61 5.77 -29.43
C ARG A 615 8.07 6.23 -29.44
N LEU A 616 8.27 7.55 -29.46
CA LEU A 616 9.61 8.12 -29.57
C LEU A 616 10.41 7.87 -28.30
N LEU A 617 9.77 8.01 -27.14
CA LEU A 617 10.44 7.81 -25.86
C LEU A 617 10.75 6.33 -25.61
N LYS A 618 9.83 5.43 -25.90
CA LYS A 618 10.16 4.02 -25.66
C LYS A 618 11.06 3.43 -26.73
N ARG A 619 11.11 4.02 -27.93
CA ARG A 619 12.12 3.55 -28.87
C ARG A 619 13.48 4.15 -28.55
N MET A 620 13.53 5.35 -27.94
CA MET A 620 14.76 5.80 -27.30
C MET A 620 15.16 4.92 -26.13
N ALA A 621 14.17 4.38 -25.41
CA ALA A 621 14.47 3.46 -24.31
C ALA A 621 15.09 2.17 -24.81
N SER A 622 14.53 1.61 -25.88
CA SER A 622 15.12 0.42 -26.51
C SER A 622 16.49 0.73 -27.11
N ARG A 623 16.66 1.93 -27.67
CA ARG A 623 17.94 2.31 -28.26
C ARG A 623 19.02 2.49 -27.20
N ALA A 624 18.66 3.07 -26.04
CA ALA A 624 19.61 3.22 -24.95
C ALA A 624 19.86 1.89 -24.25
N GLN A 625 18.90 0.96 -24.32
CA GLN A 625 19.10 -0.34 -23.71
C GLN A 625 19.98 -1.25 -24.57
N GLU A 626 19.91 -1.14 -25.90
CA GLU A 626 20.65 -2.04 -26.77
C GLU A 626 22.01 -1.48 -27.20
N ASP A 627 22.32 -0.23 -26.90
CA ASP A 627 23.58 0.39 -27.29
C ASP A 627 24.39 0.72 -26.04
N ASN A 628 25.68 0.37 -26.07
CA ASN A 628 26.57 0.68 -24.95
C ASN A 628 27.16 2.08 -25.03
N THR A 629 27.21 2.67 -26.23
CA THR A 629 27.70 4.05 -26.38
C THR A 629 26.67 5.08 -25.98
N ILE A 630 25.44 4.66 -25.69
CA ILE A 630 24.38 5.53 -25.18
C ILE A 630 24.12 5.15 -23.73
N THR A 631 24.03 6.17 -22.87
CA THR A 631 23.80 5.97 -21.45
C THR A 631 22.42 5.35 -21.21
N ASP A 632 22.39 4.24 -20.47
CA ASP A 632 21.14 3.54 -20.19
C ASP A 632 20.30 4.32 -19.19
N ILE A 633 19.42 5.18 -19.70
CA ILE A 633 18.46 5.92 -18.91
C ILE A 633 17.09 5.38 -19.26
N SER A 634 17.05 4.07 -19.58
CA SER A 634 15.91 3.46 -20.24
C SER A 634 14.65 3.45 -19.38
N SER A 635 14.78 3.22 -18.06
CA SER A 635 13.61 3.19 -17.19
C SER A 635 12.95 4.55 -17.08
N ASP A 636 13.76 5.63 -17.08
CA ASP A 636 13.22 6.98 -17.14
C ASP A 636 12.46 7.22 -18.44
N LEU A 637 12.99 6.69 -19.55
CA LEU A 637 12.33 6.85 -20.84
C LEU A 637 11.05 6.03 -20.94
N TYR A 638 11.02 4.82 -20.35
CA TYR A 638 9.78 4.06 -20.33
C TYR A 638 8.73 4.68 -19.43
N ASP A 639 9.15 5.29 -18.31
CA ASP A 639 8.22 5.99 -17.44
C ASP A 639 7.64 7.22 -18.14
N HIS A 640 8.47 7.94 -18.90
CA HIS A 640 7.99 9.11 -19.63
C HIS A 640 7.07 8.70 -20.78
N ALA A 641 7.36 7.56 -21.42
CA ALA A 641 6.50 7.05 -22.48
C ALA A 641 5.17 6.55 -21.92
N ARG A 642 5.18 5.93 -20.74
CA ARG A 642 3.93 5.54 -20.07
C ARG A 642 3.14 6.76 -19.63
N LEU A 643 3.83 7.84 -19.27
CA LEU A 643 3.16 9.09 -18.94
C LEU A 643 2.43 9.66 -20.15
N PHE A 644 3.06 9.62 -21.32
CA PHE A 644 2.32 10.06 -22.52
C PHE A 644 1.27 9.05 -22.97
N GLU A 645 1.46 7.75 -22.65
CA GLU A 645 0.41 6.76 -22.87
C GLU A 645 -0.85 7.13 -22.10
N GLU A 646 -0.73 7.38 -20.80
CA GLU A 646 -1.91 7.69 -20.00
C GLU A 646 -2.49 9.06 -20.33
N ARG A 647 -1.66 10.00 -20.79
CA ARG A 647 -2.19 11.28 -21.29
C ARG A 647 -3.04 11.08 -22.55
N ALA A 648 -2.56 10.25 -23.49
CA ALA A 648 -3.33 9.93 -24.69
C ALA A 648 -4.62 9.20 -24.36
N VAL A 649 -4.55 8.26 -23.40
CA VAL A 649 -5.73 7.49 -22.99
C VAL A 649 -6.76 8.41 -22.33
N GLY A 650 -6.30 9.37 -21.54
CA GLY A 650 -7.22 10.29 -20.90
C GLY A 650 -7.86 11.27 -21.87
N VAL A 651 -7.09 11.72 -22.87
CA VAL A 651 -7.68 12.58 -23.90
C VAL A 651 -8.70 11.81 -24.73
N LEU A 652 -8.41 10.55 -25.04
CA LEU A 652 -9.39 9.70 -25.74
C LEU A 652 -10.61 9.43 -24.87
N ASP A 653 -10.43 9.31 -23.55
CA ASP A 653 -11.55 9.07 -22.65
C ASP A 653 -12.45 10.28 -22.54
N GLU A 654 -11.87 11.48 -22.47
CA GLU A 654 -12.68 12.68 -22.44
C GLU A 654 -13.34 12.94 -23.80
N CYS A 655 -12.69 12.53 -24.89
CA CYS A 655 -13.35 12.54 -26.18
C CYS A 655 -14.48 11.52 -26.26
N PHE A 656 -14.36 10.40 -25.53
CA PHE A 656 -15.36 9.34 -25.60
C PHE A 656 -16.56 9.64 -24.71
N ASN A 657 -16.37 10.44 -23.67
CA ASN A 657 -17.47 10.74 -22.74
C ASN A 657 -18.51 11.68 -23.31
N GLU A 658 -18.25 12.34 -24.45
CA GLU A 658 -19.30 13.05 -25.18
C GLU A 658 -19.17 12.75 -26.67
N ASN A 659 -20.28 12.32 -27.27
CA ASN A 659 -20.44 12.10 -28.71
C ASN A 659 -19.42 11.12 -29.27
N GLU A 660 -19.59 9.83 -28.94
CA GLU A 660 -18.66 8.76 -29.30
C GLU A 660 -18.37 8.65 -30.80
N THR A 661 -19.33 9.07 -31.64
CA THR A 661 -19.13 9.04 -33.09
C THR A 661 -18.00 9.97 -33.51
N LEU A 662 -17.85 11.11 -32.82
CA LEU A 662 -16.71 11.99 -33.03
C LEU A 662 -15.41 11.33 -32.60
N SER A 663 -15.44 10.48 -31.58
CA SER A 663 -14.24 9.74 -31.20
C SER A 663 -13.84 8.74 -32.27
N GLN A 664 -14.82 8.02 -32.82
CA GLN A 664 -14.52 7.06 -33.89
C GLN A 664 -14.01 7.75 -35.14
N THR A 665 -14.59 8.90 -35.52
CA THR A 665 -14.06 9.60 -36.69
C THR A 665 -12.80 10.40 -36.38
N LEU A 666 -12.47 10.62 -35.10
CA LEU A 666 -11.22 11.27 -34.74
C LEU A 666 -10.06 10.28 -34.73
N LEU A 667 -10.34 9.01 -34.44
CA LEU A 667 -9.28 7.99 -34.42
C LEU A 667 -8.79 7.60 -35.81
N VAL A 668 -9.48 7.98 -36.88
CA VAL A 668 -9.14 7.55 -38.22
C VAL A 668 -8.81 8.74 -39.14
N ARG A 669 -8.46 9.88 -38.57
CA ARG A 669 -8.12 11.06 -39.37
C ARG A 669 -6.77 10.90 -40.06
N GLU A 670 -6.67 11.45 -41.28
CA GLU A 670 -5.37 11.78 -41.83
C GLU A 670 -4.70 12.83 -40.94
N LEU A 671 -3.46 12.57 -40.56
CA LEU A 671 -2.69 13.49 -39.74
C LEU A 671 -1.46 13.89 -40.54
N ASP A 672 -1.56 15.02 -41.25
CA ASP A 672 -0.53 15.42 -42.20
C ASP A 672 0.76 15.83 -41.49
N HIS A 673 0.67 16.23 -40.23
CA HIS A 673 1.82 16.58 -39.41
C HIS A 673 2.42 15.36 -38.73
N TYR A 674 1.92 14.16 -39.02
CA TYR A 674 2.38 12.91 -38.45
C TYR A 674 2.58 11.84 -39.53
N SER A 675 2.97 12.27 -40.74
CA SER A 675 3.17 11.42 -41.92
C SER A 675 1.90 10.66 -42.29
N ARG A 676 0.75 11.34 -42.20
CA ARG A 676 -0.54 10.91 -42.78
C ARG A 676 -1.05 9.60 -42.20
N MET A 677 -0.71 9.31 -40.94
CA MET A 677 -1.15 8.10 -40.26
C MET A 677 -2.07 8.47 -39.11
N THR A 678 -2.95 7.54 -38.75
CA THR A 678 -4.04 7.81 -37.82
C THR A 678 -3.58 7.68 -36.38
N ALA A 679 -4.49 7.99 -35.46
CA ALA A 679 -4.23 7.77 -34.04
C ALA A 679 -4.17 6.29 -33.71
N LEU A 680 -4.94 5.46 -34.42
CA LEU A 680 -4.82 4.01 -34.30
C LEU A 680 -3.43 3.55 -34.72
N GLU A 681 -2.93 4.05 -35.85
CA GLU A 681 -1.63 3.61 -36.35
C GLU A 681 -0.49 4.18 -35.53
N LEU A 682 -0.65 5.41 -35.02
CA LEU A 682 0.33 5.95 -34.08
C LEU A 682 0.33 5.19 -32.75
N ALA A 683 -0.81 4.63 -32.35
CA ALA A 683 -0.86 3.89 -31.11
C ALA A 683 -0.30 2.48 -31.26
N VAL A 684 -0.53 1.85 -32.41
CA VAL A 684 -0.02 0.49 -32.60
C VAL A 684 1.41 0.49 -33.09
N SER A 685 1.91 1.62 -33.61
CA SER A 685 3.35 1.77 -33.72
C SER A 685 3.97 1.91 -32.33
N ALA A 686 3.32 2.68 -31.45
CA ALA A 686 3.79 2.89 -30.09
C ALA A 686 3.58 1.68 -29.18
N GLU A 687 2.84 0.66 -29.63
CA GLU A 687 2.38 -0.47 -28.82
C GLU A 687 1.68 0.01 -27.54
N SER A 688 0.88 1.06 -27.68
CA SER A 688 0.13 1.63 -26.56
C SER A 688 -1.09 0.76 -26.34
N GLN A 689 -0.95 -0.26 -25.50
CA GLN A 689 -2.02 -1.22 -25.28
C GLN A 689 -3.17 -0.60 -24.49
N ASP A 690 -2.89 0.41 -23.67
CA ASP A 690 -3.95 1.10 -22.95
C ASP A 690 -4.80 1.96 -23.87
N PHE A 691 -4.26 2.39 -25.00
CA PHE A 691 -5.01 3.22 -25.94
C PHE A 691 -5.92 2.36 -26.79
N ILE A 692 -5.42 1.20 -27.24
CA ILE A 692 -6.22 0.31 -28.08
C ILE A 692 -7.28 -0.41 -27.25
N ALA A 693 -6.99 -0.70 -25.98
CA ALA A 693 -7.97 -1.36 -25.12
C ALA A 693 -9.03 -0.40 -24.59
N HIS A 694 -8.92 0.89 -24.88
CA HIS A 694 -9.98 1.82 -24.57
C HIS A 694 -11.21 1.51 -25.41
N THR A 695 -12.39 1.84 -24.86
CA THR A 695 -13.66 1.41 -25.44
C THR A 695 -13.90 2.03 -26.81
N SER A 696 -13.38 3.24 -27.06
CA SER A 696 -13.55 3.90 -28.35
C SER A 696 -12.85 3.13 -29.47
N CYS A 697 -11.58 2.77 -29.25
CA CYS A 697 -10.84 1.99 -30.24
C CYS A 697 -11.44 0.61 -30.44
N GLN A 698 -12.01 0.02 -29.39
CA GLN A 698 -12.56 -1.33 -29.54
C GLN A 698 -13.90 -1.33 -30.26
N VAL A 699 -14.76 -0.34 -30.00
CA VAL A 699 -15.99 -0.29 -30.77
C VAL A 699 -15.70 0.17 -32.20
N LEU A 700 -14.63 0.93 -32.42
CA LEU A 700 -14.22 1.26 -33.77
C LEU A 700 -13.70 0.03 -34.52
N LEU A 701 -12.91 -0.80 -33.84
CA LEU A 701 -12.46 -2.06 -34.44
C LEU A 701 -13.61 -3.05 -34.62
N THR A 702 -14.68 -2.91 -33.83
CA THR A 702 -15.86 -3.74 -34.07
C THR A 702 -16.64 -3.23 -35.27
N ARG A 703 -16.73 -1.91 -35.46
CA ARG A 703 -17.34 -1.34 -36.67
C ARG A 703 -16.56 -1.72 -37.93
N LEU A 704 -15.23 -1.61 -37.86
CA LEU A 704 -14.38 -2.03 -38.98
C LEU A 704 -14.44 -3.54 -39.17
N TRP A 705 -14.59 -4.29 -38.09
CA TRP A 705 -14.63 -5.75 -38.15
C TRP A 705 -15.98 -6.24 -38.65
N MET A 706 -17.06 -5.64 -38.17
CA MET A 706 -18.41 -5.94 -38.66
C MET A 706 -18.80 -4.90 -39.70
N GLY A 707 -18.05 -4.90 -40.82
CA GLY A 707 -18.10 -3.82 -41.78
C GLY A 707 -19.39 -3.68 -42.57
N THR A 708 -20.17 -2.64 -42.23
CA THR A 708 -21.52 -2.38 -42.74
C THR A 708 -22.40 -3.63 -42.56
N MET A 709 -22.62 -3.94 -41.30
CA MET A 709 -23.31 -5.13 -40.81
C MET A 709 -23.51 -4.94 -39.31
N ALA A 710 -24.57 -5.53 -38.77
CA ALA A 710 -24.88 -5.40 -37.35
C ALA A 710 -23.79 -6.04 -36.50
N MET A 711 -23.45 -5.37 -35.39
CA MET A 711 -22.29 -5.68 -34.59
C MET A 711 -22.43 -6.98 -33.79
N ASN A 712 -23.64 -7.52 -33.64
CA ASN A 712 -23.87 -8.72 -32.86
C ASN A 712 -24.40 -9.89 -33.69
N THR A 713 -24.18 -9.88 -35.00
CA THR A 713 -24.51 -11.06 -35.80
C THR A 713 -23.47 -12.14 -35.57
N ARG A 714 -23.95 -13.34 -35.22
CA ARG A 714 -23.09 -14.42 -34.78
C ARG A 714 -22.34 -15.05 -35.96
N TRP A 715 -21.38 -15.91 -35.61
CA TRP A 715 -20.54 -16.53 -36.63
C TRP A 715 -21.30 -17.55 -37.47
N TRP A 716 -22.30 -18.22 -36.89
CA TRP A 716 -23.02 -19.24 -37.64
C TRP A 716 -23.99 -18.64 -38.64
N LYS A 717 -24.53 -17.45 -38.36
CA LYS A 717 -25.36 -16.76 -39.35
C LYS A 717 -24.53 -16.32 -40.55
N VAL A 718 -23.34 -15.78 -40.28
CA VAL A 718 -22.39 -15.43 -41.34
C VAL A 718 -21.96 -16.67 -42.10
N LEU A 719 -21.84 -17.81 -41.40
CA LEU A 719 -21.46 -19.06 -42.04
C LEU A 719 -22.54 -19.58 -42.98
N VAL A 720 -23.80 -19.60 -42.53
CA VAL A 720 -24.88 -20.10 -43.38
C VAL A 720 -25.25 -19.11 -44.47
N CYS A 721 -24.88 -17.85 -44.33
CA CYS A 721 -25.10 -16.88 -45.41
C CYS A 721 -23.89 -16.72 -46.31
N LEU A 722 -22.75 -17.30 -45.94
CA LEU A 722 -21.52 -17.16 -46.69
C LEU A 722 -21.47 -18.09 -47.89
N TYR A 723 -22.08 -19.26 -47.79
CA TYR A 723 -22.17 -20.20 -48.90
C TYR A 723 -23.58 -20.26 -49.49
N LEU A 724 -24.56 -19.60 -48.87
CA LEU A 724 -25.90 -19.44 -49.43
C LEU A 724 -26.17 -17.94 -49.50
N PRO A 725 -25.85 -17.29 -50.62
CA PRO A 725 -26.05 -15.83 -50.70
C PRO A 725 -27.51 -15.42 -50.72
N VAL A 726 -28.40 -16.27 -51.23
CA VAL A 726 -29.83 -15.97 -51.26
C VAL A 726 -30.42 -15.92 -49.85
N LEU A 727 -29.75 -16.54 -48.87
CA LEU A 727 -30.16 -16.50 -47.48
C LEU A 727 -29.56 -15.32 -46.72
N ILE A 728 -28.75 -14.49 -47.39
CA ILE A 728 -28.25 -13.25 -46.78
C ILE A 728 -29.41 -12.31 -46.46
N PHE A 729 -30.39 -12.25 -47.37
CA PHE A 729 -31.49 -11.28 -47.24
C PHE A 729 -32.40 -11.47 -46.04
N PRO A 730 -32.80 -12.71 -45.58
CA PRO A 730 -33.61 -12.78 -44.34
C PRO A 730 -32.91 -12.35 -43.05
N ILE A 731 -31.78 -12.96 -42.71
CA ILE A 731 -31.31 -12.95 -41.32
C ILE A 731 -30.13 -12.02 -41.06
N ILE A 732 -29.40 -11.58 -42.08
CA ILE A 732 -28.27 -10.68 -41.85
C ILE A 732 -28.80 -9.27 -41.73
N TYR A 733 -28.70 -8.71 -40.53
CA TYR A 733 -29.14 -7.34 -40.28
C TYR A 733 -28.00 -6.38 -40.63
N PHE A 734 -28.32 -5.34 -41.37
CA PHE A 734 -27.35 -4.33 -41.78
C PHE A 734 -27.61 -3.03 -41.02
N VAL A 735 -26.54 -2.32 -40.70
CA VAL A 735 -26.64 -1.04 -40.02
C VAL A 735 -27.29 0.06 -40.85
N PRO A 736 -27.33 0.02 -42.22
CA PRO A 736 -28.34 0.95 -42.75
C PRO A 736 -29.76 0.42 -42.58
N PHE A 826 -31.25 -7.00 -53.23
CA PHE A 826 -30.36 -6.41 -54.23
C PHE A 826 -28.91 -6.79 -53.89
N CYS A 827 -28.01 -6.67 -54.86
CA CYS A 827 -26.61 -7.05 -54.67
C CYS A 827 -25.82 -6.10 -53.78
N ASP A 828 -26.42 -4.97 -53.38
CA ASP A 828 -25.78 -4.08 -52.41
C ASP A 828 -25.60 -4.79 -51.06
N ARG A 829 -26.63 -5.51 -50.62
CA ARG A 829 -26.54 -6.30 -49.39
C ARG A 829 -25.56 -7.44 -49.53
N ILE A 830 -25.45 -8.04 -50.72
CA ILE A 830 -24.51 -9.12 -50.96
C ILE A 830 -23.07 -8.62 -50.85
N MET A 831 -22.76 -7.52 -51.55
CA MET A 831 -21.42 -6.97 -51.55
C MET A 831 -21.06 -6.34 -50.21
N HIS A 832 -22.04 -5.86 -49.45
CA HIS A 832 -21.76 -5.38 -48.10
C HIS A 832 -21.65 -6.52 -47.08
N PHE A 833 -22.26 -7.67 -47.36
CA PHE A 833 -21.99 -8.84 -46.54
C PHE A 833 -20.56 -9.33 -46.74
N TYR A 834 -20.16 -9.51 -47.99
CA TYR A 834 -18.81 -10.01 -48.25
C TYR A 834 -17.72 -8.97 -48.04
N SER A 835 -18.08 -7.69 -47.83
CA SER A 835 -17.08 -6.68 -47.50
C SER A 835 -16.66 -6.72 -46.04
N ALA A 836 -17.41 -7.42 -45.21
CA ALA A 836 -17.10 -7.48 -43.79
C ALA A 836 -15.82 -8.30 -43.58
N PRO A 837 -14.85 -7.78 -42.83
CA PRO A 837 -13.69 -8.59 -42.43
C PRO A 837 -14.04 -9.77 -41.55
N PHE A 838 -15.17 -9.73 -40.84
CA PHE A 838 -15.63 -10.91 -40.11
C PHE A 838 -16.15 -11.98 -41.06
N SER A 839 -16.79 -11.58 -42.17
CA SER A 839 -17.22 -12.55 -43.17
C SER A 839 -16.03 -13.15 -43.91
N LYS A 840 -15.05 -12.30 -44.24
CA LYS A 840 -13.78 -12.78 -44.80
C LYS A 840 -13.05 -13.67 -43.81
N PHE A 841 -13.18 -13.39 -42.52
CA PHE A 841 -12.56 -14.21 -41.48
C PHE A 841 -13.18 -15.60 -41.41
N VAL A 842 -14.52 -15.66 -41.39
CA VAL A 842 -15.22 -16.95 -41.35
C VAL A 842 -14.97 -17.73 -42.65
N GLY A 843 -14.85 -17.01 -43.77
CA GLY A 843 -14.48 -17.68 -45.02
C GLY A 843 -13.08 -18.25 -45.00
N ASN A 844 -12.13 -17.50 -44.42
CA ASN A 844 -10.76 -18.01 -44.27
C ASN A 844 -10.73 -19.20 -43.34
N VAL A 845 -11.52 -19.18 -42.27
CA VAL A 845 -11.58 -20.29 -41.32
C VAL A 845 -12.12 -21.55 -41.99
N VAL A 846 -13.22 -21.44 -42.72
CA VAL A 846 -13.88 -22.63 -43.26
C VAL A 846 -13.12 -23.19 -44.46
N GLY A 847 -12.73 -22.32 -45.40
CA GLY A 847 -11.89 -22.77 -46.51
C GLY A 847 -10.52 -23.20 -46.08
N TYR A 848 -10.02 -22.69 -44.95
CA TYR A 848 -8.74 -23.11 -44.45
C TYR A 848 -8.84 -24.47 -43.76
N LEU A 849 -9.92 -24.73 -43.03
CA LEU A 849 -10.15 -26.07 -42.49
C LEU A 849 -10.30 -27.09 -43.61
N ALA A 850 -10.94 -26.68 -44.72
CA ALA A 850 -10.98 -27.52 -45.92
C ALA A 850 -9.58 -27.75 -46.47
N PHE A 851 -8.74 -26.71 -46.45
CA PHE A 851 -7.35 -26.83 -46.91
C PHE A 851 -6.52 -27.76 -46.03
N ILE A 852 -6.70 -27.66 -44.71
CA ILE A 852 -5.94 -28.51 -43.80
C ILE A 852 -6.40 -29.96 -43.90
N PHE A 853 -7.70 -30.17 -44.07
CA PHE A 853 -8.21 -31.52 -44.28
C PHE A 853 -7.73 -32.10 -45.61
N LEU A 854 -7.61 -31.25 -46.63
CA LEU A 854 -7.12 -31.69 -47.94
C LEU A 854 -5.62 -32.00 -47.88
N TYR A 855 -4.86 -31.15 -47.21
CA TYR A 855 -3.41 -31.34 -47.07
C TYR A 855 -3.12 -32.58 -46.24
N ALA A 856 -3.96 -32.83 -45.23
CA ALA A 856 -3.84 -34.03 -44.43
C ALA A 856 -4.23 -35.28 -45.21
N TYR A 857 -5.25 -35.20 -46.07
CA TYR A 857 -5.59 -36.34 -46.92
C TYR A 857 -4.46 -36.64 -47.90
N VAL A 858 -3.78 -35.60 -48.39
CA VAL A 858 -2.64 -35.80 -49.29
C VAL A 858 -1.48 -36.45 -48.56
N VAL A 859 -1.07 -35.90 -47.41
CA VAL A 859 0.13 -36.43 -46.77
C VAL A 859 -0.13 -37.73 -46.01
N LEU A 860 -1.37 -38.01 -45.60
CA LEU A 860 -1.67 -39.21 -44.84
C LEU A 860 -2.28 -40.33 -45.68
N PHE A 861 -2.83 -40.01 -46.85
CA PHE A 861 -3.59 -41.02 -47.59
C PHE A 861 -3.13 -41.18 -49.04
N ASN A 862 -2.81 -40.08 -49.72
CA ASN A 862 -2.51 -40.21 -51.15
C ASN A 862 -1.50 -39.13 -51.56
N PHE A 863 -0.23 -39.52 -51.60
CA PHE A 863 0.85 -38.70 -52.17
C PHE A 863 1.80 -39.65 -52.88
N PRO A 864 1.45 -40.10 -54.08
CA PRO A 864 2.17 -41.21 -54.71
C PRO A 864 3.48 -40.76 -55.35
N ARG A 865 4.32 -41.75 -55.65
CA ARG A 865 5.57 -41.47 -56.35
C ARG A 865 5.28 -41.16 -57.82
N PHE A 866 5.93 -40.11 -58.32
CA PHE A 866 5.69 -39.65 -59.67
C PHE A 866 6.24 -40.64 -60.69
N ASP A 867 5.45 -40.92 -61.72
CA ASP A 867 5.87 -41.73 -62.85
C ASP A 867 5.19 -41.26 -64.12
N PRO A 868 5.92 -41.17 -65.24
CA PRO A 868 5.30 -40.74 -66.50
C PRO A 868 4.46 -41.81 -67.19
N ALA A 869 4.28 -42.99 -66.59
CA ALA A 869 3.55 -44.06 -67.27
C ALA A 869 2.05 -43.81 -67.25
N LYS A 870 1.45 -43.76 -66.07
CA LYS A 870 0.01 -43.61 -65.96
C LYS A 870 -0.41 -42.15 -66.09
N THR A 871 -1.73 -41.93 -66.11
CA THR A 871 -2.28 -40.63 -66.45
C THR A 871 -2.07 -39.62 -65.33
N LEU A 872 -1.86 -38.36 -65.73
CA LEU A 872 -1.60 -37.20 -64.87
C LEU A 872 -0.36 -37.40 -63.98
N GLY A 873 0.56 -38.26 -64.41
CA GLY A 873 1.71 -38.60 -63.59
C GLY A 873 1.41 -39.46 -62.39
N GLY A 874 0.21 -40.01 -62.29
CA GLY A 874 -0.24 -40.69 -61.09
C GLY A 874 -0.79 -39.77 -60.02
N ILE A 875 -0.80 -38.45 -60.26
CA ILE A 875 -1.21 -37.49 -59.24
C ILE A 875 -2.72 -37.55 -59.05
N HIS A 876 -3.14 -37.73 -57.81
CA HIS A 876 -4.57 -37.68 -57.49
C HIS A 876 -5.05 -36.23 -57.58
N PRO A 877 -6.30 -36.01 -58.04
CA PRO A 877 -6.77 -34.61 -58.19
C PRO A 877 -6.96 -33.86 -56.89
N THR A 878 -7.00 -34.53 -55.73
CA THR A 878 -6.92 -33.80 -54.47
C THR A 878 -5.60 -33.07 -54.33
N GLU A 879 -4.51 -33.66 -54.82
CA GLU A 879 -3.23 -32.97 -54.85
C GLU A 879 -3.23 -31.81 -55.84
N ILE A 880 -4.01 -31.91 -56.92
CA ILE A 880 -4.13 -30.80 -57.86
C ILE A 880 -4.90 -29.64 -57.24
N VAL A 881 -5.98 -29.94 -56.51
CA VAL A 881 -6.72 -28.90 -55.78
C VAL A 881 -5.86 -28.33 -54.65
N LEU A 882 -4.97 -29.15 -54.07
CA LEU A 882 -3.99 -28.68 -53.11
C LEU A 882 -3.03 -27.68 -53.73
N TYR A 883 -2.54 -27.98 -54.94
CA TYR A 883 -1.69 -27.07 -55.69
C TYR A 883 -2.42 -25.76 -55.98
N PHE A 884 -3.71 -25.87 -56.32
CA PHE A 884 -4.53 -24.70 -56.61
C PHE A 884 -4.69 -23.80 -55.38
N TRP A 885 -4.94 -24.40 -54.21
CA TRP A 885 -5.14 -23.56 -53.05
C TRP A 885 -3.84 -23.00 -52.48
N VAL A 886 -2.71 -23.71 -52.63
CA VAL A 886 -1.48 -23.09 -52.16
C VAL A 886 -1.01 -22.02 -53.15
N PHE A 887 -1.30 -22.18 -54.46
CA PHE A 887 -1.10 -21.09 -55.40
C PHE A 887 -2.00 -19.91 -55.07
N THR A 888 -3.21 -20.17 -54.58
CA THR A 888 -4.10 -19.12 -54.11
C THR A 888 -3.50 -18.38 -52.92
N ILE A 889 -2.91 -19.11 -51.96
CA ILE A 889 -2.25 -18.49 -50.82
C ILE A 889 -1.02 -17.69 -51.27
N LEU A 890 -0.33 -18.17 -52.30
CA LEU A 890 0.83 -17.46 -52.82
C LEU A 890 0.45 -16.15 -53.50
N ILE A 891 -0.60 -16.17 -54.32
CA ILE A 891 -1.11 -14.93 -54.93
C ILE A 891 -1.72 -14.02 -53.87
N GLU A 892 -2.26 -14.59 -52.79
CA GLU A 892 -2.71 -13.81 -51.65
C GLU A 892 -1.57 -13.06 -50.98
N GLU A 893 -0.43 -13.73 -50.77
CA GLU A 893 0.69 -13.05 -50.13
C GLU A 893 1.38 -12.07 -51.08
N ILE A 894 1.36 -12.33 -52.39
CA ILE A 894 1.85 -11.37 -53.36
C ILE A 894 0.95 -10.14 -53.38
N ARG A 895 -0.37 -10.34 -53.23
CA ARG A 895 -1.32 -9.23 -53.13
C ARG A 895 -1.07 -8.42 -51.87
N GLN A 896 -0.79 -9.10 -50.75
CA GLN A 896 -0.52 -8.40 -49.50
C GLN A 896 0.80 -7.65 -49.55
N LEU A 897 1.78 -8.16 -50.29
CA LEU A 897 3.02 -7.43 -50.52
C LEU A 897 2.78 -6.20 -51.38
N ALA A 898 1.97 -6.35 -52.44
CA ALA A 898 1.75 -5.25 -53.38
C ALA A 898 0.83 -4.18 -52.83
N ALA A 899 -0.02 -4.49 -51.86
CA ALA A 899 -0.96 -3.53 -51.31
C ALA A 899 -0.43 -2.84 -50.05
N LYS A 900 0.88 -2.87 -49.84
CA LYS A 900 1.46 -2.14 -48.73
C LYS A 900 1.49 -0.64 -49.01
N PRO A 901 1.31 0.20 -47.99
CA PRO A 901 1.19 1.67 -48.20
C PRO A 901 2.42 2.35 -48.81
N PRO A 902 3.68 1.93 -48.57
CA PRO A 902 4.78 2.57 -49.31
C PRO A 902 4.76 2.25 -50.80
N LYS A 903 5.59 2.99 -51.54
CA LYS A 903 5.65 2.93 -52.99
C LYS A 903 6.83 2.09 -53.49
N TYR A 904 8.00 2.23 -52.88
CA TYR A 904 9.15 1.43 -53.29
C TYR A 904 8.97 -0.02 -52.86
N ILE A 905 9.49 -0.93 -53.69
CA ILE A 905 9.30 -2.36 -53.46
C ILE A 905 10.07 -2.83 -52.24
N LYS A 906 11.26 -2.26 -52.01
CA LYS A 906 12.05 -2.59 -50.82
C LYS A 906 11.33 -2.12 -49.55
N ASP A 907 10.68 -0.96 -49.61
CA ASP A 907 9.91 -0.48 -48.46
C ASP A 907 8.65 -1.30 -48.26
N LYS A 908 8.04 -1.79 -49.36
CA LYS A 908 6.93 -2.74 -49.25
C LYS A 908 7.37 -4.04 -48.58
N VAL A 909 8.57 -4.51 -48.89
CA VAL A 909 9.10 -5.71 -48.25
C VAL A 909 9.38 -5.47 -46.77
N SER A 910 9.88 -4.27 -46.44
CA SER A 910 10.17 -3.95 -45.04
C SER A 910 8.89 -3.81 -44.21
N VAL A 911 7.81 -3.29 -44.81
CA VAL A 911 6.52 -3.25 -44.12
C VAL A 911 5.90 -4.64 -44.06
N TYR A 912 6.10 -5.45 -45.11
CA TYR A 912 5.53 -6.78 -45.20
C TYR A 912 6.11 -7.72 -44.15
N PHE A 913 7.42 -7.67 -43.95
CA PHE A 913 8.07 -8.51 -42.94
C PHE A 913 8.15 -7.83 -41.57
N SER A 914 7.21 -6.93 -41.26
CA SER A 914 7.14 -6.35 -39.93
C SER A 914 6.36 -7.21 -38.94
N ASP A 915 5.56 -8.15 -39.43
CA ASP A 915 4.89 -9.13 -38.59
C ASP A 915 5.45 -10.52 -38.85
N THR A 916 5.42 -11.36 -37.80
CA THR A 916 5.97 -12.71 -37.88
C THR A 916 5.08 -13.65 -38.71
N TRP A 917 3.81 -13.28 -38.88
CA TRP A 917 2.89 -14.11 -39.66
C TRP A 917 3.26 -14.13 -41.13
N ASN A 918 3.85 -13.05 -41.64
CA ASN A 918 4.36 -13.07 -43.01
C ASN A 918 5.63 -13.90 -43.13
N PHE A 919 6.44 -13.98 -42.05
CA PHE A 919 7.56 -14.91 -42.05
C PHE A 919 7.08 -16.35 -42.11
N VAL A 920 6.02 -16.67 -41.35
CA VAL A 920 5.45 -18.01 -41.38
C VAL A 920 4.84 -18.32 -42.75
N ASP A 921 4.19 -17.31 -43.36
CA ASP A 921 3.62 -17.45 -44.70
C ASP A 921 4.68 -17.72 -45.76
N ILE A 922 5.73 -16.88 -45.80
CA ILE A 922 6.78 -17.02 -46.81
C ILE A 922 7.55 -18.32 -46.60
N PHE A 923 7.78 -18.72 -45.35
CA PHE A 923 8.47 -19.98 -45.08
C PHE A 923 7.63 -21.17 -45.52
N SER A 924 6.32 -21.17 -45.19
CA SER A 924 5.47 -22.30 -45.56
C SER A 924 5.27 -22.40 -47.06
N LEU A 925 5.12 -21.25 -47.74
CA LEU A 925 4.96 -21.26 -49.19
C LEU A 925 6.24 -21.69 -49.90
N THR A 926 7.40 -21.21 -49.43
CA THR A 926 8.67 -21.59 -50.05
C THR A 926 8.98 -23.07 -49.83
N VAL A 927 8.69 -23.58 -48.62
CA VAL A 927 8.90 -24.99 -48.32
C VAL A 927 7.95 -25.87 -49.12
N PHE A 928 6.71 -25.39 -49.36
CA PHE A 928 5.78 -26.11 -50.25
C PHE A 928 6.29 -26.13 -51.68
N ILE A 929 6.78 -24.99 -52.18
CA ILE A 929 7.23 -24.91 -53.57
C ILE A 929 8.49 -25.77 -53.78
N ILE A 930 9.36 -25.83 -52.77
CA ILE A 930 10.51 -26.75 -52.83
C ILE A 930 10.06 -28.20 -52.85
N ALA A 931 9.06 -28.55 -52.02
CA ALA A 931 8.53 -29.92 -52.01
C ALA A 931 7.89 -30.30 -53.33
N ILE A 932 7.19 -29.37 -53.98
CA ILE A 932 6.51 -29.70 -55.22
C ILE A 932 7.46 -29.59 -56.42
N ILE A 933 8.58 -28.89 -56.29
CA ILE A 933 9.65 -29.05 -57.27
C ILE A 933 10.26 -30.44 -57.17
N LEU A 934 10.56 -30.88 -55.93
CA LEU A 934 11.13 -32.21 -55.71
C LEU A 934 10.13 -33.34 -55.97
N ARG A 935 8.84 -33.02 -56.13
CA ARG A 935 7.81 -33.99 -56.48
C ARG A 935 8.13 -34.81 -57.74
N PHE A 936 8.63 -34.16 -58.79
CA PHE A 936 8.54 -34.67 -60.14
C PHE A 936 9.82 -35.34 -60.64
N PHE A 937 10.73 -35.76 -59.75
CA PHE A 937 12.04 -36.21 -60.20
C PHE A 937 12.21 -37.73 -60.27
N THR A 938 11.25 -38.50 -59.73
CA THR A 938 11.12 -39.96 -59.82
C THR A 938 12.25 -40.70 -59.06
N ASN A 939 13.22 -39.97 -58.52
CA ASN A 939 14.24 -40.58 -57.68
C ASN A 939 13.64 -40.90 -56.32
N SER A 940 14.15 -41.97 -55.70
CA SER A 940 13.62 -42.41 -54.41
C SER A 940 14.00 -41.45 -53.30
N ARG A 941 15.26 -40.96 -53.31
CA ARG A 941 15.71 -40.05 -52.27
C ARG A 941 15.08 -38.66 -52.44
N ILE A 942 14.92 -38.22 -53.69
CA ILE A 942 14.38 -36.88 -53.94
C ILE A 942 12.88 -36.84 -53.63
N PHE A 943 12.15 -37.90 -53.99
CA PHE A 943 10.74 -37.97 -53.62
C PHE A 943 10.55 -38.20 -52.12
N THR A 944 11.48 -38.91 -51.48
CA THR A 944 11.46 -39.05 -50.03
C THR A 944 11.64 -37.70 -49.35
N ALA A 945 12.60 -36.90 -49.84
CA ALA A 945 12.79 -35.54 -49.34
C ALA A 945 11.54 -34.68 -49.58
N SER A 946 10.89 -34.88 -50.73
CA SER A 946 9.67 -34.12 -51.06
C SER A 946 8.54 -34.43 -50.09
N ARG A 947 8.27 -35.72 -49.84
CA ARG A 947 7.18 -36.08 -48.93
C ARG A 947 7.50 -35.74 -47.48
N ILE A 948 8.78 -35.83 -47.09
CA ILE A 948 9.19 -35.43 -45.74
C ILE A 948 9.02 -33.93 -45.55
N ILE A 949 9.40 -33.14 -46.55
CA ILE A 949 9.30 -31.69 -46.45
C ILE A 949 7.84 -31.23 -46.45
N LEU A 950 6.98 -31.90 -47.24
CA LEU A 950 5.55 -31.57 -47.25
C LEU A 950 4.89 -31.95 -45.92
N SER A 951 5.24 -33.14 -45.40
CA SER A 951 4.70 -33.65 -44.16
C SER A 951 5.22 -32.88 -42.95
N LEU A 952 6.34 -32.19 -43.08
CA LEU A 952 6.74 -31.25 -42.03
C LEU A 952 6.21 -29.84 -42.24
N ASP A 953 5.73 -29.52 -43.44
CA ASP A 953 5.21 -28.19 -43.74
C ASP A 953 3.74 -28.03 -43.37
N ILE A 954 3.02 -29.14 -43.17
CA ILE A 954 1.70 -29.05 -42.51
C ILE A 954 1.79 -28.39 -41.13
N ILE A 955 2.90 -28.61 -40.40
CA ILE A 955 3.12 -27.99 -39.09
C ILE A 955 3.16 -26.47 -39.23
N PHE A 956 3.86 -25.97 -40.25
CA PHE A 956 3.99 -24.53 -40.43
C PHE A 956 2.71 -23.90 -40.97
N PHE A 957 1.92 -24.62 -41.77
CA PHE A 957 0.59 -24.11 -42.10
C PHE A 957 -0.30 -23.98 -40.87
N ILE A 958 -0.17 -24.92 -39.92
CA ILE A 958 -1.02 -24.82 -38.74
C ILE A 958 -0.46 -23.78 -37.75
N VAL A 959 0.85 -23.53 -37.79
CA VAL A 959 1.42 -22.37 -37.11
C VAL A 959 0.83 -21.09 -37.69
N ARG A 960 0.60 -21.06 -39.00
CA ARG A 960 -0.13 -19.93 -39.59
C ARG A 960 -1.60 -19.93 -39.19
N SER A 961 -2.20 -21.11 -38.93
CA SER A 961 -3.58 -21.19 -38.45
C SER A 961 -3.77 -20.53 -37.11
N LEU A 962 -2.71 -20.49 -36.30
CA LEU A 962 -2.76 -19.94 -34.94
C LEU A 962 -3.24 -18.48 -34.85
N GLN A 963 -3.28 -17.71 -35.95
CA GLN A 963 -3.80 -16.35 -35.88
C GLN A 963 -5.31 -16.31 -35.76
N ILE A 964 -6.01 -17.37 -36.20
CA ILE A 964 -7.47 -17.44 -36.11
C ILE A 964 -7.94 -17.36 -34.65
N PHE A 965 -7.18 -17.95 -33.74
CA PHE A 965 -7.56 -18.00 -32.33
C PHE A 965 -7.43 -16.67 -31.61
N SER A 966 -6.91 -15.63 -32.28
CA SER A 966 -6.89 -14.28 -31.73
C SER A 966 -8.24 -13.58 -31.80
N VAL A 967 -9.25 -14.19 -32.42
CA VAL A 967 -10.59 -13.61 -32.39
C VAL A 967 -11.26 -13.87 -31.04
N ASN A 968 -10.79 -14.86 -30.30
CA ASN A 968 -11.36 -15.22 -29.01
C ASN A 968 -10.61 -14.44 -27.93
N ARG A 969 -11.36 -13.88 -26.99
CA ARG A 969 -10.77 -13.16 -25.86
C ARG A 969 -9.94 -14.07 -24.98
N LEU A 970 -10.25 -15.36 -24.96
CA LEU A 970 -9.57 -16.32 -24.10
C LEU A 970 -8.38 -17.00 -24.78
N LEU A 971 -8.45 -17.25 -26.09
CA LEU A 971 -7.47 -18.09 -26.77
C LEU A 971 -6.24 -17.31 -27.24
N GLY A 972 -6.46 -16.13 -27.83
CA GLY A 972 -5.41 -15.28 -28.30
C GLY A 972 -4.34 -14.84 -27.30
N PRO A 973 -4.73 -14.43 -26.08
CA PRO A 973 -3.72 -14.27 -25.02
C PRO A 973 -2.94 -15.52 -24.71
N LYS A 974 -3.54 -16.72 -24.82
CA LYS A 974 -2.77 -17.94 -24.65
C LYS A 974 -1.79 -18.14 -25.79
N LEU A 975 -2.13 -17.68 -27.00
CA LEU A 975 -1.17 -17.72 -28.10
C LEU A 975 -0.01 -16.74 -27.88
N VAL A 976 -0.29 -15.56 -27.31
CA VAL A 976 0.77 -14.63 -26.95
C VAL A 976 1.67 -15.24 -25.86
N MET A 977 1.07 -15.98 -24.93
CA MET A 977 1.82 -16.73 -23.94
C MET A 977 2.72 -17.78 -24.59
N ILE A 978 2.18 -18.50 -25.58
CA ILE A 978 2.96 -19.51 -26.31
C ILE A 978 4.15 -18.88 -27.02
N GLN A 979 3.94 -17.70 -27.62
CA GLN A 979 5.02 -17.01 -28.33
C GLN A 979 6.11 -16.53 -27.38
N LYS A 980 5.74 -15.93 -26.25
CA LYS A 980 6.75 -15.47 -25.31
C LYS A 980 7.43 -16.64 -24.57
N MET A 981 6.71 -17.74 -24.35
CA MET A 981 7.35 -18.93 -23.78
C MET A 981 8.27 -19.61 -24.77
N MET A 982 7.99 -19.51 -26.08
CA MET A 982 8.95 -20.02 -27.05
C MET A 982 10.20 -19.14 -27.11
N GLN A 983 10.04 -17.83 -26.90
CA GLN A 983 11.22 -16.98 -26.69
C GLN A 983 12.02 -17.42 -25.47
N ASP A 984 11.32 -17.70 -24.36
CA ASP A 984 11.98 -18.17 -23.14
C ASP A 984 12.66 -19.52 -23.35
N LEU A 985 12.05 -20.41 -24.13
CA LEU A 985 12.64 -21.72 -24.42
C LEU A 985 13.86 -21.58 -25.31
N ALA A 986 13.81 -20.68 -26.30
CA ALA A 986 14.97 -20.43 -27.16
C ALA A 986 16.12 -19.79 -26.39
N GLN A 987 15.81 -19.07 -25.30
CA GLN A 987 16.88 -18.58 -24.44
C GLN A 987 17.44 -19.67 -23.53
N PHE A 988 16.57 -20.48 -22.91
CA PHE A 988 17.01 -21.49 -21.95
C PHE A 988 17.63 -22.72 -22.61
N ILE A 989 17.41 -22.90 -23.92
CA ILE A 989 17.82 -24.13 -24.60
C ILE A 989 19.33 -24.26 -24.69
N ILE A 990 20.09 -23.17 -24.59
CA ILE A 990 21.54 -23.33 -24.61
C ILE A 990 22.06 -23.88 -23.27
N ILE A 991 21.44 -23.49 -22.14
CA ILE A 991 21.81 -24.04 -20.84
C ILE A 991 21.42 -25.51 -20.76
N LEU A 992 20.20 -25.81 -21.24
CA LEU A 992 19.72 -27.20 -21.25
C LEU A 992 20.59 -28.08 -22.15
N ALA A 993 20.99 -27.55 -23.32
CA ALA A 993 21.85 -28.31 -24.23
C ALA A 993 23.25 -28.47 -23.67
N VAL A 994 23.75 -27.48 -22.93
CA VAL A 994 25.08 -27.58 -22.32
C VAL A 994 25.12 -28.70 -21.30
N PHE A 995 24.12 -28.75 -20.40
CA PHE A 995 24.13 -29.83 -19.40
C PHE A 995 23.80 -31.19 -20.04
N THR A 996 22.94 -31.19 -21.06
CA THR A 996 22.58 -32.42 -21.77
C THR A 996 23.77 -33.02 -22.50
N ILE A 997 24.51 -32.20 -23.24
CA ILE A 997 25.67 -32.69 -23.98
C ILE A 997 26.81 -33.06 -23.04
N ALA A 998 26.95 -32.35 -21.89
CA ALA A 998 27.94 -32.74 -20.90
C ALA A 998 27.69 -34.15 -20.35
N TYR A 999 26.46 -34.38 -19.87
CA TYR A 999 26.11 -35.71 -19.38
C TYR A 999 26.10 -36.75 -20.49
N GLY A 1000 25.79 -36.37 -21.72
CA GLY A 1000 25.81 -37.35 -22.81
C GLY A 1000 27.22 -37.79 -23.18
N ILE A 1001 28.16 -36.84 -23.21
CA ILE A 1001 29.57 -37.16 -23.41
C ILE A 1001 30.06 -38.08 -22.30
N ALA A 1002 29.71 -37.76 -21.05
CA ALA A 1002 30.12 -38.58 -19.91
C ALA A 1002 29.52 -39.99 -19.98
N LEU A 1003 28.22 -40.07 -20.26
CA LEU A 1003 27.50 -41.34 -20.25
C LEU A 1003 27.94 -42.25 -21.39
N HIS A 1004 28.07 -41.70 -22.60
CA HIS A 1004 28.51 -42.52 -23.72
C HIS A 1004 29.99 -42.86 -23.61
N ALA A 1005 30.78 -42.03 -22.93
CA ALA A 1005 32.19 -42.36 -22.76
C ALA A 1005 32.39 -43.44 -21.71
N VAL A 1006 31.51 -43.52 -20.71
CA VAL A 1006 31.66 -44.59 -19.72
C VAL A 1006 30.96 -45.89 -20.16
N MET A 1007 29.93 -45.80 -21.01
CA MET A 1007 29.29 -47.03 -21.47
C MET A 1007 30.08 -47.68 -22.61
N PHE A 1008 30.55 -46.89 -23.55
CA PHE A 1008 31.14 -47.39 -24.80
C PHE A 1008 32.54 -46.81 -24.97
N PRO A 1009 33.56 -47.42 -24.34
CA PRO A 1009 34.94 -47.01 -24.63
C PRO A 1009 35.31 -47.33 -26.07
N SER A 1010 35.69 -46.30 -26.81
CA SER A 1010 35.84 -46.46 -28.26
C SER A 1010 37.13 -47.13 -28.71
N PRO A 1011 38.24 -47.09 -27.96
CA PRO A 1011 39.26 -48.12 -28.30
C PRO A 1011 39.15 -49.36 -27.42
N GLY A 1012 38.13 -50.17 -27.69
CA GLY A 1012 37.91 -51.38 -26.93
C GLY A 1012 36.92 -52.29 -27.63
N ILE A 1013 36.64 -53.43 -27.00
CA ILE A 1013 35.64 -54.35 -27.52
C ILE A 1013 34.23 -53.78 -27.41
N TYR A 1014 34.02 -52.84 -26.49
CA TYR A 1014 32.72 -52.19 -26.31
C TYR A 1014 32.58 -50.92 -27.13
N ALA A 1015 33.35 -50.79 -28.20
CA ALA A 1015 33.33 -49.59 -29.03
C ALA A 1015 32.12 -49.56 -29.94
N ARG A 1016 31.38 -48.46 -29.91
CA ARG A 1016 30.52 -48.15 -31.04
C ARG A 1016 31.37 -47.61 -32.18
N ASN A 1017 31.49 -48.40 -33.24
CA ASN A 1017 32.38 -48.09 -34.36
C ASN A 1017 31.62 -47.30 -35.44
N ASN A 1018 31.08 -46.17 -35.00
CA ASN A 1018 30.19 -45.35 -35.81
C ASN A 1018 30.16 -43.97 -35.16
N THR A 1019 30.61 -42.95 -35.88
CA THR A 1019 30.62 -41.60 -35.35
C THR A 1019 29.20 -41.06 -35.17
N TRP A 1020 28.30 -41.43 -36.08
CA TRP A 1020 26.96 -40.84 -36.11
C TRP A 1020 26.11 -41.33 -34.95
N VAL A 1021 26.16 -42.62 -34.63
CA VAL A 1021 25.37 -43.11 -33.50
C VAL A 1021 25.97 -42.66 -32.18
N THR A 1022 27.28 -42.38 -32.14
CA THR A 1022 27.90 -41.79 -30.94
C THR A 1022 27.38 -40.38 -30.70
N ILE A 1023 27.41 -39.54 -31.73
CA ILE A 1023 26.98 -38.14 -31.59
C ILE A 1023 25.48 -38.07 -31.32
N THR A 1024 24.68 -38.85 -32.05
CA THR A 1024 23.25 -38.87 -31.78
C THR A 1024 22.90 -39.56 -30.47
N SER A 1025 23.75 -40.43 -29.95
CA SER A 1025 23.50 -40.98 -28.61
C SER A 1025 23.73 -39.93 -27.53
N VAL A 1026 24.83 -39.17 -27.67
CA VAL A 1026 25.12 -38.06 -26.75
C VAL A 1026 24.01 -37.01 -26.77
N VAL A 1027 23.45 -36.72 -27.95
CA VAL A 1027 22.33 -35.79 -28.02
C VAL A 1027 21.04 -36.44 -27.51
N GLN A 1028 20.84 -37.72 -27.82
CA GLN A 1028 19.55 -38.38 -27.77
C GLN A 1028 19.20 -38.91 -26.38
N TYR A 1029 20.09 -39.74 -25.82
CA TYR A 1029 19.76 -40.47 -24.60
C TYR A 1029 19.57 -39.60 -23.35
N PRO A 1030 20.37 -38.56 -23.06
CA PRO A 1030 19.98 -37.65 -21.96
C PRO A 1030 18.70 -36.90 -22.23
N TYR A 1031 18.40 -36.62 -23.49
CA TYR A 1031 17.16 -35.92 -23.83
C TYR A 1031 15.93 -36.76 -23.51
N TRP A 1032 15.94 -38.05 -23.87
CA TRP A 1032 14.77 -38.86 -23.53
C TRP A 1032 14.75 -39.24 -22.06
N GLN A 1033 15.93 -39.39 -21.43
CA GLN A 1033 15.97 -39.60 -19.99
C GLN A 1033 15.44 -38.39 -19.23
N MET A 1034 15.57 -37.20 -19.82
CA MET A 1034 15.07 -35.96 -19.22
C MET A 1034 13.55 -35.95 -19.05
N TYR A 1035 12.81 -36.73 -19.86
CA TYR A 1035 11.36 -36.84 -19.73
C TYR A 1035 10.94 -38.08 -18.95
N GLY A 1036 11.85 -38.67 -18.18
CA GLY A 1036 11.52 -39.85 -17.41
C GLY A 1036 11.53 -41.14 -18.19
N GLU A 1037 11.87 -41.12 -19.48
CA GLU A 1037 12.10 -42.36 -20.23
C GLU A 1037 13.52 -42.82 -19.87
N LEU A 1038 13.59 -43.52 -18.74
CA LEU A 1038 14.87 -43.98 -18.22
C LEU A 1038 15.29 -45.25 -18.94
N PHE A 1039 16.50 -45.25 -19.48
CA PHE A 1039 17.01 -46.43 -20.19
C PHE A 1039 17.76 -47.34 -19.23
N LEU A 1040 17.10 -47.72 -18.13
CA LEU A 1040 17.77 -48.43 -17.04
C LEU A 1040 18.17 -49.84 -17.44
N ASP A 1041 17.33 -50.52 -18.23
CA ASP A 1041 17.74 -51.81 -18.77
C ASP A 1041 18.85 -51.65 -19.80
N GLU A 1042 18.82 -50.54 -20.55
CA GLU A 1042 19.80 -50.32 -21.60
C GLU A 1042 21.18 -49.97 -21.04
N ILE A 1043 21.23 -49.02 -20.10
CA ILE A 1043 22.53 -48.51 -19.63
C ILE A 1043 23.20 -49.41 -18.62
N GLN A 1044 22.52 -50.43 -18.10
CA GLN A 1044 23.10 -51.38 -17.17
C GLN A 1044 23.60 -52.64 -17.85
N GLY A 1045 23.72 -52.62 -19.18
CA GLY A 1045 24.27 -53.74 -19.91
C GLY A 1045 23.27 -54.72 -20.47
N GLU A 1046 22.03 -54.69 -20.00
CA GLU A 1046 21.01 -55.51 -20.64
C GLU A 1046 20.56 -54.84 -21.94
N LYS A 1047 19.71 -55.56 -22.67
CA LYS A 1047 19.38 -55.27 -24.07
C LYS A 1047 20.61 -54.98 -24.94
N PRO A 1048 21.50 -55.94 -25.15
CA PRO A 1048 22.74 -55.64 -25.88
C PRO A 1048 22.57 -55.53 -27.39
N LYS A 1049 21.41 -55.94 -27.93
CA LYS A 1049 21.23 -56.00 -29.37
C LYS A 1049 20.72 -54.68 -29.95
N GLU A 1050 19.69 -54.10 -29.36
CA GLU A 1050 19.11 -52.86 -29.85
C GLU A 1050 19.68 -51.62 -29.18
N PHE A 1051 20.51 -51.78 -28.15
CA PHE A 1051 21.20 -50.66 -27.53
C PHE A 1051 22.71 -50.75 -27.70
N GLY A 1052 23.31 -51.88 -27.37
CA GLY A 1052 24.75 -52.06 -27.47
C GLY A 1052 25.34 -52.73 -26.25
N GLU A 1053 26.44 -53.45 -26.47
CA GLU A 1053 27.22 -54.02 -25.39
C GLU A 1053 27.82 -52.93 -24.51
N VAL A 1054 27.32 -52.79 -23.30
CA VAL A 1054 27.81 -51.79 -22.37
C VAL A 1054 29.02 -52.36 -21.64
N ASP A 1055 30.05 -51.54 -21.47
CA ASP A 1055 31.21 -51.91 -20.66
C ASP A 1055 30.77 -52.23 -19.23
N PRO A 1056 31.30 -53.29 -18.62
CA PRO A 1056 30.80 -53.73 -17.30
C PRO A 1056 31.06 -52.75 -16.17
N ASP A 1057 32.03 -51.85 -16.31
CA ASP A 1057 32.22 -50.81 -15.32
C ASP A 1057 31.40 -49.56 -15.62
N GLY A 1058 30.84 -49.45 -16.83
CA GLY A 1058 29.79 -48.50 -17.08
C GLY A 1058 28.43 -48.96 -16.60
N ARG A 1059 28.28 -50.26 -16.34
CA ARG A 1059 26.98 -50.82 -15.96
C ARG A 1059 26.57 -50.44 -14.55
N TRP A 1060 27.53 -50.18 -13.66
CA TRP A 1060 27.21 -49.68 -12.33
C TRP A 1060 27.34 -48.17 -12.23
N LEU A 1061 28.17 -47.55 -13.06
CA LEU A 1061 28.39 -46.12 -13.01
C LEU A 1061 27.31 -45.34 -13.72
N SER A 1062 26.73 -45.92 -14.78
CA SER A 1062 25.63 -45.27 -15.48
C SER A 1062 24.37 -45.04 -14.65
N PRO A 1063 23.94 -45.91 -13.70
CA PRO A 1063 22.85 -45.47 -12.80
C PRO A 1063 23.24 -44.33 -11.87
N LEU A 1064 24.51 -44.23 -11.46
CA LEU A 1064 24.91 -43.12 -10.59
C LEU A 1064 24.94 -41.81 -11.36
N LEU A 1065 25.52 -41.82 -12.56
CA LEU A 1065 25.52 -40.63 -13.41
C LEU A 1065 24.11 -40.24 -13.81
N LEU A 1066 23.26 -41.23 -14.10
CA LEU A 1066 21.87 -40.92 -14.39
C LEU A 1066 21.11 -40.44 -13.16
N ALA A 1067 21.52 -40.86 -11.96
CA ALA A 1067 20.93 -40.34 -10.73
C ALA A 1067 21.23 -38.85 -10.57
N ILE A 1068 22.49 -38.47 -10.76
CA ILE A 1068 22.89 -37.07 -10.70
C ILE A 1068 22.20 -36.27 -11.81
N TYR A 1069 22.07 -36.85 -13.00
CA TYR A 1069 21.44 -36.15 -14.11
C TYR A 1069 19.94 -35.99 -13.91
N MET A 1070 19.28 -36.97 -13.29
CA MET A 1070 17.84 -36.85 -13.04
C MET A 1070 17.56 -35.89 -11.89
N VAL A 1071 18.42 -35.85 -10.87
CA VAL A 1071 18.19 -34.91 -9.78
C VAL A 1071 18.55 -33.50 -10.21
N PHE A 1072 19.41 -33.35 -11.22
CA PHE A 1072 19.79 -32.01 -11.67
C PHE A 1072 18.95 -31.49 -12.83
N THR A 1073 18.42 -32.33 -13.69
CA THR A 1073 17.81 -31.87 -14.94
C THR A 1073 16.29 -32.00 -14.94
N ASN A 1074 15.76 -33.17 -14.58
CA ASN A 1074 14.31 -33.33 -14.53
C ASN A 1074 13.71 -32.58 -13.34
N ILE A 1075 14.47 -32.42 -12.25
CA ILE A 1075 13.96 -31.73 -11.07
C ILE A 1075 14.34 -30.26 -11.06
N LEU A 1076 15.62 -29.94 -11.31
CA LEU A 1076 16.06 -28.57 -11.12
C LEU A 1076 15.94 -27.74 -12.40
N LEU A 1077 16.50 -28.23 -13.51
CA LEU A 1077 16.53 -27.46 -14.76
C LEU A 1077 15.15 -27.34 -15.40
N LEU A 1078 14.40 -28.45 -15.45
CA LEU A 1078 13.08 -28.42 -16.08
C LEU A 1078 12.09 -27.60 -15.26
N ASN A 1079 12.14 -27.69 -13.94
CA ASN A 1079 11.25 -26.87 -13.14
C ASN A 1079 11.70 -25.43 -13.06
N LEU A 1080 13.00 -25.16 -13.30
CA LEU A 1080 13.45 -23.80 -13.57
C LEU A 1080 12.81 -23.25 -14.84
N LEU A 1081 12.78 -24.07 -15.90
CA LEU A 1081 12.14 -23.65 -17.15
C LEU A 1081 10.63 -23.47 -16.98
N ILE A 1082 10.00 -24.34 -16.19
CA ILE A 1082 8.58 -24.21 -15.85
C ILE A 1082 8.35 -22.93 -15.04
N ALA A 1083 9.31 -22.56 -14.18
CA ALA A 1083 9.19 -21.33 -13.41
C ALA A 1083 9.31 -20.10 -14.31
N ILE A 1084 10.20 -20.16 -15.31
CA ILE A 1084 10.30 -19.10 -16.32
C ILE A 1084 8.99 -18.97 -17.08
N PHE A 1085 8.40 -20.11 -17.45
CA PHE A 1085 7.12 -20.12 -18.15
C PHE A 1085 6.01 -19.56 -17.27
N ASN A 1086 6.05 -19.84 -15.97
CA ASN A 1086 5.01 -19.34 -15.07
C ASN A 1086 5.16 -17.84 -14.82
N TYR A 1087 6.40 -17.35 -14.77
CA TYR A 1087 6.62 -15.90 -14.68
C TYR A 1087 6.11 -15.19 -15.93
N THR A 1088 6.38 -15.78 -17.11
CA THR A 1088 5.83 -15.27 -18.36
C THR A 1088 4.30 -15.32 -18.36
N PHE A 1089 3.73 -16.41 -17.85
CA PHE A 1089 2.28 -16.57 -17.73
C PHE A 1089 1.68 -15.47 -16.87
N GLU A 1090 2.31 -15.15 -15.73
CA GLU A 1090 1.76 -14.12 -14.85
C GLU A 1090 1.86 -12.75 -15.48
N ARG A 1091 2.99 -12.48 -16.17
CA ARG A 1091 3.16 -11.19 -16.85
C ARG A 1091 2.16 -11.00 -17.98
N VAL A 1092 1.80 -12.07 -18.69
CA VAL A 1092 0.81 -11.90 -19.75
C VAL A 1092 -0.62 -11.95 -19.19
N GLN A 1093 -0.86 -12.78 -18.18
CA GLN A 1093 -2.20 -12.96 -17.63
C GLN A 1093 -2.68 -11.72 -16.88
N GLU A 1094 -1.76 -10.94 -16.31
CA GLU A 1094 -2.18 -9.69 -15.67
C GLU A 1094 -2.65 -8.63 -16.66
N ASP A 1095 -2.30 -8.78 -17.95
CA ASP A 1095 -2.72 -7.85 -19.00
C ASP A 1095 -3.33 -8.57 -20.19
N SER A 1096 -3.90 -9.77 -19.97
CA SER A 1096 -4.40 -10.62 -21.05
C SER A 1096 -5.54 -9.96 -21.82
N ASP A 1097 -6.43 -9.25 -21.11
CA ASP A 1097 -7.52 -8.54 -21.77
C ASP A 1097 -6.99 -7.47 -22.71
N LYS A 1098 -6.02 -6.68 -22.25
CA LYS A 1098 -5.47 -5.59 -23.05
C LYS A 1098 -4.64 -6.11 -24.22
N VAL A 1099 -3.93 -7.24 -24.05
CA VAL A 1099 -3.16 -7.73 -25.20
C VAL A 1099 -4.08 -8.39 -26.22
N TRP A 1100 -5.24 -8.93 -25.79
CA TRP A 1100 -6.22 -9.37 -26.77
C TRP A 1100 -6.82 -8.19 -27.53
N LYS A 1101 -7.10 -7.09 -26.81
CA LYS A 1101 -7.58 -5.88 -27.46
C LYS A 1101 -6.56 -5.31 -28.44
N PHE A 1102 -5.26 -5.48 -28.14
CA PHE A 1102 -4.22 -4.96 -29.02
C PHE A 1102 -4.03 -5.83 -30.26
N GLN A 1103 -4.05 -7.16 -30.12
CA GLN A 1103 -3.92 -8.03 -31.29
C GLN A 1103 -5.20 -8.11 -32.12
N ARG A 1104 -6.33 -7.67 -31.55
CA ARG A 1104 -7.56 -7.57 -32.33
C ARG A 1104 -7.43 -6.55 -33.46
N TYR A 1105 -6.63 -5.50 -33.26
CA TYR A 1105 -6.29 -4.57 -34.33
C TYR A 1105 -5.57 -5.27 -35.48
N ASP A 1106 -4.60 -6.14 -35.14
CA ASP A 1106 -3.85 -6.85 -36.16
C ASP A 1106 -4.73 -7.84 -36.90
N LEU A 1107 -5.72 -8.42 -36.21
CA LEU A 1107 -6.69 -9.28 -36.88
C LEU A 1107 -7.58 -8.50 -37.84
N VAL A 1108 -8.05 -7.32 -37.41
CA VAL A 1108 -8.89 -6.46 -38.25
C VAL A 1108 -8.10 -5.98 -39.48
N GLN A 1109 -6.82 -5.63 -39.29
CA GLN A 1109 -6.00 -5.23 -40.43
C GLN A 1109 -5.64 -6.40 -41.32
N GLU A 1110 -5.55 -7.61 -40.76
CA GLU A 1110 -5.31 -8.80 -41.58
C GLU A 1110 -6.50 -9.10 -42.48
N TYR A 1111 -7.71 -8.87 -42.01
CA TYR A 1111 -8.89 -9.22 -42.79
C TYR A 1111 -9.61 -8.04 -43.42
N HIS A 1112 -9.11 -6.82 -43.26
CA HIS A 1112 -9.73 -5.67 -43.89
C HIS A 1112 -9.34 -5.55 -45.36
N SER A 1113 -8.16 -6.05 -45.73
CA SER A 1113 -7.64 -5.90 -47.08
C SER A 1113 -7.84 -7.13 -47.95
N ARG A 1114 -8.51 -8.17 -47.43
CA ARG A 1114 -8.75 -9.39 -48.18
C ARG A 1114 -9.72 -9.12 -49.34
N PRO A 1115 -9.72 -9.96 -50.38
CA PRO A 1115 -10.69 -9.79 -51.47
C PRO A 1115 -12.13 -9.99 -51.02
N VAL A 1116 -13.03 -9.17 -51.58
CA VAL A 1116 -14.44 -9.16 -51.22
C VAL A 1116 -15.14 -10.20 -52.08
N PHE A 1117 -14.97 -11.48 -51.75
CA PHE A 1117 -15.24 -12.54 -52.73
C PHE A 1117 -15.48 -13.86 -51.99
N ALA A 1118 -15.90 -14.86 -52.77
CA ALA A 1118 -16.32 -16.15 -52.23
C ALA A 1118 -15.13 -16.91 -51.65
N PRO A 1119 -15.32 -17.64 -50.55
CA PRO A 1119 -14.18 -18.27 -49.85
C PRO A 1119 -13.52 -19.42 -50.61
N PRO A 1120 -14.20 -20.21 -51.45
CA PRO A 1120 -13.44 -21.05 -52.38
C PRO A 1120 -12.96 -20.32 -53.62
N LEU A 1121 -13.41 -19.08 -53.85
CA LEU A 1121 -13.12 -18.36 -55.09
C LEU A 1121 -12.28 -17.10 -54.85
N VAL A 1122 -11.44 -17.08 -53.82
CA VAL A 1122 -10.64 -15.90 -53.56
C VAL A 1122 -9.52 -15.72 -54.58
N LEU A 1123 -9.11 -16.79 -55.27
CA LEU A 1123 -8.15 -16.63 -56.35
C LEU A 1123 -8.80 -15.97 -57.58
N LEU A 1124 -10.06 -16.34 -57.86
CA LEU A 1124 -10.89 -15.57 -58.78
C LEU A 1124 -11.03 -14.12 -58.32
N GLY A 1125 -11.06 -13.91 -57.01
CA GLY A 1125 -11.03 -12.56 -56.48
C GLY A 1125 -9.74 -11.82 -56.77
N HIS A 1126 -8.60 -12.53 -56.72
CA HIS A 1126 -7.34 -11.90 -57.09
C HIS A 1126 -7.29 -11.62 -58.58
N ILE A 1127 -7.96 -12.45 -59.39
CA ILE A 1127 -8.13 -12.14 -60.81
C ILE A 1127 -8.93 -10.85 -60.98
N LEU A 1128 -10.02 -10.70 -60.25
CA LEU A 1128 -10.86 -9.50 -60.36
C LEU A 1128 -10.33 -8.30 -59.57
N ILE A 1129 -9.22 -8.46 -58.87
CA ILE A 1129 -8.44 -7.32 -58.39
C ILE A 1129 -7.46 -6.97 -59.49
N PHE A 1130 -6.91 -8.00 -60.15
CA PHE A 1130 -5.97 -7.79 -61.24
C PHE A 1130 -6.65 -7.24 -62.48
N ILE A 1131 -7.92 -7.58 -62.71
CA ILE A 1131 -8.67 -7.07 -63.84
C ILE A 1131 -9.83 -6.21 -63.34
N LYS A 1150 -8.59 5.13 -41.54
CA LYS A 1150 -7.83 6.00 -42.43
C LYS A 1150 -8.77 6.74 -43.39
N ILE A 1151 -9.28 7.89 -42.96
CA ILE A 1151 -10.13 8.71 -43.81
C ILE A 1151 -9.58 10.12 -43.86
N GLY A 1152 -9.87 10.81 -44.96
CA GLY A 1152 -9.51 12.21 -45.13
C GLY A 1152 -10.75 13.09 -44.98
N LEU A 1153 -10.55 14.29 -44.45
CA LEU A 1153 -11.66 15.16 -44.09
C LEU A 1153 -11.48 16.53 -44.74
N SER A 1154 -12.56 17.30 -44.73
CA SER A 1154 -12.53 18.67 -45.26
C SER A 1154 -11.69 19.56 -44.34
N PRO A 1155 -11.05 20.61 -44.89
CA PRO A 1155 -10.14 21.43 -44.07
C PRO A 1155 -10.81 22.19 -42.94
N ALA A 1156 -11.99 22.77 -43.19
CA ALA A 1156 -12.75 23.36 -42.09
C ALA A 1156 -13.25 22.28 -41.13
N GLU A 1157 -13.59 21.10 -41.67
CA GLU A 1157 -13.95 19.97 -40.84
C GLU A 1157 -12.75 19.46 -40.04
N MET A 1158 -11.55 19.52 -40.62
CA MET A 1158 -10.34 19.14 -39.89
C MET A 1158 -10.03 20.14 -38.77
N GLU A 1159 -10.24 21.43 -39.03
CA GLU A 1159 -10.04 22.43 -37.96
C GLU A 1159 -11.08 22.29 -36.87
N GLN A 1160 -12.30 21.86 -37.22
CA GLN A 1160 -13.35 21.64 -36.23
C GLN A 1160 -13.04 20.38 -35.40
N MET A 1161 -12.54 19.33 -36.06
CA MET A 1161 -11.95 18.17 -35.38
C MET A 1161 -10.87 18.58 -34.38
N ASP A 1162 -9.95 19.45 -34.82
CA ASP A 1162 -8.85 19.88 -33.97
C ASP A 1162 -9.33 20.71 -32.79
N ASN A 1163 -10.34 21.56 -33.01
CA ASN A 1163 -10.89 22.37 -31.91
C ASN A 1163 -11.59 21.50 -30.88
N TRP A 1164 -12.38 20.52 -31.34
CA TRP A 1164 -13.07 19.62 -30.40
C TRP A 1164 -12.08 18.74 -29.65
N GLU A 1165 -11.05 18.24 -30.34
CA GLU A 1165 -10.03 17.42 -29.70
C GLU A 1165 -9.23 18.24 -28.69
N PHE A 1166 -8.90 19.50 -29.02
CA PHE A 1166 -8.14 20.34 -28.12
C PHE A 1166 -8.95 20.75 -26.90
N GLN A 1167 -10.27 20.95 -27.05
CA GLN A 1167 -11.05 21.30 -25.87
C GLN A 1167 -11.38 20.10 -25.00
N ALA A 1168 -11.48 18.89 -25.57
CA ALA A 1168 -11.54 17.70 -24.74
C ALA A 1168 -10.21 17.47 -24.02
N ALA A 1169 -9.10 17.83 -24.66
CA ALA A 1169 -7.81 17.83 -23.97
C ALA A 1169 -7.79 18.86 -22.85
N GLU A 1170 -8.37 20.04 -23.07
CA GLU A 1170 -8.48 21.06 -22.01
C GLU A 1170 -9.25 20.53 -20.81
N MET A 1171 -10.35 19.80 -21.05
CA MET A 1171 -11.10 19.21 -19.95
C MET A 1171 -10.32 18.11 -19.24
N TYR A 1172 -9.54 17.30 -19.97
CA TYR A 1172 -8.73 16.28 -19.32
C TYR A 1172 -7.59 16.90 -18.51
N ILE A 1173 -6.95 17.94 -19.03
CA ILE A 1173 -5.90 18.66 -18.30
C ILE A 1173 -6.47 19.32 -17.05
N HIS A 1174 -7.67 19.90 -17.15
CA HIS A 1174 -8.31 20.51 -16.00
C HIS A 1174 -8.69 19.48 -14.95
N GLN A 1175 -9.18 18.31 -15.38
CA GLN A 1175 -9.51 17.26 -14.43
C GLN A 1175 -8.27 16.68 -13.76
N GLN A 1176 -7.14 16.59 -14.49
CA GLN A 1176 -5.91 16.14 -13.86
C GLN A 1176 -5.37 17.18 -12.89
N GLN A 1177 -5.54 18.47 -13.20
CA GLN A 1177 -5.14 19.51 -12.26
C GLN A 1177 -6.01 19.51 -11.00
N GLN A 1178 -7.31 19.21 -11.16
CA GLN A 1178 -8.17 19.08 -9.98
C GLN A 1178 -7.86 17.81 -9.19
N LYS A 1179 -7.36 16.76 -9.85
CA LYS A 1179 -6.92 15.58 -9.13
C LYS A 1179 -5.62 15.83 -8.38
N ASN A 1180 -4.67 16.54 -8.99
CA ASN A 1180 -3.41 16.84 -8.32
C ASN A 1180 -3.61 17.82 -7.17
N SER A 1181 -4.42 18.86 -7.37
CA SER A 1181 -4.76 19.77 -6.28
C SER A 1181 -5.62 19.08 -5.22
N GLY A 1182 -6.35 18.03 -5.61
CA GLY A 1182 -7.12 17.23 -4.69
C GLY A 1182 -6.35 16.13 -3.99
N THR A 1183 -5.08 15.93 -4.32
CA THR A 1183 -4.24 15.02 -3.57
C THR A 1183 -3.97 15.57 -2.18
N LEU A 1184 -3.67 14.65 -1.25
CA LEU A 1184 -3.58 14.98 0.16
C LEU A 1184 -2.34 15.83 0.46
N GLU A 1185 -1.23 15.55 -0.23
CA GLU A 1185 0.00 16.31 -0.01
C GLU A 1185 -0.15 17.74 -0.51
N GLU A 1186 -0.81 17.94 -1.64
CA GLU A 1186 -1.02 19.29 -2.15
C GLU A 1186 -2.06 20.05 -1.32
N ARG A 1187 -3.04 19.33 -0.74
CA ARG A 1187 -3.96 19.98 0.20
C ARG A 1187 -3.24 20.44 1.46
N VAL A 1188 -2.31 19.63 1.98
CA VAL A 1188 -1.55 20.03 3.16
C VAL A 1188 -0.57 21.16 2.82
N ARG A 1189 -0.01 21.17 1.61
CA ARG A 1189 0.87 22.27 1.21
C ARG A 1189 0.11 23.58 1.04
N ALA A 1190 -1.07 23.53 0.42
CA ALA A 1190 -1.91 24.73 0.31
C ALA A 1190 -2.42 25.17 1.67
N LEU A 1191 -2.59 24.21 2.58
CA LEU A 1191 -3.02 24.49 3.93
C LEU A 1191 -1.91 25.28 4.61
N GLY A 1192 -0.68 24.80 4.49
CA GLY A 1192 0.46 25.50 5.06
C GLY A 1192 0.65 26.88 4.47
N ASP A 1193 0.33 27.05 3.18
CA ASP A 1193 0.35 28.38 2.58
C ASP A 1193 -0.74 29.28 3.17
N ARG A 1194 -1.92 28.70 3.45
CA ARG A 1194 -3.00 29.45 4.09
C ARG A 1194 -2.62 29.90 5.50
N VAL A 1195 -1.99 29.01 6.28
CA VAL A 1195 -1.61 29.44 7.63
C VAL A 1195 -0.39 30.36 7.62
N ASP A 1196 0.44 30.31 6.56
CA ASP A 1196 1.48 31.32 6.41
C ASP A 1196 0.87 32.69 6.09
N CYS A 1197 -0.21 32.70 5.29
CA CYS A 1197 -0.93 33.95 5.06
C CYS A 1197 -1.61 34.46 6.32
N ILE A 1198 -2.12 33.54 7.16
CA ILE A 1198 -2.70 33.92 8.45
C ILE A 1198 -1.64 34.52 9.37
N ASN A 1199 -0.45 33.91 9.41
CA ASN A 1199 0.64 34.43 10.23
C ASN A 1199 1.13 35.77 9.73
N SER A 1200 1.19 35.96 8.40
CA SER A 1200 1.61 37.22 7.82
C SER A 1200 0.60 38.33 8.11
N GLN A 1201 -0.70 38.04 7.97
CA GLN A 1201 -1.71 39.04 8.27
C GLN A 1201 -1.80 39.34 9.76
N LEU A 1202 -1.49 38.35 10.61
CA LEU A 1202 -1.49 38.59 12.05
C LEU A 1202 -0.27 39.41 12.46
N ASN A 1203 0.85 39.26 11.74
CA ASN A 1203 1.99 40.15 11.96
C ASN A 1203 1.71 41.54 11.43
N ARG A 1204 0.90 41.67 10.38
CA ARG A 1204 0.47 42.98 9.91
C ARG A 1204 -0.47 43.65 10.91
N VAL A 1205 -1.32 42.87 11.60
CA VAL A 1205 -2.14 43.42 12.66
C VAL A 1205 -1.27 43.82 13.85
N LEU A 1206 -0.34 42.96 14.24
CA LEU A 1206 0.59 43.25 15.32
C LEU A 1206 1.59 44.32 14.88
N ALA B 94 -36.30 49.08 -42.49
CA ALA B 94 -35.61 47.93 -43.08
C ALA B 94 -35.38 46.83 -42.05
N TYR B 95 -36.06 45.70 -42.24
CA TYR B 95 -35.94 44.56 -41.36
C TYR B 95 -35.85 43.29 -42.20
N GLY B 96 -35.10 42.32 -41.69
CA GLY B 96 -34.91 41.10 -42.45
C GLY B 96 -33.95 40.13 -41.81
N GLU B 97 -33.04 39.55 -42.60
CA GLU B 97 -32.24 38.44 -42.10
C GLU B 97 -30.94 38.37 -42.90
N ILE B 98 -29.81 38.63 -42.24
CA ILE B 98 -28.51 38.57 -42.90
C ILE B 98 -28.10 37.12 -43.07
N ASP B 99 -27.65 36.78 -44.28
CA ASP B 99 -26.86 35.59 -44.57
C ASP B 99 -25.43 36.08 -44.78
N PHE B 100 -24.58 35.85 -43.78
CA PHE B 100 -23.18 36.23 -43.90
C PHE B 100 -22.46 35.28 -44.86
N GLU B 101 -21.64 35.86 -45.74
CA GLU B 101 -21.09 35.14 -46.89
C GLU B 101 -19.95 34.23 -46.44
N GLY B 102 -20.34 33.06 -45.93
CA GLY B 102 -19.38 32.03 -45.55
C GLY B 102 -18.49 32.37 -44.39
N TYR B 103 -19.03 33.09 -43.40
CA TYR B 103 -18.24 33.57 -42.26
C TYR B 103 -18.32 32.62 -41.07
N GLY B 104 -18.79 31.39 -41.27
CA GLY B 104 -18.89 30.43 -40.20
C GLY B 104 -20.30 30.26 -39.67
N GLY B 105 -20.96 29.18 -40.06
CA GLY B 105 -22.32 28.91 -39.57
C GLY B 105 -23.33 28.94 -40.68
N GLN B 106 -24.20 27.92 -40.70
CA GLN B 106 -25.26 27.84 -41.69
C GLN B 106 -26.44 28.75 -41.34
N LYS B 107 -26.70 28.95 -40.05
CA LYS B 107 -27.88 29.68 -39.62
C LYS B 107 -27.74 31.18 -39.89
N ARG B 108 -28.84 31.81 -40.28
CA ARG B 108 -28.88 33.21 -40.63
C ARG B 108 -29.41 34.03 -39.46
N ALA B 109 -29.11 35.32 -39.44
CA ALA B 109 -29.41 36.15 -38.26
C ALA B 109 -30.33 37.31 -38.61
N PRO B 110 -31.52 37.43 -38.02
CA PRO B 110 -32.41 38.53 -38.37
C PRO B 110 -32.01 39.86 -37.74
N TYR B 111 -32.34 40.93 -38.46
CA TYR B 111 -32.07 42.30 -38.05
C TYR B 111 -33.35 43.13 -38.08
N LEU B 112 -33.37 44.15 -37.23
CA LEU B 112 -34.53 45.02 -37.08
C LEU B 112 -34.08 46.46 -36.89
N ARG B 113 -34.52 47.35 -37.79
CA ARG B 113 -34.35 48.78 -37.61
C ARG B 113 -35.34 49.29 -36.56
N MET B 114 -34.86 50.18 -35.69
CA MET B 114 -35.66 50.65 -34.58
C MET B 114 -35.38 52.13 -34.35
N SER B 115 -36.35 52.82 -33.75
CA SER B 115 -36.16 54.15 -33.19
C SER B 115 -36.39 54.10 -31.69
N HIS B 116 -35.88 55.11 -30.98
CA HIS B 116 -36.03 55.14 -29.52
C HIS B 116 -37.40 55.63 -29.09
N ASP B 117 -38.25 56.08 -30.02
CA ASP B 117 -39.61 56.45 -29.67
C ASP B 117 -40.45 55.24 -29.31
N THR B 118 -40.17 54.10 -29.93
CA THR B 118 -40.95 52.89 -29.67
C THR B 118 -40.60 52.31 -28.30
N ASP B 119 -41.63 51.80 -27.61
CA ASP B 119 -41.44 51.21 -26.29
C ASP B 119 -40.72 49.87 -26.41
N ALA B 120 -40.25 49.37 -25.26
CA ALA B 120 -39.54 48.10 -25.23
C ALA B 120 -40.47 46.90 -25.18
N ASN B 121 -41.74 47.10 -24.79
CA ASN B 121 -42.68 45.99 -24.68
C ASN B 121 -43.02 45.41 -26.05
N LEU B 122 -43.11 46.28 -27.07
CA LEU B 122 -43.29 45.83 -28.43
C LEU B 122 -42.09 45.03 -28.91
N VAL B 123 -40.88 45.43 -28.49
CA VAL B 123 -39.66 44.71 -28.84
C VAL B 123 -39.66 43.32 -28.20
N ILE B 124 -40.12 43.22 -26.95
CA ILE B 124 -40.12 41.94 -26.26
C ILE B 124 -41.18 41.01 -26.82
N THR B 125 -42.38 41.53 -27.10
CA THR B 125 -43.39 40.68 -27.71
C THR B 125 -43.10 40.38 -29.18
N LEU B 126 -42.21 41.16 -29.82
CA LEU B 126 -41.74 40.80 -31.15
C LEU B 126 -40.70 39.69 -31.08
N MET B 127 -39.79 39.76 -30.10
CA MET B 127 -38.72 38.77 -30.04
C MET B 127 -39.13 37.48 -29.33
N LEU B 128 -40.27 37.47 -28.63
CA LEU B 128 -40.75 36.24 -28.02
C LEU B 128 -41.85 35.55 -28.81
N LYS B 129 -42.53 36.27 -29.72
CA LYS B 129 -43.60 35.69 -30.52
C LYS B 129 -43.26 35.65 -32.01
N ARG B 130 -42.86 36.80 -32.58
CA ARG B 130 -42.65 36.88 -34.02
C ARG B 130 -41.34 36.23 -34.45
N TRP B 131 -40.35 36.14 -33.55
CA TRP B 131 -39.08 35.53 -33.87
C TRP B 131 -38.85 34.20 -33.15
N ASN B 132 -39.79 33.78 -32.29
CA ASN B 132 -39.85 32.45 -31.67
C ASN B 132 -38.62 32.13 -30.82
N LEU B 133 -38.45 32.92 -29.76
CA LEU B 133 -37.41 32.68 -28.77
C LEU B 133 -38.04 32.28 -27.45
N GLU B 134 -37.42 31.32 -26.78
CA GLU B 134 -37.90 30.89 -25.47
C GLU B 134 -37.53 31.92 -24.41
N ILE B 135 -38.39 32.04 -23.40
CA ILE B 135 -38.13 32.91 -22.25
C ILE B 135 -37.03 32.27 -21.41
N PRO B 136 -35.83 32.84 -21.37
CA PRO B 136 -34.67 32.13 -20.84
C PRO B 136 -34.64 32.13 -19.31
N ASN B 137 -33.67 31.40 -18.77
CA ASN B 137 -33.39 31.41 -17.34
C ASN B 137 -32.49 32.56 -16.93
N LEU B 138 -31.89 33.27 -17.88
CA LEU B 138 -30.87 34.27 -17.62
C LEU B 138 -30.67 35.10 -18.88
N VAL B 139 -30.36 36.38 -18.68
CA VAL B 139 -29.88 37.25 -19.75
C VAL B 139 -28.55 37.86 -19.30
N ILE B 140 -27.46 37.46 -19.95
CA ILE B 140 -26.14 38.01 -19.73
C ILE B 140 -25.94 39.16 -20.70
N SER B 141 -25.47 40.31 -20.21
CA SER B 141 -25.14 41.44 -21.06
C SER B 141 -23.64 41.71 -20.96
N VAL B 142 -22.91 41.41 -22.02
CA VAL B 142 -21.45 41.54 -22.01
C VAL B 142 -21.07 42.89 -22.60
N THR B 143 -20.20 43.62 -21.91
CA THR B 143 -19.91 45.01 -22.24
C THR B 143 -18.41 45.27 -22.11
N GLY B 144 -17.83 45.90 -23.12
CA GLY B 144 -16.44 46.33 -23.04
C GLY B 144 -16.03 47.24 -24.17
N GLY B 145 -14.75 47.19 -24.55
CA GLY B 145 -14.27 48.02 -25.62
C GLY B 145 -14.54 47.43 -26.99
N ALA B 146 -14.52 48.30 -28.00
CA ALA B 146 -14.69 47.89 -29.39
C ALA B 146 -13.44 48.17 -30.21
N LYS B 147 -12.98 49.42 -30.28
CA LYS B 147 -11.79 49.76 -31.05
C LYS B 147 -10.54 49.71 -30.17
N SER B 148 -10.52 50.52 -29.11
CA SER B 148 -9.46 50.45 -28.12
C SER B 148 -9.79 49.30 -27.17
N PHE B 149 -9.07 48.18 -27.31
CA PHE B 149 -9.38 46.98 -26.54
C PHE B 149 -8.11 46.16 -26.40
N VAL B 150 -7.46 46.26 -25.24
CA VAL B 150 -6.23 45.53 -24.93
C VAL B 150 -6.57 44.45 -23.92
N LEU B 151 -6.18 43.20 -24.22
CA LEU B 151 -6.63 42.04 -23.47
C LEU B 151 -5.50 41.04 -23.28
N LYS B 152 -5.47 40.42 -22.08
CA LYS B 152 -4.49 39.41 -21.69
C LYS B 152 -4.92 38.04 -22.18
N PRO B 153 -3.96 37.17 -22.56
CA PRO B 153 -4.35 35.84 -23.09
C PRO B 153 -4.93 34.90 -22.03
N ARG B 154 -4.34 34.88 -20.82
CA ARG B 154 -4.91 34.10 -19.73
C ARG B 154 -6.29 34.60 -19.37
N LEU B 155 -6.44 35.92 -19.28
CA LEU B 155 -7.71 36.52 -18.91
C LEU B 155 -8.76 36.30 -19.99
N ARG B 156 -8.37 36.40 -21.28
CA ARG B 156 -9.35 36.17 -22.34
C ARG B 156 -9.76 34.71 -22.40
N GLU B 157 -8.85 33.78 -22.09
CA GLU B 157 -9.20 32.37 -22.14
C GLU B 157 -10.10 31.98 -20.98
N MET B 158 -9.78 32.47 -19.77
CA MET B 158 -10.63 32.19 -18.61
C MET B 158 -12.01 32.85 -18.75
N PHE B 159 -12.05 34.07 -19.30
CA PHE B 159 -13.32 34.75 -19.50
C PHE B 159 -14.19 34.06 -20.52
N ARG B 160 -13.62 33.66 -21.66
CA ARG B 160 -14.43 33.00 -22.68
C ARG B 160 -14.83 31.60 -22.24
N ARG B 161 -13.99 30.90 -21.46
CA ARG B 161 -14.35 29.57 -20.98
C ARG B 161 -15.48 29.64 -19.96
N GLY B 162 -15.39 30.57 -19.00
CA GLY B 162 -16.45 30.72 -18.03
C GLY B 162 -17.76 31.22 -18.63
N LEU B 163 -17.66 32.17 -19.58
CA LEU B 163 -18.86 32.72 -20.19
C LEU B 163 -19.56 31.71 -21.09
N ILE B 164 -18.80 30.95 -21.86
CA ILE B 164 -19.34 29.85 -22.66
C ILE B 164 -19.96 28.78 -21.76
N LYS B 165 -19.29 28.44 -20.66
CA LYS B 165 -19.82 27.41 -19.75
C LYS B 165 -21.13 27.86 -19.12
N ALA B 166 -21.21 29.12 -18.69
CA ALA B 166 -22.45 29.64 -18.10
C ALA B 166 -23.56 29.72 -19.15
N ALA B 167 -23.26 30.24 -20.34
CA ALA B 167 -24.30 30.45 -21.34
C ALA B 167 -24.77 29.16 -21.98
N LYS B 168 -23.94 28.10 -21.96
CA LYS B 168 -24.36 26.83 -22.53
C LYS B 168 -24.98 25.89 -21.51
N THR B 169 -24.57 25.96 -20.24
CA THR B 169 -25.27 25.19 -19.22
C THR B 169 -26.57 25.85 -18.79
N THR B 170 -26.70 27.16 -18.95
CA THR B 170 -27.96 27.82 -18.64
C THR B 170 -28.87 27.91 -19.86
N GLY B 171 -28.34 28.29 -21.01
CA GLY B 171 -29.17 28.62 -22.16
C GLY B 171 -29.64 30.05 -22.06
N ALA B 172 -28.69 30.97 -21.98
CA ALA B 172 -28.96 32.37 -21.70
C ALA B 172 -28.79 33.23 -22.95
N TRP B 173 -29.48 34.37 -22.95
CA TRP B 173 -29.33 35.37 -24.00
C TRP B 173 -28.08 36.20 -23.74
N ILE B 174 -27.19 36.28 -24.73
CA ILE B 174 -25.99 37.12 -24.63
C ILE B 174 -26.28 38.39 -25.41
N ILE B 175 -26.49 39.49 -24.69
CA ILE B 175 -26.70 40.81 -25.29
C ILE B 175 -25.38 41.56 -25.29
N THR B 176 -24.89 41.88 -26.49
CA THR B 176 -23.67 42.64 -26.70
C THR B 176 -23.93 43.76 -27.71
N GLY B 177 -22.86 44.40 -28.17
CA GLY B 177 -22.96 45.29 -29.30
C GLY B 177 -22.92 44.54 -30.63
N GLY B 178 -23.15 45.28 -31.70
CA GLY B 178 -23.13 44.71 -33.04
C GLY B 178 -21.85 45.00 -33.79
N THR B 179 -20.71 44.90 -33.09
CA THR B 179 -19.43 45.33 -33.61
C THR B 179 -18.55 44.12 -33.88
N ASN B 180 -17.85 44.13 -35.02
CA ASN B 180 -16.96 43.04 -35.41
C ASN B 180 -15.54 43.20 -34.83
N THR B 181 -15.37 44.03 -33.82
CA THR B 181 -14.07 44.16 -33.16
C THR B 181 -14.28 44.50 -31.69
N GLY B 182 -13.34 44.05 -30.85
CA GLY B 182 -13.38 44.31 -29.43
C GLY B 182 -13.77 43.12 -28.59
N VAL B 183 -14.52 43.34 -27.52
CA VAL B 183 -15.01 42.21 -26.72
C VAL B 183 -16.15 41.50 -27.44
N MET B 184 -16.85 42.20 -28.34
CA MET B 184 -17.89 41.56 -29.14
C MET B 184 -17.29 40.54 -30.09
N LYS B 185 -16.12 40.85 -30.67
CA LYS B 185 -15.44 39.91 -31.54
C LYS B 185 -14.94 38.68 -30.78
N HIS B 186 -14.44 38.88 -29.57
CA HIS B 186 -13.93 37.74 -28.81
C HIS B 186 -15.06 36.88 -28.27
N VAL B 187 -16.17 37.49 -27.86
CA VAL B 187 -17.37 36.73 -27.49
C VAL B 187 -17.91 35.97 -28.70
N GLY B 188 -17.89 36.60 -29.89
CA GLY B 188 -18.35 35.94 -31.09
C GLY B 188 -17.46 34.79 -31.53
N GLU B 189 -16.14 34.94 -31.40
CA GLU B 189 -15.22 33.84 -31.71
C GLU B 189 -15.32 32.73 -30.68
N ALA B 190 -15.59 33.09 -29.41
CA ALA B 190 -15.81 32.08 -28.38
C ALA B 190 -17.08 31.30 -28.63
N VAL B 191 -18.14 31.98 -29.08
CA VAL B 191 -19.37 31.27 -29.46
C VAL B 191 -19.12 30.41 -30.70
N LYS B 192 -18.31 30.91 -31.65
CA LYS B 192 -18.03 30.20 -32.89
C LYS B 192 -17.28 28.89 -32.63
N GLU B 193 -16.26 28.93 -31.78
CA GLU B 193 -15.55 27.70 -31.46
C GLU B 193 -16.29 26.83 -30.45
N GLN B 194 -17.40 27.30 -29.88
CA GLN B 194 -18.15 26.53 -28.88
C GLN B 194 -19.63 26.40 -29.24
N GLN B 195 -20.03 26.67 -30.48
CA GLN B 195 -21.31 26.22 -30.99
C GLN B 195 -21.16 25.20 -32.11
N LEU B 196 -19.98 25.11 -32.71
CA LEU B 196 -19.72 24.09 -33.71
C LEU B 196 -19.31 22.79 -33.03
N MET B 197 -19.84 21.68 -33.55
CA MET B 197 -19.49 20.31 -33.18
C MET B 197 -19.77 20.06 -31.70
N PHE B 198 -21.07 20.09 -31.41
CA PHE B 198 -21.63 19.65 -30.14
C PHE B 198 -22.92 18.91 -30.46
N GLY B 199 -23.77 18.72 -29.45
CA GLY B 199 -25.13 18.28 -29.71
C GLY B 199 -25.89 19.28 -30.55
N SER B 200 -26.95 18.78 -31.20
CA SER B 200 -27.68 19.61 -32.15
C SER B 200 -28.50 20.69 -31.46
N ASP B 201 -28.89 20.46 -30.21
CA ASP B 201 -29.61 21.47 -29.44
C ASP B 201 -28.66 22.34 -28.61
N THR B 202 -27.63 22.88 -29.26
CA THR B 202 -26.65 23.75 -28.63
C THR B 202 -26.54 25.02 -29.47
N GLN B 203 -27.43 25.98 -29.20
CA GLN B 203 -27.41 27.27 -29.87
C GLN B 203 -27.72 28.36 -28.84
N VAL B 204 -26.82 29.33 -28.72
CA VAL B 204 -26.99 30.44 -27.79
C VAL B 204 -27.54 31.62 -28.56
N ASN B 205 -28.65 32.16 -28.10
CA ASN B 205 -29.27 33.34 -28.73
C ASN B 205 -28.45 34.56 -28.41
N VAL B 206 -27.64 34.99 -29.37
CA VAL B 206 -26.71 36.10 -29.18
C VAL B 206 -27.35 37.33 -29.83
N ILE B 207 -27.88 38.22 -28.99
CA ILE B 207 -28.53 39.44 -29.44
C ILE B 207 -27.49 40.56 -29.43
N GLY B 208 -27.45 41.36 -30.49
CA GLY B 208 -26.62 42.54 -30.53
C GLY B 208 -27.44 43.80 -30.68
N ILE B 209 -27.40 44.68 -29.68
CA ILE B 209 -28.03 45.99 -29.74
C ILE B 209 -26.96 46.99 -30.14
N ALA B 210 -27.12 47.61 -31.30
CA ALA B 210 -26.15 48.58 -31.79
C ALA B 210 -26.90 49.70 -32.51
N THR B 211 -26.14 50.56 -33.19
CA THR B 211 -26.70 51.70 -33.89
C THR B 211 -26.66 51.49 -35.39
N TRP B 212 -27.66 52.05 -36.08
CA TRP B 212 -27.69 52.05 -37.53
C TRP B 212 -26.68 53.03 -38.11
N GLY B 213 -26.22 54.00 -37.33
CA GLY B 213 -25.25 54.97 -37.76
C GLY B 213 -23.80 54.52 -37.78
N ILE B 214 -23.53 53.24 -37.56
CA ILE B 214 -22.15 52.73 -37.62
C ILE B 214 -22.06 51.60 -38.63
N VAL B 215 -23.20 51.02 -39.01
CA VAL B 215 -23.18 49.86 -39.89
C VAL B 215 -23.02 50.30 -41.34
N ASP B 216 -22.63 49.34 -42.18
CA ASP B 216 -22.43 49.61 -43.60
C ASP B 216 -23.74 49.56 -44.36
N GLY B 243 -18.86 53.52 -39.40
CA GLY B 243 -18.43 53.20 -38.05
C GLY B 243 -17.78 51.84 -37.91
N ALA B 244 -18.60 50.80 -37.83
CA ALA B 244 -18.10 49.44 -37.68
C ALA B 244 -19.13 48.46 -38.23
N MET B 245 -18.65 47.45 -38.95
CA MET B 245 -19.51 46.44 -39.54
C MET B 245 -20.00 45.46 -38.47
N LEU B 246 -20.98 44.64 -38.86
CA LEU B 246 -21.59 43.71 -37.94
C LEU B 246 -20.71 42.48 -37.73
N ASP B 247 -20.73 41.96 -36.51
CA ASP B 247 -20.05 40.71 -36.20
C ASP B 247 -20.91 39.56 -36.73
N PRO B 248 -20.36 38.68 -37.59
CA PRO B 248 -21.16 37.59 -38.15
C PRO B 248 -21.46 36.44 -37.21
N ASN B 249 -21.21 36.55 -35.90
CA ASN B 249 -21.51 35.48 -34.98
C ASN B 249 -22.70 35.76 -34.07
N HIS B 250 -23.25 36.98 -34.11
CA HIS B 250 -24.47 37.28 -33.39
C HIS B 250 -25.66 36.58 -34.05
N SER B 251 -26.74 36.45 -33.27
CA SER B 251 -27.93 35.76 -33.73
C SER B 251 -29.12 36.68 -33.98
N HIS B 252 -29.14 37.88 -33.39
CA HIS B 252 -30.21 38.83 -33.58
C HIS B 252 -29.63 40.23 -33.56
N PHE B 253 -30.20 41.15 -34.33
CA PHE B 253 -29.68 42.51 -34.42
C PHE B 253 -30.78 43.54 -34.18
N PHE B 254 -30.53 44.43 -33.22
CA PHE B 254 -31.37 45.60 -32.96
C PHE B 254 -30.56 46.84 -33.33
N LEU B 255 -30.83 47.41 -34.50
CA LEU B 255 -30.08 48.57 -34.98
C LEU B 255 -30.96 49.80 -34.82
N VAL B 256 -30.57 50.71 -33.92
CA VAL B 256 -31.44 51.81 -33.51
C VAL B 256 -30.72 53.15 -33.72
N ASP B 257 -31.48 54.15 -34.21
CA ASP B 257 -30.92 55.47 -34.45
C ASP B 257 -32.03 56.52 -34.42
N ASP B 258 -31.62 57.78 -34.28
CA ASP B 258 -32.52 58.92 -34.49
C ASP B 258 -31.93 60.03 -35.35
N GLY B 259 -30.61 60.17 -35.41
CA GLY B 259 -29.97 61.25 -36.14
C GLY B 259 -28.94 60.73 -37.12
N THR B 260 -27.90 61.55 -37.32
CA THR B 260 -26.85 61.26 -38.27
C THR B 260 -25.87 60.23 -37.70
N GLU B 261 -24.88 59.87 -38.50
CA GLU B 261 -23.91 58.85 -38.11
C GLU B 261 -22.95 59.41 -37.06
N GLY B 262 -22.62 58.56 -36.08
CA GLY B 262 -21.77 58.94 -34.97
C GLY B 262 -22.48 58.98 -33.63
N LYS B 263 -23.80 58.82 -33.61
CA LYS B 263 -24.55 58.81 -32.35
C LYS B 263 -24.43 57.45 -31.69
N TYR B 264 -24.16 57.45 -30.39
CA TYR B 264 -23.88 56.24 -29.63
C TYR B 264 -24.84 55.98 -28.48
N GLY B 265 -25.48 57.02 -27.94
CA GLY B 265 -26.26 56.87 -26.72
C GLY B 265 -27.61 56.20 -26.89
N VAL B 266 -28.13 56.13 -28.12
CA VAL B 266 -29.41 55.47 -28.34
C VAL B 266 -29.26 53.96 -28.19
N GLU B 267 -28.08 53.41 -28.50
CA GLU B 267 -27.74 52.03 -28.16
C GLU B 267 -27.80 51.80 -26.66
N ILE B 268 -27.30 52.78 -25.89
CA ILE B 268 -27.27 52.67 -24.44
C ILE B 268 -28.69 52.71 -23.87
N GLY B 269 -29.53 53.58 -24.40
CA GLY B 269 -30.90 53.69 -23.92
C GLY B 269 -31.76 52.49 -24.26
N MET B 270 -31.57 51.94 -25.47
CA MET B 270 -32.29 50.72 -25.83
C MET B 270 -31.80 49.52 -25.02
N ARG B 271 -30.49 49.42 -24.81
CA ARG B 271 -29.95 48.33 -23.99
C ARG B 271 -30.38 48.44 -22.54
N SER B 272 -30.69 49.64 -22.07
CA SER B 272 -31.30 49.79 -20.75
C SER B 272 -32.77 49.35 -20.75
N ARG B 273 -33.59 49.93 -21.63
CA ARG B 273 -35.03 49.74 -21.51
C ARG B 273 -35.52 48.37 -21.99
N ILE B 274 -34.87 47.79 -23.00
CA ILE B 274 -35.24 46.45 -23.47
C ILE B 274 -34.95 45.41 -22.40
N GLU B 275 -33.80 45.53 -21.71
CA GLU B 275 -33.50 44.59 -20.63
C GLU B 275 -34.35 44.86 -19.39
N GLU B 276 -34.80 46.11 -19.20
CA GLU B 276 -35.80 46.38 -18.16
C GLU B 276 -37.10 45.64 -18.45
N ALA B 277 -37.54 45.67 -19.72
CA ALA B 277 -38.75 44.94 -20.09
C ALA B 277 -38.54 43.43 -20.10
N ILE B 278 -37.29 42.96 -20.25
CA ILE B 278 -36.99 41.56 -20.00
C ILE B 278 -37.21 41.22 -18.53
N MET B 279 -36.74 42.10 -17.63
CA MET B 279 -36.97 41.92 -16.20
C MET B 279 -38.44 41.98 -15.83
N LYS B 280 -39.25 42.71 -16.60
CA LYS B 280 -40.68 42.75 -16.34
C LYS B 280 -41.34 41.42 -16.68
N VAL B 281 -41.01 40.84 -17.82
CA VAL B 281 -41.60 39.56 -18.23
C VAL B 281 -40.84 38.39 -17.64
N ILE B 292 -39.07 39.75 -9.73
CA ILE B 292 -39.02 39.86 -11.19
C ILE B 292 -39.21 38.48 -11.81
N GLY B 293 -39.33 38.45 -13.14
CA GLY B 293 -39.50 37.19 -13.84
C GLY B 293 -38.20 36.59 -14.34
N VAL B 294 -37.41 37.39 -15.06
CA VAL B 294 -36.18 36.92 -15.69
C VAL B 294 -35.00 37.68 -15.07
N PRO B 295 -34.02 36.99 -14.49
CA PRO B 295 -32.84 37.68 -13.97
C PRO B 295 -31.90 38.10 -15.10
N VAL B 296 -31.54 39.37 -15.11
CA VAL B 296 -30.62 39.94 -16.09
C VAL B 296 -29.37 40.40 -15.36
N VAL B 297 -28.19 40.02 -15.88
CA VAL B 297 -26.91 40.32 -15.26
C VAL B 297 -26.07 41.10 -16.28
N LEU B 298 -25.15 41.90 -15.76
CA LEU B 298 -24.21 42.67 -16.56
C LEU B 298 -22.78 42.22 -16.27
N LEU B 299 -21.99 42.06 -17.33
CA LEU B 299 -20.56 41.76 -17.24
C LEU B 299 -19.82 42.91 -17.90
N VAL B 300 -18.87 43.50 -17.18
CA VAL B 300 -18.09 44.62 -17.67
C VAL B 300 -16.60 44.29 -17.53
N LEU B 301 -15.88 44.33 -18.65
CA LEU B 301 -14.43 44.22 -18.63
C LEU B 301 -13.87 44.98 -19.83
N GLU B 302 -12.84 45.80 -19.57
CA GLU B 302 -11.99 46.43 -20.58
C GLU B 302 -12.78 47.33 -21.54
N GLY B 303 -13.40 48.36 -20.97
CA GLY B 303 -14.26 49.23 -21.76
C GLY B 303 -13.88 50.70 -21.74
N GLY B 304 -14.74 51.54 -22.28
CA GLY B 304 -14.48 52.97 -22.35
C GLY B 304 -15.57 53.81 -21.71
N PRO B 305 -15.83 54.99 -22.28
CA PRO B 305 -16.88 55.86 -21.71
C PRO B 305 -18.28 55.33 -21.94
N ASN B 306 -18.56 54.77 -23.12
CA ASN B 306 -19.88 54.21 -23.38
C ASN B 306 -20.10 52.93 -22.59
N THR B 307 -19.02 52.23 -22.23
CA THR B 307 -19.13 51.05 -21.38
C THR B 307 -19.64 51.40 -19.98
N VAL B 308 -19.02 52.38 -19.34
CA VAL B 308 -19.48 52.79 -18.02
C VAL B 308 -20.80 53.57 -18.12
N ALA B 309 -21.11 54.15 -19.29
CA ALA B 309 -22.43 54.73 -19.50
C ALA B 309 -23.52 53.66 -19.53
N THR B 310 -23.26 52.54 -20.22
CA THR B 310 -24.17 51.39 -20.17
C THR B 310 -24.26 50.81 -18.77
N MET B 311 -23.14 50.81 -18.03
CA MET B 311 -23.13 50.37 -16.64
C MET B 311 -24.09 51.20 -15.80
N TYR B 312 -24.02 52.53 -15.93
CA TYR B 312 -24.90 53.42 -15.18
C TYR B 312 -26.36 53.26 -15.59
N GLU B 313 -26.62 53.21 -16.91
CA GLU B 313 -27.99 53.09 -17.37
C GLU B 313 -28.60 51.72 -17.09
N LEU B 314 -27.78 50.69 -16.87
CA LEU B 314 -28.31 49.40 -16.46
C LEU B 314 -28.43 49.25 -14.94
N ILE B 315 -27.62 49.96 -14.16
CA ILE B 315 -27.88 50.07 -12.72
C ILE B 315 -29.17 50.87 -12.49
N LYS B 316 -29.47 51.82 -13.38
CA LYS B 316 -30.76 52.52 -13.32
C LYS B 316 -31.94 51.60 -13.61
N LYS B 317 -31.74 50.57 -14.43
CA LYS B 317 -32.82 49.63 -14.76
C LYS B 317 -32.82 48.40 -13.88
N LYS B 318 -32.19 48.47 -12.71
CA LYS B 318 -32.14 47.41 -11.69
C LYS B 318 -31.52 46.11 -12.24
N VAL B 319 -30.55 46.25 -13.12
CA VAL B 319 -29.77 45.12 -13.61
C VAL B 319 -28.46 45.07 -12.82
N PRO B 320 -28.21 44.02 -12.05
CA PRO B 320 -26.93 43.92 -11.32
C PRO B 320 -25.77 43.67 -12.28
N ALA B 321 -24.59 44.12 -11.85
CA ALA B 321 -23.40 44.13 -12.70
C ALA B 321 -22.25 43.40 -12.03
N VAL B 322 -21.44 42.74 -12.85
CA VAL B 322 -20.22 42.06 -12.42
C VAL B 322 -19.06 42.68 -13.19
N VAL B 323 -18.11 43.25 -12.46
CA VAL B 323 -16.98 43.97 -13.05
C VAL B 323 -15.73 43.15 -12.86
N ILE B 324 -15.08 42.78 -13.97
CA ILE B 324 -13.85 42.01 -13.92
C ILE B 324 -12.71 42.97 -13.57
N ASP B 325 -12.32 42.99 -12.30
CA ASP B 325 -11.21 43.83 -11.86
C ASP B 325 -9.89 43.22 -12.32
N GLY B 326 -8.89 44.06 -12.52
CA GLY B 326 -7.62 43.60 -13.01
C GLY B 326 -7.64 43.21 -14.47
N SER B 327 -8.57 43.76 -15.25
CA SER B 327 -8.70 43.42 -16.66
C SER B 327 -8.16 44.51 -17.59
N GLY B 328 -8.64 45.74 -17.46
CA GLY B 328 -8.27 46.77 -18.41
C GLY B 328 -8.25 48.18 -17.86
N ARG B 329 -8.83 49.10 -18.63
CA ARG B 329 -8.67 50.53 -18.37
C ARG B 329 -9.84 51.16 -17.64
N ALA B 330 -11.05 50.62 -17.75
CA ALA B 330 -12.20 51.16 -17.05
C ALA B 330 -12.76 50.24 -15.98
N ALA B 331 -12.69 48.92 -16.19
CA ALA B 331 -13.16 47.98 -15.17
C ALA B 331 -12.25 48.01 -13.94
N SER B 332 -10.96 48.28 -14.14
CA SER B 332 -10.06 48.48 -13.02
C SER B 332 -10.41 49.74 -12.23
N VAL B 333 -10.94 50.78 -12.91
CA VAL B 333 -11.37 51.99 -12.23
C VAL B 333 -12.60 51.72 -11.37
N VAL B 334 -13.54 50.93 -11.89
CA VAL B 334 -14.73 50.57 -11.12
C VAL B 334 -14.37 49.68 -9.94
N GLY B 335 -13.41 48.76 -10.14
CA GLY B 335 -12.95 47.94 -9.03
C GLY B 335 -12.20 48.73 -7.97
N PHE B 336 -11.33 49.65 -8.38
CA PHE B 336 -10.58 50.48 -7.45
C PHE B 336 -11.46 51.51 -6.76
N ALA B 337 -12.60 51.87 -7.36
CA ALA B 337 -13.58 52.68 -6.66
C ALA B 337 -14.48 51.84 -5.76
N TYR B 338 -14.57 50.53 -6.01
CA TYR B 338 -15.45 49.69 -5.20
C TYR B 338 -14.79 49.25 -3.90
N ASN B 339 -13.71 48.47 -3.99
CA ASN B 339 -13.17 47.80 -2.81
C ASN B 339 -12.13 48.62 -2.05
N HIS B 340 -11.53 49.62 -2.70
CA HIS B 340 -10.53 50.46 -2.04
C HIS B 340 -11.14 51.69 -1.39
N THR B 341 -12.30 52.14 -1.88
CA THR B 341 -12.89 53.38 -1.39
C THR B 341 -14.30 53.15 -0.87
N ILE B 342 -14.48 52.13 -0.04
CA ILE B 342 -15.78 51.84 0.55
C ILE B 342 -16.02 52.79 1.73
N LYS B 343 -17.24 53.30 1.84
CA LYS B 343 -17.59 54.25 2.89
C LYS B 343 -19.11 54.29 3.04
N ARG B 344 -19.58 54.32 4.29
CA ARG B 344 -20.99 54.48 4.62
C ARG B 344 -21.11 55.60 5.65
N ASN B 345 -21.44 56.80 5.18
CA ASN B 345 -21.46 57.98 6.05
C ASN B 345 -22.68 58.85 5.72
N VAL B 346 -23.86 58.23 5.57
CA VAL B 346 -25.05 58.94 5.14
C VAL B 346 -26.28 58.21 5.67
N ASP B 347 -27.38 58.94 5.79
CA ASP B 347 -28.70 58.37 5.99
C ASP B 347 -29.45 58.40 4.65
N GLY B 348 -30.55 57.65 4.58
CA GLY B 348 -31.22 57.49 3.30
C GLY B 348 -30.78 56.22 2.61
N GLN B 349 -30.97 55.09 3.29
CA GLN B 349 -30.65 53.72 2.87
C GLN B 349 -29.16 53.45 2.73
N THR B 350 -28.31 54.35 3.24
CA THR B 350 -26.87 54.12 3.50
C THR B 350 -26.11 53.76 2.21
N ILE B 351 -26.03 54.75 1.32
CA ILE B 351 -25.42 54.54 0.01
C ILE B 351 -23.90 54.49 0.16
N ASN B 352 -23.23 54.04 -0.90
CA ASN B 352 -21.77 54.06 -0.96
C ASN B 352 -21.31 55.16 -1.92
N VAL B 353 -20.28 55.89 -1.52
CA VAL B 353 -19.69 56.95 -2.31
C VAL B 353 -18.17 56.77 -2.29
N ILE B 354 -17.47 57.71 -2.93
CA ILE B 354 -16.01 57.67 -2.95
C ILE B 354 -15.47 58.12 -1.59
N ASP B 355 -14.22 57.72 -1.29
CA ASP B 355 -13.58 58.29 -0.12
C ASP B 355 -13.07 59.69 -0.41
N PRO B 356 -13.12 60.59 0.58
CA PRO B 356 -12.46 61.89 0.41
C PRO B 356 -10.95 61.80 0.46
N GLN B 357 -10.39 60.70 0.97
CA GLN B 357 -8.94 60.52 1.00
C GLN B 357 -8.38 60.18 -0.36
N TYR B 358 -9.03 59.27 -1.09
CA TYR B 358 -8.53 58.78 -2.38
C TYR B 358 -9.35 59.30 -3.55
N GLU B 359 -9.99 60.46 -3.41
CA GLU B 359 -10.75 61.02 -4.53
C GLU B 359 -9.82 61.64 -5.57
N ASP B 360 -8.64 62.11 -5.15
CA ASP B 360 -7.68 62.67 -6.09
C ASP B 360 -7.07 61.58 -6.97
N GLU B 361 -6.83 60.40 -6.38
CA GLU B 361 -6.23 59.30 -7.14
C GLU B 361 -7.22 58.74 -8.17
N VAL B 362 -8.49 58.60 -7.80
CA VAL B 362 -9.47 58.13 -8.77
C VAL B 362 -9.80 59.22 -9.78
N ARG B 363 -9.63 60.49 -9.41
CA ARG B 363 -9.79 61.59 -10.37
C ARG B 363 -8.69 61.55 -11.42
N ALA B 364 -7.44 61.36 -10.98
CA ALA B 364 -6.33 61.24 -11.92
C ALA B 364 -6.42 59.97 -12.75
N LYS B 365 -6.96 58.89 -12.17
CA LYS B 365 -7.10 57.65 -12.91
C LYS B 365 -8.23 57.73 -13.94
N VAL B 366 -9.31 58.44 -13.63
CA VAL B 366 -10.39 58.57 -14.60
C VAL B 366 -10.07 59.64 -15.64
N VAL B 367 -9.11 60.53 -15.37
CA VAL B 367 -8.73 61.49 -16.41
C VAL B 367 -7.53 61.02 -17.23
N GLU B 368 -6.76 60.04 -16.75
CA GLU B 368 -5.57 59.60 -17.47
C GLU B 368 -5.74 58.27 -18.19
N VAL B 369 -6.43 57.31 -17.59
CA VAL B 369 -6.41 55.95 -18.13
C VAL B 369 -7.41 55.80 -19.28
N PHE B 370 -8.59 56.41 -19.16
CA PHE B 370 -9.53 56.45 -20.28
C PHE B 370 -10.24 57.80 -20.28
N GLY B 371 -10.33 58.42 -21.46
CA GLY B 371 -11.03 59.69 -21.58
C GLY B 371 -10.13 60.88 -21.30
N ALA B 372 -10.02 61.78 -22.26
CA ALA B 372 -9.17 62.97 -22.09
C ALA B 372 -9.99 64.18 -21.63
N LYS B 373 -10.98 64.58 -22.42
CA LYS B 373 -11.79 65.75 -22.13
C LYS B 373 -13.18 65.33 -21.69
N GLY B 374 -13.80 66.16 -20.85
CA GLY B 374 -15.14 65.88 -20.37
C GLY B 374 -15.23 64.73 -19.40
N ALA B 375 -14.24 64.56 -18.53
CA ALA B 375 -14.21 63.45 -17.58
C ALA B 375 -14.99 63.74 -16.30
N ASP B 376 -15.57 64.94 -16.18
CA ASP B 376 -16.30 65.30 -14.97
C ASP B 376 -17.66 64.60 -14.92
N LYS B 377 -18.34 64.52 -16.07
CA LYS B 377 -19.64 63.85 -16.10
C LYS B 377 -19.50 62.35 -15.90
N THR B 378 -18.44 61.74 -16.45
CA THR B 378 -18.24 60.32 -16.20
C THR B 378 -17.67 60.05 -14.82
N TYR B 379 -17.01 61.03 -14.19
CA TYR B 379 -16.57 60.84 -12.81
C TYR B 379 -17.73 60.92 -11.83
N SER B 380 -18.63 61.89 -12.01
CA SER B 380 -19.85 61.92 -11.21
C SER B 380 -20.75 60.73 -11.51
N MET B 381 -20.74 60.25 -12.75
CA MET B 381 -21.55 59.10 -13.13
C MET B 381 -20.98 57.81 -12.53
N ILE B 382 -19.65 57.65 -12.48
CA ILE B 382 -19.06 56.46 -11.87
C ILE B 382 -19.11 56.54 -10.35
N LYS B 383 -19.27 57.75 -9.78
CA LYS B 383 -19.62 57.82 -8.36
C LYS B 383 -21.07 57.45 -8.11
N ASP B 384 -21.97 57.79 -9.02
CA ASP B 384 -23.39 57.46 -8.86
C ASP B 384 -23.71 56.02 -9.24
N VAL B 385 -22.81 55.31 -9.92
CA VAL B 385 -22.99 53.88 -10.15
C VAL B 385 -22.98 53.13 -8.82
N LEU B 386 -22.08 53.51 -7.91
CA LEU B 386 -21.89 52.83 -6.62
C LEU B 386 -22.95 53.19 -5.57
N GLU B 387 -24.09 53.75 -5.99
CA GLU B 387 -25.12 54.22 -5.07
C GLU B 387 -25.82 53.09 -4.33
N ASP B 388 -25.81 51.87 -4.88
CA ASP B 388 -26.45 50.74 -4.20
C ASP B 388 -25.43 49.62 -4.09
N GLU B 389 -25.24 49.11 -2.85
CA GLU B 389 -24.22 48.10 -2.61
C GLU B 389 -24.64 46.74 -3.17
N LYS B 390 -25.94 46.49 -3.29
CA LYS B 390 -26.43 45.20 -3.75
C LYS B 390 -26.47 45.09 -5.27
N MET B 391 -26.17 46.17 -5.99
CA MET B 391 -26.31 46.19 -7.44
C MET B 391 -24.99 46.11 -8.18
N ILE B 392 -23.88 46.46 -7.54
CA ILE B 392 -22.56 46.36 -8.16
C ILE B 392 -21.81 45.21 -7.47
N SER B 393 -21.12 44.41 -8.26
CA SER B 393 -20.27 43.35 -7.76
C SER B 393 -18.98 43.40 -8.55
N VAL B 394 -17.85 43.24 -7.86
CA VAL B 394 -16.54 43.33 -8.49
C VAL B 394 -15.79 42.04 -8.18
N TYR B 395 -15.58 41.23 -9.22
CA TYR B 395 -14.84 39.98 -9.12
C TYR B 395 -13.55 40.13 -9.92
N SER B 396 -12.41 40.05 -9.23
CA SER B 396 -11.12 40.28 -9.87
C SER B 396 -10.63 38.99 -10.54
N LEU B 397 -9.48 39.08 -11.21
CA LEU B 397 -8.83 37.90 -11.75
C LEU B 397 -7.84 37.31 -10.74
N ASP B 398 -6.85 38.11 -10.34
CA ASP B 398 -5.76 37.62 -9.50
C ASP B 398 -6.20 37.34 -8.07
N GLY B 399 -7.37 37.83 -7.65
CA GLY B 399 -7.91 37.48 -6.35
C GLY B 399 -8.37 36.04 -6.32
N GLU B 400 -9.24 35.66 -7.25
CA GLU B 400 -9.72 34.29 -7.37
C GLU B 400 -9.66 33.87 -8.83
N ILE B 401 -8.72 32.98 -9.16
CA ILE B 401 -8.62 32.43 -10.51
C ILE B 401 -9.50 31.21 -10.67
N SER B 402 -9.43 30.28 -9.71
CA SER B 402 -10.15 29.02 -9.77
C SER B 402 -11.65 29.16 -9.48
N GLN B 403 -12.14 30.37 -9.22
CA GLN B 403 -13.56 30.61 -9.06
C GLN B 403 -14.13 31.09 -10.40
N ASP B 404 -15.10 30.35 -10.93
CA ASP B 404 -15.64 30.62 -12.25
C ASP B 404 -16.56 31.83 -12.22
N ILE B 405 -16.76 32.43 -13.40
CA ILE B 405 -17.53 33.68 -13.51
C ILE B 405 -19.03 33.43 -13.30
N ASP B 406 -19.50 32.18 -13.45
CA ASP B 406 -20.91 31.90 -13.24
C ASP B 406 -21.28 31.99 -11.76
N LEU B 407 -20.35 31.64 -10.87
CA LEU B 407 -20.57 31.86 -9.44
C LEU B 407 -20.62 33.35 -9.11
N ALA B 408 -19.84 34.18 -9.82
CA ALA B 408 -19.92 35.62 -9.63
C ALA B 408 -21.26 36.18 -10.10
N ILE B 409 -21.75 35.68 -11.23
CA ILE B 409 -23.07 36.06 -11.74
C ILE B 409 -24.17 35.64 -10.76
N LEU B 410 -24.05 34.43 -10.21
CA LEU B 410 -25.06 33.93 -9.28
C LEU B 410 -25.01 34.68 -7.95
N LYS B 411 -23.81 35.04 -7.49
CA LYS B 411 -23.70 35.86 -6.28
C LYS B 411 -24.25 37.26 -6.49
N ALA B 412 -24.08 37.82 -7.70
CA ALA B 412 -24.68 39.12 -8.00
C ALA B 412 -26.20 39.05 -8.01
N LEU B 413 -26.76 37.98 -8.60
CA LEU B 413 -28.22 37.84 -8.65
C LEU B 413 -28.82 37.53 -7.28
N LEU B 414 -28.11 36.78 -6.45
CA LEU B 414 -28.57 36.54 -5.08
C LEU B 414 -28.28 37.70 -4.15
N LYS B 415 -27.38 38.62 -4.56
CA LYS B 415 -27.10 39.81 -3.79
C LYS B 415 -28.09 40.92 -4.09
N ALA B 416 -28.57 41.00 -5.34
CA ALA B 416 -29.53 42.02 -5.73
C ALA B 416 -30.88 41.84 -5.05
N ASN B 417 -31.24 40.59 -4.73
CA ASN B 417 -32.48 40.22 -4.02
C ASN B 417 -33.72 40.70 -4.80
N ARG B 418 -33.76 40.38 -6.08
CA ARG B 418 -34.91 40.70 -6.92
C ARG B 418 -35.50 39.49 -7.62
N SER B 419 -34.73 38.43 -7.85
CA SER B 419 -35.19 37.29 -8.60
C SER B 419 -36.09 36.41 -7.74
N SER B 420 -36.85 35.54 -8.42
CA SER B 420 -37.64 34.53 -7.73
C SER B 420 -36.71 33.49 -7.11
N PRO B 421 -37.15 32.83 -6.03
CA PRO B 421 -36.34 31.72 -5.48
C PRO B 421 -36.20 30.54 -6.42
N VAL B 422 -37.17 30.30 -7.29
CA VAL B 422 -37.05 29.20 -8.25
C VAL B 422 -36.08 29.56 -9.37
N ALA B 423 -35.95 30.85 -9.70
CA ALA B 423 -34.99 31.26 -10.72
C ALA B 423 -33.56 31.19 -10.19
N GLN B 424 -33.37 31.63 -8.94
CA GLN B 424 -32.08 31.43 -8.28
C GLN B 424 -31.77 29.95 -8.12
N LEU B 425 -32.80 29.14 -7.89
CA LEU B 425 -32.63 27.71 -7.69
C LEU B 425 -32.20 27.00 -8.97
N ASN B 426 -32.87 27.28 -10.10
CA ASN B 426 -32.46 26.56 -11.31
C ASN B 426 -31.21 27.16 -11.96
N LEU B 427 -30.89 28.43 -11.67
CA LEU B 427 -29.56 28.93 -12.02
C LEU B 427 -28.47 28.24 -11.21
N ALA B 428 -28.74 27.96 -9.93
CA ALA B 428 -27.79 27.17 -9.14
C ALA B 428 -27.72 25.73 -9.62
N LEU B 429 -28.84 25.19 -10.13
CA LEU B 429 -28.85 23.84 -10.69
C LEU B 429 -27.99 23.75 -11.94
N ALA B 430 -28.14 24.70 -12.86
CA ALA B 430 -27.44 24.66 -14.14
C ALA B 430 -25.93 24.82 -13.97
N TRP B 431 -25.50 25.45 -12.88
CA TRP B 431 -24.09 25.73 -12.64
C TRP B 431 -23.46 24.85 -11.58
N ASN B 432 -24.24 23.91 -11.02
CA ASN B 432 -23.79 22.95 -10.00
C ASN B 432 -23.24 23.67 -8.76
N ARG B 433 -23.96 24.71 -8.33
CA ARG B 433 -23.55 25.52 -7.18
C ARG B 433 -24.36 25.05 -5.97
N ILE B 434 -23.81 24.08 -5.25
CA ILE B 434 -24.52 23.47 -4.14
C ILE B 434 -24.31 24.24 -2.83
N ASP B 435 -23.13 24.84 -2.63
CA ASP B 435 -22.85 25.51 -1.36
C ASP B 435 -23.57 26.84 -1.27
N LEU B 436 -23.64 27.60 -2.37
CA LEU B 436 -24.40 28.84 -2.37
C LEU B 436 -25.90 28.58 -2.31
N ALA B 437 -26.35 27.45 -2.84
CA ALA B 437 -27.75 27.06 -2.70
C ALA B 437 -28.08 26.70 -1.25
N LYS B 438 -27.18 25.98 -0.58
CA LYS B 438 -27.38 25.68 0.84
C LYS B 438 -27.28 26.92 1.71
N SER B 439 -26.48 27.90 1.29
CA SER B 439 -26.29 29.11 2.09
C SER B 439 -27.45 30.08 1.95
N ASP B 440 -27.75 30.50 0.71
CA ASP B 440 -28.59 31.67 0.49
C ASP B 440 -29.87 31.39 -0.29
N ILE B 441 -30.12 30.16 -0.71
CA ILE B 441 -31.37 29.81 -1.38
C ILE B 441 -32.29 28.99 -0.48
N PHE B 442 -31.73 28.14 0.38
CA PHE B 442 -32.50 27.27 1.26
C PHE B 442 -32.45 27.74 2.71
N THR B 443 -32.58 29.06 2.90
CA THR B 443 -32.57 29.66 4.23
C THR B 443 -33.83 29.28 5.02
N GLU B 444 -33.84 29.70 6.29
CA GLU B 444 -34.94 29.35 7.19
C GLU B 444 -36.21 30.11 6.85
N GLU B 445 -36.09 31.41 6.61
CA GLU B 445 -37.26 32.29 6.45
C GLU B 445 -38.02 32.02 5.16
N GLN B 446 -37.40 31.36 4.18
CA GLN B 446 -38.06 31.03 2.93
C GLN B 446 -38.38 29.54 2.93
N GLN B 447 -39.67 29.22 2.81
CA GLN B 447 -40.16 27.85 2.93
C GLN B 447 -40.43 27.27 1.55
N TRP B 448 -39.96 26.04 1.32
CA TRP B 448 -40.15 25.33 0.07
C TRP B 448 -41.26 24.30 0.21
N THR B 449 -41.84 23.93 -0.94
CA THR B 449 -42.88 22.91 -0.99
C THR B 449 -42.63 21.94 -2.14
N THR B 450 -43.62 21.09 -2.44
CA THR B 450 -43.47 20.11 -3.51
C THR B 450 -43.51 20.78 -4.89
N GLU B 451 -44.46 21.67 -5.10
CA GLU B 451 -44.70 22.22 -6.44
C GLU B 451 -43.63 23.22 -6.87
N THR B 452 -43.03 23.94 -5.92
CA THR B 452 -41.94 24.85 -6.26
C THR B 452 -40.64 24.10 -6.51
N LEU B 453 -40.44 22.98 -5.83
CA LEU B 453 -39.26 22.15 -6.02
C LEU B 453 -39.43 21.08 -7.10
N SER B 454 -40.60 21.01 -7.74
CA SER B 454 -40.90 19.89 -8.64
C SER B 454 -40.07 19.94 -9.92
N ALA B 455 -40.11 21.07 -10.65
CA ALA B 455 -39.35 21.19 -11.88
C ALA B 455 -37.84 21.19 -11.62
N ALA B 456 -37.44 21.74 -10.48
CA ALA B 456 -36.05 21.69 -10.06
C ALA B 456 -35.61 20.26 -9.76
N MET B 457 -36.50 19.45 -9.17
CA MET B 457 -36.20 18.05 -8.92
C MET B 457 -36.09 17.27 -10.22
N LEU B 458 -36.95 17.59 -11.19
CA LEU B 458 -36.88 16.95 -12.50
C LEU B 458 -35.58 17.29 -13.21
N THR B 459 -35.14 18.55 -13.10
CA THR B 459 -33.87 18.97 -13.68
C THR B 459 -32.69 18.31 -12.98
N ALA B 460 -32.76 18.18 -11.65
CA ALA B 460 -31.65 17.58 -10.90
C ALA B 460 -31.58 16.07 -11.13
N LEU B 461 -32.71 15.41 -11.36
CA LEU B 461 -32.69 14.00 -11.69
C LEU B 461 -32.17 13.77 -13.10
N LEU B 462 -32.71 14.51 -14.08
CA LEU B 462 -32.35 14.26 -15.48
C LEU B 462 -30.93 14.67 -15.83
N ASP B 463 -30.30 15.55 -15.03
CA ASP B 463 -28.95 16.00 -15.31
C ASP B 463 -27.92 15.38 -14.37
N ASP B 464 -28.34 14.42 -13.54
CA ASP B 464 -27.51 13.78 -12.50
C ASP B 464 -26.91 14.84 -11.56
N LYS B 465 -27.79 15.48 -10.80
CA LYS B 465 -27.41 16.40 -9.74
C LYS B 465 -27.88 15.77 -8.43
N ALA B 466 -27.02 14.90 -7.87
CA ALA B 466 -27.41 14.10 -6.72
C ALA B 466 -27.39 14.88 -5.42
N GLU B 467 -26.47 15.83 -5.29
CA GLU B 467 -26.44 16.68 -4.11
C GLU B 467 -27.66 17.60 -4.07
N PHE B 468 -28.05 18.12 -5.24
CA PHE B 468 -29.27 18.91 -5.32
C PHE B 468 -30.52 18.06 -5.07
N ALA B 469 -30.51 16.81 -5.56
CA ALA B 469 -31.63 15.91 -5.34
C ALA B 469 -31.78 15.57 -3.86
N GLU B 470 -30.66 15.29 -3.19
CA GLU B 470 -30.65 15.04 -1.75
C GLU B 470 -31.14 16.26 -0.98
N LEU B 471 -30.68 17.46 -1.39
CA LEU B 471 -31.07 18.69 -0.71
C LEU B 471 -32.56 18.99 -0.89
N PHE B 472 -33.10 18.70 -2.08
CA PHE B 472 -34.52 18.84 -2.33
C PHE B 472 -35.33 17.89 -1.45
N LEU B 473 -34.87 16.63 -1.35
CA LEU B 473 -35.58 15.66 -0.52
C LEU B 473 -35.49 15.98 0.97
N GLN B 474 -34.43 16.64 1.42
CA GLN B 474 -34.29 16.94 2.84
C GLN B 474 -34.58 18.40 3.20
N ASN B 475 -35.14 19.20 2.29
CA ASN B 475 -35.67 20.51 2.67
C ASN B 475 -37.19 20.61 2.62
N GLY B 476 -37.82 20.36 1.48
CA GLY B 476 -39.24 20.61 1.38
C GLY B 476 -40.06 19.65 0.55
N LEU B 477 -39.43 18.59 0.04
CA LEU B 477 -40.03 17.76 -1.01
C LEU B 477 -40.13 16.30 -0.56
N SER B 478 -41.25 15.68 -0.92
CA SER B 478 -41.48 14.26 -0.72
C SER B 478 -41.67 13.58 -2.07
N MET B 479 -41.12 12.36 -2.19
CA MET B 479 -41.32 11.57 -3.40
C MET B 479 -42.76 11.15 -3.59
N ARG B 480 -43.52 11.04 -2.50
CA ARG B 480 -44.92 10.61 -2.58
C ARG B 480 -45.78 11.60 -3.36
N GLU B 481 -45.52 12.90 -3.18
CA GLU B 481 -46.26 13.94 -3.88
C GLU B 481 -45.62 14.33 -5.20
N PHE B 482 -44.31 14.17 -5.33
CA PHE B 482 -43.60 14.57 -6.53
C PHE B 482 -43.88 13.64 -7.69
N LEU B 483 -43.51 12.36 -7.54
CA LEU B 483 -43.47 11.44 -8.67
C LEU B 483 -44.87 10.98 -9.06
N SER B 484 -45.17 11.06 -10.35
CA SER B 484 -46.38 10.51 -10.95
C SER B 484 -45.97 9.54 -12.07
N LEU B 485 -46.96 9.08 -12.82
CA LEU B 485 -46.68 8.12 -13.90
C LEU B 485 -45.96 8.80 -15.07
N ASP B 486 -46.42 9.99 -15.46
CA ASP B 486 -45.84 10.66 -16.61
C ASP B 486 -44.45 11.19 -16.31
N ILE B 487 -44.20 11.64 -15.07
CA ILE B 487 -42.87 12.07 -14.67
C ILE B 487 -41.91 10.89 -14.68
N LEU B 488 -42.38 9.71 -14.28
CA LEU B 488 -41.53 8.52 -14.26
C LEU B 488 -41.23 8.02 -15.69
N CYS B 489 -42.23 8.02 -16.57
CA CYS B 489 -42.00 7.61 -17.95
C CYS B 489 -41.15 8.61 -18.70
N LYS B 490 -41.31 9.90 -18.39
CA LYS B 490 -40.43 10.94 -18.92
C LYS B 490 -39.02 10.81 -18.34
N LEU B 491 -38.92 10.35 -17.09
CA LEU B 491 -37.62 10.18 -16.44
C LEU B 491 -36.85 9.04 -17.09
N TYR B 492 -37.55 7.97 -17.47
CA TYR B 492 -36.95 6.93 -18.30
C TYR B 492 -36.83 7.35 -19.78
N ALA B 493 -37.49 8.43 -20.19
CA ALA B 493 -37.42 8.85 -21.59
C ALA B 493 -36.14 9.62 -21.90
N GLU B 494 -35.75 10.55 -21.04
CA GLU B 494 -34.56 11.38 -21.27
C GLU B 494 -33.33 10.84 -20.54
N VAL B 495 -33.16 9.51 -20.53
CA VAL B 495 -31.89 8.88 -20.19
C VAL B 495 -30.85 9.38 -21.21
N PRO B 496 -29.57 9.57 -20.81
CA PRO B 496 -28.63 10.33 -21.66
C PRO B 496 -28.23 9.68 -22.98
N GLY B 497 -27.79 8.42 -22.95
CA GLY B 497 -27.39 7.77 -24.18
C GLY B 497 -26.12 6.96 -24.07
N ASN B 498 -25.24 7.33 -23.14
CA ASN B 498 -24.02 6.58 -22.88
C ASN B 498 -24.22 5.43 -21.90
N THR B 499 -25.47 5.10 -21.58
CA THR B 499 -25.80 4.05 -20.62
C THR B 499 -26.05 2.73 -21.32
N THR B 500 -26.29 1.68 -20.53
CA THR B 500 -26.76 0.39 -21.03
C THR B 500 -28.28 0.39 -21.18
N ILE B 501 -28.97 1.21 -20.37
CA ILE B 501 -30.42 1.15 -20.31
C ILE B 501 -31.06 1.74 -21.56
N LYS B 502 -30.41 2.69 -22.23
CA LYS B 502 -31.00 3.17 -23.48
C LYS B 502 -30.91 2.13 -24.61
N PRO B 503 -29.79 1.41 -24.84
CA PRO B 503 -29.86 0.28 -25.77
C PRO B 503 -30.82 -0.82 -25.34
N LEU B 504 -30.94 -1.11 -24.04
CA LEU B 504 -31.88 -2.16 -23.61
C LEU B 504 -33.34 -1.75 -23.84
N LEU B 505 -33.68 -0.50 -23.50
CA LEU B 505 -35.05 -0.03 -23.69
C LEU B 505 -35.38 0.15 -25.17
N GLN B 506 -34.42 0.59 -26.00
CA GLN B 506 -34.70 0.72 -27.42
C GLN B 506 -34.75 -0.64 -28.11
N LYS B 507 -34.01 -1.63 -27.60
CA LYS B 507 -34.13 -2.99 -28.13
C LYS B 507 -35.48 -3.60 -27.76
N GLU B 508 -35.98 -3.31 -26.56
CA GLU B 508 -37.29 -3.85 -26.19
C GLU B 508 -38.42 -3.11 -26.89
N MET B 509 -38.29 -1.79 -27.11
CA MET B 509 -39.30 -1.07 -27.89
C MET B 509 -39.23 -1.45 -29.36
N GLY B 510 -38.08 -1.90 -29.85
CA GLY B 510 -38.02 -2.47 -31.19
C GLY B 510 -38.71 -3.81 -31.28
N LYS B 511 -38.76 -4.56 -30.17
CA LYS B 511 -39.47 -5.83 -30.12
C LYS B 511 -40.97 -5.68 -29.96
N ARG B 512 -41.46 -4.47 -29.66
CA ARG B 512 -42.87 -4.23 -29.46
C ARG B 512 -43.47 -3.20 -30.41
N GLN B 513 -42.63 -2.52 -31.20
CA GLN B 513 -43.04 -1.53 -32.21
C GLN B 513 -43.88 -0.40 -31.60
N VAL B 514 -43.39 0.13 -30.48
CA VAL B 514 -44.01 1.28 -29.82
C VAL B 514 -42.97 2.38 -29.75
N LYS B 515 -43.33 3.58 -30.22
CA LYS B 515 -42.37 4.67 -30.30
C LYS B 515 -42.19 5.38 -28.96
N THR B 516 -43.16 5.28 -28.05
CA THR B 516 -43.06 5.92 -26.76
C THR B 516 -42.65 4.90 -25.69
N ILE B 517 -42.15 5.41 -24.57
CA ILE B 517 -41.76 4.58 -23.45
C ILE B 517 -42.86 4.60 -22.41
N ASP B 518 -43.19 3.43 -21.86
CA ASP B 518 -44.06 3.30 -20.72
C ASP B 518 -43.40 2.37 -19.71
N MET B 519 -44.09 2.09 -18.62
CA MET B 519 -43.47 1.27 -17.60
C MET B 519 -43.54 -0.23 -17.89
N ASP B 520 -44.27 -0.66 -18.92
CA ASP B 520 -44.27 -2.08 -19.25
C ASP B 520 -42.97 -2.48 -19.95
N VAL B 521 -42.42 -1.58 -20.77
CA VAL B 521 -41.13 -1.85 -21.41
C VAL B 521 -40.01 -1.84 -20.37
N VAL B 522 -40.05 -0.86 -19.45
CA VAL B 522 -39.11 -0.81 -18.34
C VAL B 522 -39.24 -2.05 -17.47
N GLY B 523 -40.47 -2.52 -17.25
CA GLY B 523 -40.69 -3.71 -16.47
C GLY B 523 -40.17 -4.97 -17.14
N GLU B 524 -40.30 -5.06 -18.48
CA GLU B 524 -39.78 -6.24 -19.17
C GLU B 524 -38.26 -6.23 -19.20
N VAL B 525 -37.65 -5.04 -19.33
CA VAL B 525 -36.20 -4.93 -19.25
C VAL B 525 -35.71 -5.35 -17.86
N ILE B 526 -36.44 -4.92 -16.80
CA ILE B 526 -36.07 -5.31 -15.44
C ILE B 526 -36.31 -6.81 -15.21
N GLU B 527 -37.33 -7.40 -15.84
CA GLU B 527 -37.57 -8.83 -15.69
C GLU B 527 -36.51 -9.67 -16.40
N GLU B 528 -36.10 -9.27 -17.59
CA GLU B 528 -35.01 -9.98 -18.27
C GLU B 528 -33.64 -9.61 -17.72
N LEU B 529 -33.56 -8.57 -16.90
CA LEU B 529 -32.32 -8.08 -16.33
C LEU B 529 -32.18 -8.41 -14.85
N MET B 530 -33.18 -9.08 -14.28
CA MET B 530 -33.08 -9.77 -13.00
C MET B 530 -32.99 -11.27 -13.18
N GLY B 531 -33.78 -11.83 -14.10
CA GLY B 531 -33.82 -13.25 -14.34
C GLY B 531 -34.52 -14.02 -13.23
N ASP B 532 -34.46 -15.35 -13.37
CA ASP B 532 -34.95 -16.32 -12.37
C ASP B 532 -36.44 -16.14 -12.09
N MET B 533 -37.20 -15.88 -13.15
CA MET B 533 -38.66 -15.66 -13.12
C MET B 533 -39.05 -14.51 -12.19
N PHE B 534 -38.25 -13.44 -12.23
CA PHE B 534 -38.62 -12.20 -11.58
C PHE B 534 -39.83 -11.60 -12.30
N GLU B 535 -40.75 -11.03 -11.51
CA GLU B 535 -41.93 -10.38 -12.05
C GLU B 535 -41.95 -8.94 -11.54
N SER B 536 -41.71 -7.99 -12.43
CA SER B 536 -41.66 -6.59 -12.03
C SER B 536 -43.07 -6.06 -11.77
N TYR B 537 -43.17 -5.16 -10.80
CA TYR B 537 -44.48 -4.70 -10.34
C TYR B 537 -45.10 -3.63 -11.24
N TYR B 538 -44.41 -3.20 -12.30
CA TYR B 538 -45.04 -2.28 -13.24
C TYR B 538 -46.03 -2.99 -14.14
N ARG B 539 -45.83 -4.29 -14.34
CA ARG B 539 -46.68 -5.09 -15.20
C ARG B 539 -47.95 -5.55 -14.50
N LYS B 540 -47.96 -5.59 -13.17
CA LYS B 540 -49.05 -6.17 -12.42
C LYS B 540 -49.90 -5.15 -11.68
N ASP B 541 -49.33 -4.03 -11.28
CA ASP B 541 -50.05 -3.00 -10.56
C ASP B 541 -50.68 -2.01 -11.53
N GLY B 542 -51.89 -1.56 -11.20
CA GLY B 542 -52.62 -0.63 -12.04
C GLY B 542 -52.12 0.79 -12.00
N HIS B 543 -51.23 1.12 -11.06
CA HIS B 543 -50.67 2.46 -10.95
C HIS B 543 -49.59 2.75 -11.99
N TYR B 544 -49.18 1.76 -12.78
CA TYR B 544 -48.09 1.92 -13.73
C TYR B 544 -48.50 1.56 -15.14
N PHE B 545 -49.78 1.71 -15.48
CA PHE B 545 -50.28 1.37 -16.80
C PHE B 545 -50.49 2.61 -17.66
N PRO B 575 -51.37 8.79 -6.18
CA PRO B 575 -49.90 8.72 -6.19
C PRO B 575 -49.38 7.32 -6.47
N LEU B 576 -48.07 7.19 -6.66
CA LEU B 576 -47.48 5.90 -6.91
C LEU B 576 -47.15 5.20 -5.59
N PRO B 577 -47.22 3.85 -5.55
CA PRO B 577 -47.00 3.13 -4.29
C PRO B 577 -45.57 3.26 -3.75
N THR B 578 -44.57 3.03 -4.59
CA THR B 578 -43.16 3.08 -4.19
C THR B 578 -42.41 4.10 -5.05
N PRO B 579 -42.47 5.39 -4.69
CA PRO B 579 -41.74 6.39 -5.48
C PRO B 579 -40.24 6.37 -5.24
N TYR B 580 -39.83 6.18 -3.98
CA TYR B 580 -38.41 6.06 -3.65
C TYR B 580 -37.79 4.86 -4.35
N LEU B 581 -38.51 3.74 -4.39
CA LEU B 581 -37.98 2.51 -4.95
C LEU B 581 -37.81 2.60 -6.47
N ASP B 582 -38.79 3.15 -7.18
CA ASP B 582 -38.64 3.14 -8.63
C ASP B 582 -37.81 4.30 -9.17
N VAL B 583 -37.74 5.44 -8.45
CA VAL B 583 -36.72 6.42 -8.83
C VAL B 583 -35.32 5.89 -8.49
N PHE B 584 -35.21 5.09 -7.42
CA PHE B 584 -33.97 4.37 -7.13
C PHE B 584 -33.59 3.40 -8.23
N LEU B 585 -34.56 2.63 -8.73
CA LEU B 585 -34.29 1.68 -9.81
C LEU B 585 -33.93 2.39 -11.10
N TRP B 586 -34.52 3.56 -11.34
CA TRP B 586 -34.13 4.38 -12.49
C TRP B 586 -32.68 4.83 -12.36
N ALA B 587 -32.27 5.27 -11.18
CA ALA B 587 -30.88 5.71 -10.99
C ALA B 587 -29.91 4.53 -11.04
N VAL B 588 -30.36 3.34 -10.68
CA VAL B 588 -29.52 2.14 -10.80
C VAL B 588 -29.38 1.72 -12.26
N LEU B 589 -30.47 1.80 -13.04
CA LEU B 589 -30.40 1.45 -14.45
C LEU B 589 -29.55 2.44 -15.25
N CYS B 590 -29.45 3.68 -14.79
CA CYS B 590 -28.68 4.70 -15.49
C CYS B 590 -27.22 4.74 -15.08
N ASN B 591 -26.80 3.85 -14.17
CA ASN B 591 -25.43 3.77 -13.62
C ASN B 591 -25.01 5.11 -13.01
N ARG B 592 -25.88 5.68 -12.20
CA ARG B 592 -25.60 6.94 -11.53
C ARG B 592 -25.27 6.62 -10.08
N ARG B 593 -24.00 6.83 -9.71
CA ARG B 593 -23.48 6.40 -8.41
C ARG B 593 -24.16 7.14 -7.26
N GLU B 594 -23.94 8.46 -7.17
CA GLU B 594 -24.36 9.24 -6.01
C GLU B 594 -25.88 9.40 -5.98
N LEU B 595 -26.53 9.41 -7.15
CA LEU B 595 -27.98 9.54 -7.19
C LEU B 595 -28.66 8.28 -6.67
N ALA B 596 -28.19 7.10 -7.10
CA ALA B 596 -28.71 5.86 -6.55
C ALA B 596 -28.35 5.69 -5.09
N ARG B 597 -27.21 6.26 -4.66
CA ARG B 597 -26.88 6.27 -3.24
C ARG B 597 -27.88 7.08 -2.43
N VAL B 598 -28.22 8.29 -2.90
CA VAL B 598 -29.19 9.14 -2.22
C VAL B 598 -30.57 8.47 -2.18
N LEU B 599 -30.99 7.89 -3.29
CA LEU B 599 -32.30 7.24 -3.36
C LEU B 599 -32.34 5.94 -2.58
N TRP B 600 -31.20 5.29 -2.39
CA TRP B 600 -31.13 4.15 -1.50
C TRP B 600 -31.23 4.59 -0.04
N GLU B 601 -30.55 5.68 0.30
CA GLU B 601 -30.57 6.19 1.67
C GLU B 601 -31.94 6.75 2.04
N ALA B 602 -32.71 7.22 1.05
CA ALA B 602 -34.01 7.82 1.33
C ALA B 602 -35.16 6.82 1.31
N GLY B 603 -34.94 5.59 0.82
CA GLY B 603 -36.01 4.66 0.55
C GLY B 603 -36.13 3.53 1.58
N ARG B 604 -37.29 2.88 1.52
CA ARG B 604 -37.59 1.76 2.40
C ARG B 604 -37.10 0.44 1.79
N GLU B 605 -37.08 -0.61 2.63
CA GLU B 605 -36.53 -1.94 2.40
C GLU B 605 -35.15 -1.87 1.75
N PRO B 606 -34.13 -1.44 2.51
CA PRO B 606 -32.86 -1.03 1.88
C PRO B 606 -31.96 -2.17 1.45
N MET B 607 -31.87 -3.27 2.21
CA MET B 607 -30.96 -4.32 1.77
C MET B 607 -31.54 -5.10 0.60
N ALA B 608 -32.86 -5.19 0.52
CA ALA B 608 -33.50 -5.76 -0.66
C ALA B 608 -33.26 -4.88 -1.88
N ALA B 609 -33.32 -3.55 -1.69
CA ALA B 609 -33.03 -2.62 -2.77
C ALA B 609 -31.58 -2.71 -3.22
N ALA B 610 -30.66 -2.87 -2.27
CA ALA B 610 -29.25 -2.97 -2.60
C ALA B 610 -28.91 -4.29 -3.29
N LEU B 611 -29.56 -5.39 -2.89
CA LEU B 611 -29.31 -6.67 -3.56
C LEU B 611 -29.92 -6.70 -4.95
N MET B 612 -31.12 -6.11 -5.11
CA MET B 612 -31.71 -5.97 -6.45
C MET B 612 -30.87 -5.07 -7.33
N ALA B 613 -30.32 -3.99 -6.75
CA ALA B 613 -29.43 -3.10 -7.50
C ALA B 613 -28.15 -3.81 -7.90
N SER B 614 -27.60 -4.65 -7.01
CA SER B 614 -26.38 -5.39 -7.32
C SER B 614 -26.60 -6.40 -8.45
N ARG B 615 -27.70 -7.17 -8.37
CA ARG B 615 -28.09 -8.09 -9.44
C ARG B 615 -28.29 -7.36 -10.76
N LEU B 616 -28.98 -6.22 -10.71
CA LEU B 616 -29.34 -5.48 -11.91
C LEU B 616 -28.10 -4.86 -12.55
N LEU B 617 -27.19 -4.32 -11.74
CA LEU B 617 -25.97 -3.71 -12.25
C LEU B 617 -25.00 -4.74 -12.81
N LYS B 618 -24.80 -5.87 -12.13
CA LYS B 618 -23.87 -6.84 -12.68
C LYS B 618 -24.46 -7.65 -13.82
N ARG B 619 -25.79 -7.74 -13.93
CA ARG B 619 -26.34 -8.35 -15.12
C ARG B 619 -26.34 -7.37 -16.29
N MET B 620 -26.43 -6.06 -16.02
CA MET B 620 -26.09 -5.07 -17.04
C MET B 620 -24.62 -5.14 -17.43
N ALA B 621 -23.75 -5.47 -16.48
CA ALA B 621 -22.32 -5.63 -16.78
C ALA B 621 -22.09 -6.80 -17.71
N SER B 622 -22.74 -7.94 -17.43
CA SER B 622 -22.65 -9.10 -18.31
C SER B 622 -23.28 -8.82 -19.68
N ARG B 623 -24.38 -8.05 -19.69
CA ARG B 623 -25.05 -7.71 -20.94
C ARG B 623 -24.21 -6.78 -21.80
N ALA B 624 -23.53 -5.82 -21.18
CA ALA B 624 -22.64 -4.92 -21.92
C ALA B 624 -21.36 -5.63 -22.32
N GLN B 625 -20.96 -6.67 -21.58
CA GLN B 625 -19.76 -7.42 -21.93
C GLN B 625 -20.01 -8.39 -23.09
N GLU B 626 -21.22 -8.97 -23.17
CA GLU B 626 -21.49 -9.97 -24.20
C GLU B 626 -22.10 -9.40 -25.47
N ASP B 627 -22.48 -8.12 -25.48
CA ASP B 627 -23.11 -7.50 -26.64
C ASP B 627 -22.18 -6.42 -27.19
N ASN B 628 -22.00 -6.41 -28.51
CA ASN B 628 -21.19 -5.40 -29.17
C ASN B 628 -21.96 -4.12 -29.47
N THR B 629 -23.29 -4.20 -29.59
CA THR B 629 -24.10 -3.02 -29.82
C THR B 629 -24.31 -2.19 -28.55
N ILE B 630 -23.87 -2.69 -27.40
CA ILE B 630 -23.92 -1.98 -26.14
C ILE B 630 -22.48 -1.63 -25.74
N THR B 631 -22.26 -0.38 -25.35
CA THR B 631 -20.94 0.09 -24.96
C THR B 631 -20.46 -0.62 -23.71
N ASP B 632 -19.25 -1.20 -23.78
CA ASP B 632 -18.68 -1.94 -22.67
C ASP B 632 -18.23 -1.00 -21.56
N ILE B 633 -19.14 -0.73 -20.62
CA ILE B 633 -18.87 0.04 -19.42
C ILE B 633 -18.91 -0.91 -18.25
N SER B 634 -18.52 -2.16 -18.51
CA SER B 634 -18.79 -3.28 -17.62
C SER B 634 -18.07 -3.17 -16.28
N SER B 635 -16.84 -2.67 -16.26
CA SER B 635 -16.10 -2.55 -15.01
C SER B 635 -16.72 -1.51 -14.08
N ASP B 636 -17.24 -0.42 -14.66
CA ASP B 636 -18.00 0.56 -13.89
C ASP B 636 -19.25 -0.06 -13.29
N LEU B 637 -19.92 -0.94 -14.05
CA LEU B 637 -21.13 -1.59 -13.57
C LEU B 637 -20.83 -2.63 -12.49
N TYR B 638 -19.71 -3.35 -12.62
CA TYR B 638 -19.32 -4.29 -11.56
C TYR B 638 -18.89 -3.56 -10.29
N ASP B 639 -18.23 -2.40 -10.43
CA ASP B 639 -17.87 -1.60 -9.26
C ASP B 639 -19.11 -1.07 -8.56
N HIS B 640 -20.10 -0.63 -9.33
CA HIS B 640 -21.35 -0.13 -8.75
C HIS B 640 -22.14 -1.25 -8.09
N ALA B 641 -22.10 -2.46 -8.69
CA ALA B 641 -22.77 -3.61 -8.10
C ALA B 641 -22.07 -4.07 -6.82
N ARG B 642 -20.73 -4.01 -6.78
CA ARG B 642 -19.99 -4.30 -5.56
C ARG B 642 -20.25 -3.25 -4.49
N LEU B 643 -20.48 -2.01 -4.90
CA LEU B 643 -20.85 -0.95 -3.97
C LEU B 643 -22.20 -1.25 -3.32
N PHE B 644 -23.18 -1.71 -4.10
CA PHE B 644 -24.45 -2.10 -3.47
C PHE B 644 -24.33 -3.42 -2.70
N GLU B 645 -23.40 -4.31 -3.09
CA GLU B 645 -23.10 -5.49 -2.30
C GLU B 645 -22.65 -5.11 -0.89
N GLU B 646 -21.66 -4.22 -0.78
CA GLU B 646 -21.15 -3.86 0.54
C GLU B 646 -22.16 -3.01 1.31
N ARG B 647 -23.02 -2.25 0.63
CA ARG B 647 -24.10 -1.56 1.32
C ARG B 647 -25.11 -2.54 1.93
N ALA B 648 -25.48 -3.58 1.17
CA ALA B 648 -26.37 -4.62 1.70
C ALA B 648 -25.73 -5.39 2.85
N VAL B 649 -24.43 -5.69 2.74
CA VAL B 649 -23.72 -6.40 3.80
C VAL B 649 -23.63 -5.55 5.06
N GLY B 650 -23.43 -4.24 4.91
CA GLY B 650 -23.38 -3.38 6.07
C GLY B 650 -24.73 -3.19 6.75
N VAL B 651 -25.81 -3.12 5.95
CA VAL B 651 -27.15 -3.05 6.54
C VAL B 651 -27.48 -4.35 7.27
N LEU B 652 -27.09 -5.50 6.69
CA LEU B 652 -27.28 -6.77 7.38
C LEU B 652 -26.42 -6.86 8.64
N ASP B 653 -25.23 -6.27 8.63
CA ASP B 653 -24.35 -6.31 9.79
C ASP B 653 -24.90 -5.44 10.92
N GLU B 654 -25.44 -4.27 10.59
CA GLU B 654 -26.05 -3.43 11.63
C GLU B 654 -27.36 -4.05 12.12
N CYS B 655 -28.08 -4.78 11.25
CA CYS B 655 -29.22 -5.57 11.72
C CYS B 655 -28.77 -6.72 12.61
N PHE B 656 -27.58 -7.27 12.37
CA PHE B 656 -27.12 -8.42 13.13
C PHE B 656 -26.54 -8.03 14.48
N ASN B 657 -26.04 -6.80 14.61
CA ASN B 657 -25.42 -6.35 15.85
C ASN B 657 -26.43 -6.09 16.97
N GLU B 658 -27.72 -6.03 16.69
CA GLU B 658 -28.75 -6.05 17.73
C GLU B 658 -29.86 -7.01 17.34
N ASN B 659 -30.19 -7.93 18.25
CA ASN B 659 -31.31 -8.85 18.16
C ASN B 659 -31.28 -9.71 16.90
N GLU B 660 -30.32 -10.66 16.87
CA GLU B 660 -30.06 -11.52 15.71
C GLU B 660 -31.29 -12.28 15.20
N THR B 661 -32.26 -12.57 16.08
CA THR B 661 -33.48 -13.26 15.68
C THR B 661 -34.29 -12.43 14.71
N LEU B 662 -34.27 -11.10 14.89
CA LEU B 662 -34.88 -10.19 13.92
C LEU B 662 -34.15 -10.22 12.58
N SER B 663 -32.83 -10.44 12.59
CA SER B 663 -32.10 -10.58 11.34
C SER B 663 -32.50 -11.85 10.60
N GLN B 664 -32.63 -12.96 11.34
CA GLN B 664 -33.05 -14.22 10.72
C GLN B 664 -34.47 -14.14 10.18
N THR B 665 -35.40 -13.50 10.91
CA THR B 665 -36.74 -13.37 10.36
C THR B 665 -36.86 -12.24 9.33
N LEU B 666 -35.87 -11.35 9.24
CA LEU B 666 -35.86 -10.34 8.20
C LEU B 666 -35.32 -10.88 6.88
N LEU B 667 -34.42 -11.86 6.95
CA LEU B 667 -33.87 -12.46 5.74
C LEU B 667 -34.84 -13.36 4.99
N VAL B 668 -35.97 -13.73 5.59
CA VAL B 668 -36.91 -14.67 4.97
C VAL B 668 -38.28 -14.05 4.75
N ARG B 669 -38.38 -12.72 4.71
CA ARG B 669 -39.66 -12.07 4.51
C ARG B 669 -40.14 -12.20 3.07
N GLU B 670 -41.46 -12.33 2.90
CA GLU B 670 -42.08 -12.01 1.63
C GLU B 670 -41.83 -10.54 1.30
N LEU B 671 -41.34 -10.28 0.10
CA LEU B 671 -41.09 -8.91 -0.35
C LEU B 671 -41.96 -8.67 -1.58
N ASP B 672 -43.15 -8.10 -1.37
CA ASP B 672 -44.15 -7.98 -2.43
C ASP B 672 -43.71 -7.00 -3.50
N HIS B 673 -42.85 -6.05 -3.16
CA HIS B 673 -42.30 -5.09 -4.10
C HIS B 673 -41.07 -5.63 -4.81
N TYR B 674 -40.73 -6.90 -4.59
CA TYR B 674 -39.58 -7.55 -5.21
C TYR B 674 -39.95 -8.93 -5.76
N SER B 675 -41.20 -9.07 -6.22
CA SER B 675 -41.78 -10.32 -6.75
C SER B 675 -41.74 -11.46 -5.72
N ARG B 676 -42.03 -11.12 -4.45
CA ARG B 676 -42.35 -12.07 -3.38
C ARG B 676 -41.18 -12.99 -3.04
N MET B 677 -39.94 -12.52 -3.25
CA MET B 677 -38.75 -13.31 -2.96
C MET B 677 -37.97 -12.66 -1.83
N THR B 678 -37.21 -13.47 -1.10
CA THR B 678 -36.58 -13.04 0.13
C THR B 678 -35.26 -12.33 -0.15
N ALA B 679 -34.65 -11.83 0.94
CA ALA B 679 -33.31 -11.25 0.84
C ALA B 679 -32.27 -12.31 0.53
N LEU B 680 -32.48 -13.54 1.02
CA LEU B 680 -31.63 -14.67 0.64
C LEU B 680 -31.71 -14.95 -0.85
N GLU B 681 -32.93 -14.95 -1.40
CA GLU B 681 -33.10 -15.26 -2.81
C GLU B 681 -32.67 -14.10 -3.70
N LEU B 682 -32.86 -12.86 -3.23
CA LEU B 682 -32.31 -11.71 -3.94
C LEU B 682 -30.78 -11.69 -3.91
N ALA B 683 -30.18 -12.24 -2.85
CA ALA B 683 -28.72 -12.26 -2.77
C ALA B 683 -28.13 -13.39 -3.60
N VAL B 684 -28.79 -14.54 -3.67
CA VAL B 684 -28.25 -15.64 -4.45
C VAL B 684 -28.64 -15.54 -5.91
N SER B 685 -29.65 -14.73 -6.25
CA SER B 685 -29.79 -14.31 -7.63
C SER B 685 -28.65 -13.38 -8.02
N ALA B 686 -28.31 -12.46 -7.12
CA ALA B 686 -27.25 -11.49 -7.34
C ALA B 686 -25.84 -12.10 -7.24
N GLU B 687 -25.73 -13.35 -6.78
CA GLU B 687 -24.46 -14.01 -6.44
C GLU B 687 -23.63 -13.15 -5.48
N SER B 688 -24.30 -12.53 -4.51
CA SER B 688 -23.64 -11.67 -3.53
C SER B 688 -23.04 -12.59 -2.48
N GLN B 689 -21.78 -13.00 -2.71
CA GLN B 689 -21.13 -13.94 -1.81
C GLN B 689 -20.80 -13.30 -0.47
N ASP B 690 -20.61 -11.99 -0.43
CA ASP B 690 -20.37 -11.31 0.83
C ASP B 690 -21.62 -11.26 1.70
N PHE B 691 -22.80 -11.31 1.09
CA PHE B 691 -24.04 -11.26 1.86
C PHE B 691 -24.36 -12.63 2.46
N ILE B 692 -24.14 -13.69 1.69
CA ILE B 692 -24.42 -15.03 2.17
C ILE B 692 -23.36 -15.48 3.18
N ALA B 693 -22.11 -15.04 3.01
CA ALA B 693 -21.06 -15.39 3.96
C ALA B 693 -21.12 -14.58 5.25
N HIS B 694 -22.02 -13.62 5.34
CA HIS B 694 -22.26 -12.93 6.61
C HIS B 694 -22.84 -13.91 7.61
N THR B 695 -22.58 -13.63 8.90
CA THR B 695 -22.88 -14.58 9.98
C THR B 695 -24.38 -14.80 10.13
N SER B 696 -25.19 -13.78 9.83
CA SER B 696 -26.65 -13.90 9.93
C SER B 696 -27.21 -14.94 8.96
N CYS B 697 -26.80 -14.83 7.69
CA CYS B 697 -27.25 -15.79 6.68
C CYS B 697 -26.71 -17.19 6.96
N GLN B 698 -25.52 -17.30 7.55
CA GLN B 698 -24.97 -18.63 7.80
C GLN B 698 -25.62 -19.31 9.00
N VAL B 699 -25.92 -18.55 10.06
CA VAL B 699 -26.64 -19.19 11.16
C VAL B 699 -28.09 -19.44 10.76
N LEU B 700 -28.65 -18.65 9.84
CA LEU B 700 -29.98 -18.95 9.32
C LEU B 700 -29.98 -20.22 8.46
N LEU B 701 -28.95 -20.40 7.65
CA LEU B 701 -28.82 -21.64 6.88
C LEU B 701 -28.49 -22.83 7.78
N THR B 702 -27.90 -22.58 8.95
CA THR B 702 -27.70 -23.67 9.90
C THR B 702 -29.03 -24.04 10.60
N ARG B 703 -29.86 -23.03 10.90
CA ARG B 703 -31.20 -23.30 11.45
C ARG B 703 -32.07 -24.04 10.43
N LEU B 704 -32.03 -23.61 9.17
CA LEU B 704 -32.75 -24.31 8.11
C LEU B 704 -32.16 -25.68 7.85
N TRP B 705 -30.84 -25.81 8.00
CA TRP B 705 -30.15 -27.07 7.76
C TRP B 705 -30.36 -28.05 8.90
N MET B 706 -30.28 -27.57 10.13
CA MET B 706 -30.59 -28.38 11.31
C MET B 706 -32.03 -28.12 11.75
N GLY B 707 -32.96 -28.48 10.86
CA GLY B 707 -34.35 -28.07 10.98
C GLY B 707 -35.11 -28.64 12.15
N THR B 708 -35.37 -27.80 13.16
CA THR B 708 -35.98 -28.15 14.44
C THR B 708 -35.21 -29.31 15.08
N MET B 709 -33.96 -29.00 15.42
CA MET B 709 -32.95 -29.92 15.93
C MET B 709 -31.77 -29.08 16.36
N ALA B 710 -31.02 -29.56 17.35
CA ALA B 710 -29.88 -28.82 17.87
C ALA B 710 -28.79 -28.68 16.82
N MET B 711 -28.18 -27.49 16.79
CA MET B 711 -27.29 -27.08 15.70
C MET B 711 -25.95 -27.81 15.70
N ASN B 712 -25.58 -28.47 16.79
CA ASN B 712 -24.30 -29.15 16.90
C ASN B 712 -24.42 -30.66 17.06
N THR B 713 -25.55 -31.24 16.67
CA THR B 713 -25.65 -32.70 16.64
C THR B 713 -24.86 -33.25 15.46
N ARG B 714 -23.96 -34.19 15.75
CA ARG B 714 -23.01 -34.67 14.77
C ARG B 714 -23.68 -35.60 13.75
N TRP B 715 -22.93 -35.94 12.71
CA TRP B 715 -23.47 -36.75 11.62
C TRP B 715 -23.68 -38.20 12.04
N TRP B 716 -22.86 -38.71 12.97
CA TRP B 716 -22.99 -40.11 13.37
C TRP B 716 -24.18 -40.33 14.28
N LYS B 717 -24.57 -39.33 15.08
CA LYS B 717 -25.79 -39.43 15.88
C LYS B 717 -27.02 -39.45 14.98
N VAL B 718 -27.04 -38.58 13.98
CA VAL B 718 -28.11 -38.59 12.97
C VAL B 718 -28.12 -39.91 12.20
N LEU B 719 -26.93 -40.48 11.96
CA LEU B 719 -26.83 -41.75 11.26
C LEU B 719 -27.40 -42.91 12.08
N VAL B 720 -27.03 -42.99 13.37
CA VAL B 720 -27.52 -44.10 14.19
C VAL B 720 -28.98 -43.91 14.59
N CYS B 721 -29.51 -42.68 14.51
CA CYS B 721 -30.92 -42.45 14.75
C CYS B 721 -31.76 -42.47 13.48
N LEU B 722 -31.11 -42.50 12.31
CA LEU B 722 -31.80 -42.46 11.03
C LEU B 722 -32.36 -43.83 10.64
N TYR B 723 -31.68 -44.90 11.03
CA TYR B 723 -32.16 -46.26 10.78
C TYR B 723 -32.68 -46.93 12.04
N LEU B 724 -32.49 -46.31 13.21
CA LEU B 724 -33.08 -46.77 14.47
C LEU B 724 -33.92 -45.61 15.02
N PRO B 725 -35.21 -45.53 14.66
CA PRO B 725 -36.03 -44.41 15.14
C PRO B 725 -36.29 -44.42 16.63
N VAL B 726 -36.32 -45.60 17.25
CA VAL B 726 -36.52 -45.70 18.70
C VAL B 726 -35.34 -45.10 19.47
N LEU B 727 -34.18 -44.98 18.84
CA LEU B 727 -33.00 -44.36 19.45
C LEU B 727 -32.94 -42.85 19.19
N ILE B 728 -33.93 -42.29 18.48
CA ILE B 728 -34.03 -40.84 18.32
C ILE B 728 -34.27 -40.16 19.67
N PHE B 729 -35.10 -40.80 20.51
CA PHE B 729 -35.51 -40.20 21.77
C PHE B 729 -34.39 -39.97 22.79
N PRO B 730 -33.38 -40.88 23.02
CA PRO B 730 -32.31 -40.51 23.95
C PRO B 730 -31.40 -39.36 23.54
N ILE B 731 -30.77 -39.43 22.37
CA ILE B 731 -29.58 -38.63 22.12
C ILE B 731 -29.79 -37.44 21.19
N ILE B 732 -30.87 -37.40 20.41
CA ILE B 732 -31.11 -36.26 19.52
C ILE B 732 -31.75 -35.15 20.33
N TYR B 733 -31.01 -34.06 20.51
CA TYR B 733 -31.49 -32.90 21.23
C TYR B 733 -32.25 -32.00 20.26
N PHE B 734 -33.43 -31.56 20.67
CA PHE B 734 -34.27 -30.69 19.87
C PHE B 734 -34.30 -29.30 20.48
N VAL B 735 -34.37 -28.30 19.61
CA VAL B 735 -34.44 -26.90 20.06
C VAL B 735 -35.74 -26.55 20.80
N PRO B 736 -36.88 -27.26 20.62
CA PRO B 736 -37.84 -26.98 21.71
C PRO B 736 -37.46 -27.68 23.01
N PHE B 826 -42.84 -39.50 21.52
CA PHE B 826 -43.98 -39.29 20.64
C PHE B 826 -43.46 -39.08 19.20
N CYS B 827 -44.34 -39.25 18.21
CA CYS B 827 -43.95 -39.14 16.81
C CYS B 827 -43.65 -37.72 16.36
N ASP B 828 -43.89 -36.72 17.21
CA ASP B 828 -43.50 -35.35 16.90
C ASP B 828 -41.99 -35.24 16.78
N ARG B 829 -41.25 -35.87 17.70
CA ARG B 829 -39.79 -35.89 17.63
C ARG B 829 -39.30 -36.69 16.44
N ILE B 830 -40.03 -37.75 16.04
CA ILE B 830 -39.66 -38.55 14.88
C ILE B 830 -39.78 -37.73 13.61
N MET B 831 -40.94 -37.09 13.42
CA MET B 831 -41.19 -36.31 12.22
C MET B 831 -40.35 -35.04 12.18
N HIS B 832 -39.96 -34.49 13.34
CA HIS B 832 -39.05 -33.36 13.34
C HIS B 832 -37.60 -33.78 13.16
N PHE B 833 -37.25 -35.03 13.49
CA PHE B 833 -35.94 -35.54 13.12
C PHE B 833 -35.83 -35.71 11.61
N TYR B 834 -36.82 -36.38 11.01
CA TYR B 834 -36.73 -36.61 9.57
C TYR B 834 -37.06 -35.37 8.74
N SER B 835 -37.55 -34.29 9.36
CA SER B 835 -37.76 -33.04 8.64
C SER B 835 -36.48 -32.25 8.43
N ALA B 836 -35.42 -32.61 9.13
CA ALA B 836 -34.17 -31.88 9.01
C ALA B 836 -33.54 -32.16 7.66
N PRO B 837 -33.14 -31.12 6.91
CA PRO B 837 -32.35 -31.34 5.68
C PRO B 837 -31.00 -31.97 5.93
N PHE B 838 -30.44 -31.85 7.13
CA PHE B 838 -29.21 -32.60 7.44
C PHE B 838 -29.50 -34.08 7.61
N SER B 839 -30.67 -34.44 8.16
CA SER B 839 -31.03 -35.85 8.25
C SER B 839 -31.34 -36.43 6.88
N LYS B 840 -32.03 -35.66 6.03
CA LYS B 840 -32.25 -36.03 4.64
C LYS B 840 -30.92 -36.11 3.89
N PHE B 841 -29.95 -35.27 4.25
CA PHE B 841 -28.63 -35.30 3.64
C PHE B 841 -27.88 -36.58 3.99
N VAL B 842 -27.85 -36.93 5.28
CA VAL B 842 -27.19 -38.16 5.71
C VAL B 842 -27.89 -39.40 5.14
N GLY B 843 -29.22 -39.33 4.99
CA GLY B 843 -29.94 -40.40 4.34
C GLY B 843 -29.60 -40.54 2.87
N ASN B 844 -29.47 -39.41 2.17
CA ASN B 844 -29.06 -39.43 0.77
C ASN B 844 -27.64 -39.96 0.63
N VAL B 845 -26.75 -39.61 1.57
CA VAL B 845 -25.36 -40.08 1.54
C VAL B 845 -25.31 -41.59 1.73
N VAL B 846 -26.01 -42.12 2.72
CA VAL B 846 -25.88 -43.54 3.05
C VAL B 846 -26.61 -44.42 2.03
N GLY B 847 -27.87 -44.07 1.69
CA GLY B 847 -28.56 -44.79 0.64
C GLY B 847 -27.94 -44.61 -0.73
N TYR B 848 -27.22 -43.51 -0.94
CA TYR B 848 -26.54 -43.32 -2.20
C TYR B 848 -25.25 -44.14 -2.28
N LEU B 849 -24.52 -44.24 -1.17
CA LEU B 849 -23.38 -45.15 -1.13
C LEU B 849 -23.83 -46.60 -1.34
N ALA B 850 -25.00 -46.96 -0.79
CA ALA B 850 -25.60 -48.26 -1.08
C ALA B 850 -25.93 -48.39 -2.58
N PHE B 851 -26.42 -47.31 -3.19
CA PHE B 851 -26.72 -47.31 -4.63
C PHE B 851 -25.47 -47.45 -5.47
N ILE B 852 -24.39 -46.76 -5.11
CA ILE B 852 -23.15 -46.84 -5.88
C ILE B 852 -22.51 -48.21 -5.73
N PHE B 853 -22.59 -48.78 -4.52
CA PHE B 853 -22.08 -50.14 -4.32
C PHE B 853 -22.91 -51.16 -5.08
N LEU B 854 -24.23 -50.92 -5.18
CA LEU B 854 -25.11 -51.82 -5.92
C LEU B 854 -24.87 -51.70 -7.43
N TYR B 855 -24.72 -50.47 -7.92
CA TYR B 855 -24.46 -50.22 -9.34
C TYR B 855 -23.11 -50.79 -9.74
N ALA B 856 -22.14 -50.70 -8.83
CA ALA B 856 -20.83 -51.27 -9.08
C ALA B 856 -20.87 -52.79 -9.04
N TYR B 857 -21.67 -53.39 -8.16
CA TYR B 857 -21.83 -54.85 -8.16
C TYR B 857 -22.48 -55.31 -9.46
N VAL B 858 -23.42 -54.53 -9.98
CA VAL B 858 -24.07 -54.87 -11.25
C VAL B 858 -23.09 -54.77 -12.41
N VAL B 859 -22.37 -53.65 -12.54
CA VAL B 859 -21.52 -53.51 -13.72
C VAL B 859 -20.20 -54.26 -13.61
N LEU B 860 -19.74 -54.60 -12.40
CA LEU B 860 -18.48 -55.30 -12.24
C LEU B 860 -18.64 -56.79 -11.98
N PHE B 861 -19.82 -57.24 -11.54
CA PHE B 861 -19.96 -58.61 -11.11
C PHE B 861 -21.10 -59.36 -11.79
N ASN B 862 -22.25 -58.70 -11.99
CA ASN B 862 -23.41 -59.45 -12.50
C ASN B 862 -24.29 -58.51 -13.33
N PHE B 863 -24.09 -58.54 -14.65
CA PHE B 863 -24.98 -57.88 -15.61
C PHE B 863 -25.09 -58.80 -16.82
N PRO B 864 -25.90 -59.85 -16.73
CA PRO B 864 -25.84 -60.92 -17.74
C PRO B 864 -26.59 -60.55 -19.02
N ARG B 865 -26.33 -61.33 -20.06
CA ARG B 865 -27.04 -61.15 -21.31
C ARG B 865 -28.47 -61.66 -21.18
N PHE B 866 -29.42 -60.88 -21.68
CA PHE B 866 -30.82 -61.23 -21.55
C PHE B 866 -31.18 -62.43 -22.42
N ASP B 867 -31.95 -63.35 -21.85
CA ASP B 867 -32.48 -64.49 -22.58
C ASP B 867 -33.83 -64.88 -22.00
N PRO B 868 -34.82 -65.18 -22.84
CA PRO B 868 -36.14 -65.59 -22.34
C PRO B 868 -36.20 -67.03 -21.82
N ALA B 869 -35.09 -67.77 -21.80
CA ALA B 869 -35.14 -69.17 -21.39
C ALA B 869 -35.29 -69.32 -19.88
N LYS B 870 -34.31 -68.82 -19.13
CA LYS B 870 -34.32 -68.99 -17.69
C LYS B 870 -35.19 -67.93 -17.01
N THR B 871 -35.35 -68.08 -15.70
CA THR B 871 -36.32 -67.28 -14.96
C THR B 871 -35.87 -65.83 -14.81
N LEU B 872 -36.86 -64.92 -14.82
CA LEU B 872 -36.71 -63.46 -14.72
C LEU B 872 -35.82 -62.90 -15.84
N GLY B 873 -35.71 -63.61 -16.96
CA GLY B 873 -34.82 -63.22 -18.03
C GLY B 873 -33.35 -63.42 -17.74
N GLY B 874 -33.02 -64.12 -16.66
CA GLY B 874 -31.65 -64.20 -16.19
C GLY B 874 -31.21 -63.04 -15.33
N ILE B 875 -32.09 -62.06 -15.10
CA ILE B 875 -31.71 -60.84 -14.37
C ILE B 875 -31.56 -61.16 -12.90
N HIS B 876 -30.41 -60.80 -12.33
CA HIS B 876 -30.19 -60.94 -10.91
C HIS B 876 -31.02 -59.89 -10.16
N PRO B 877 -31.56 -60.22 -8.98
CA PRO B 877 -32.41 -59.25 -8.27
C PRO B 877 -31.69 -58.01 -7.75
N THR B 878 -30.35 -58.02 -7.68
CA THR B 878 -29.63 -56.76 -7.44
C THR B 878 -29.86 -55.76 -8.56
N GLU B 879 -29.96 -56.24 -9.80
CA GLU B 879 -30.30 -55.37 -10.92
C GLU B 879 -31.75 -54.89 -10.84
N ILE B 880 -32.64 -55.69 -10.25
CA ILE B 880 -34.02 -55.25 -10.05
C ILE B 880 -34.10 -54.16 -8.99
N VAL B 881 -33.34 -54.31 -7.90
CA VAL B 881 -33.26 -53.26 -6.88
C VAL B 881 -32.56 -52.02 -7.44
N LEU B 882 -31.63 -52.21 -8.38
CA LEU B 882 -31.02 -51.10 -9.11
C LEU B 882 -32.05 -50.35 -9.93
N TYR B 883 -32.93 -51.08 -10.64
CA TYR B 883 -34.01 -50.48 -11.39
C TYR B 883 -34.95 -49.71 -10.47
N PHE B 884 -35.21 -50.27 -9.29
CA PHE B 884 -36.07 -49.63 -8.31
C PHE B 884 -35.49 -48.31 -7.81
N TRP B 885 -34.19 -48.29 -7.53
CA TRP B 885 -33.61 -47.06 -6.99
C TRP B 885 -33.38 -46.01 -8.07
N VAL B 886 -33.13 -46.41 -9.32
CA VAL B 886 -33.02 -45.36 -10.34
C VAL B 886 -34.40 -44.85 -10.72
N PHE B 887 -35.44 -45.69 -10.66
CA PHE B 887 -36.82 -45.19 -10.78
C PHE B 887 -37.16 -44.25 -9.63
N THR B 888 -36.62 -44.53 -8.44
CA THR B 888 -36.78 -43.63 -7.30
C THR B 888 -36.12 -42.27 -7.57
N ILE B 889 -34.91 -42.28 -8.15
CA ILE B 889 -34.23 -41.03 -8.51
C ILE B 889 -35.00 -40.30 -9.61
N LEU B 890 -35.63 -41.05 -10.52
CA LEU B 890 -36.41 -40.43 -11.59
C LEU B 890 -37.67 -39.75 -11.06
N ILE B 891 -38.40 -40.43 -10.15
CA ILE B 891 -39.56 -39.82 -9.51
C ILE B 891 -39.13 -38.67 -8.59
N GLU B 892 -37.93 -38.74 -8.03
CA GLU B 892 -37.35 -37.63 -7.27
C GLU B 892 -37.13 -36.40 -8.15
N GLU B 893 -36.58 -36.59 -9.35
CA GLU B 893 -36.36 -35.45 -10.23
C GLU B 893 -37.66 -34.92 -10.84
N ILE B 894 -38.65 -35.81 -11.05
CA ILE B 894 -39.98 -35.35 -11.48
C ILE B 894 -40.65 -34.55 -10.36
N ARG B 895 -40.44 -34.96 -9.11
CA ARG B 895 -40.94 -34.20 -7.96
C ARG B 895 -40.26 -32.84 -7.86
N GLN B 896 -38.95 -32.80 -8.11
CA GLN B 896 -38.22 -31.53 -8.06
C GLN B 896 -38.62 -30.61 -9.20
N LEU B 897 -38.97 -31.18 -10.36
CA LEU B 897 -39.51 -30.37 -11.45
C LEU B 897 -40.90 -29.84 -11.11
N ALA B 898 -41.74 -30.66 -10.49
CA ALA B 898 -43.12 -30.26 -10.20
C ALA B 898 -43.22 -29.31 -9.02
N ALA B 899 -42.25 -29.31 -8.11
CA ALA B 899 -42.28 -28.45 -6.95
C ALA B 899 -41.55 -27.13 -7.15
N LYS B 900 -41.33 -26.73 -8.40
CA LYS B 900 -40.72 -25.43 -8.66
C LYS B 900 -41.74 -24.31 -8.43
N PRO B 901 -41.29 -23.15 -7.96
CA PRO B 901 -42.22 -22.05 -7.60
C PRO B 901 -43.06 -21.49 -8.74
N PRO B 902 -42.62 -21.42 -10.01
CA PRO B 902 -43.56 -20.99 -11.06
C PRO B 902 -44.67 -22.00 -11.32
N LYS B 903 -45.67 -21.54 -12.07
CA LYS B 903 -46.88 -22.30 -12.36
C LYS B 903 -46.86 -22.96 -13.73
N TYR B 904 -46.37 -22.27 -14.76
CA TYR B 904 -46.29 -22.86 -16.08
C TYR B 904 -45.19 -23.92 -16.12
N ILE B 905 -45.42 -24.96 -16.92
CA ILE B 905 -44.50 -26.10 -16.98
C ILE B 905 -43.19 -25.69 -17.65
N LYS B 906 -43.26 -24.82 -18.67
CA LYS B 906 -42.05 -24.32 -19.32
C LYS B 906 -41.22 -23.47 -18.36
N ASP B 907 -41.88 -22.68 -17.52
CA ASP B 907 -41.16 -21.91 -16.52
C ASP B 907 -40.59 -22.80 -15.42
N LYS B 908 -41.29 -23.90 -15.08
CA LYS B 908 -40.74 -24.89 -14.17
C LYS B 908 -39.50 -25.55 -14.74
N VAL B 909 -39.48 -25.82 -16.05
CA VAL B 909 -38.31 -26.38 -16.71
C VAL B 909 -37.17 -25.37 -16.72
N SER B 910 -37.47 -24.09 -16.93
CA SER B 910 -36.43 -23.06 -16.95
C SER B 910 -35.83 -22.84 -15.56
N VAL B 911 -36.64 -22.96 -14.51
CA VAL B 911 -36.09 -22.89 -13.15
C VAL B 911 -35.35 -24.18 -12.80
N TYR B 912 -35.82 -25.32 -13.30
CA TYR B 912 -35.22 -26.62 -13.01
C TYR B 912 -33.83 -26.74 -13.62
N PHE B 913 -33.65 -26.29 -14.85
CA PHE B 913 -32.34 -26.34 -15.50
C PHE B 913 -31.52 -25.08 -15.25
N SER B 914 -31.73 -24.41 -14.13
CA SER B 914 -30.89 -23.27 -13.76
C SER B 914 -29.62 -23.69 -13.03
N ASP B 915 -29.57 -24.92 -12.50
CA ASP B 915 -28.36 -25.47 -11.92
C ASP B 915 -27.86 -26.64 -12.76
N THR B 916 -26.53 -26.84 -12.75
CA THR B 916 -25.90 -27.87 -13.56
C THR B 916 -26.15 -29.27 -12.99
N TRP B 917 -26.51 -29.35 -11.71
CA TRP B 917 -26.78 -30.65 -11.09
C TRP B 917 -28.02 -31.30 -11.66
N ASN B 918 -29.00 -30.51 -12.10
CA ASN B 918 -30.15 -31.08 -12.78
C ASN B 918 -29.80 -31.53 -14.20
N PHE B 919 -28.82 -30.87 -14.85
CA PHE B 919 -28.32 -31.38 -16.12
C PHE B 919 -27.64 -32.74 -15.94
N VAL B 920 -26.85 -32.88 -14.86
CA VAL B 920 -26.20 -34.17 -14.57
C VAL B 920 -27.23 -35.23 -14.23
N ASP B 921 -28.29 -34.85 -13.49
CA ASP B 921 -29.38 -35.76 -13.15
C ASP B 921 -30.12 -36.25 -14.39
N ILE B 922 -30.56 -35.32 -15.24
CA ILE B 922 -31.35 -35.69 -16.42
C ILE B 922 -30.48 -36.49 -17.41
N PHE B 923 -29.19 -36.14 -17.53
CA PHE B 923 -28.31 -36.91 -18.40
C PHE B 923 -28.09 -38.32 -17.88
N SER B 924 -27.84 -38.48 -16.56
CA SER B 924 -27.59 -39.79 -16.01
C SER B 924 -28.84 -40.67 -16.04
N LEU B 925 -30.01 -40.08 -15.77
CA LEU B 925 -31.25 -40.84 -15.82
C LEU B 925 -31.61 -41.24 -17.25
N THR B 926 -31.43 -40.34 -18.22
CA THR B 926 -31.74 -40.66 -19.61
C THR B 926 -30.78 -41.71 -20.16
N VAL B 927 -29.49 -41.62 -19.81
CA VAL B 927 -28.51 -42.60 -20.25
C VAL B 927 -28.77 -43.96 -19.59
N PHE B 928 -29.25 -43.97 -18.35
CA PHE B 928 -29.67 -45.22 -17.70
C PHE B 928 -30.87 -45.83 -18.40
N ILE B 929 -31.88 -45.01 -18.73
CA ILE B 929 -33.09 -45.52 -19.35
C ILE B 929 -32.81 -46.03 -20.76
N ILE B 930 -31.89 -45.39 -21.48
CA ILE B 930 -31.45 -45.90 -22.77
C ILE B 930 -30.73 -47.25 -22.62
N ALA B 931 -29.86 -47.37 -21.61
CA ALA B 931 -29.16 -48.62 -21.36
C ALA B 931 -30.12 -49.76 -20.99
N ILE B 932 -31.16 -49.45 -20.22
CA ILE B 932 -32.08 -50.51 -19.80
C ILE B 932 -33.15 -50.78 -20.86
N ILE B 933 -33.37 -49.86 -21.80
CA ILE B 933 -34.10 -50.23 -23.02
C ILE B 933 -33.29 -51.19 -23.86
N LEU B 934 -31.99 -50.88 -24.07
CA LEU B 934 -31.11 -51.75 -24.84
C LEU B 934 -30.76 -53.06 -24.13
N ARG B 935 -31.10 -53.18 -22.83
CA ARG B 935 -30.94 -54.41 -22.06
C ARG B 935 -31.59 -55.64 -22.70
N PHE B 936 -32.81 -55.49 -23.21
CA PHE B 936 -33.71 -56.61 -23.43
C PHE B 936 -33.77 -57.11 -24.87
N PHE B 937 -32.77 -56.80 -25.70
CA PHE B 937 -32.90 -57.09 -27.12
C PHE B 937 -32.19 -58.36 -27.58
N THR B 938 -31.34 -58.96 -26.74
CA THR B 938 -30.67 -60.27 -26.91
C THR B 938 -29.62 -60.25 -28.04
N ASN B 939 -29.51 -59.14 -28.76
CA ASN B 939 -28.45 -58.98 -29.75
C ASN B 939 -27.12 -58.74 -29.04
N SER B 940 -26.04 -59.20 -29.66
CA SER B 940 -24.72 -59.06 -29.04
C SER B 940 -24.25 -57.61 -29.07
N ARG B 941 -24.47 -56.92 -30.19
CA ARG B 941 -24.04 -55.53 -30.32
C ARG B 941 -24.91 -54.61 -29.46
N ILE B 942 -26.21 -54.88 -29.40
CA ILE B 942 -27.13 -54.03 -28.65
C ILE B 942 -26.90 -54.19 -27.14
N PHE B 943 -26.69 -55.43 -26.68
CA PHE B 943 -26.37 -55.65 -25.27
C PHE B 943 -24.97 -55.13 -24.93
N THR B 944 -24.04 -55.19 -25.89
CA THR B 944 -22.72 -54.60 -25.67
C THR B 944 -22.82 -53.09 -25.51
N ALA B 945 -23.64 -52.43 -26.34
CA ALA B 945 -23.90 -51.01 -26.19
C ALA B 945 -24.57 -50.71 -24.86
N SER B 946 -25.47 -51.59 -24.42
CA SER B 946 -26.17 -51.40 -23.14
C SER B 946 -25.20 -51.45 -21.96
N ARG B 947 -24.34 -52.48 -21.91
CA ARG B 947 -23.40 -52.59 -20.79
C ARG B 947 -22.32 -51.52 -20.84
N ILE B 948 -21.91 -51.10 -22.05
CA ILE B 948 -20.95 -50.00 -22.17
C ILE B 948 -21.56 -48.69 -21.69
N ILE B 949 -22.81 -48.43 -22.05
CA ILE B 949 -23.47 -47.18 -21.66
C ILE B 949 -23.73 -47.15 -20.15
N LEU B 950 -24.09 -48.30 -19.56
CA LEU B 950 -24.29 -48.38 -18.11
C LEU B 950 -22.97 -48.19 -17.36
N SER B 951 -21.92 -48.85 -17.86
CA SER B 951 -20.59 -48.79 -17.25
C SER B 951 -19.94 -47.43 -17.44
N LEU B 952 -20.38 -46.64 -18.41
CA LEU B 952 -19.95 -45.25 -18.48
C LEU B 952 -20.87 -44.30 -17.72
N ASP B 953 -22.07 -44.74 -17.36
CA ASP B 953 -23.02 -43.89 -16.64
C ASP B 953 -22.81 -43.93 -15.13
N ILE B 954 -22.09 -44.93 -14.61
CA ILE B 954 -21.60 -44.85 -13.22
C ILE B 954 -20.76 -43.58 -12.98
N ILE B 955 -20.00 -43.15 -14.00
CA ILE B 955 -19.18 -41.93 -13.91
C ILE B 955 -20.07 -40.72 -13.68
N PHE B 956 -21.19 -40.64 -14.40
CA PHE B 956 -22.08 -39.49 -14.27
C PHE B 956 -22.90 -39.53 -12.99
N PHE B 957 -23.23 -40.72 -12.47
CA PHE B 957 -23.81 -40.77 -11.13
C PHE B 957 -22.83 -40.27 -10.07
N ILE B 958 -21.54 -40.56 -10.24
CA ILE B 958 -20.59 -40.09 -9.23
C ILE B 958 -20.26 -38.59 -9.44
N VAL B 959 -20.39 -38.10 -10.67
CA VAL B 959 -20.39 -36.66 -10.90
C VAL B 959 -21.56 -36.01 -10.16
N ARG B 960 -22.71 -36.68 -10.12
CA ARG B 960 -23.81 -36.21 -9.28
C ARG B 960 -23.50 -36.36 -7.78
N SER B 961 -22.68 -37.36 -7.40
CA SER B 961 -22.26 -37.52 -6.00
C SER B 961 -21.45 -36.36 -5.50
N LEU B 962 -20.76 -35.66 -6.42
CA LEU B 962 -19.87 -34.55 -6.06
C LEU B 962 -20.55 -33.40 -5.29
N GLN B 963 -21.88 -33.31 -5.27
CA GLN B 963 -22.53 -32.25 -4.50
C GLN B 963 -22.49 -32.52 -2.99
N ILE B 964 -22.33 -33.78 -2.59
CA ILE B 964 -22.25 -34.15 -1.18
C ILE B 964 -21.06 -33.49 -0.50
N PHE B 965 -19.95 -33.34 -1.23
CA PHE B 965 -18.73 -32.78 -0.66
C PHE B 965 -18.79 -31.27 -0.44
N SER B 966 -19.88 -30.62 -0.83
CA SER B 966 -20.10 -29.21 -0.51
C SER B 966 -20.55 -28.97 0.92
N VAL B 967 -20.79 -30.03 1.71
CA VAL B 967 -21.09 -29.85 3.13
C VAL B 967 -19.82 -29.56 3.92
N ASN B 968 -18.66 -29.91 3.36
CA ASN B 968 -17.38 -29.72 4.02
C ASN B 968 -16.84 -28.36 3.61
N ARG B 969 -16.33 -27.60 4.57
CA ARG B 969 -15.72 -26.30 4.31
C ARG B 969 -14.48 -26.44 3.43
N LEU B 970 -13.81 -27.58 3.49
CA LEU B 970 -12.56 -27.80 2.77
C LEU B 970 -12.77 -28.41 1.39
N LEU B 971 -13.78 -29.29 1.23
CA LEU B 971 -13.90 -30.09 0.01
C LEU B 971 -14.68 -29.38 -1.10
N GLY B 972 -15.79 -28.74 -0.74
CA GLY B 972 -16.62 -28.00 -1.67
C GLY B 972 -15.95 -26.89 -2.48
N PRO B 973 -15.12 -26.05 -1.85
CA PRO B 973 -14.28 -25.14 -2.65
C PRO B 973 -13.34 -25.85 -3.61
N LYS B 974 -12.84 -27.05 -3.26
CA LYS B 974 -12.05 -27.80 -4.23
C LYS B 974 -12.91 -28.30 -5.38
N LEU B 975 -14.19 -28.59 -5.12
CA LEU B 975 -15.09 -28.94 -6.23
C LEU B 975 -15.39 -27.74 -7.12
N VAL B 976 -15.50 -26.54 -6.54
CA VAL B 976 -15.64 -25.33 -7.35
C VAL B 976 -14.39 -25.08 -8.19
N MET B 977 -13.21 -25.39 -7.60
CA MET B 977 -11.95 -25.35 -8.35
C MET B 977 -11.96 -26.34 -9.51
N ILE B 978 -12.45 -27.56 -9.28
CA ILE B 978 -12.54 -28.58 -10.33
C ILE B 978 -13.45 -28.12 -11.46
N GLN B 979 -14.57 -27.47 -11.11
CA GLN B 979 -15.52 -26.99 -12.12
C GLN B 979 -14.91 -25.86 -12.96
N LYS B 980 -14.26 -24.90 -12.33
CA LYS B 980 -13.66 -23.80 -13.09
C LYS B 980 -12.42 -24.25 -13.87
N MET B 981 -11.68 -25.24 -13.35
CA MET B 981 -10.57 -25.80 -14.12
C MET B 981 -11.06 -26.65 -15.29
N MET B 982 -12.23 -27.27 -15.18
CA MET B 982 -12.79 -27.95 -16.35
C MET B 982 -13.26 -26.94 -17.39
N GLN B 983 -13.75 -25.78 -16.97
CA GLN B 983 -13.99 -24.69 -17.91
C GLN B 983 -12.69 -24.26 -18.60
N ASP B 984 -11.61 -24.11 -17.82
CA ASP B 984 -10.31 -23.75 -18.38
C ASP B 984 -9.78 -24.82 -19.34
N LEU B 985 -10.01 -26.10 -19.02
CA LEU B 985 -9.58 -27.19 -19.88
C LEU B 985 -10.39 -27.23 -21.17
N ALA B 986 -11.70 -26.97 -21.09
CA ALA B 986 -12.53 -26.92 -22.29
C ALA B 986 -12.17 -25.72 -23.17
N GLN B 987 -11.62 -24.66 -22.57
CA GLN B 987 -11.11 -23.57 -23.39
C GLN B 987 -9.75 -23.89 -24.03
N PHE B 988 -8.83 -24.47 -23.25
CA PHE B 988 -7.47 -24.75 -23.74
C PHE B 988 -7.40 -25.96 -24.67
N ILE B 989 -8.43 -26.81 -24.68
CA ILE B 989 -8.37 -28.06 -25.41
C ILE B 989 -8.35 -27.87 -26.91
N ILE B 990 -8.81 -26.72 -27.42
CA ILE B 990 -8.71 -26.51 -28.87
C ILE B 990 -7.27 -26.20 -29.28
N ILE B 991 -6.52 -25.46 -28.45
CA ILE B 991 -5.11 -25.19 -28.74
C ILE B 991 -4.29 -26.48 -28.63
N LEU B 992 -4.57 -27.25 -27.57
CA LEU B 992 -3.89 -28.53 -27.38
C LEU B 992 -4.20 -29.51 -28.50
N ALA B 993 -5.46 -29.55 -28.97
CA ALA B 993 -5.83 -30.43 -30.07
C ALA B 993 -5.23 -29.96 -31.39
N VAL B 994 -5.10 -28.64 -31.57
CA VAL B 994 -4.49 -28.10 -32.80
C VAL B 994 -3.04 -28.54 -32.91
N PHE B 995 -2.26 -28.37 -31.83
CA PHE B 995 -0.85 -28.79 -31.91
C PHE B 995 -0.72 -30.31 -31.94
N THR B 996 -1.61 -31.02 -31.25
CA THR B 996 -1.59 -32.48 -31.23
C THR B 996 -1.89 -33.07 -32.60
N ILE B 997 -2.92 -32.56 -33.27
CA ILE B 997 -3.29 -33.06 -34.59
C ILE B 997 -2.27 -32.63 -35.64
N ALA B 998 -1.64 -31.46 -35.48
CA ALA B 998 -0.56 -31.04 -36.38
C ALA B 998 0.62 -32.01 -36.32
N TYR B 999 1.12 -32.26 -35.11
CA TYR B 999 2.21 -33.22 -34.96
C TYR B 999 1.80 -34.65 -35.31
N GLY B 1000 0.54 -35.01 -35.11
CA GLY B 1000 0.11 -36.35 -35.47
C GLY B 1000 0.04 -36.58 -36.96
N ILE B 1001 -0.45 -35.58 -37.70
CA ILE B 1001 -0.43 -35.61 -39.16
C ILE B 1001 1.01 -35.70 -39.67
N ALA B 1002 1.91 -34.90 -39.08
CA ALA B 1002 3.32 -34.93 -39.48
C ALA B 1002 3.97 -36.29 -39.17
N LEU B 1003 3.74 -36.81 -37.96
CA LEU B 1003 4.38 -38.03 -37.52
C LEU B 1003 3.88 -39.24 -38.29
N HIS B 1004 2.56 -39.35 -38.46
CA HIS B 1004 2.03 -40.49 -39.21
C HIS B 1004 2.34 -40.37 -40.71
N ALA B 1005 2.51 -39.15 -41.22
CA ALA B 1005 2.85 -39.01 -42.61
C ALA B 1005 4.32 -39.35 -42.87
N VAL B 1006 5.20 -39.13 -41.89
CA VAL B 1006 6.59 -39.51 -42.12
C VAL B 1006 6.87 -40.97 -41.74
N MET B 1007 6.07 -41.56 -40.84
CA MET B 1007 6.29 -42.97 -40.53
C MET B 1007 5.67 -43.89 -41.57
N PHE B 1008 4.45 -43.58 -42.02
CA PHE B 1008 3.66 -44.48 -42.86
C PHE B 1008 3.24 -43.74 -44.12
N PRO B 1009 4.11 -43.70 -45.14
CA PRO B 1009 3.69 -43.16 -46.45
C PRO B 1009 2.63 -44.05 -47.08
N SER B 1010 1.46 -43.47 -47.34
CA SER B 1010 0.30 -44.28 -47.72
C SER B 1010 0.31 -44.77 -49.17
N PRO B 1011 0.94 -44.09 -50.14
CA PRO B 1011 1.21 -44.88 -51.38
C PRO B 1011 2.59 -45.51 -51.38
N GLY B 1012 2.75 -46.56 -50.59
CA GLY B 1012 4.03 -47.26 -50.49
C GLY B 1012 3.86 -48.60 -49.82
N ILE B 1013 4.98 -49.31 -49.67
CA ILE B 1013 4.97 -50.58 -48.95
C ILE B 1013 4.76 -50.37 -47.45
N TYR B 1014 5.05 -49.18 -46.94
CA TYR B 1014 4.85 -48.86 -45.53
C TYR B 1014 3.49 -48.23 -45.26
N ALA B 1015 2.51 -48.47 -46.14
CA ALA B 1015 1.19 -47.87 -46.01
C ALA B 1015 0.37 -48.58 -44.95
N ARG B 1016 -0.18 -47.82 -44.02
CA ARG B 1016 -1.33 -48.32 -43.28
C ARG B 1016 -2.56 -48.24 -44.17
N ASN B 1017 -3.08 -49.39 -44.57
CA ASN B 1017 -4.18 -49.48 -45.54
C ASN B 1017 -5.52 -49.53 -44.81
N ASN B 1018 -5.73 -48.49 -44.00
CA ASN B 1018 -6.86 -48.41 -43.09
C ASN B 1018 -7.01 -46.95 -42.69
N THR B 1019 -8.15 -46.34 -43.05
CA THR B 1019 -8.39 -44.95 -42.72
C THR B 1019 -8.53 -44.75 -41.21
N TRP B 1020 -9.15 -45.71 -40.53
CA TRP B 1020 -9.50 -45.55 -39.13
C TRP B 1020 -8.28 -45.60 -38.22
N VAL B 1021 -7.33 -46.51 -38.49
CA VAL B 1021 -6.15 -46.55 -37.64
C VAL B 1021 -5.22 -45.38 -37.97
N THR B 1022 -5.30 -44.81 -39.18
CA THR B 1022 -4.56 -43.59 -39.49
C THR B 1022 -5.08 -42.41 -38.68
N ILE B 1023 -6.40 -42.20 -38.70
CA ILE B 1023 -7.00 -41.07 -37.99
C ILE B 1023 -6.83 -41.22 -36.47
N THR B 1024 -7.09 -42.44 -35.96
CA THR B 1024 -6.88 -42.66 -34.53
C THR B 1024 -5.41 -42.67 -34.14
N SER B 1025 -4.49 -42.94 -35.06
CA SER B 1025 -3.07 -42.80 -34.74
C SER B 1025 -2.68 -41.34 -34.62
N VAL B 1026 -3.16 -40.50 -35.54
CA VAL B 1026 -2.93 -39.05 -35.49
C VAL B 1026 -3.51 -38.46 -34.21
N VAL B 1027 -4.68 -38.93 -33.78
CA VAL B 1027 -5.25 -38.44 -32.52
C VAL B 1027 -4.50 -39.04 -31.32
N GLN B 1028 -4.12 -40.31 -31.42
CA GLN B 1028 -3.77 -41.15 -30.27
C GLN B 1028 -2.32 -40.99 -29.85
N TYR B 1029 -1.39 -41.20 -30.79
CA TYR B 1029 0.02 -41.28 -30.44
C TYR B 1029 0.65 -39.99 -29.91
N PRO B 1030 0.39 -38.78 -30.45
CA PRO B 1030 0.86 -37.57 -29.75
C PRO B 1030 0.21 -37.38 -28.40
N TYR B 1031 -1.03 -37.85 -28.22
CA TYR B 1031 -1.70 -37.71 -26.94
C TYR B 1031 -1.02 -38.56 -25.86
N TRP B 1032 -0.66 -39.80 -26.16
CA TRP B 1032 0.01 -40.60 -25.14
C TRP B 1032 1.47 -40.20 -24.99
N GLN B 1033 2.10 -39.74 -26.07
CA GLN B 1033 3.46 -39.18 -25.95
C GLN B 1033 3.48 -37.93 -25.08
N MET B 1034 2.37 -37.18 -25.07
CA MET B 1034 2.24 -35.98 -24.25
C MET B 1034 2.34 -36.25 -22.76
N TYR B 1035 2.03 -37.47 -22.30
CA TYR B 1035 2.16 -37.84 -20.91
C TYR B 1035 3.46 -38.60 -20.62
N GLY B 1036 4.44 -38.49 -21.51
CA GLY B 1036 5.70 -39.19 -21.31
C GLY B 1036 5.69 -40.66 -21.68
N GLU B 1037 4.59 -41.18 -22.19
CA GLU B 1037 4.58 -42.53 -22.76
C GLU B 1037 5.16 -42.42 -24.17
N LEU B 1038 6.48 -42.42 -24.22
CA LEU B 1038 7.19 -42.24 -25.47
C LEU B 1038 7.23 -43.55 -26.23
N PHE B 1039 6.80 -43.54 -27.48
CA PHE B 1039 6.80 -44.75 -28.30
C PHE B 1039 8.12 -44.88 -29.08
N LEU B 1040 9.23 -44.80 -28.35
CA LEU B 1040 10.55 -44.69 -28.98
C LEU B 1040 10.93 -45.99 -29.70
N ASP B 1041 10.59 -47.14 -29.13
CA ASP B 1041 10.79 -48.39 -29.86
C ASP B 1041 9.85 -48.50 -31.05
N GLU B 1042 8.64 -47.94 -30.91
CA GLU B 1042 7.64 -48.05 -31.98
C GLU B 1042 7.98 -47.15 -33.15
N ILE B 1043 8.31 -45.87 -32.89
CA ILE B 1043 8.47 -44.92 -33.98
C ILE B 1043 9.82 -45.02 -34.68
N GLN B 1044 10.77 -45.76 -34.13
CA GLN B 1044 12.07 -45.96 -34.75
C GLN B 1044 12.14 -47.24 -35.58
N GLY B 1045 10.99 -47.84 -35.87
CA GLY B 1045 10.94 -49.01 -36.73
C GLY B 1045 10.95 -50.34 -36.03
N GLU B 1046 11.30 -50.39 -34.75
CA GLU B 1046 11.15 -51.63 -34.01
C GLU B 1046 9.69 -51.82 -33.62
N LYS B 1047 9.41 -52.99 -33.04
CA LYS B 1047 8.05 -53.50 -32.86
C LYS B 1047 7.18 -53.40 -34.11
N PRO B 1048 7.52 -54.11 -35.21
CA PRO B 1048 6.75 -53.91 -36.44
C PRO B 1048 5.40 -54.60 -36.47
N LYS B 1049 5.12 -55.48 -35.51
CA LYS B 1049 3.91 -56.29 -35.53
C LYS B 1049 2.73 -55.58 -34.88
N GLU B 1050 2.92 -55.06 -33.67
CA GLU B 1050 1.84 -54.40 -32.93
C GLU B 1050 1.79 -52.90 -33.16
N PHE B 1051 2.78 -52.32 -33.85
CA PHE B 1051 2.76 -50.91 -34.23
C PHE B 1051 2.69 -50.71 -35.73
N GLY B 1052 3.57 -51.35 -36.48
CA GLY B 1052 3.60 -51.22 -37.92
C GLY B 1052 5.01 -51.04 -38.46
N GLU B 1053 5.21 -51.49 -39.70
CA GLU B 1053 6.46 -51.26 -40.42
C GLU B 1053 6.66 -49.76 -40.66
N VAL B 1054 7.63 -49.17 -39.98
CA VAL B 1054 7.92 -47.75 -40.13
C VAL B 1054 8.86 -47.59 -41.31
N ASP B 1055 8.61 -46.56 -42.13
CA ASP B 1055 9.53 -46.21 -43.22
C ASP B 1055 10.90 -45.87 -42.65
N PRO B 1056 11.99 -46.33 -43.29
CA PRO B 1056 13.33 -46.16 -42.70
C PRO B 1056 13.80 -44.72 -42.61
N ASP B 1057 13.24 -43.81 -43.40
CA ASP B 1057 13.57 -42.40 -43.23
C ASP B 1057 12.67 -41.71 -42.24
N GLY B 1058 11.55 -42.34 -41.85
CA GLY B 1058 10.82 -41.91 -40.68
C GLY B 1058 11.44 -42.40 -39.38
N ARG B 1059 12.33 -43.39 -39.45
CA ARG B 1059 12.90 -43.98 -38.24
C ARG B 1059 13.92 -43.06 -37.57
N TRP B 1060 14.57 -42.18 -38.33
CA TRP B 1060 15.45 -41.18 -37.73
C TRP B 1060 14.77 -39.84 -37.55
N LEU B 1061 13.75 -39.53 -38.36
CA LEU B 1061 13.08 -38.25 -38.29
C LEU B 1061 12.02 -38.21 -37.19
N SER B 1062 11.41 -39.35 -36.88
CA SER B 1062 10.44 -39.42 -35.78
C SER B 1062 11.02 -39.11 -34.39
N PRO B 1063 12.27 -39.47 -34.02
CA PRO B 1063 12.79 -38.92 -32.76
C PRO B 1063 13.02 -37.42 -32.78
N LEU B 1064 13.35 -36.83 -33.93
CA LEU B 1064 13.53 -35.38 -34.00
C LEU B 1064 12.20 -34.65 -33.87
N LEU B 1065 11.19 -35.12 -34.61
CA LEU B 1065 9.85 -34.54 -34.50
C LEU B 1065 9.27 -34.74 -33.11
N LEU B 1066 9.52 -35.92 -32.52
CA LEU B 1066 9.07 -36.14 -31.14
C LEU B 1066 9.86 -35.30 -30.15
N ALA B 1067 11.12 -34.97 -30.45
CA ALA B 1067 11.89 -34.07 -29.60
C ALA B 1067 11.28 -32.67 -29.59
N ILE B 1068 10.95 -32.14 -30.77
CA ILE B 1068 10.29 -30.85 -30.87
C ILE B 1068 8.92 -30.88 -30.21
N TYR B 1069 8.20 -31.99 -30.35
CA TYR B 1069 6.86 -32.10 -29.77
C TYR B 1069 6.92 -32.22 -28.25
N MET B 1070 7.93 -32.90 -27.71
CA MET B 1070 8.06 -33.01 -26.26
C MET B 1070 8.54 -31.71 -25.64
N VAL B 1071 9.42 -30.97 -26.33
CA VAL B 1071 9.87 -29.71 -25.76
C VAL B 1071 8.79 -28.64 -25.91
N PHE B 1072 7.86 -28.81 -26.85
CA PHE B 1072 6.81 -27.82 -27.03
C PHE B 1072 5.52 -28.15 -26.28
N THR B 1073 5.21 -29.43 -26.05
CA THR B 1073 3.88 -29.79 -25.54
C THR B 1073 3.91 -30.26 -24.09
N ASN B 1074 4.81 -31.19 -23.74
CA ASN B 1074 4.90 -31.64 -22.37
C ASN B 1074 5.53 -30.57 -21.47
N ILE B 1075 6.40 -29.72 -22.02
CA ILE B 1075 7.04 -28.69 -21.22
C ILE B 1075 6.31 -27.36 -21.32
N LEU B 1076 5.96 -26.91 -22.52
CA LEU B 1076 5.43 -25.56 -22.67
C LEU B 1076 3.90 -25.52 -22.57
N LEU B 1077 3.21 -26.35 -23.36
CA LEU B 1077 1.75 -26.31 -23.42
C LEU B 1077 1.11 -26.86 -22.15
N LEU B 1078 1.61 -27.98 -21.63
CA LEU B 1078 1.03 -28.58 -20.44
C LEU B 1078 1.29 -27.74 -19.19
N ASN B 1079 2.47 -27.14 -19.08
CA ASN B 1079 2.72 -26.28 -17.94
C ASN B 1079 2.05 -24.92 -18.10
N LEU B 1080 1.74 -24.51 -19.34
CA LEU B 1080 0.83 -23.39 -19.55
C LEU B 1080 -0.56 -23.71 -19.01
N LEU B 1081 -1.05 -24.93 -19.28
CA LEU B 1081 -2.35 -25.35 -18.75
C LEU B 1081 -2.34 -25.48 -17.22
N ILE B 1082 -1.22 -25.96 -16.67
CA ILE B 1082 -1.04 -26.02 -15.23
C ILE B 1082 -1.00 -24.60 -14.63
N ALA B 1083 -0.43 -23.65 -15.37
CA ALA B 1083 -0.40 -22.26 -14.91
C ALA B 1083 -1.80 -21.64 -14.92
N ILE B 1084 -2.60 -21.98 -15.94
CA ILE B 1084 -4.01 -21.57 -15.97
C ILE B 1084 -4.76 -22.15 -14.77
N PHE B 1085 -4.51 -23.43 -14.48
CA PHE B 1085 -5.14 -24.08 -13.34
C PHE B 1085 -4.69 -23.45 -12.02
N ASN B 1086 -3.43 -23.03 -11.93
CA ASN B 1086 -2.94 -22.41 -10.70
C ASN B 1086 -3.49 -21.00 -10.52
N TYR B 1087 -3.67 -20.26 -11.62
CA TYR B 1087 -4.32 -18.95 -11.55
C TYR B 1087 -5.77 -19.09 -11.10
N THR B 1088 -6.47 -20.10 -11.63
CA THR B 1088 -7.82 -20.43 -11.18
C THR B 1088 -7.83 -20.83 -9.71
N PHE B 1089 -6.84 -21.63 -9.29
CA PHE B 1089 -6.69 -22.04 -7.90
C PHE B 1089 -6.53 -20.84 -6.98
N GLU B 1090 -5.70 -19.87 -7.36
CA GLU B 1090 -5.49 -18.71 -6.51
C GLU B 1090 -6.73 -17.84 -6.43
N ARG B 1091 -7.44 -17.68 -7.57
CA ARG B 1091 -8.67 -16.91 -7.59
C ARG B 1091 -9.76 -17.54 -6.72
N VAL B 1092 -9.83 -18.86 -6.69
CA VAL B 1092 -10.86 -19.49 -5.85
C VAL B 1092 -10.39 -19.59 -4.40
N GLN B 1093 -9.09 -19.85 -4.18
CA GLN B 1093 -8.56 -20.04 -2.82
C GLN B 1093 -8.56 -18.75 -2.01
N GLU B 1094 -8.45 -17.59 -2.68
CA GLU B 1094 -8.54 -16.33 -1.94
C GLU B 1094 -9.95 -16.05 -1.43
N ASP B 1095 -10.98 -16.72 -1.98
CA ASP B 1095 -12.37 -16.56 -1.54
C ASP B 1095 -13.03 -17.90 -1.25
N SER B 1096 -12.24 -18.93 -0.90
CA SER B 1096 -12.74 -20.29 -0.72
C SER B 1096 -13.77 -20.39 0.40
N ASP B 1097 -13.54 -19.66 1.50
CA ASP B 1097 -14.50 -19.64 2.61
C ASP B 1097 -15.84 -19.09 2.17
N LYS B 1098 -15.82 -17.96 1.44
CA LYS B 1098 -17.06 -17.33 1.01
C LYS B 1098 -17.78 -18.13 -0.06
N VAL B 1099 -17.04 -18.82 -0.95
CA VAL B 1099 -17.75 -19.62 -1.95
C VAL B 1099 -18.32 -20.90 -1.33
N TRP B 1100 -17.69 -21.41 -0.25
CA TRP B 1100 -18.34 -22.49 0.48
C TRP B 1100 -19.60 -22.02 1.19
N LYS B 1101 -19.55 -20.82 1.77
CA LYS B 1101 -20.75 -20.23 2.38
C LYS B 1101 -21.86 -20.00 1.35
N PHE B 1102 -21.48 -19.69 0.11
CA PHE B 1102 -22.48 -19.44 -0.93
C PHE B 1102 -23.11 -20.73 -1.46
N GLN B 1103 -22.30 -21.78 -1.67
CA GLN B 1103 -22.85 -23.05 -2.13
C GLN B 1103 -23.55 -23.83 -1.01
N ARG B 1104 -23.33 -23.45 0.24
CA ARG B 1104 -24.06 -24.04 1.35
C ARG B 1104 -25.55 -23.72 1.26
N TYR B 1105 -25.90 -22.55 0.71
CA TYR B 1105 -27.30 -22.22 0.41
C TYR B 1105 -27.89 -23.21 -0.59
N ASP B 1106 -27.14 -23.52 -1.65
CA ASP B 1106 -27.64 -24.45 -2.65
C ASP B 1106 -27.79 -25.85 -2.09
N LEU B 1107 -26.92 -26.22 -1.15
CA LEU B 1107 -27.07 -27.51 -0.47
C LEU B 1107 -28.32 -27.54 0.41
N VAL B 1108 -28.56 -26.46 1.16
CA VAL B 1108 -29.74 -26.35 2.02
C VAL B 1108 -31.02 -26.36 1.18
N GLN B 1109 -31.02 -25.68 0.04
CA GLN B 1109 -32.18 -25.71 -0.84
C GLN B 1109 -32.34 -27.05 -1.55
N GLU B 1110 -31.23 -27.76 -1.80
CA GLU B 1110 -31.33 -29.09 -2.37
C GLU B 1110 -31.97 -30.08 -1.41
N TYR B 1111 -31.71 -29.94 -0.11
CA TYR B 1111 -32.23 -30.90 0.86
C TYR B 1111 -33.39 -30.39 1.70
N HIS B 1112 -33.87 -29.17 1.46
CA HIS B 1112 -35.02 -28.66 2.19
C HIS B 1112 -36.32 -29.19 1.64
N SER B 1113 -36.36 -29.52 0.35
CA SER B 1113 -37.59 -29.93 -0.32
C SER B 1113 -37.71 -31.44 -0.48
N ARG B 1114 -36.75 -32.21 0.03
CA ARG B 1114 -36.78 -33.66 -0.07
C ARG B 1114 -37.92 -34.23 0.76
N PRO B 1115 -38.38 -35.46 0.45
CA PRO B 1115 -39.44 -36.08 1.27
C PRO B 1115 -38.98 -36.37 2.70
N VAL B 1116 -39.90 -36.17 3.64
CA VAL B 1116 -39.62 -36.32 5.07
C VAL B 1116 -39.85 -37.78 5.43
N PHE B 1117 -38.91 -38.65 5.06
CA PHE B 1117 -39.21 -40.08 4.98
C PHE B 1117 -37.91 -40.88 5.08
N ALA B 1118 -38.07 -42.20 5.17
CA ALA B 1118 -36.96 -43.11 5.41
C ALA B 1118 -36.04 -43.18 4.18
N PRO B 1119 -34.73 -43.30 4.39
CA PRO B 1119 -33.78 -43.22 3.25
C PRO B 1119 -33.83 -44.39 2.28
N PRO B 1120 -34.16 -45.63 2.69
CA PRO B 1120 -34.52 -46.61 1.64
C PRO B 1120 -35.94 -46.49 1.14
N LEU B 1121 -36.78 -45.68 1.78
CA LEU B 1121 -38.21 -45.62 1.47
C LEU B 1121 -38.64 -44.25 0.94
N VAL B 1122 -37.74 -43.52 0.28
CA VAL B 1122 -38.10 -42.21 -0.25
C VAL B 1122 -39.05 -42.30 -1.43
N LEU B 1123 -39.07 -43.43 -2.15
CA LEU B 1123 -40.08 -43.61 -3.20
C LEU B 1123 -41.47 -43.82 -2.62
N LEU B 1124 -41.55 -44.55 -1.50
CA LEU B 1124 -42.77 -44.57 -0.68
C LEU B 1124 -43.11 -43.16 -0.19
N GLY B 1125 -42.09 -42.34 0.05
CA GLY B 1125 -42.32 -40.94 0.37
C GLY B 1125 -42.92 -40.16 -0.79
N HIS B 1126 -42.50 -40.47 -2.01
CA HIS B 1126 -43.10 -39.83 -3.18
C HIS B 1126 -44.54 -40.30 -3.39
N ILE B 1127 -44.82 -41.55 -3.00
CA ILE B 1127 -46.19 -42.04 -2.98
C ILE B 1127 -47.03 -41.23 -1.98
N LEU B 1128 -46.50 -41.00 -0.78
CA LEU B 1128 -47.22 -40.26 0.25
C LEU B 1128 -47.15 -38.74 0.06
N ILE B 1129 -46.43 -38.26 -0.94
CA ILE B 1129 -46.59 -36.88 -1.40
C ILE B 1129 -47.70 -36.90 -2.45
N PHE B 1130 -47.72 -37.95 -3.27
CA PHE B 1130 -48.75 -38.10 -4.29
C PHE B 1130 -50.11 -38.41 -3.69
N ILE B 1131 -50.15 -39.12 -2.58
CA ILE B 1131 -51.41 -39.42 -1.90
C ILE B 1131 -51.44 -38.72 -0.54
N LYS B 1150 -38.50 -18.19 3.51
CA LYS B 1150 -39.68 -17.73 2.81
C LYS B 1150 -40.91 -17.80 3.73
N ILE B 1151 -41.14 -16.75 4.51
CA ILE B 1151 -42.31 -16.69 5.38
C ILE B 1151 -43.06 -15.40 5.11
N GLY B 1152 -44.37 -15.42 5.37
CA GLY B 1152 -45.22 -14.25 5.27
C GLY B 1152 -45.58 -13.74 6.65
N LEU B 1153 -45.73 -12.43 6.78
CA LEU B 1153 -45.89 -11.79 8.07
C LEU B 1153 -47.15 -10.92 8.07
N SER B 1154 -47.56 -10.52 9.26
CA SER B 1154 -48.70 -9.63 9.43
C SER B 1154 -48.36 -8.24 8.91
N PRO B 1155 -49.36 -7.48 8.40
CA PRO B 1155 -49.05 -6.17 7.80
C PRO B 1155 -48.48 -5.13 8.76
N ALA B 1156 -49.02 -5.05 9.99
CA ALA B 1156 -48.40 -4.20 10.99
C ALA B 1156 -47.03 -4.74 11.40
N GLU B 1157 -46.91 -6.08 11.42
CA GLU B 1157 -45.61 -6.70 11.67
C GLU B 1157 -44.64 -6.45 10.52
N MET B 1158 -45.14 -6.41 9.29
CA MET B 1158 -44.29 -6.07 8.15
C MET B 1158 -43.83 -4.61 8.19
N GLU B 1159 -44.71 -3.70 8.61
CA GLU B 1159 -44.31 -2.30 8.76
C GLU B 1159 -43.32 -2.12 9.90
N GLN B 1160 -43.44 -2.94 10.94
CA GLN B 1160 -42.50 -2.90 12.05
C GLN B 1160 -41.13 -3.46 11.64
N MET B 1161 -41.14 -4.55 10.85
CA MET B 1161 -39.95 -5.04 10.15
C MET B 1161 -39.29 -3.95 9.32
N ASP B 1162 -40.08 -3.22 8.54
CA ASP B 1162 -39.56 -2.19 7.66
C ASP B 1162 -38.97 -1.02 8.46
N ASN B 1163 -39.62 -0.65 9.58
CA ASN B 1163 -39.11 0.42 10.42
C ASN B 1163 -37.79 0.05 11.08
N TRP B 1164 -37.69 -1.18 11.59
CA TRP B 1164 -36.46 -1.64 12.22
C TRP B 1164 -35.32 -1.78 11.19
N GLU B 1165 -35.65 -2.28 10.00
CA GLU B 1165 -34.66 -2.41 8.94
C GLU B 1165 -34.18 -1.04 8.46
N PHE B 1166 -35.10 -0.09 8.34
CA PHE B 1166 -34.74 1.25 7.89
C PHE B 1166 -33.92 2.01 8.93
N GLN B 1167 -34.19 1.78 10.23
CA GLN B 1167 -33.38 2.47 11.23
C GLN B 1167 -32.01 1.81 11.43
N ALA B 1168 -31.89 0.50 11.21
CA ALA B 1168 -30.56 -0.10 11.16
C ALA B 1168 -29.80 0.39 9.92
N ALA B 1169 -30.51 0.63 8.83
CA ALA B 1169 -29.90 1.28 7.67
C ALA B 1169 -29.45 2.69 8.00
N GLU B 1170 -30.26 3.44 8.78
CA GLU B 1170 -29.87 4.77 9.22
C GLU B 1170 -28.58 4.75 10.03
N MET B 1171 -28.46 3.76 10.92
CA MET B 1171 -27.22 3.64 11.69
C MET B 1171 -26.03 3.25 10.82
N TYR B 1172 -26.24 2.39 9.82
CA TYR B 1172 -25.12 2.05 8.92
C TYR B 1172 -24.72 3.24 8.05
N ILE B 1173 -25.69 4.01 7.55
CA ILE B 1173 -25.41 5.22 6.77
C ILE B 1173 -24.68 6.25 7.62
N HIS B 1174 -25.10 6.40 8.88
CA HIS B 1174 -24.44 7.33 9.79
C HIS B 1174 -23.01 6.90 10.12
N GLN B 1175 -22.79 5.59 10.30
CA GLN B 1175 -21.44 5.09 10.55
C GLN B 1175 -20.55 5.24 9.32
N GLN B 1176 -21.11 5.06 8.12
CA GLN B 1176 -20.31 5.29 6.91
C GLN B 1176 -19.99 6.78 6.73
N GLN B 1177 -20.92 7.66 7.11
CA GLN B 1177 -20.63 9.09 7.05
C GLN B 1177 -19.58 9.50 8.07
N GLN B 1178 -19.58 8.86 9.25
CA GLN B 1178 -18.52 9.13 10.22
C GLN B 1178 -17.19 8.53 9.79
N LYS B 1179 -17.22 7.45 9.01
CA LYS B 1179 -15.98 6.91 8.45
C LYS B 1179 -15.42 7.80 7.35
N ASN B 1180 -16.30 8.33 6.47
CA ASN B 1180 -15.84 9.20 5.40
C ASN B 1180 -15.37 10.54 5.95
N SER B 1181 -16.08 11.12 6.90
CA SER B 1181 -15.61 12.33 7.56
C SER B 1181 -14.38 12.08 8.41
N GLY B 1182 -14.19 10.84 8.87
CA GLY B 1182 -13.01 10.44 9.59
C GLY B 1182 -11.83 10.05 8.73
N THR B 1183 -11.99 10.02 7.40
CA THR B 1183 -10.85 9.82 6.53
C THR B 1183 -9.93 11.04 6.57
N LEU B 1184 -8.67 10.79 6.23
CA LEU B 1184 -7.62 11.79 6.40
C LEU B 1184 -7.76 12.94 5.41
N GLU B 1185 -8.19 12.63 4.18
CA GLU B 1185 -8.37 13.66 3.16
C GLU B 1185 -9.53 14.59 3.50
N GLU B 1186 -10.62 14.03 4.03
CA GLU B 1186 -11.75 14.86 4.43
C GLU B 1186 -11.44 15.65 5.69
N ARG B 1187 -10.61 15.11 6.59
CA ARG B 1187 -10.15 15.89 7.73
C ARG B 1187 -9.30 17.08 7.30
N VAL B 1188 -8.40 16.87 6.32
CA VAL B 1188 -7.58 17.98 5.83
C VAL B 1188 -8.42 18.99 5.05
N ARG B 1189 -9.46 18.53 4.34
CA ARG B 1189 -10.34 19.46 3.63
C ARG B 1189 -11.18 20.29 4.60
N ALA B 1190 -11.72 19.67 5.65
CA ALA B 1190 -12.44 20.42 6.68
C ALA B 1190 -11.51 21.33 7.46
N LEU B 1191 -10.24 20.93 7.56
CA LEU B 1191 -9.23 21.74 8.23
C LEU B 1191 -9.03 23.00 7.39
N GLY B 1192 -8.86 22.83 6.08
CA GLY B 1192 -8.71 23.97 5.19
C GLY B 1192 -9.91 24.88 5.20
N ASP B 1193 -11.11 24.30 5.36
CA ASP B 1193 -12.31 25.13 5.51
C ASP B 1193 -12.28 25.91 6.83
N ARG B 1194 -11.77 25.28 7.90
CA ARG B 1194 -11.63 25.97 9.18
C ARG B 1194 -10.64 27.13 9.10
N VAL B 1195 -9.50 26.93 8.42
CA VAL B 1195 -8.56 28.04 8.33
C VAL B 1195 -9.01 29.09 7.31
N ASP B 1196 -9.87 28.73 6.36
CA ASP B 1196 -10.50 29.74 5.52
C ASP B 1196 -11.49 30.59 6.33
N CYS B 1197 -12.21 29.94 7.26
CA CYS B 1197 -13.06 30.70 8.17
C CYS B 1197 -12.25 31.60 9.11
N ILE B 1198 -11.08 31.12 9.54
CA ILE B 1198 -10.18 31.93 10.37
C ILE B 1198 -9.66 33.14 9.58
N ASN B 1199 -9.29 32.93 8.31
CA ASN B 1199 -8.83 34.03 7.47
C ASN B 1199 -9.94 35.03 7.18
N SER B 1200 -11.16 34.54 6.98
CA SER B 1200 -12.30 35.41 6.73
C SER B 1200 -12.64 36.24 7.96
N GLN B 1201 -12.65 35.62 9.15
CA GLN B 1201 -12.93 36.37 10.37
C GLN B 1201 -11.79 37.33 10.72
N LEU B 1202 -10.54 36.99 10.36
CA LEU B 1202 -9.45 37.91 10.59
C LEU B 1202 -9.49 39.08 9.63
N ASN B 1203 -9.99 38.86 8.41
CA ASN B 1203 -10.23 39.99 7.51
C ASN B 1203 -11.42 40.83 7.97
N ARG B 1204 -12.39 40.22 8.64
CA ARG B 1204 -13.48 40.99 9.24
C ARG B 1204 -12.99 41.82 10.43
N VAL B 1205 -12.02 41.30 11.19
CA VAL B 1205 -11.41 42.10 12.25
C VAL B 1205 -10.57 43.22 11.65
N LEU B 1206 -9.77 42.91 10.63
CA LEU B 1206 -8.97 43.90 9.93
C LEU B 1206 -9.87 44.83 9.11
N ALA C 94 -62.42 11.51 38.73
CA ALA C 94 -62.34 10.43 37.76
C ALA C 94 -60.88 10.06 37.47
N TYR C 95 -60.49 8.86 37.89
CA TYR C 95 -59.14 8.37 37.67
C TYR C 95 -59.21 6.92 37.23
N GLY C 96 -58.26 6.53 36.38
CA GLY C 96 -58.28 5.18 35.85
C GLY C 96 -57.21 4.91 34.83
N GLU C 97 -57.57 4.26 33.72
CA GLU C 97 -56.56 3.77 32.78
C GLU C 97 -57.18 3.62 31.40
N ILE C 98 -56.72 4.42 30.45
CA ILE C 98 -57.23 4.37 29.09
C ILE C 98 -56.62 3.16 28.38
N ASP C 99 -57.48 2.38 27.71
CA ASP C 99 -57.10 1.44 26.67
C ASP C 99 -57.50 2.08 25.35
N PHE C 100 -56.50 2.60 24.62
CA PHE C 100 -56.77 3.18 23.31
C PHE C 100 -57.10 2.08 22.30
N GLU C 101 -58.13 2.32 21.49
CA GLU C 101 -58.74 1.29 20.66
C GLU C 101 -57.85 1.02 19.45
N GLY C 102 -56.83 0.20 19.66
CA GLY C 102 -55.95 -0.25 18.59
C GLY C 102 -55.10 0.82 17.96
N TYR C 103 -54.64 1.79 18.75
CA TYR C 103 -53.88 2.93 18.24
C TYR C 103 -52.37 2.70 18.31
N GLY C 104 -51.94 1.46 18.49
CA GLY C 104 -50.52 1.16 18.55
C GLY C 104 -50.02 0.94 19.96
N GLY C 105 -49.81 -0.32 20.34
CA GLY C 105 -49.28 -0.61 21.68
C GLY C 105 -50.29 -1.38 22.52
N GLN C 106 -49.79 -2.45 23.15
CA GLN C 106 -50.62 -3.25 24.04
C GLN C 106 -50.82 -2.59 25.40
N LYS C 107 -49.82 -1.86 25.87
CA LYS C 107 -49.85 -1.31 27.22
C LYS C 107 -50.84 -0.16 27.33
N ARG C 108 -51.53 -0.09 28.47
CA ARG C 108 -52.55 0.91 28.73
C ARG C 108 -51.96 2.05 29.57
N ALA C 109 -52.61 3.20 29.53
CA ALA C 109 -52.02 4.40 30.15
C ALA C 109 -52.94 4.98 31.21
N PRO C 110 -52.52 5.10 32.47
CA PRO C 110 -53.41 5.63 33.50
C PRO C 110 -53.53 7.15 33.46
N TYR C 111 -54.71 7.61 33.89
CA TYR C 111 -55.05 9.03 33.95
C TYR C 111 -55.53 9.40 35.35
N LEU C 112 -55.32 10.68 35.68
CA LEU C 112 -55.67 11.20 36.99
C LEU C 112 -56.23 12.61 36.86
N ARG C 113 -57.47 12.80 37.33
CA ARG C 113 -58.05 14.13 37.48
C ARG C 113 -57.43 14.83 38.68
N MET C 114 -57.12 16.12 38.51
CA MET C 114 -56.42 16.88 39.53
C MET C 114 -56.99 18.29 39.58
N SER C 115 -56.84 18.94 40.73
CA SER C 115 -57.04 20.37 40.89
C SER C 115 -55.72 21.01 41.32
N HIS C 116 -55.62 22.33 41.10
CA HIS C 116 -54.39 23.04 41.46
C HIS C 116 -54.30 23.33 42.95
N ASP C 117 -55.34 23.05 43.73
CA ASP C 117 -55.27 23.22 45.17
C ASP C 117 -54.35 22.17 45.81
N THR C 118 -54.30 20.98 45.23
CA THR C 118 -53.47 19.91 45.79
C THR C 118 -51.99 20.18 45.53
N ASP C 119 -51.16 19.86 46.52
CA ASP C 119 -49.73 20.05 46.41
C ASP C 119 -49.12 19.04 45.44
N ALA C 120 -47.88 19.30 45.05
CA ALA C 120 -47.18 18.42 44.12
C ALA C 120 -46.55 17.22 44.80
N ASN C 121 -46.34 17.28 46.12
CA ASN C 121 -45.70 16.18 46.83
C ASN C 121 -46.59 14.95 46.87
N LEU C 122 -47.90 15.16 46.98
CA LEU C 122 -48.85 14.05 46.88
C LEU C 122 -48.83 13.43 45.48
N VAL C 123 -48.65 14.26 44.45
CA VAL C 123 -48.55 13.77 43.07
C VAL C 123 -47.29 12.94 42.90
N ILE C 124 -46.18 13.36 43.50
CA ILE C 124 -44.92 12.63 43.35
C ILE C 124 -44.95 11.31 44.12
N THR C 125 -45.49 11.32 45.35
CA THR C 125 -45.60 10.07 46.08
C THR C 125 -46.70 9.18 45.53
N LEU C 126 -47.63 9.72 44.73
CA LEU C 126 -48.57 8.87 44.02
C LEU C 126 -47.93 8.23 42.80
N MET C 127 -47.10 8.98 42.07
CA MET C 127 -46.51 8.45 40.85
C MET C 127 -45.26 7.62 41.10
N LEU C 128 -44.67 7.68 42.30
CA LEU C 128 -43.54 6.83 42.62
C LEU C 128 -43.88 5.60 43.44
N LYS C 129 -45.05 5.60 44.11
CA LYS C 129 -45.46 4.46 44.92
C LYS C 129 -46.72 3.79 44.38
N ARG C 130 -47.78 4.55 44.13
CA ARG C 130 -49.06 3.96 43.74
C ARG C 130 -49.06 3.51 42.28
N TRP C 131 -48.22 4.12 41.44
CA TRP C 131 -48.14 3.76 40.04
C TRP C 131 -46.85 3.05 39.66
N ASN C 132 -45.92 2.90 40.61
CA ASN C 132 -44.71 2.07 40.50
C ASN C 132 -43.79 2.52 39.36
N LEU C 133 -43.28 3.74 39.50
CA LEU C 133 -42.28 4.28 38.58
C LEU C 133 -40.95 4.45 39.30
N GLU C 134 -39.87 4.12 38.61
CA GLU C 134 -38.54 4.29 39.17
C GLU C 134 -38.15 5.77 39.16
N ILE C 135 -37.36 6.16 40.16
CA ILE C 135 -36.81 7.51 40.23
C ILE C 135 -35.74 7.65 39.17
N PRO C 136 -35.96 8.43 38.12
CA PRO C 136 -35.12 8.37 36.92
C PRO C 136 -33.82 9.13 37.11
N ASN C 137 -32.96 9.02 36.10
CA ASN C 137 -31.73 9.80 36.03
C ASN C 137 -31.93 11.18 35.44
N LEU C 138 -33.11 11.45 34.86
CA LEU C 138 -33.37 12.65 34.10
C LEU C 138 -34.87 12.78 33.89
N VAL C 139 -35.36 14.02 33.86
CA VAL C 139 -36.70 14.34 33.41
C VAL C 139 -36.60 15.39 32.30
N ILE C 140 -36.92 14.98 31.08
CA ILE C 140 -36.98 15.88 29.93
C ILE C 140 -38.41 16.40 29.82
N SER C 141 -38.56 17.71 29.66
CA SER C 141 -39.87 18.32 29.44
C SER C 141 -39.88 18.95 28.05
N VAL C 142 -40.63 18.36 27.12
CA VAL C 142 -40.65 18.81 25.74
C VAL C 142 -41.84 19.75 25.55
N THR C 143 -41.59 20.91 24.95
CA THR C 143 -42.59 21.97 24.88
C THR C 143 -42.57 22.60 23.49
N GLY C 144 -43.76 22.79 22.91
CA GLY C 144 -43.86 23.51 21.66
C GLY C 144 -45.30 23.82 21.27
N GLY C 145 -45.56 23.89 19.97
CA GLY C 145 -46.91 24.17 19.51
C GLY C 145 -47.79 22.94 19.46
N ALA C 146 -49.10 23.17 19.48
CA ALA C 146 -50.09 22.11 19.37
C ALA C 146 -50.91 22.23 18.09
N LYS C 147 -51.59 23.35 17.88
CA LYS C 147 -52.40 23.54 16.68
C LYS C 147 -51.60 24.23 15.58
N SER C 148 -51.10 25.43 15.86
CA SER C 148 -50.18 26.11 14.96
C SER C 148 -48.78 25.54 15.19
N PHE C 149 -48.32 24.71 14.26
CA PHE C 149 -47.05 24.00 14.43
C PHE C 149 -46.49 23.69 13.05
N VAL C 150 -45.53 24.51 12.61
CA VAL C 150 -44.86 24.33 11.32
C VAL C 150 -43.44 23.84 11.58
N LEU C 151 -43.06 22.75 10.91
CA LEU C 151 -41.83 22.05 11.24
C LEU C 151 -41.13 21.56 9.98
N LYS C 152 -39.78 21.64 9.99
CA LYS C 152 -38.90 21.23 8.90
C LYS C 152 -38.63 19.72 8.98
N PRO C 153 -38.49 19.04 7.84
CA PRO C 153 -38.27 17.58 7.89
C PRO C 153 -36.90 17.18 8.41
N ARG C 154 -35.84 17.89 8.00
CA ARG C 154 -34.50 17.63 8.56
C ARG C 154 -34.48 17.92 10.06
N LEU C 155 -35.10 19.03 10.46
CA LEU C 155 -35.10 19.40 11.87
C LEU C 155 -35.95 18.44 12.70
N ARG C 156 -37.09 17.98 12.16
CA ARG C 156 -37.92 17.04 12.90
C ARG C 156 -37.22 15.69 13.02
N GLU C 157 -36.47 15.28 12.00
CA GLU C 157 -35.79 13.99 12.06
C GLU C 157 -34.61 14.02 13.02
N MET C 158 -33.81 15.10 12.98
CA MET C 158 -32.70 15.24 13.91
C MET C 158 -33.19 15.39 15.35
N PHE C 159 -34.29 16.14 15.55
CA PHE C 159 -34.83 16.31 16.89
C PHE C 159 -35.37 15.00 17.46
N ARG C 160 -36.14 14.25 16.66
CA ARG C 160 -36.69 13.01 17.19
C ARG C 160 -35.61 11.95 17.37
N ARG C 161 -34.56 11.95 16.52
CA ARG C 161 -33.48 11.00 16.67
C ARG C 161 -32.66 11.28 17.93
N GLY C 162 -32.31 12.56 18.16
CA GLY C 162 -31.57 12.91 19.36
C GLY C 162 -32.38 12.73 20.63
N LEU C 163 -33.68 13.06 20.60
CA LEU C 163 -34.52 12.96 21.78
C LEU C 163 -34.78 11.50 22.14
N ILE C 164 -35.05 10.65 21.14
CA ILE C 164 -35.18 9.21 21.34
C ILE C 164 -33.88 8.61 21.87
N LYS C 165 -32.73 9.03 21.31
CA LYS C 165 -31.45 8.49 21.74
C LYS C 165 -31.15 8.86 23.20
N ALA C 166 -31.43 10.11 23.58
CA ALA C 166 -31.23 10.54 24.96
C ALA C 166 -32.18 9.84 25.92
N ALA C 167 -33.47 9.75 25.55
CA ALA C 167 -34.47 9.19 26.46
C ALA C 167 -34.36 7.67 26.58
N LYS C 168 -33.78 7.00 25.58
CA LYS C 168 -33.63 5.56 25.66
C LYS C 168 -32.28 5.12 26.21
N THR C 169 -31.22 5.90 26.01
CA THR C 169 -29.97 5.59 26.69
C THR C 169 -29.96 6.05 28.14
N THR C 170 -30.79 7.04 28.49
CA THR C 170 -30.88 7.44 29.88
C THR C 170 -31.99 6.71 30.63
N GLY C 171 -33.16 6.58 30.01
CA GLY C 171 -34.33 6.09 30.72
C GLY C 171 -35.00 7.23 31.47
N ALA C 172 -35.38 8.27 30.74
CA ALA C 172 -35.86 9.51 31.31
C ALA C 172 -37.37 9.65 31.13
N TRP C 173 -37.97 10.44 32.02
CA TRP C 173 -39.38 10.79 31.92
C TRP C 173 -39.55 11.92 30.90
N ILE C 174 -40.42 11.71 29.92
CA ILE C 174 -40.73 12.75 28.93
C ILE C 174 -42.07 13.36 29.34
N ILE C 175 -42.02 14.58 29.86
CA ILE C 175 -43.20 15.34 30.24
C ILE C 175 -43.57 16.28 29.10
N THR C 176 -44.75 16.07 28.52
CA THR C 176 -45.29 16.90 27.45
C THR C 176 -46.73 17.28 27.77
N GLY C 177 -47.44 17.85 26.80
CA GLY C 177 -48.87 18.00 26.91
C GLY C 177 -49.62 16.73 26.54
N GLY C 178 -50.93 16.77 26.75
CA GLY C 178 -51.79 15.64 26.43
C GLY C 178 -52.55 15.82 25.13
N THR C 179 -51.87 16.35 24.11
CA THR C 179 -52.51 16.76 22.87
C THR C 179 -52.10 15.82 21.75
N ASN C 180 -53.07 15.43 20.91
CA ASN C 180 -52.82 14.54 19.79
C ASN C 180 -52.38 15.28 18.52
N THR C 181 -51.93 16.54 18.65
CA THR C 181 -51.40 17.27 17.52
C THR C 181 -50.31 18.23 17.98
N GLY C 182 -49.35 18.49 17.10
CA GLY C 182 -48.25 19.40 17.40
C GLY C 182 -46.94 18.71 17.65
N VAL C 183 -46.14 19.26 18.59
CA VAL C 183 -44.89 18.59 18.95
C VAL C 183 -45.17 17.37 19.82
N MET C 184 -46.32 17.35 20.51
CA MET C 184 -46.70 16.17 21.28
C MET C 184 -46.99 14.99 20.37
N LYS C 185 -47.62 15.24 19.21
CA LYS C 185 -47.87 14.19 18.24
C LYS C 185 -46.58 13.65 17.63
N HIS C 186 -45.62 14.54 17.34
CA HIS C 186 -44.38 14.07 16.74
C HIS C 186 -43.49 13.35 17.76
N VAL C 187 -43.48 13.80 19.01
CA VAL C 187 -42.81 13.06 20.08
C VAL C 187 -43.47 11.70 20.29
N GLY C 188 -44.80 11.65 20.22
CA GLY C 188 -45.50 10.39 20.37
C GLY C 188 -45.28 9.42 19.23
N GLU C 189 -45.22 9.93 17.99
CA GLU C 189 -44.89 9.07 16.85
C GLU C 189 -43.44 8.63 16.88
N ALA C 190 -42.55 9.49 17.37
CA ALA C 190 -41.15 9.10 17.54
C ALA C 190 -40.99 8.02 18.59
N VAL C 191 -41.74 8.11 19.69
CA VAL C 191 -41.75 7.04 20.69
C VAL C 191 -42.36 5.78 20.11
N LYS C 192 -43.41 5.92 19.29
CA LYS C 192 -44.11 4.78 18.70
C LYS C 192 -43.21 3.99 17.76
N GLU C 193 -42.46 4.68 16.90
CA GLU C 193 -41.54 3.98 16.02
C GLU C 193 -40.25 3.57 16.71
N GLN C 194 -40.02 3.98 17.96
CA GLN C 194 -38.80 3.65 18.67
C GLN C 194 -39.06 3.01 20.04
N GLN C 195 -40.28 2.53 20.29
CA GLN C 195 -40.52 1.60 21.38
C GLN C 195 -40.96 0.23 20.89
N LEU C 196 -41.40 0.14 19.64
CA LEU C 196 -41.72 -1.15 19.05
C LEU C 196 -40.47 -1.80 18.49
N MET C 197 -40.37 -3.11 18.72
CA MET C 197 -39.33 -3.99 18.17
C MET C 197 -37.93 -3.54 18.61
N PHE C 198 -37.73 -3.68 19.91
CA PHE C 198 -36.42 -3.55 20.55
C PHE C 198 -36.35 -4.64 21.61
N GLY C 199 -35.40 -4.51 22.54
CA GLY C 199 -35.43 -5.32 23.74
C GLY C 199 -36.68 -5.07 24.56
N SER C 200 -37.02 -6.07 25.40
CA SER C 200 -38.28 -6.02 26.13
C SER C 200 -38.25 -4.98 27.24
N ASP C 201 -37.07 -4.64 27.74
CA ASP C 201 -36.93 -3.57 28.75
C ASP C 201 -36.65 -2.22 28.11
N THR C 202 -37.46 -1.84 27.12
CA THR C 202 -37.35 -0.57 26.42
C THR C 202 -38.71 0.10 26.45
N GLN C 203 -38.99 0.83 27.53
CA GLN C 203 -40.23 1.59 27.67
C GLN C 203 -39.91 2.92 28.32
N VAL C 204 -40.27 4.01 27.66
CA VAL C 204 -40.05 5.36 28.17
C VAL C 204 -41.34 5.84 28.81
N ASN C 205 -41.24 6.26 30.08
CA ASN C 205 -42.40 6.77 30.82
C ASN C 205 -42.73 8.16 30.29
N VAL C 206 -43.75 8.24 29.44
CA VAL C 206 -44.14 9.48 28.79
C VAL C 206 -45.34 10.04 29.56
N ILE C 207 -45.08 11.07 30.37
CA ILE C 207 -46.12 11.72 31.16
C ILE C 207 -46.66 12.90 30.37
N GLY C 208 -47.97 13.06 30.34
CA GLY C 208 -48.59 14.23 29.76
C GLY C 208 -49.39 15.01 30.77
N ILE C 209 -48.97 16.25 31.04
CA ILE C 209 -49.72 17.17 31.90
C ILE C 209 -50.54 18.07 30.99
N ALA C 210 -51.86 17.98 31.11
CA ALA C 210 -52.76 18.78 30.29
C ALA C 210 -53.97 19.18 31.13
N THR C 211 -54.97 19.75 30.46
CA THR C 211 -56.17 20.23 31.13
C THR C 211 -57.35 19.31 30.84
N TRP C 212 -58.25 19.21 31.82
CA TRP C 212 -59.50 18.49 31.64
C TRP C 212 -60.48 19.27 30.77
N GLY C 213 -60.29 20.57 30.62
CA GLY C 213 -61.14 21.40 29.81
C GLY C 213 -60.89 21.35 28.31
N ILE C 214 -60.04 20.45 27.83
CA ILE C 214 -59.81 20.33 26.39
C ILE C 214 -60.09 18.90 25.94
N VAL C 215 -60.14 17.96 26.88
CA VAL C 215 -60.29 16.56 26.51
C VAL C 215 -61.76 16.25 26.23
N ASP C 216 -62.00 15.13 25.56
CA ASP C 216 -63.34 14.70 25.20
C ASP C 216 -64.00 13.98 26.37
N GLY C 243 -61.65 20.90 23.09
CA GLY C 243 -60.32 21.39 22.81
C GLY C 243 -59.50 20.48 21.93
N ALA C 244 -58.91 19.45 22.54
CA ALA C 244 -58.07 18.50 21.81
C ALA C 244 -58.07 17.17 22.54
N MET C 245 -58.15 16.08 21.78
CA MET C 245 -58.16 14.75 22.34
C MET C 245 -56.76 14.34 22.78
N LEU C 246 -56.70 13.23 23.51
CA LEU C 246 -55.43 12.74 24.06
C LEU C 246 -54.61 12.03 22.99
N ASP C 247 -53.30 12.20 23.08
CA ASP C 247 -52.39 11.46 22.23
C ASP C 247 -52.27 10.03 22.76
N PRO C 248 -52.54 9.01 21.94
CA PRO C 248 -52.49 7.63 22.43
C PRO C 248 -51.10 7.05 22.62
N ASN C 249 -50.03 7.85 22.59
CA ASN C 249 -48.68 7.34 22.81
C ASN C 249 -48.08 7.74 24.14
N HIS C 250 -48.75 8.61 24.90
CA HIS C 250 -48.30 8.92 26.25
C HIS C 250 -48.54 7.74 27.18
N SER C 251 -47.83 7.75 28.31
CA SER C 251 -47.91 6.66 29.27
C SER C 251 -48.62 7.03 30.56
N HIS C 252 -48.71 8.32 30.89
CA HIS C 252 -49.39 8.76 32.10
C HIS C 252 -50.08 10.09 31.80
N PHE C 253 -51.23 10.34 32.43
CA PHE C 253 -51.99 11.55 32.18
C PHE C 253 -52.33 12.28 33.48
N PHE C 254 -51.96 13.56 33.54
CA PHE C 254 -52.35 14.47 34.62
C PHE C 254 -53.29 15.51 34.01
N LEU C 255 -54.59 15.35 34.22
CA LEU C 255 -55.58 16.26 33.65
C LEU C 255 -56.10 17.16 34.77
N VAL C 256 -55.77 18.46 34.69
CA VAL C 256 -56.01 19.38 35.80
C VAL C 256 -56.86 20.56 35.34
N ASP C 257 -57.80 20.98 36.19
CA ASP C 257 -58.67 22.10 35.88
C ASP C 257 -59.21 22.74 37.16
N ASP C 258 -59.74 23.95 37.02
CA ASP C 258 -60.51 24.59 38.08
C ASP C 258 -61.80 25.24 37.60
N GLY C 259 -61.90 25.64 36.34
CA GLY C 259 -63.06 26.33 35.83
C GLY C 259 -63.61 25.67 34.59
N THR C 260 -64.18 26.49 33.71
CA THR C 260 -64.83 26.03 32.50
C THR C 260 -63.79 25.67 31.44
N GLU C 261 -64.27 25.22 30.28
CA GLU C 261 -63.38 24.79 29.21
C GLU C 261 -62.75 26.01 28.53
N GLY C 262 -61.47 25.86 28.17
CA GLY C 262 -60.69 26.93 27.59
C GLY C 262 -59.58 27.45 28.47
N LYS C 263 -59.51 27.01 29.72
CA LYS C 263 -58.44 27.44 30.62
C LYS C 263 -57.17 26.66 30.35
N TYR C 264 -56.05 27.37 30.25
CA TYR C 264 -54.77 26.79 29.86
C TYR C 264 -53.68 26.91 30.91
N GLY C 265 -53.76 27.90 31.81
CA GLY C 265 -52.65 28.19 32.71
C GLY C 265 -52.48 27.22 33.86
N VAL C 266 -53.51 26.44 34.18
CA VAL C 266 -53.39 25.47 35.26
C VAL C 266 -52.49 24.31 34.86
N GLU C 267 -52.45 23.99 33.55
CA GLU C 267 -51.45 23.07 33.01
C GLU C 267 -50.04 23.61 33.23
N ILE C 268 -49.87 24.92 33.04
CA ILE C 268 -48.56 25.56 33.19
C ILE C 268 -48.12 25.53 34.66
N GLY C 269 -49.05 25.80 35.57
CA GLY C 269 -48.72 25.81 37.00
C GLY C 269 -48.42 24.42 37.54
N MET C 270 -49.17 23.41 37.09
CA MET C 270 -48.87 22.05 37.50
C MET C 270 -47.56 21.55 36.91
N ARG C 271 -47.28 21.89 35.65
CA ARG C 271 -46.02 21.51 35.02
C ARG C 271 -44.83 22.21 35.67
N SER C 272 -45.06 23.37 36.27
CA SER C 272 -44.02 24.01 37.08
C SER C 272 -43.82 23.29 38.42
N ARG C 273 -44.89 23.15 39.20
CA ARG C 273 -44.72 22.71 40.59
C ARG C 273 -44.45 21.20 40.72
N ILE C 274 -45.00 20.37 39.83
CA ILE C 274 -44.73 18.94 39.88
C ILE C 274 -43.26 18.67 39.54
N GLU C 275 -42.71 19.37 38.54
CA GLU C 275 -41.30 19.19 38.23
C GLU C 275 -40.39 19.82 39.27
N GLU C 276 -40.87 20.87 39.97
CA GLU C 276 -40.15 21.36 41.15
C GLU C 276 -40.05 20.28 42.22
N ALA C 277 -41.16 19.58 42.49
CA ALA C 277 -41.13 18.50 43.46
C ALA C 277 -40.37 17.28 42.97
N ILE C 278 -40.23 17.11 41.65
CA ILE C 278 -39.29 16.13 41.11
C ILE C 278 -37.85 16.52 41.46
N MET C 279 -37.53 17.81 41.31
CA MET C 279 -36.20 18.31 41.70
C MET C 279 -35.95 18.19 43.19
N LYS C 280 -37.01 18.23 44.01
CA LYS C 280 -36.84 18.06 45.44
C LYS C 280 -36.45 16.61 45.78
N VAL C 281 -37.13 15.64 45.18
CA VAL C 281 -36.85 14.23 45.45
C VAL C 281 -35.72 13.73 44.57
N ILE C 292 -29.59 19.19 44.23
CA ILE C 292 -30.89 18.56 43.99
C ILE C 292 -30.72 17.06 43.82
N GLY C 293 -31.85 16.35 43.75
CA GLY C 293 -31.82 14.91 43.58
C GLY C 293 -31.90 14.48 42.13
N VAL C 294 -32.90 14.97 41.41
CA VAL C 294 -33.18 14.57 40.04
C VAL C 294 -33.01 15.78 39.13
N PRO C 295 -32.13 15.72 38.13
CA PRO C 295 -32.03 16.84 37.18
C PRO C 295 -33.18 16.86 36.19
N VAL C 296 -33.84 18.01 36.08
CA VAL C 296 -34.96 18.21 35.16
C VAL C 296 -34.53 19.26 34.14
N VAL C 297 -34.75 18.96 32.86
CA VAL C 297 -34.35 19.83 31.76
C VAL C 297 -35.60 20.17 30.95
N LEU C 298 -35.55 21.32 30.28
CA LEU C 298 -36.61 21.79 29.40
C LEU C 298 -36.10 21.90 27.97
N LEU C 299 -36.91 21.43 27.02
CA LEU C 299 -36.65 21.57 25.59
C LEU C 299 -37.79 22.38 25.00
N VAL C 300 -37.44 23.45 24.29
CA VAL C 300 -38.43 24.34 23.68
C VAL C 300 -38.10 24.47 22.20
N LEU C 301 -39.06 24.13 21.34
CA LEU C 301 -38.96 24.38 19.91
C LEU C 301 -40.36 24.57 19.35
N GLU C 302 -40.53 25.63 18.55
CA GLU C 302 -41.71 25.86 17.69
C GLU C 302 -43.01 25.96 18.51
N GLY C 303 -43.07 26.95 19.38
CA GLY C 303 -44.20 27.09 20.27
C GLY C 303 -44.94 28.41 20.19
N GLY C 304 -45.86 28.65 21.12
CA GLY C 304 -46.63 29.87 21.13
C GLY C 304 -46.54 30.63 22.44
N PRO C 305 -47.64 31.28 22.84
CA PRO C 305 -47.62 32.04 24.10
C PRO C 305 -47.58 31.15 25.33
N ASN C 306 -48.32 30.03 25.33
CA ASN C 306 -48.27 29.12 26.47
C ASN C 306 -46.95 28.38 26.54
N THR C 307 -46.25 28.24 25.42
CA THR C 307 -44.92 27.64 25.41
C THR C 307 -43.92 28.50 26.17
N VAL C 308 -43.85 29.79 25.84
CA VAL C 308 -42.94 30.67 26.56
C VAL C 308 -43.45 30.96 27.97
N ALA C 309 -44.76 30.80 28.22
CA ALA C 309 -45.27 30.86 29.59
C ALA C 309 -44.77 29.69 30.43
N THR C 310 -44.78 28.48 29.87
CA THR C 310 -44.18 27.33 30.54
C THR C 310 -42.68 27.51 30.71
N MET C 311 -42.02 28.13 29.72
CA MET C 311 -40.60 28.46 29.83
C MET C 311 -40.32 29.34 31.04
N TYR C 312 -41.11 30.40 31.20
CA TYR C 312 -40.94 31.31 32.34
C TYR C 312 -41.25 30.63 33.66
N GLU C 313 -42.36 29.88 33.73
CA GLU C 313 -42.72 29.22 34.97
C GLU C 313 -41.80 28.06 35.34
N LEU C 314 -41.06 27.50 34.38
CA LEU C 314 -40.06 26.50 34.69
C LEU C 314 -38.68 27.09 35.00
N ILE C 315 -38.36 28.26 34.45
CA ILE C 315 -37.19 29.00 34.94
C ILE C 315 -37.43 29.48 36.37
N LYS C 316 -38.68 29.77 36.73
CA LYS C 316 -39.02 30.09 38.12
C LYS C 316 -38.83 28.89 39.05
N LYS C 317 -38.99 27.66 38.54
CA LYS C 317 -38.83 26.47 39.36
C LYS C 317 -37.43 25.86 39.25
N LYS C 318 -36.45 26.65 38.81
CA LYS C 318 -35.03 26.27 38.70
C LYS C 318 -34.82 25.07 37.78
N VAL C 319 -35.63 24.98 36.73
CA VAL C 319 -35.45 23.97 35.68
C VAL C 319 -34.71 24.64 34.52
N PRO C 320 -33.51 24.20 34.18
CA PRO C 320 -32.81 24.77 33.02
C PRO C 320 -33.47 24.37 31.71
N ALA C 321 -33.32 25.23 30.71
CA ALA C 321 -34.03 25.11 29.44
C ALA C 321 -33.05 25.10 28.28
N VAL C 322 -33.39 24.33 27.25
CA VAL C 322 -32.65 24.27 25.99
C VAL C 322 -33.61 24.68 24.87
N VAL C 323 -33.25 25.75 24.17
CA VAL C 323 -34.10 26.33 23.13
C VAL C 323 -33.49 26.03 21.78
N ILE C 324 -34.23 25.33 20.92
CA ILE C 324 -33.77 25.01 19.57
C ILE C 324 -33.94 26.25 18.72
N ASP C 325 -32.84 26.98 18.52
CA ASP C 325 -32.88 28.17 17.66
C ASP C 325 -32.92 27.75 16.20
N GLY C 326 -33.51 28.59 15.37
CA GLY C 326 -33.67 28.25 13.97
C GLY C 326 -34.72 27.21 13.71
N SER C 327 -35.69 27.07 14.60
CA SER C 327 -36.74 26.06 14.48
C SER C 327 -38.07 26.63 14.02
N GLY C 328 -38.60 27.62 14.75
CA GLY C 328 -39.93 28.10 14.46
C GLY C 328 -40.19 29.56 14.79
N ARG C 329 -41.34 29.82 15.41
CA ARG C 329 -41.84 31.18 15.57
C ARG C 329 -41.56 31.79 16.93
N ALA C 330 -41.41 30.99 17.99
CA ALA C 330 -41.10 31.51 19.32
C ALA C 330 -39.73 31.13 19.83
N ALA C 331 -39.23 29.95 19.48
CA ALA C 331 -37.89 29.56 19.88
C ALA C 331 -36.82 30.38 19.19
N SER C 332 -37.11 30.83 17.95
CA SER C 332 -36.22 31.77 17.28
C SER C 332 -36.21 33.13 17.97
N VAL C 333 -37.32 33.52 18.59
CA VAL C 333 -37.37 34.78 19.34
C VAL C 333 -36.52 34.69 20.60
N VAL C 334 -36.58 33.54 21.29
CA VAL C 334 -35.77 33.34 22.49
C VAL C 334 -34.29 33.27 22.13
N GLY C 335 -33.97 32.63 20.99
CA GLY C 335 -32.59 32.59 20.54
C GLY C 335 -32.06 33.95 20.12
N PHE C 336 -32.87 34.73 19.39
CA PHE C 336 -32.48 36.06 18.95
C PHE C 336 -32.43 37.06 20.10
N ALA C 337 -33.16 36.79 21.19
CA ALA C 337 -32.99 37.58 22.40
C ALA C 337 -31.81 37.11 23.25
N TYR C 338 -31.36 35.87 23.04
CA TYR C 338 -30.25 35.34 23.85
C TYR C 338 -28.88 35.78 23.31
N ASN C 339 -28.55 35.34 22.09
CA ASN C 339 -27.17 35.49 21.61
C ASN C 339 -26.92 36.80 20.86
N HIS C 340 -27.98 37.45 20.38
CA HIS C 340 -27.82 38.71 19.66
C HIS C 340 -27.90 39.92 20.58
N THR C 341 -28.58 39.79 21.72
CA THR C 341 -28.81 40.92 22.61
C THR C 341 -28.28 40.65 24.01
N ILE C 342 -27.05 40.16 24.10
CA ILE C 342 -26.42 39.91 25.40
C ILE C 342 -25.90 41.22 25.97
N LYS C 343 -26.09 41.41 27.27
CA LYS C 343 -25.68 42.65 27.95
C LYS C 343 -25.62 42.39 29.44
N ARG C 344 -24.56 42.92 30.08
CA ARG C 344 -24.39 42.87 31.53
C ARG C 344 -24.08 44.29 32.01
N ASN C 345 -25.11 45.00 32.49
CA ASN C 345 -24.97 46.41 32.86
C ASN C 345 -25.73 46.68 34.17
N VAL C 346 -25.55 45.81 35.17
CA VAL C 346 -26.32 45.91 36.40
C VAL C 346 -25.52 45.26 37.53
N ASP C 347 -25.82 45.68 38.76
CA ASP C 347 -25.39 44.98 39.97
C ASP C 347 -26.56 44.17 40.50
N GLY C 348 -26.27 43.25 41.42
CA GLY C 348 -27.30 42.32 41.86
C GLY C 348 -27.23 41.02 41.09
N GLN C 349 -26.07 40.36 41.15
CA GLN C 349 -25.71 39.09 40.53
C GLN C 349 -25.68 39.14 39.00
N THR C 350 -25.68 40.36 38.41
CA THR C 350 -25.31 40.64 37.02
C THR C 350 -26.20 39.87 36.03
N ILE C 351 -27.47 40.28 36.01
CA ILE C 351 -28.48 39.61 35.19
C ILE C 351 -28.30 40.00 33.73
N ASN C 352 -28.96 39.26 32.83
CA ASN C 352 -28.99 39.60 31.42
C ASN C 352 -30.36 40.14 31.06
N VAL C 353 -30.37 41.20 30.25
CA VAL C 353 -31.58 41.84 29.77
C VAL C 353 -31.43 42.07 28.26
N ILE C 354 -32.45 42.70 27.67
CA ILE C 354 -32.42 43.00 26.25
C ILE C 354 -31.46 44.18 26.00
N ASP C 355 -30.98 44.29 24.75
CA ASP C 355 -30.24 45.49 24.40
C ASP C 355 -31.21 46.64 24.14
N PRO C 356 -30.81 47.87 24.50
CA PRO C 356 -31.61 49.04 24.08
C PRO C 356 -31.49 49.35 22.60
N GLN C 357 -30.47 48.81 21.92
CA GLN C 357 -30.32 49.02 20.48
C GLN C 357 -31.30 48.19 19.68
N TYR C 358 -31.48 46.92 20.04
CA TYR C 358 -32.32 45.99 19.28
C TYR C 358 -33.62 45.65 20.01
N GLU C 359 -34.10 46.54 20.88
CA GLU C 359 -35.37 46.28 21.55
C GLU C 359 -36.55 46.51 20.63
N ASP C 360 -36.41 47.38 19.64
CA ASP C 360 -37.49 47.62 18.68
C ASP C 360 -37.66 46.42 17.76
N GLU C 361 -36.55 45.79 17.37
CA GLU C 361 -36.63 44.63 16.48
C GLU C 361 -37.24 43.42 17.18
N VAL C 362 -36.88 43.18 18.45
CA VAL C 362 -37.50 42.08 19.17
C VAL C 362 -38.93 42.41 19.56
N ARG C 363 -39.26 43.70 19.69
CA ARG C 363 -40.64 44.10 19.93
C ARG C 363 -41.51 43.82 18.70
N ALA C 364 -41.01 44.18 17.51
CA ALA C 364 -41.72 43.88 16.27
C ALA C 364 -41.80 42.38 16.01
N LYS C 365 -40.76 41.64 16.40
CA LYS C 365 -40.75 40.19 16.19
C LYS C 365 -41.71 39.49 17.15
N VAL C 366 -41.83 39.98 18.38
CA VAL C 366 -42.74 39.36 19.33
C VAL C 366 -44.19 39.82 19.07
N VAL C 367 -44.39 40.92 18.35
CA VAL C 367 -45.76 41.30 18.01
C VAL C 367 -46.21 40.78 16.65
N GLU C 368 -45.27 40.37 15.78
CA GLU C 368 -45.63 39.95 14.44
C GLU C 368 -45.58 38.44 14.25
N VAL C 369 -44.58 37.76 14.82
CA VAL C 369 -44.36 36.37 14.46
C VAL C 369 -45.29 35.44 15.24
N PHE C 370 -45.53 35.72 16.52
CA PHE C 370 -46.53 34.99 17.28
C PHE C 370 -47.24 35.95 18.23
N GLY C 371 -48.56 35.87 18.27
CA GLY C 371 -49.34 36.70 19.18
C GLY C 371 -49.67 38.05 18.59
N ALA C 372 -50.97 38.36 18.50
CA ALA C 372 -51.40 39.64 17.94
C ALA C 372 -51.65 40.68 19.03
N LYS C 373 -52.55 40.39 19.96
CA LYS C 373 -52.92 41.32 21.01
C LYS C 373 -52.37 40.85 22.35
N GLY C 374 -52.08 41.81 23.22
CA GLY C 374 -51.56 41.50 24.54
C GLY C 374 -50.13 40.99 24.54
N ALA C 375 -49.28 41.52 23.66
CA ALA C 375 -47.90 41.07 23.55
C ALA C 375 -46.97 41.75 24.56
N ASP C 376 -47.49 42.68 25.36
CA ASP C 376 -46.64 43.40 26.31
C ASP C 376 -46.27 42.52 27.49
N LYS C 377 -47.24 41.72 27.98
CA LYS C 377 -46.95 40.84 29.11
C LYS C 377 -46.01 39.71 28.71
N THR C 378 -46.13 39.18 27.50
CA THR C 378 -45.20 38.16 27.07
C THR C 378 -43.86 38.75 26.64
N TYR C 379 -43.80 40.04 26.29
CA TYR C 379 -42.52 40.67 26.01
C TYR C 379 -41.73 40.94 27.30
N SER C 380 -42.41 41.45 28.33
CA SER C 380 -41.77 41.58 29.64
C SER C 380 -41.44 40.22 30.24
N MET C 381 -42.26 39.21 29.96
CA MET C 381 -42.00 37.87 30.47
C MET C 381 -40.83 37.21 29.76
N ILE C 382 -40.68 37.44 28.45
CA ILE C 382 -39.53 36.87 27.72
C ILE C 382 -38.26 37.68 27.99
N LYS C 383 -38.39 38.93 28.47
CA LYS C 383 -37.22 39.61 29.01
C LYS C 383 -36.85 39.07 30.39
N ASP C 384 -37.83 38.71 31.21
CA ASP C 384 -37.55 38.16 32.54
C ASP C 384 -37.14 36.69 32.53
N VAL C 385 -37.35 35.98 31.42
CA VAL C 385 -36.81 34.62 31.28
C VAL C 385 -35.29 34.65 31.31
N LEU C 386 -34.68 35.64 30.65
CA LEU C 386 -33.23 35.75 30.51
C LEU C 386 -32.54 36.31 31.75
N GLU C 387 -33.20 36.30 32.90
CA GLU C 387 -32.68 36.91 34.13
C GLU C 387 -31.47 36.16 34.69
N ASP C 388 -31.31 34.87 34.38
CA ASP C 388 -30.18 34.11 34.87
C ASP C 388 -29.48 33.47 33.68
N GLU C 389 -28.16 33.70 33.57
CA GLU C 389 -27.41 33.20 32.42
C GLU C 389 -27.20 31.69 32.48
N LYS C 390 -27.21 31.11 33.69
CA LYS C 390 -26.96 29.69 33.85
C LYS C 390 -28.21 28.84 33.65
N MET C 391 -29.37 29.47 33.47
CA MET C 391 -30.63 28.74 33.40
C MET C 391 -31.19 28.62 32.00
N ILE C 392 -30.80 29.48 31.08
CA ILE C 392 -31.24 29.41 29.70
C ILE C 392 -30.05 28.97 28.85
N SER C 393 -30.30 28.07 27.91
CA SER C 393 -29.31 27.63 26.94
C SER C 393 -29.99 27.59 25.59
N VAL C 394 -29.28 28.06 24.56
CA VAL C 394 -29.84 28.15 23.22
C VAL C 394 -28.90 27.40 22.28
N TYR C 395 -29.38 26.26 21.77
CA TYR C 395 -28.64 25.44 20.82
C TYR C 395 -29.37 25.47 19.49
N SER C 396 -28.71 26.02 18.47
CA SER C 396 -29.34 26.18 17.17
C SER C 396 -29.25 24.90 16.35
N LEU C 397 -29.85 24.93 15.16
CA LEU C 397 -29.69 23.82 14.23
C LEU C 397 -28.51 24.06 13.29
N ASP C 398 -28.54 25.17 12.55
CA ASP C 398 -27.55 25.43 11.50
C ASP C 398 -26.18 25.79 12.08
N GLY C 399 -26.10 26.13 13.36
CA GLY C 399 -24.82 26.35 14.01
C GLY C 399 -24.07 25.04 14.17
N GLU C 400 -24.68 24.07 14.83
CA GLU C 400 -24.09 22.74 15.01
C GLU C 400 -25.14 21.69 14.66
N ILE C 401 -24.95 21.01 13.52
CA ILE C 401 -25.82 19.91 13.14
C ILE C 401 -25.35 18.59 13.73
N SER C 402 -24.05 18.30 13.63
CA SER C 402 -23.47 17.05 14.07
C SER C 402 -23.33 16.96 15.60
N GLN C 403 -23.74 17.98 16.34
CA GLN C 403 -23.77 17.93 17.79
C GLN C 403 -25.17 17.53 18.24
N ASP C 404 -25.26 16.42 18.97
CA ASP C 404 -26.55 15.87 19.37
C ASP C 404 -27.17 16.67 20.50
N ILE C 405 -28.49 16.55 20.64
CA ILE C 405 -29.23 17.35 21.62
C ILE C 405 -28.96 16.90 23.05
N ASP C 406 -28.47 15.67 23.24
CA ASP C 406 -28.17 15.20 24.58
C ASP C 406 -26.96 15.91 25.17
N LEU C 407 -25.99 16.28 24.32
CA LEU C 407 -24.88 17.12 24.79
C LEU C 407 -25.36 18.51 25.16
N ALA C 408 -26.38 19.04 24.47
CA ALA C 408 -26.96 20.33 24.85
C ALA C 408 -27.68 20.25 26.19
N ILE C 409 -28.40 19.15 26.41
CA ILE C 409 -29.05 18.90 27.70
C ILE C 409 -28.03 18.77 28.82
N LEU C 410 -26.93 18.06 28.55
CA LEU C 410 -25.91 17.87 29.56
C LEU C 410 -25.14 19.15 29.85
N LYS C 411 -24.90 19.98 28.82
CA LYS C 411 -24.28 21.28 29.03
C LYS C 411 -25.20 22.21 29.81
N ALA C 412 -26.52 22.14 29.59
CA ALA C 412 -27.45 22.94 30.38
C ALA C 412 -27.46 22.51 31.84
N LEU C 413 -27.42 21.19 32.09
CA LEU C 413 -27.44 20.70 33.47
C LEU C 413 -26.12 20.96 34.19
N LEU C 414 -24.99 20.92 33.48
CA LEU C 414 -23.71 21.28 34.06
C LEU C 414 -23.51 22.79 34.14
N LYS C 415 -24.30 23.56 33.39
CA LYS C 415 -24.25 25.01 33.45
C LYS C 415 -25.09 25.55 34.58
N ALA C 416 -26.21 24.88 34.90
CA ALA C 416 -27.10 25.33 35.97
C ALA C 416 -26.45 25.18 37.34
N ASN C 417 -25.55 24.21 37.49
CA ASN C 417 -24.78 23.95 38.72
C ASN C 417 -25.71 23.68 39.92
N ARG C 418 -26.65 22.77 39.71
CA ARG C 418 -27.56 22.35 40.77
C ARG C 418 -27.56 20.85 41.01
N SER C 419 -27.20 20.05 40.03
CA SER C 419 -27.27 18.60 40.15
C SER C 419 -26.10 18.07 40.97
N SER C 420 -26.25 16.83 41.45
CA SER C 420 -25.17 16.15 42.11
C SER C 420 -24.07 15.79 41.10
N PRO C 421 -22.83 15.67 41.55
CA PRO C 421 -21.77 15.21 40.63
C PRO C 421 -21.97 13.79 40.13
N VAL C 422 -22.61 12.92 40.90
CA VAL C 422 -22.87 11.56 40.44
C VAL C 422 -23.99 11.53 39.41
N ALA C 423 -24.93 12.49 39.49
CA ALA C 423 -26.00 12.57 38.49
C ALA C 423 -25.48 13.10 37.17
N GLN C 424 -24.62 14.13 37.23
CA GLN C 424 -23.92 14.60 36.04
C GLN C 424 -23.02 13.50 35.47
N LEU C 425 -22.43 12.70 36.36
CA LEU C 425 -21.53 11.64 35.93
C LEU C 425 -22.25 10.51 35.21
N ASN C 426 -23.38 10.03 35.75
CA ASN C 426 -24.04 8.93 35.04
C ASN C 426 -24.89 9.42 33.87
N LEU C 427 -25.27 10.70 33.83
CA LEU C 427 -25.80 11.25 32.58
C LEU C 427 -24.73 11.34 31.50
N ALA C 428 -23.49 11.67 31.89
CA ALA C 428 -22.38 11.62 30.93
C ALA C 428 -22.05 10.19 30.52
N LEU C 429 -22.25 9.22 31.43
CA LEU C 429 -22.04 7.82 31.10
C LEU C 429 -23.04 7.33 30.06
N ALA C 430 -24.33 7.64 30.29
CA ALA C 430 -25.38 7.14 29.41
C ALA C 430 -25.28 7.71 28.00
N TRP C 431 -24.67 8.88 27.84
CA TRP C 431 -24.58 9.57 26.57
C TRP C 431 -23.19 9.50 25.94
N ASN C 432 -22.24 8.81 26.59
CA ASN C 432 -20.87 8.62 26.11
C ASN C 432 -20.16 9.96 25.89
N ARG C 433 -20.33 10.87 26.85
CA ARG C 433 -19.76 12.21 26.78
C ARG C 433 -18.50 12.23 27.63
N ILE C 434 -17.38 11.89 27.01
CA ILE C 434 -16.12 11.77 27.74
C ILE C 434 -15.39 13.10 27.88
N ASP C 435 -15.49 13.98 26.88
CA ASP C 435 -14.75 15.24 26.91
C ASP C 435 -15.36 16.23 27.89
N LEU C 436 -16.70 16.30 27.93
CA LEU C 436 -17.35 17.16 28.91
C LEU C 436 -17.19 16.62 30.33
N ALA C 437 -17.08 15.30 30.47
CA ALA C 437 -16.80 14.72 31.77
C ALA C 437 -15.38 15.05 32.22
N LYS C 438 -14.41 14.99 31.31
CA LYS C 438 -13.05 15.38 31.65
C LYS C 438 -12.94 16.88 31.92
N SER C 439 -13.78 17.69 31.27
CA SER C 439 -13.70 19.14 31.42
C SER C 439 -14.35 19.60 32.72
N ASP C 440 -15.63 19.28 32.92
CA ASP C 440 -16.44 19.95 33.93
C ASP C 440 -17.00 19.03 35.01
N ILE C 441 -16.73 17.72 34.95
CA ILE C 441 -17.15 16.81 36.01
C ILE C 441 -15.98 16.34 36.87
N PHE C 442 -14.79 16.20 36.29
CA PHE C 442 -13.61 15.71 36.98
C PHE C 442 -12.61 16.84 37.23
N THR C 443 -13.11 18.00 37.64
CA THR C 443 -12.29 19.16 37.93
C THR C 443 -11.44 18.93 39.19
N GLU C 444 -10.57 19.90 39.46
CA GLU C 444 -9.64 19.79 40.58
C GLU C 444 -10.35 19.95 41.92
N GLU C 445 -11.22 20.97 42.03
CA GLU C 445 -11.82 21.33 43.31
C GLU C 445 -12.82 20.30 43.81
N GLN C 446 -13.31 19.42 42.95
CA GLN C 446 -14.23 18.36 43.34
C GLN C 446 -13.47 17.04 43.37
N GLN C 447 -13.44 16.41 44.54
CA GLN C 447 -12.65 15.20 44.78
C GLN C 447 -13.55 13.97 44.72
N TRP C 448 -13.10 12.95 44.00
CA TRP C 448 -13.81 11.69 43.88
C TRP C 448 -13.19 10.62 44.77
N THR C 449 -14.00 9.62 45.10
CA THR C 449 -13.55 8.48 45.91
C THR C 449 -14.03 7.16 45.31
N THR C 450 -13.88 6.08 46.07
CA THR C 450 -14.29 4.76 45.60
C THR C 450 -15.81 4.63 45.56
N GLU C 451 -16.49 5.05 46.63
CA GLU C 451 -17.91 4.80 46.78
C GLU C 451 -18.76 5.68 45.87
N THR C 452 -18.31 6.90 45.56
CA THR C 452 -19.04 7.74 44.63
C THR C 452 -18.84 7.30 43.20
N LEU C 453 -17.67 6.74 42.87
CA LEU C 453 -17.39 6.23 41.54
C LEU C 453 -17.78 4.77 41.35
N SER C 454 -18.32 4.11 42.37
CA SER C 454 -18.53 2.67 42.33
C SER C 454 -19.64 2.27 41.36
N ALA C 455 -20.83 2.85 41.51
CA ALA C 455 -21.94 2.51 40.61
C ALA C 455 -21.69 3.01 39.20
N ALA C 456 -20.97 4.13 39.07
CA ALA C 456 -20.55 4.62 37.76
C ALA C 456 -19.55 3.67 37.11
N MET C 457 -18.66 3.08 37.89
CA MET C 457 -17.72 2.10 37.37
C MET C 457 -18.44 0.84 36.93
N LEU C 458 -19.44 0.42 37.69
CA LEU C 458 -20.23 -0.75 37.31
C LEU C 458 -21.00 -0.50 36.02
N THR C 459 -21.54 0.71 35.86
CA THR C 459 -22.22 1.09 34.62
C THR C 459 -21.25 1.15 33.44
N ALA C 460 -20.05 1.69 33.67
CA ALA C 460 -19.07 1.81 32.59
C ALA C 460 -18.49 0.45 32.19
N LEU C 461 -18.38 -0.47 33.14
CA LEU C 461 -17.94 -1.83 32.80
C LEU C 461 -19.02 -2.58 32.04
N LEU C 462 -20.26 -2.58 32.56
CA LEU C 462 -21.32 -3.39 31.98
C LEU C 462 -21.79 -2.87 30.63
N ASP C 463 -21.57 -1.61 30.31
CA ASP C 463 -21.99 -1.04 29.04
C ASP C 463 -20.85 -0.85 28.05
N ASP C 464 -19.64 -1.35 28.38
CA ASP C 464 -18.41 -1.17 27.61
C ASP C 464 -18.12 0.32 27.36
N LYS C 465 -17.82 1.01 28.44
CA LYS C 465 -17.37 2.41 28.40
C LYS C 465 -15.94 2.41 28.92
N ALA C 466 -15.00 2.17 28.00
CA ALA C 466 -13.61 1.96 28.39
C ALA C 466 -12.89 3.26 28.70
N GLU C 467 -13.24 4.34 28.00
CA GLU C 467 -12.66 5.64 28.30
C GLU C 467 -13.13 6.14 29.66
N PHE C 468 -14.40 5.90 29.99
CA PHE C 468 -14.91 6.24 31.32
C PHE C 468 -14.29 5.35 32.39
N ALA C 469 -14.07 4.07 32.09
CA ALA C 469 -13.44 3.15 33.03
C ALA C 469 -12.00 3.56 33.32
N GLU C 470 -11.27 3.92 32.26
CA GLU C 470 -9.90 4.44 32.40
C GLU C 470 -9.88 5.72 33.22
N LEU C 471 -10.82 6.63 32.96
CA LEU C 471 -10.88 7.90 33.66
C LEU C 471 -11.22 7.71 35.14
N PHE C 472 -12.10 6.75 35.44
CA PHE C 472 -12.43 6.41 36.82
C PHE C 472 -11.20 5.85 37.53
N LEU C 473 -10.46 4.97 36.86
CA LEU C 473 -9.27 4.38 37.49
C LEU C 473 -8.16 5.40 37.68
N GLN C 474 -8.07 6.43 36.83
CA GLN C 474 -7.00 7.42 36.96
C GLN C 474 -7.46 8.75 37.56
N ASN C 475 -8.66 8.83 38.14
CA ASN C 475 -9.02 9.99 38.96
C ASN C 475 -9.14 9.69 40.44
N GLY C 476 -10.01 8.77 40.84
CA GLY C 476 -10.26 8.59 42.26
C GLY C 476 -10.49 7.18 42.76
N LEU C 477 -10.37 6.20 41.88
CA LEU C 477 -10.85 4.85 42.15
C LEU C 477 -9.74 3.81 42.03
N SER C 478 -9.75 2.85 42.95
CA SER C 478 -8.85 1.71 42.93
C SER C 478 -9.66 0.42 42.78
N MET C 479 -9.14 -0.51 41.99
CA MET C 479 -9.77 -1.83 41.85
C MET C 479 -9.75 -2.62 43.16
N ARG C 480 -8.78 -2.35 44.04
CA ARG C 480 -8.66 -3.08 45.30
C ARG C 480 -9.85 -2.83 46.21
N GLU C 481 -10.36 -1.60 46.23
CA GLU C 481 -11.51 -1.25 47.05
C GLU C 481 -12.83 -1.43 46.33
N PHE C 482 -12.82 -1.30 45.00
CA PHE C 482 -14.06 -1.39 44.22
C PHE C 482 -14.58 -2.82 44.14
N LEU C 483 -13.79 -3.72 43.56
CA LEU C 483 -14.29 -5.04 43.19
C LEU C 483 -14.42 -5.95 44.41
N SER C 484 -15.58 -6.59 44.54
CA SER C 484 -15.84 -7.63 45.51
C SER C 484 -16.28 -8.89 44.78
N LEU C 485 -16.73 -9.90 45.54
CA LEU C 485 -17.14 -11.16 44.93
C LEU C 485 -18.47 -10.99 44.20
N ASP C 486 -19.43 -10.30 44.83
CA ASP C 486 -20.76 -10.16 44.23
C ASP C 486 -20.75 -9.24 43.02
N ILE C 487 -19.90 -8.20 43.04
CA ILE C 487 -19.74 -7.33 41.88
C ILE C 487 -19.13 -8.10 40.72
N LEU C 488 -18.19 -9.00 41.01
CA LEU C 488 -17.55 -9.78 39.96
C LEU C 488 -18.50 -10.82 39.37
N CYS C 489 -19.29 -11.49 40.22
CA CYS C 489 -20.25 -12.47 39.71
C CYS C 489 -21.40 -11.79 38.97
N LYS C 490 -21.80 -10.60 39.43
CA LYS C 490 -22.76 -9.79 38.69
C LYS C 490 -22.16 -9.27 37.39
N LEU C 491 -20.85 -9.01 37.38
CA LEU C 491 -20.18 -8.54 36.18
C LEU C 491 -20.13 -9.63 35.11
N TYR C 492 -19.92 -10.87 35.53
CA TYR C 492 -20.10 -12.02 34.63
C TYR C 492 -21.57 -12.36 34.39
N ALA C 493 -22.50 -11.82 35.19
CA ALA C 493 -23.91 -12.13 35.00
C ALA C 493 -24.55 -11.35 33.86
N GLU C 494 -24.28 -10.04 33.78
CA GLU C 494 -24.87 -9.18 32.75
C GLU C 494 -23.94 -8.98 31.57
N VAL C 495 -23.25 -10.04 31.14
CA VAL C 495 -22.61 -10.11 29.82
C VAL C 495 -23.71 -9.94 28.77
N PRO C 496 -23.44 -9.27 27.62
CA PRO C 496 -24.54 -8.85 26.75
C PRO C 496 -25.33 -9.95 26.05
N GLY C 497 -24.65 -10.87 25.37
CA GLY C 497 -25.37 -11.93 24.68
C GLY C 497 -24.82 -12.26 23.32
N ASN C 498 -24.19 -11.28 22.66
CA ASN C 498 -23.55 -11.48 21.36
C ASN C 498 -22.13 -12.02 21.48
N THR C 499 -21.71 -12.43 22.67
CA THR C 499 -20.36 -12.92 22.93
C THR C 499 -20.30 -14.43 22.82
N THR C 500 -19.09 -14.96 22.96
CA THR C 500 -18.87 -16.40 23.09
C THR C 500 -19.04 -16.85 24.55
N ILE C 501 -18.76 -15.93 25.48
CA ILE C 501 -18.71 -16.29 26.89
C ILE C 501 -20.10 -16.55 27.46
N LYS C 502 -21.15 -15.94 26.91
CA LYS C 502 -22.49 -16.30 27.40
C LYS C 502 -22.93 -17.70 26.96
N PRO C 503 -22.74 -18.14 25.69
CA PRO C 503 -22.95 -19.58 25.42
C PRO C 503 -22.04 -20.52 26.20
N LEU C 504 -20.77 -20.15 26.44
CA LEU C 504 -19.90 -21.03 27.22
C LEU C 504 -20.33 -21.14 28.67
N LEU C 505 -20.69 -20.02 29.30
CA LEU C 505 -21.13 -20.03 30.69
C LEU C 505 -22.49 -20.70 30.84
N GLN C 506 -23.40 -20.50 29.88
CA GLN C 506 -24.70 -21.16 29.97
C GLN C 506 -24.59 -22.66 29.66
N LYS C 507 -23.63 -23.07 28.83
CA LYS C 507 -23.40 -24.48 28.60
C LYS C 507 -22.80 -25.14 29.84
N GLU C 508 -21.92 -24.43 30.56
CA GLU C 508 -21.37 -25.00 31.77
C GLU C 508 -22.37 -25.00 32.93
N MET C 509 -23.23 -23.98 33.02
CA MET C 509 -24.29 -23.99 34.02
C MET C 509 -25.36 -25.02 33.69
N GLY C 510 -25.52 -25.37 32.40
CA GLY C 510 -26.38 -26.49 32.05
C GLY C 510 -25.78 -27.82 32.45
N LYS C 511 -24.45 -27.90 32.51
CA LYS C 511 -23.77 -29.12 32.95
C LYS C 511 -23.75 -29.27 34.47
N ARG C 512 -24.12 -28.22 35.21
CA ARG C 512 -24.10 -28.27 36.67
C ARG C 512 -25.46 -28.01 37.31
N GLN C 513 -26.48 -27.63 36.51
CA GLN C 513 -27.85 -27.40 36.96
C GLN C 513 -27.93 -26.35 38.07
N VAL C 514 -27.23 -25.23 37.87
CA VAL C 514 -27.25 -24.10 38.78
C VAL C 514 -27.73 -22.88 38.00
N LYS C 515 -28.77 -22.21 38.51
CA LYS C 515 -29.36 -21.10 37.77
C LYS C 515 -28.58 -19.81 37.92
N THR C 516 -27.77 -19.67 38.97
CA THR C 516 -26.98 -18.47 39.18
C THR C 516 -25.54 -18.70 38.73
N ILE C 517 -24.83 -17.61 38.51
CA ILE C 517 -23.42 -17.66 38.13
C ILE C 517 -22.57 -17.38 39.36
N ASP C 518 -21.51 -18.17 39.52
CA ASP C 518 -20.48 -17.93 40.51
C ASP C 518 -19.13 -18.04 39.82
N MET C 519 -18.05 -17.92 40.59
CA MET C 519 -16.74 -17.95 39.98
C MET C 519 -16.23 -19.36 39.71
N ASP C 520 -16.91 -20.41 40.19
CA ASP C 520 -16.47 -21.76 39.87
C ASP C 520 -16.83 -22.13 38.44
N VAL C 521 -17.98 -21.65 37.96
CA VAL C 521 -18.37 -21.88 36.57
C VAL C 521 -17.46 -21.10 35.62
N VAL C 522 -17.17 -19.84 35.97
CA VAL C 522 -16.21 -19.01 35.23
C VAL C 522 -14.84 -19.67 35.24
N GLY C 523 -14.45 -20.23 36.38
CA GLY C 523 -13.16 -20.90 36.48
C GLY C 523 -13.09 -22.16 35.64
N GLU C 524 -14.18 -22.92 35.55
CA GLU C 524 -14.16 -24.13 34.73
C GLU C 524 -14.17 -23.79 33.25
N VAL C 525 -14.87 -22.71 32.87
CA VAL C 525 -14.82 -22.22 31.48
C VAL C 525 -13.40 -21.77 31.14
N ILE C 526 -12.74 -21.08 32.05
CA ILE C 526 -11.36 -20.64 31.83
C ILE C 526 -10.39 -21.84 31.79
N GLU C 527 -10.66 -22.88 32.59
CA GLU C 527 -9.80 -24.06 32.56
C GLU C 527 -9.95 -24.86 31.27
N GLU C 528 -11.19 -25.02 30.78
CA GLU C 528 -11.38 -25.69 29.50
C GLU C 528 -11.05 -24.79 28.32
N LEU C 529 -10.89 -23.48 28.56
CA LEU C 529 -10.62 -22.51 27.52
C LEU C 529 -9.17 -22.03 27.53
N MET C 530 -8.37 -22.53 28.46
CA MET C 530 -6.91 -22.45 28.40
C MET C 530 -6.29 -23.78 28.00
N GLY C 531 -6.81 -24.89 28.53
CA GLY C 531 -6.30 -26.22 28.26
C GLY C 531 -4.96 -26.47 28.95
N ASP C 532 -4.40 -27.64 28.62
CA ASP C 532 -3.06 -28.08 29.05
C ASP C 532 -2.94 -28.15 30.57
N MET C 533 -4.01 -28.63 31.21
CA MET C 533 -4.13 -28.77 32.67
C MET C 533 -3.93 -27.45 33.39
N PHE C 534 -4.48 -26.39 32.82
CA PHE C 534 -4.58 -25.10 33.52
C PHE C 534 -5.52 -25.24 34.70
N GLU C 535 -5.16 -24.61 35.81
CA GLU C 535 -5.98 -24.60 37.02
C GLU C 535 -6.27 -23.15 37.38
N SER C 536 -7.52 -22.74 37.20
CA SER C 536 -7.90 -21.36 37.48
C SER C 536 -7.99 -21.12 38.98
N TYR C 537 -7.60 -19.91 39.40
CA TYR C 537 -7.48 -19.62 40.82
C TYR C 537 -8.81 -19.32 41.50
N TYR C 538 -9.93 -19.30 40.77
CA TYR C 538 -11.22 -19.15 41.43
C TYR C 538 -11.65 -20.42 42.13
N ARG C 539 -11.16 -21.56 41.66
CA ARG C 539 -11.50 -22.87 42.20
C ARG C 539 -10.70 -23.20 43.45
N LYS C 540 -9.54 -22.57 43.63
CA LYS C 540 -8.62 -22.95 44.69
C LYS C 540 -8.52 -21.94 45.81
N ASP C 541 -8.75 -20.66 45.52
CA ASP C 541 -8.65 -19.61 46.52
C ASP C 541 -10.01 -19.43 47.20
N GLY C 542 -9.99 -19.17 48.50
CA GLY C 542 -11.20 -18.97 49.27
C GLY C 542 -11.89 -17.64 49.06
N HIS C 543 -11.23 -16.70 48.39
CA HIS C 543 -11.80 -15.38 48.12
C HIS C 543 -12.82 -15.40 46.99
N TYR C 544 -12.98 -16.52 46.29
CA TYR C 544 -13.85 -16.60 45.12
C TYR C 544 -14.90 -17.70 45.26
N PHE C 545 -15.28 -18.04 46.48
CA PHE C 545 -16.27 -19.09 46.72
C PHE C 545 -17.64 -18.52 47.04
N PRO C 575 -10.97 -7.92 50.70
CA PRO C 575 -10.90 -7.62 49.27
C PRO C 575 -10.42 -8.81 48.44
N LEU C 576 -10.49 -8.69 47.12
CA LEU C 576 -10.03 -9.77 46.27
C LEU C 576 -8.53 -9.61 45.99
N PRO C 577 -7.81 -10.74 45.80
CA PRO C 577 -6.34 -10.67 45.63
C PRO C 577 -5.92 -9.97 44.35
N THR C 578 -6.50 -10.34 43.20
CA THR C 578 -6.16 -9.76 41.90
C THR C 578 -7.39 -9.14 41.25
N PRO C 579 -7.74 -7.90 41.62
CA PRO C 579 -8.93 -7.28 40.98
C PRO C 579 -8.66 -6.82 39.55
N TYR C 580 -7.48 -6.26 39.29
CA TYR C 580 -7.10 -5.86 37.94
C TYR C 580 -7.07 -7.07 37.01
N LEU C 581 -6.54 -8.20 37.49
CA LEU C 581 -6.39 -9.38 36.65
C LEU C 581 -7.74 -10.02 36.31
N ASP C 582 -8.65 -10.15 37.26
CA ASP C 582 -9.90 -10.83 36.90
C ASP C 582 -10.92 -9.91 36.25
N VAL C 583 -10.89 -8.59 36.49
CA VAL C 583 -11.70 -7.72 35.64
C VAL C 583 -11.10 -7.67 34.23
N PHE C 584 -9.77 -7.78 34.12
CA PHE C 584 -9.12 -7.93 32.82
C PHE C 584 -9.57 -9.21 32.11
N LEU C 585 -9.63 -10.33 32.83
CA LEU C 585 -10.05 -11.59 32.23
C LEU C 585 -11.52 -11.56 31.85
N TRP C 586 -12.34 -10.82 32.61
CA TRP C 586 -13.73 -10.62 32.22
C TRP C 586 -13.83 -9.83 30.91
N ALA C 587 -13.02 -8.78 30.76
CA ALA C 587 -13.06 -8.00 29.54
C ALA C 587 -12.48 -8.77 28.35
N VAL C 588 -11.56 -9.70 28.61
CA VAL C 588 -11.03 -10.56 27.55
C VAL C 588 -12.06 -11.60 27.12
N LEU C 589 -12.80 -12.17 28.09
CA LEU C 589 -13.84 -13.14 27.75
C LEU C 589 -15.02 -12.51 27.01
N CYS C 590 -15.26 -11.21 27.22
CA CYS C 590 -16.37 -10.53 26.57
C CYS C 590 -15.99 -9.95 25.21
N ASN C 591 -14.74 -10.15 24.77
CA ASN C 591 -14.21 -9.61 23.50
C ASN C 591 -14.35 -8.09 23.43
N ARG C 592 -13.96 -7.42 24.50
CA ARG C 592 -14.04 -5.96 24.58
C ARG C 592 -12.61 -5.45 24.39
N ARG C 593 -12.37 -4.78 23.25
CA ARG C 593 -11.03 -4.37 22.85
C ARG C 593 -10.43 -3.35 23.81
N GLU C 594 -11.03 -2.16 23.85
CA GLU C 594 -10.45 -1.04 24.59
C GLU C 594 -10.53 -1.24 26.08
N LEU C 595 -11.55 -1.96 26.56
CA LEU C 595 -11.68 -2.22 27.99
C LEU C 595 -10.61 -3.18 28.48
N ALA C 596 -10.38 -4.27 27.74
CA ALA C 596 -9.28 -5.17 28.09
C ALA C 596 -7.93 -4.49 27.91
N ARG C 597 -7.82 -3.54 26.97
CA ARG C 597 -6.59 -2.75 26.84
C ARG C 597 -6.34 -1.91 28.09
N VAL C 598 -7.37 -1.21 28.58
CA VAL C 598 -7.25 -0.40 29.79
C VAL C 598 -6.91 -1.25 31.00
N LEU C 599 -7.57 -2.40 31.14
CA LEU C 599 -7.33 -3.28 32.28
C LEU C 599 -5.98 -3.99 32.18
N TRP C 600 -5.46 -4.19 30.97
CA TRP C 600 -4.11 -4.68 30.81
C TRP C 600 -3.08 -3.62 31.19
N GLU C 601 -3.33 -2.37 30.78
CA GLU C 601 -2.42 -1.27 31.10
C GLU C 601 -2.43 -0.94 32.60
N ALA C 602 -3.53 -1.22 33.28
CA ALA C 602 -3.63 -0.90 34.70
C ALA C 602 -3.15 -2.02 35.63
N GLY C 603 -2.95 -3.23 35.12
CA GLY C 603 -2.72 -4.39 35.94
C GLY C 603 -1.28 -4.86 35.98
N ARG C 604 -1.01 -5.72 36.97
CA ARG C 604 0.32 -6.30 37.16
C ARG C 604 0.47 -7.58 36.35
N GLU C 605 1.73 -8.04 36.25
CA GLU C 605 2.23 -9.14 35.42
C GLU C 605 1.67 -9.07 34.00
N PRO C 606 2.13 -8.10 33.20
CA PRO C 606 1.40 -7.75 31.97
C PRO C 606 1.64 -8.71 30.81
N MET C 607 2.85 -9.23 30.61
CA MET C 607 3.04 -10.12 29.46
C MET C 607 2.42 -11.48 29.71
N ALA C 608 2.36 -11.92 30.97
CA ALA C 608 1.61 -13.13 31.32
C ALA C 608 0.13 -12.93 31.09
N ALA C 609 -0.38 -11.75 31.43
CA ALA C 609 -1.79 -11.42 31.18
C ALA C 609 -2.09 -11.37 29.69
N ALA C 610 -1.16 -10.82 28.88
CA ALA C 610 -1.38 -10.73 27.45
C ALA C 610 -1.28 -12.09 26.77
N LEU C 611 -0.39 -12.98 27.25
CA LEU C 611 -0.30 -14.31 26.66
C LEU C 611 -1.50 -15.17 27.06
N MET C 612 -1.96 -15.05 28.31
CA MET C 612 -3.19 -15.72 28.72
C MET C 612 -4.40 -15.20 27.95
N ALA C 613 -4.45 -13.90 27.71
CA ALA C 613 -5.51 -13.30 26.91
C ALA C 613 -5.46 -13.78 25.47
N SER C 614 -4.27 -13.92 24.91
CA SER C 614 -4.12 -14.41 23.53
C SER C 614 -4.59 -15.85 23.40
N ARG C 615 -4.14 -16.71 24.33
CA ARG C 615 -4.59 -18.11 24.37
C ARG C 615 -6.11 -18.20 24.53
N LEU C 616 -6.67 -17.38 25.43
CA LEU C 616 -8.08 -17.44 25.75
C LEU C 616 -8.93 -16.95 24.57
N LEU C 617 -8.48 -15.88 23.91
CA LEU C 617 -9.22 -15.33 22.77
C LEU C 617 -9.14 -16.23 21.55
N LYS C 618 -7.97 -16.80 21.24
CA LYS C 618 -7.92 -17.66 20.06
C LYS C 618 -8.51 -19.04 20.33
N ARG C 619 -8.58 -19.48 21.58
CA ARG C 619 -9.30 -20.72 21.83
C ARG C 619 -10.81 -20.48 21.86
N MET C 620 -11.25 -19.26 22.23
CA MET C 620 -12.63 -18.86 21.95
C MET C 620 -12.89 -18.76 20.46
N ALA C 621 -11.88 -18.36 19.67
CA ALA C 621 -12.04 -18.30 18.22
C ALA C 621 -12.22 -19.69 17.63
N SER C 622 -11.42 -20.65 18.08
CA SER C 622 -11.59 -22.04 17.65
C SER C 622 -12.91 -22.62 18.13
N ARG C 623 -13.34 -22.24 19.35
CA ARG C 623 -14.60 -22.74 19.89
C ARG C 623 -15.80 -22.18 19.12
N ALA C 624 -15.74 -20.90 18.74
CA ALA C 624 -16.81 -20.31 17.94
C ALA C 624 -16.77 -20.80 16.50
N GLN C 625 -15.59 -21.21 16.03
CA GLN C 625 -15.48 -21.73 14.67
C GLN C 625 -15.98 -23.16 14.56
N GLU C 626 -15.79 -23.98 15.60
CA GLU C 626 -16.16 -25.40 15.53
C GLU C 626 -17.56 -25.69 16.06
N ASP C 627 -18.23 -24.71 16.67
CA ASP C 627 -19.57 -24.91 17.24
C ASP C 627 -20.58 -24.06 16.47
N ASN C 628 -21.70 -24.66 16.12
CA ASN C 628 -22.76 -23.94 15.42
C ASN C 628 -23.70 -23.20 16.37
N THR C 629 -23.78 -23.64 17.63
CA THR C 629 -24.61 -22.95 18.62
C THR C 629 -23.94 -21.70 19.16
N ILE C 630 -22.69 -21.44 18.80
CA ILE C 630 -21.97 -20.23 19.16
C ILE C 630 -21.79 -19.41 17.89
N THR C 631 -22.08 -18.11 17.98
CA THR C 631 -21.96 -17.21 16.83
C THR C 631 -20.50 -17.08 16.40
N ASP C 632 -20.25 -17.31 15.11
CA ASP C 632 -18.90 -17.25 14.57
C ASP C 632 -18.42 -15.81 14.47
N ILE C 633 -17.76 -15.34 15.53
CA ILE C 633 -17.14 -14.03 15.58
C ILE C 633 -15.63 -14.26 15.61
N SER C 634 -15.20 -15.35 14.95
CA SER C 634 -13.88 -15.91 15.14
C SER C 634 -12.77 -14.98 14.65
N SER C 635 -12.98 -14.26 13.54
CA SER C 635 -11.94 -13.37 13.02
C SER C 635 -11.70 -12.19 13.95
N ASP C 636 -12.76 -11.69 14.59
CA ASP C 636 -12.62 -10.67 15.63
C ASP C 636 -11.81 -11.19 16.80
N LEU C 637 -12.04 -12.45 17.17
CA LEU C 637 -11.32 -13.06 18.29
C LEU C 637 -9.85 -13.32 17.94
N TYR C 638 -9.56 -13.72 16.70
CA TYR C 638 -8.17 -13.89 16.30
C TYR C 638 -7.44 -12.56 16.20
N ASP C 639 -8.14 -11.50 15.77
CA ASP C 639 -7.54 -10.17 15.72
C ASP C 639 -7.24 -9.66 17.14
N HIS C 640 -8.15 -9.92 18.08
CA HIS C 640 -7.93 -9.50 19.47
C HIS C 640 -6.81 -10.32 20.11
N ALA C 641 -6.70 -11.61 19.76
CA ALA C 641 -5.62 -12.45 20.26
C ALA C 641 -4.27 -12.03 19.68
N ARG C 642 -4.24 -11.64 18.40
CA ARG C 642 -3.02 -11.11 17.79
C ARG C 642 -2.65 -9.76 18.40
N LEU C 643 -3.65 -8.97 18.80
CA LEU C 643 -3.39 -7.71 19.50
C LEU C 643 -2.71 -7.97 20.84
N PHE C 644 -3.17 -8.97 21.59
CA PHE C 644 -2.46 -9.30 22.83
C PHE C 644 -1.12 -9.99 22.58
N GLU C 645 -0.98 -10.70 21.44
CA GLU C 645 0.32 -11.22 21.04
C GLU C 645 1.34 -10.12 20.88
N GLU C 646 1.00 -9.08 20.10
CA GLU C 646 1.96 -8.01 19.86
C GLU C 646 2.17 -7.15 21.11
N ARG C 647 1.17 -7.05 21.99
CA ARG C 647 1.39 -6.40 23.29
C ARG C 647 2.40 -7.16 24.14
N ALA C 648 2.27 -8.50 24.20
CA ALA C 648 3.22 -9.31 24.94
C ALA C 648 4.62 -9.24 24.34
N VAL C 649 4.71 -9.23 23.00
CA VAL C 649 6.00 -9.14 22.31
C VAL C 649 6.65 -7.79 22.58
N GLY C 650 5.86 -6.72 22.62
CA GLY C 650 6.42 -5.41 22.90
C GLY C 650 6.87 -5.24 24.34
N VAL C 651 6.12 -5.83 25.29
CA VAL C 651 6.57 -5.79 26.68
C VAL C 651 7.84 -6.60 26.86
N LEU C 652 7.96 -7.75 26.18
CA LEU C 652 9.19 -8.54 26.21
C LEU C 652 10.34 -7.79 25.53
N ASP C 653 10.04 -7.01 24.49
CA ASP C 653 11.08 -6.25 23.80
C ASP C 653 11.60 -5.11 24.65
N GLU C 654 10.71 -4.42 25.36
CA GLU C 654 11.15 -3.36 26.26
C GLU C 654 11.86 -3.93 27.48
N CYS C 655 11.47 -5.14 27.91
CA CYS C 655 12.25 -5.84 28.92
C CYS C 655 13.62 -6.27 28.40
N PHE C 656 13.73 -6.55 27.11
CA PHE C 656 14.97 -7.04 26.53
C PHE C 656 15.94 -5.90 26.25
N ASN C 657 15.42 -4.69 26.02
CA ASN C 657 16.29 -3.57 25.68
C ASN C 657 17.09 -3.03 26.85
N GLU C 658 16.78 -3.44 28.09
CA GLU C 658 17.68 -3.18 29.22
C GLU C 658 17.80 -4.43 30.07
N ASN C 659 19.05 -4.84 30.33
CA ASN C 659 19.42 -5.92 31.25
C ASN C 659 18.78 -7.25 30.86
N GLU C 660 19.26 -7.83 29.75
CA GLU C 660 18.71 -9.06 29.17
C GLU C 660 18.63 -10.24 30.15
N THR C 661 19.52 -10.28 31.15
CA THR C 661 19.50 -11.36 32.15
C THR C 661 18.22 -11.32 32.96
N LEU C 662 17.69 -10.11 33.22
CA LEU C 662 16.38 -9.98 33.85
C LEU C 662 15.26 -10.49 32.95
N SER C 663 15.41 -10.35 31.63
CA SER C 663 14.43 -10.91 30.72
C SER C 663 14.44 -12.43 30.76
N GLN C 664 15.64 -13.03 30.77
CA GLN C 664 15.74 -14.49 30.84
C GLN C 664 15.19 -15.03 32.16
N THR C 665 15.47 -14.36 33.28
CA THR C 665 14.91 -14.84 34.54
C THR C 665 13.45 -14.42 34.73
N LEU C 666 12.94 -13.49 33.92
CA LEU C 666 11.52 -13.15 33.97
C LEU C 666 10.69 -14.12 33.15
N LEU C 667 11.27 -14.71 32.10
CA LEU C 667 10.54 -15.67 31.27
C LEU C 667 10.33 -17.02 31.95
N VAL C 668 11.00 -17.30 33.05
CA VAL C 668 10.95 -18.61 33.69
C VAL C 668 10.41 -18.53 35.12
N ARG C 669 9.69 -17.47 35.47
CA ARG C 669 9.14 -17.32 36.81
C ARG C 669 7.97 -18.26 37.04
N GLU C 670 7.87 -18.76 38.28
CA GLU C 670 6.58 -19.26 38.76
C GLU C 670 5.57 -18.14 38.76
N LEU C 671 4.41 -18.39 38.17
CA LEU C 671 3.33 -17.41 38.13
C LEU C 671 2.13 -18.03 38.83
N ASP C 672 2.00 -17.73 40.14
CA ASP C 672 1.01 -18.39 40.98
C ASP C 672 -0.42 -17.99 40.60
N HIS C 673 -0.58 -16.82 39.99
CA HIS C 673 -1.86 -16.35 39.51
C HIS C 673 -2.19 -16.86 38.11
N TYR C 674 -1.34 -17.74 37.56
CA TYR C 674 -1.50 -18.31 36.23
C TYR C 674 -1.29 -19.82 36.25
N SER C 675 -1.64 -20.46 37.37
CA SER C 675 -1.46 -21.91 37.62
C SER C 675 0.01 -22.34 37.51
N ARG C 676 0.91 -21.50 38.03
CA ARG C 676 2.32 -21.84 38.30
C ARG C 676 3.11 -22.17 37.05
N MET C 677 2.72 -21.59 35.91
CA MET C 677 3.40 -21.82 34.64
C MET C 677 4.05 -20.54 34.16
N THR C 678 5.10 -20.68 33.36
CA THR C 678 5.96 -19.56 33.02
C THR C 678 5.39 -18.78 31.82
N ALA C 679 6.08 -17.69 31.49
CA ALA C 679 5.72 -16.93 30.28
C ALA C 679 6.04 -17.73 29.02
N LEU C 680 7.08 -18.56 29.05
CA LEU C 680 7.35 -19.50 27.96
C LEU C 680 6.19 -20.48 27.78
N GLU C 681 5.71 -21.05 28.88
CA GLU C 681 4.65 -22.04 28.80
C GLU C 681 3.31 -21.40 28.47
N LEU C 682 3.06 -20.19 28.97
CA LEU C 682 1.88 -19.44 28.55
C LEU C 682 1.93 -19.05 27.08
N ALA C 683 3.14 -18.84 26.53
CA ALA C 683 3.25 -18.47 25.13
C ALA C 683 3.12 -19.67 24.21
N VAL C 684 3.64 -20.83 24.63
CA VAL C 684 3.54 -22.02 23.78
C VAL C 684 2.23 -22.74 23.98
N SER C 685 1.50 -22.47 25.06
CA SER C 685 0.10 -22.83 25.09
C SER C 685 -0.69 -21.97 24.11
N ALA C 686 -0.38 -20.67 24.08
CA ALA C 686 -1.03 -19.73 23.19
C ALA C 686 -0.61 -19.86 21.73
N GLU C 687 0.43 -20.65 21.44
CA GLU C 687 1.09 -20.73 20.13
C GLU C 687 1.48 -19.34 19.62
N SER C 688 1.99 -18.50 20.53
CA SER C 688 2.41 -17.15 20.19
C SER C 688 3.79 -17.25 19.59
N GLN C 689 3.83 -17.40 18.26
CA GLN C 689 5.10 -17.60 17.57
C GLN C 689 5.94 -16.33 17.55
N ASP C 690 5.30 -15.16 17.62
CA ASP C 690 6.04 -13.90 17.70
C ASP C 690 6.73 -13.73 19.05
N PHE C 691 6.21 -14.36 20.11
CA PHE C 691 6.81 -14.23 21.42
C PHE C 691 8.02 -15.16 21.55
N ILE C 692 7.91 -16.38 21.02
CA ILE C 692 9.01 -17.34 21.10
C ILE C 692 10.12 -16.96 20.13
N ALA C 693 9.78 -16.38 18.98
CA ALA C 693 10.80 -15.96 18.03
C ALA C 693 11.49 -14.66 18.42
N HIS C 694 11.06 -14.02 19.50
CA HIS C 694 11.79 -12.88 20.03
C HIS C 694 13.14 -13.33 20.56
N THR C 695 14.12 -12.41 20.53
CA THR C 695 15.51 -12.74 20.80
C THR C 695 15.73 -13.20 22.23
N SER C 696 14.93 -12.70 23.18
CA SER C 696 15.05 -13.09 24.58
C SER C 696 14.71 -14.57 24.78
N CYS C 697 13.59 -15.02 24.23
CA CYS C 697 13.19 -16.42 24.33
C CYS C 697 14.17 -17.32 23.59
N GLN C 698 14.76 -16.85 22.50
CA GLN C 698 15.67 -17.70 21.74
C GLN C 698 17.03 -17.83 22.41
N VAL C 699 17.55 -16.75 22.99
CA VAL C 699 18.80 -16.91 23.72
C VAL C 699 18.56 -17.67 25.03
N LEU C 700 17.35 -17.58 25.59
CA LEU C 700 17.02 -18.41 26.76
C LEU C 700 16.94 -19.88 26.38
N LEU C 701 16.35 -20.21 25.23
CA LEU C 701 16.34 -21.59 24.76
C LEU C 701 17.72 -22.06 24.34
N THR C 702 18.61 -21.14 23.98
CA THR C 702 19.99 -21.53 23.72
C THR C 702 20.75 -21.81 25.02
N ARG C 703 20.47 -21.02 26.08
CA ARG C 703 21.04 -21.30 27.39
C ARG C 703 20.54 -22.62 27.96
N LEU C 704 19.23 -22.87 27.83
CA LEU C 704 18.67 -24.15 28.25
C LEU C 704 19.16 -25.28 27.36
N TRP C 705 19.38 -25.00 26.08
CA TRP C 705 19.83 -26.02 25.14
C TRP C 705 21.31 -26.33 25.31
N MET C 706 22.12 -25.30 25.49
CA MET C 706 23.55 -25.46 25.81
C MET C 706 23.76 -25.37 27.32
N GLY C 707 23.16 -26.34 28.02
CA GLY C 707 23.03 -26.26 29.47
C GLY C 707 24.31 -26.35 30.26
N THR C 708 24.72 -25.20 30.82
CA THR C 708 26.00 -25.01 31.53
C THR C 708 27.16 -25.49 30.64
N MET C 709 27.32 -24.78 29.53
CA MET C 709 28.25 -25.05 28.45
C MET C 709 28.21 -23.84 27.53
N ALA C 710 29.33 -23.58 26.84
CA ALA C 710 29.42 -22.43 25.96
C ALA C 710 28.47 -22.57 24.77
N MET C 711 27.85 -21.45 24.41
CA MET C 711 26.72 -21.43 23.48
C MET C 711 27.13 -21.72 22.03
N ASN C 712 28.41 -21.65 21.69
CA ASN C 712 28.88 -21.86 20.33
C ASN C 712 29.79 -23.08 20.18
N THR C 713 29.73 -24.04 21.11
CA THR C 713 30.46 -25.28 20.93
C THR C 713 29.74 -26.13 19.88
N ARG C 714 30.48 -26.58 18.87
CA ARG C 714 29.91 -27.24 17.71
C ARG C 714 29.50 -28.67 18.05
N TRP C 715 28.79 -29.29 17.10
CA TRP C 715 28.26 -30.64 17.32
C TRP C 715 29.36 -31.68 17.30
N TRP C 716 30.43 -31.46 16.54
CA TRP C 716 31.48 -32.46 16.45
C TRP C 716 32.37 -32.49 17.70
N LYS C 717 32.52 -31.35 18.38
CA LYS C 717 33.23 -31.33 19.65
C LYS C 717 32.46 -32.09 20.72
N VAL C 718 31.14 -31.86 20.77
CA VAL C 718 30.25 -32.60 21.66
C VAL C 718 30.27 -34.09 21.31
N LEU C 719 30.39 -34.41 20.01
CA LEU C 719 30.44 -35.80 19.57
C LEU C 719 31.73 -36.50 20.02
N VAL C 720 32.87 -35.85 19.82
CA VAL C 720 34.13 -36.47 20.20
C VAL C 720 34.34 -36.47 21.71
N CYS C 721 33.63 -35.60 22.44
CA CYS C 721 33.69 -35.63 23.89
C CYS C 721 32.59 -36.47 24.52
N LEU C 722 31.62 -36.92 23.73
CA LEU C 722 30.49 -37.68 24.23
C LEU C 722 30.84 -39.15 24.45
N TYR C 723 31.74 -39.70 23.64
CA TYR C 723 32.21 -41.06 23.81
C TYR C 723 33.63 -41.13 24.36
N LEU C 724 34.32 -40.01 24.47
CA LEU C 724 35.62 -39.90 25.12
C LEU C 724 35.48 -38.87 26.23
N PRO C 725 35.10 -39.28 27.46
CA PRO C 725 34.91 -38.30 28.54
C PRO C 725 36.20 -37.63 29.00
N VAL C 726 37.34 -38.31 28.89
CA VAL C 726 38.63 -37.73 29.26
C VAL C 726 39.01 -36.57 28.34
N LEU C 727 38.43 -36.51 27.15
CA LEU C 727 38.67 -35.41 26.22
C LEU C 727 37.67 -34.27 26.42
N ILE C 728 36.74 -34.39 27.38
CA ILE C 728 35.87 -33.26 27.72
C ILE C 728 36.68 -32.10 28.28
N PHE C 729 37.70 -32.40 29.08
CA PHE C 729 38.47 -31.38 29.78
C PHE C 729 39.25 -30.41 28.88
N PRO C 730 39.94 -30.83 27.74
CA PRO C 730 40.58 -29.80 26.91
C PRO C 730 39.65 -28.82 26.20
N ILE C 731 38.69 -29.31 25.41
CA ILE C 731 38.10 -28.48 24.36
C ILE C 731 36.68 -27.99 24.67
N ILE C 732 35.97 -28.60 25.62
CA ILE C 732 34.62 -28.15 25.95
C ILE C 732 34.73 -26.96 26.89
N TYR C 733 34.35 -25.79 26.41
CA TYR C 733 34.36 -24.57 27.21
C TYR C 733 33.05 -24.48 27.98
N PHE C 734 33.15 -24.19 29.27
CA PHE C 734 32.00 -24.07 30.14
C PHE C 734 31.81 -22.61 30.52
N VAL C 735 30.55 -22.21 30.66
CA VAL C 735 30.22 -20.84 31.06
C VAL C 735 30.64 -20.48 32.49
N PRO C 736 30.83 -21.44 33.44
CA PRO C 736 31.60 -20.90 34.58
C PRO C 736 33.08 -20.75 34.26
N PHE C 826 37.73 -32.65 37.00
CA PHE C 826 36.84 -33.19 38.02
C PHE C 826 35.52 -33.60 37.35
N CYS C 827 34.73 -34.43 38.03
CA CYS C 827 33.48 -34.96 37.47
C CYS C 827 32.38 -33.91 37.39
N ASP C 828 32.58 -32.70 37.94
CA ASP C 828 31.62 -31.62 37.78
C ASP C 828 31.50 -31.22 36.32
N ARG C 829 32.63 -31.12 35.61
CA ARG C 829 32.62 -30.83 34.18
C ARG C 829 32.01 -31.98 33.38
N ILE C 830 32.20 -33.22 33.83
CA ILE C 830 31.62 -34.37 33.15
C ILE C 830 30.10 -34.35 33.25
N MET C 831 29.60 -34.18 34.47
CA MET C 831 28.15 -34.18 34.70
C MET C 831 27.48 -32.94 34.12
N HIS C 832 28.20 -31.81 34.01
CA HIS C 832 27.65 -30.65 33.35
C HIS C 832 27.74 -30.74 31.83
N PHE C 833 28.68 -31.54 31.30
CA PHE C 833 28.65 -31.84 29.88
C PHE C 833 27.45 -32.70 29.53
N TYR C 834 27.25 -33.80 30.27
CA TYR C 834 26.13 -34.68 29.94
C TYR C 834 24.77 -34.12 30.38
N SER C 835 24.74 -33.03 31.15
CA SER C 835 23.48 -32.39 31.50
C SER C 835 22.92 -31.53 30.38
N ALA C 836 23.73 -31.23 29.38
CA ALA C 836 23.29 -30.38 28.29
C ALA C 836 22.28 -31.13 27.43
N PRO C 837 21.11 -30.54 27.14
CA PRO C 837 20.19 -31.14 26.15
C PRO C 837 20.75 -31.23 24.75
N PHE C 838 21.74 -30.40 24.40
CA PHE C 838 22.42 -30.58 23.11
C PHE C 838 23.31 -31.80 23.12
N SER C 839 23.94 -32.11 24.27
CA SER C 839 24.73 -33.34 24.37
C SER C 839 23.84 -34.57 24.36
N LYS C 840 22.71 -34.50 25.07
CA LYS C 840 21.70 -35.56 25.00
C LYS C 840 21.12 -35.69 23.59
N PHE C 841 21.03 -34.56 22.87
CA PHE C 841 20.54 -34.57 21.49
C PHE C 841 21.52 -35.29 20.57
N VAL C 842 22.80 -34.96 20.65
CA VAL C 842 23.82 -35.61 19.83
C VAL C 842 23.94 -37.09 20.19
N GLY C 843 23.76 -37.42 21.48
CA GLY C 843 23.73 -38.81 21.88
C GLY C 843 22.54 -39.57 21.32
N ASN C 844 21.37 -38.94 21.30
CA ASN C 844 20.19 -39.54 20.71
C ASN C 844 20.37 -39.73 19.21
N VAL C 845 21.01 -38.75 18.54
CA VAL C 845 21.27 -38.83 17.10
C VAL C 845 22.20 -40.00 16.78
N VAL C 846 23.31 -40.11 17.51
CA VAL C 846 24.32 -41.11 17.15
C VAL C 846 23.87 -42.52 17.55
N GLY C 847 23.38 -42.69 18.78
CA GLY C 847 22.83 -43.98 19.17
C GLY C 847 21.58 -44.36 18.41
N TYR C 848 20.85 -43.38 17.89
CA TYR C 848 19.68 -43.67 17.10
C TYR C 848 20.06 -44.08 15.67
N LEU C 849 21.09 -43.45 15.10
CA LEU C 849 21.62 -43.93 13.82
C LEU C 849 22.16 -45.34 13.95
N ALA C 850 22.79 -45.65 15.09
CA ALA C 850 23.19 -47.03 15.39
C ALA C 850 21.97 -47.95 15.48
N PHE C 851 20.88 -47.47 16.08
CA PHE C 851 19.64 -48.24 16.16
C PHE C 851 19.01 -48.49 14.80
N ILE C 852 19.00 -47.48 13.93
CA ILE C 852 18.40 -47.62 12.61
C ILE C 852 19.25 -48.54 11.74
N PHE C 853 20.58 -48.45 11.87
CA PHE C 853 21.46 -49.37 11.15
C PHE C 853 21.31 -50.79 11.67
N LEU C 854 21.08 -50.96 12.96
CA LEU C 854 20.87 -52.28 13.54
C LEU C 854 19.52 -52.86 13.12
N TYR C 855 18.47 -52.04 13.14
CA TYR C 855 17.13 -52.47 12.75
C TYR C 855 17.10 -52.82 11.27
N ALA C 856 17.86 -52.07 10.46
CA ALA C 856 17.98 -52.36 9.04
C ALA C 856 18.79 -53.63 8.79
N TYR C 857 19.83 -53.88 9.59
CA TYR C 857 20.56 -55.14 9.47
C TYR C 857 19.69 -56.33 9.82
N VAL C 858 18.80 -56.15 10.82
CA VAL C 858 17.88 -57.21 11.20
C VAL C 858 16.86 -57.47 10.10
N VAL C 859 16.19 -56.42 9.60
CA VAL C 859 15.12 -56.68 8.64
C VAL C 859 15.63 -56.95 7.23
N LEU C 860 16.84 -56.53 6.88
CA LEU C 860 17.37 -56.72 5.54
C LEU C 860 18.35 -57.88 5.45
N PHE C 861 18.93 -58.32 6.58
CA PHE C 861 20.01 -59.30 6.50
C PHE C 861 19.78 -60.52 7.38
N ASN C 862 19.24 -60.35 8.58
CA ASN C 862 19.16 -61.50 9.49
C ASN C 862 17.95 -61.33 10.41
N PHE C 863 16.85 -61.96 10.03
CA PHE C 863 15.66 -62.10 10.88
C PHE C 863 15.09 -63.49 10.64
N PRO C 864 15.68 -64.52 11.23
CA PRO C 864 15.36 -65.89 10.85
C PRO C 864 14.06 -66.39 11.46
N ARG C 865 13.57 -67.49 10.91
CA ARG C 865 12.37 -68.13 11.46
C ARG C 865 12.72 -68.83 12.76
N PHE C 866 11.87 -68.66 13.76
CA PHE C 866 12.14 -69.22 15.09
C PHE C 866 11.99 -70.73 15.07
N ASP C 867 12.94 -71.41 15.72
CA ASP C 867 12.88 -72.84 15.91
C ASP C 867 13.55 -73.21 17.24
N PRO C 868 12.96 -74.11 18.02
CA PRO C 868 13.58 -74.53 19.29
C PRO C 868 14.75 -75.48 19.15
N ALA C 869 15.18 -75.83 17.94
CA ALA C 869 16.24 -76.81 17.76
C ALA C 869 17.60 -76.22 18.09
N LYS C 870 18.03 -75.20 17.35
CA LYS C 870 19.36 -74.64 17.52
C LYS C 870 19.37 -73.62 18.67
N THR C 871 20.57 -73.14 18.98
CA THR C 871 20.78 -72.34 20.18
C THR C 871 20.17 -70.94 20.05
N LEU C 872 19.67 -70.43 21.18
CA LEU C 872 19.01 -69.11 21.32
C LEU C 872 17.78 -68.98 20.41
N GLY C 873 17.18 -70.12 20.02
CA GLY C 873 16.09 -70.10 19.07
C GLY C 873 16.48 -69.76 17.65
N GLY C 874 17.77 -69.74 17.34
CA GLY C 874 18.24 -69.25 16.07
C GLY C 874 18.39 -67.75 15.98
N ILE C 875 18.07 -67.03 17.06
CA ILE C 875 18.08 -65.57 17.02
C ILE C 875 19.52 -65.07 17.02
N HIS C 876 19.84 -64.21 16.06
CA HIS C 876 21.15 -63.58 16.02
C HIS C 876 21.22 -62.53 17.14
N PRO C 877 22.40 -62.34 17.75
CA PRO C 877 22.49 -61.39 18.87
C PRO C 877 22.32 -59.92 18.48
N THR C 878 22.41 -59.58 17.19
CA THR C 878 22.00 -58.24 16.76
C THR C 878 20.51 -58.00 17.02
N GLU C 879 19.69 -59.05 16.86
CA GLU C 879 18.28 -58.94 17.20
C GLU C 879 18.07 -58.84 18.71
N ILE C 880 18.97 -59.44 19.50
CA ILE C 880 18.88 -59.30 20.95
C ILE C 880 19.24 -57.88 21.40
N VAL C 881 20.26 -57.29 20.77
CA VAL C 881 20.60 -55.89 21.05
C VAL C 881 19.49 -54.96 20.53
N LEU C 882 18.81 -55.37 19.45
CA LEU C 882 17.64 -54.66 18.97
C LEU C 882 16.52 -54.68 20.00
N TYR C 883 16.27 -55.84 20.61
CA TYR C 883 15.29 -55.97 21.69
C TYR C 883 15.66 -55.09 22.86
N PHE C 884 16.95 -55.04 23.18
CA PHE C 884 17.46 -54.23 24.28
C PHE C 884 17.22 -52.75 24.03
N TRP C 885 17.48 -52.27 22.81
CA TRP C 885 17.33 -50.84 22.57
C TRP C 885 15.86 -50.44 22.40
N VAL C 886 15.00 -51.33 21.90
CA VAL C 886 13.59 -50.93 21.84
C VAL C 886 12.97 -51.01 23.24
N PHE C 887 13.44 -51.94 24.10
CA PHE C 887 13.04 -51.91 25.50
C PHE C 887 13.54 -50.64 26.19
N THR C 888 14.72 -50.15 25.77
CA THR C 888 15.23 -48.87 26.26
C THR C 888 14.32 -47.71 25.84
N ILE C 889 13.85 -47.72 24.59
CA ILE C 889 12.92 -46.69 24.12
C ILE C 889 11.58 -46.80 24.85
N LEU C 890 11.17 -48.03 25.19
CA LEU C 890 9.92 -48.22 25.91
C LEU C 890 10.00 -47.69 27.35
N ILE C 891 11.11 -47.98 28.05
CA ILE C 891 11.32 -47.43 29.38
C ILE C 891 11.53 -45.92 29.32
N GLU C 892 12.08 -45.42 28.21
CA GLU C 892 12.17 -43.98 27.98
C GLU C 892 10.79 -43.33 27.88
N GLU C 893 9.87 -43.94 27.14
CA GLU C 893 8.54 -43.37 27.02
C GLU C 893 7.73 -43.53 28.30
N ILE C 894 7.96 -44.62 29.06
CA ILE C 894 7.33 -44.76 30.38
C ILE C 894 7.87 -43.70 31.34
N ARG C 895 9.16 -43.37 31.23
CA ARG C 895 9.74 -42.30 32.03
C ARG C 895 9.15 -40.95 31.65
N GLN C 896 8.95 -40.72 30.34
CA GLN C 896 8.36 -39.46 29.89
C GLN C 896 6.89 -39.35 30.29
N LEU C 897 6.18 -40.48 30.37
CA LEU C 897 4.82 -40.47 30.89
C LEU C 897 4.81 -40.18 32.38
N ALA C 898 5.74 -40.77 33.14
CA ALA C 898 5.76 -40.63 34.59
C ALA C 898 6.28 -39.26 35.04
N ALA C 899 7.07 -38.59 34.22
CA ALA C 899 7.64 -37.30 34.58
C ALA C 899 6.81 -36.12 34.10
N LYS C 900 5.54 -36.35 33.79
CA LYS C 900 4.66 -35.25 33.41
C LYS C 900 4.25 -34.45 34.64
N PRO C 901 4.08 -33.13 34.50
CA PRO C 901 3.81 -32.25 35.67
C PRO C 901 2.52 -32.54 36.44
N PRO C 902 1.40 -33.01 35.83
CA PRO C 902 0.26 -33.38 36.69
C PRO C 902 0.53 -34.63 37.54
N LYS C 903 -0.38 -34.85 38.49
CA LYS C 903 -0.26 -35.91 39.48
C LYS C 903 -1.09 -37.14 39.13
N TYR C 904 -2.32 -36.95 38.65
CA TYR C 904 -3.16 -38.08 38.27
C TYR C 904 -2.63 -38.72 36.99
N ILE C 905 -2.78 -40.05 36.91
CA ILE C 905 -2.24 -40.80 35.78
C ILE C 905 -2.98 -40.48 34.49
N LYS C 906 -4.30 -40.27 34.58
CA LYS C 906 -5.10 -39.88 33.42
C LYS C 906 -4.69 -38.50 32.91
N ASP C 907 -4.37 -37.59 33.82
CA ASP C 907 -3.90 -36.27 33.41
C ASP C 907 -2.49 -36.34 32.84
N LYS C 908 -1.65 -37.26 33.36
CA LYS C 908 -0.34 -37.51 32.76
C LYS C 908 -0.47 -38.05 31.35
N VAL C 909 -1.46 -38.92 31.10
CA VAL C 909 -1.72 -39.44 29.76
C VAL C 909 -2.21 -38.33 28.83
N SER C 910 -3.06 -37.43 29.35
CA SER C 910 -3.58 -36.33 28.54
C SER C 910 -2.48 -35.31 28.19
N VAL C 911 -1.53 -35.09 29.09
CA VAL C 911 -0.39 -34.23 28.77
C VAL C 911 0.59 -34.96 27.84
N TYR C 912 0.72 -36.28 28.02
CA TYR C 912 1.66 -37.07 27.23
C TYR C 912 1.23 -37.15 25.77
N PHE C 913 -0.06 -37.35 25.51
CA PHE C 913 -0.56 -37.39 24.14
C PHE C 913 -0.97 -36.02 23.61
N SER C 914 -0.36 -34.94 24.11
CA SER C 914 -0.60 -33.61 23.56
C SER C 914 0.27 -33.30 22.35
N ASP C 915 1.35 -34.06 22.14
CA ASP C 915 2.16 -33.96 20.94
C ASP C 915 2.05 -35.23 20.11
N THR C 916 2.19 -35.07 18.79
CA THR C 916 2.03 -36.19 17.85
C THR C 916 3.23 -37.13 17.91
N TRP C 917 4.37 -36.66 18.42
CA TRP C 917 5.57 -37.50 18.52
C TRP C 917 5.37 -38.63 19.52
N ASN C 918 4.57 -38.40 20.56
CA ASN C 918 4.25 -39.49 21.48
C ASN C 918 3.27 -40.49 20.84
N PHE C 919 2.40 -40.03 19.93
CA PHE C 919 1.58 -40.95 19.17
C PHE C 919 2.44 -41.84 18.27
N VAL C 920 3.46 -41.25 17.63
CA VAL C 920 4.39 -42.01 16.79
C VAL C 920 5.20 -42.99 17.64
N ASP C 921 5.62 -42.55 18.84
CA ASP C 921 6.34 -43.41 19.77
C ASP C 921 5.52 -44.60 20.23
N ILE C 922 4.30 -44.35 20.71
CA ILE C 922 3.45 -45.44 21.23
C ILE C 922 3.04 -46.38 20.10
N PHE C 923 2.79 -45.85 18.90
CA PHE C 923 2.45 -46.70 17.77
C PHE C 923 3.63 -47.58 17.36
N SER C 924 4.84 -47.00 17.27
CA SER C 924 6.00 -47.77 16.86
C SER C 924 6.39 -48.81 17.89
N LEU C 925 6.29 -48.47 19.18
CA LEU C 925 6.61 -49.42 20.24
C LEU C 925 5.59 -50.55 20.31
N THR C 926 4.29 -50.22 20.17
CA THR C 926 3.25 -51.25 20.21
C THR C 926 3.34 -52.18 19.00
N VAL C 927 3.62 -51.62 17.82
CA VAL C 927 3.77 -52.42 16.61
C VAL C 927 5.02 -53.31 16.69
N PHE C 928 6.09 -52.81 17.34
CA PHE C 928 7.27 -53.64 17.59
C PHE C 928 6.96 -54.78 18.54
N ILE C 929 6.23 -54.49 19.63
CA ILE C 929 5.93 -55.52 20.63
C ILE C 929 5.00 -56.57 20.06
N ILE C 930 4.06 -56.17 19.18
CA ILE C 930 3.22 -57.13 18.48
C ILE C 930 4.06 -58.01 17.54
N ALA C 931 5.02 -57.41 16.82
CA ALA C 931 5.90 -58.18 15.93
C ALA C 931 6.76 -59.17 16.68
N ILE C 932 7.24 -58.78 17.87
CA ILE C 932 8.12 -59.68 18.61
C ILE C 932 7.33 -60.68 19.45
N ILE C 933 6.04 -60.42 19.71
CA ILE C 933 5.18 -61.50 20.18
C ILE C 933 4.96 -62.54 19.08
N LEU C 934 4.65 -62.07 17.87
CA LEU C 934 4.46 -62.97 16.73
C LEU C 934 5.74 -63.63 16.24
N ARG C 935 6.91 -63.17 16.73
CA ARG C 935 8.20 -63.79 16.43
C ARG C 935 8.26 -65.28 16.74
N PHE C 936 7.72 -65.70 17.89
CA PHE C 936 8.10 -66.96 18.51
C PHE C 936 7.11 -68.10 18.27
N PHE C 937 6.26 -68.02 17.25
CA PHE C 937 5.18 -69.00 17.11
C PHE C 937 5.45 -70.11 16.11
N THR C 938 6.51 -69.99 15.29
CA THR C 938 7.05 -71.02 14.38
C THR C 938 6.09 -71.30 13.19
N ASN C 939 4.90 -70.71 13.19
CA ASN C 939 4.00 -70.81 12.06
C ASN C 939 4.51 -69.94 10.92
N SER C 940 4.24 -70.37 9.69
CA SER C 940 4.73 -69.64 8.52
C SER C 940 3.97 -68.33 8.34
N ARG C 941 2.65 -68.36 8.53
CA ARG C 941 1.85 -67.14 8.37
C ARG C 941 2.09 -66.16 9.50
N ILE C 942 2.26 -66.66 10.73
CA ILE C 942 2.44 -65.80 11.88
C ILE C 942 3.81 -65.14 11.85
N PHE C 943 4.85 -65.90 11.48
CA PHE C 943 6.18 -65.31 11.31
C PHE C 943 6.25 -64.38 10.10
N THR C 944 5.47 -64.69 9.05
CA THR C 944 5.38 -63.77 7.91
C THR C 944 4.75 -62.44 8.33
N ALA C 945 3.68 -62.51 9.12
CA ALA C 945 3.07 -61.30 9.68
C ALA C 945 4.05 -60.55 10.57
N SER C 946 4.86 -61.29 11.34
CA SER C 946 5.84 -60.67 12.23
C SER C 946 6.91 -59.89 11.45
N ARG C 947 7.49 -60.52 10.42
CA ARG C 947 8.53 -59.85 9.64
C ARG C 947 7.97 -58.71 8.80
N ILE C 948 6.73 -58.85 8.31
CA ILE C 948 6.08 -57.77 7.57
C ILE C 948 5.81 -56.58 8.48
N ILE C 949 5.33 -56.83 9.70
CA ILE C 949 5.02 -55.76 10.63
C ILE C 949 6.29 -55.05 11.10
N LEU C 950 7.37 -55.81 11.31
CA LEU C 950 8.66 -55.21 11.70
C LEU C 950 9.25 -54.37 10.56
N SER C 951 9.17 -54.91 9.34
CA SER C 951 9.69 -54.25 8.15
C SER C 951 8.86 -53.05 7.75
N LEU C 952 7.60 -52.97 8.20
CA LEU C 952 6.85 -51.74 8.04
C LEU C 952 6.99 -50.79 9.21
N ASP C 953 7.49 -51.26 10.35
CA ASP C 953 7.66 -50.43 11.53
C ASP C 953 8.98 -49.66 11.55
N ILE C 954 9.95 -50.08 10.72
CA ILE C 954 11.11 -49.20 10.45
C ILE C 954 10.68 -47.84 9.92
N ILE C 955 9.61 -47.79 9.11
CA ILE C 955 9.09 -46.53 8.57
C ILE C 955 8.63 -45.61 9.70
N PHE C 956 7.96 -46.17 10.70
CA PHE C 956 7.46 -45.36 11.80
C PHE C 956 8.56 -44.94 12.77
N PHE C 957 9.60 -45.77 12.94
CA PHE C 957 10.77 -45.28 13.68
C PHE C 957 11.44 -44.11 12.97
N ILE C 958 11.48 -44.13 11.64
CA ILE C 958 12.13 -43.02 10.95
C ILE C 958 11.19 -41.79 10.89
N VAL C 959 9.88 -42.02 10.94
CA VAL C 959 8.94 -40.92 11.19
C VAL C 959 9.22 -40.28 12.55
N ARG C 960 9.58 -41.10 13.54
CA ARG C 960 10.02 -40.56 14.82
C ARG C 960 11.40 -39.87 14.70
N SER C 961 12.25 -40.33 13.77
CA SER C 961 13.55 -39.68 13.52
C SER C 961 13.39 -38.25 13.03
N LEU C 962 12.27 -37.97 12.36
CA LEU C 962 12.03 -36.65 11.77
C LEU C 962 12.08 -35.47 12.75
N GLN C 963 12.03 -35.69 14.07
CA GLN C 963 12.13 -34.58 15.01
C GLN C 963 13.56 -34.05 15.14
N ILE C 964 14.56 -34.87 14.79
CA ILE C 964 15.97 -34.47 14.84
C ILE C 964 16.23 -33.29 13.90
N PHE C 965 15.56 -33.26 12.75
CA PHE C 965 15.79 -32.24 11.76
C PHE C 965 15.20 -30.87 12.14
N SER C 966 14.51 -30.77 13.27
CA SER C 966 14.05 -29.50 13.79
C SER C 966 15.16 -28.70 14.49
N VAL C 967 16.36 -29.25 14.62
CA VAL C 967 17.48 -28.47 15.15
C VAL C 967 18.05 -27.55 14.08
N ASN C 968 17.79 -27.84 12.81
CA ASN C 968 18.28 -27.04 11.70
C ASN C 968 17.23 -25.99 11.38
N ARG C 969 17.69 -24.75 11.17
CA ARG C 969 16.81 -23.65 10.78
C ARG C 969 16.14 -23.89 9.43
N LEU C 970 16.80 -24.66 8.56
CA LEU C 970 16.32 -24.90 7.22
C LEU C 970 15.45 -26.16 7.11
N LEU C 971 15.73 -27.20 7.89
CA LEU C 971 15.09 -28.51 7.68
C LEU C 971 13.77 -28.63 8.42
N GLY C 972 13.72 -28.19 9.67
CA GLY C 972 12.53 -28.22 10.49
C GLY C 972 11.28 -27.54 9.94
N PRO C 973 11.41 -26.32 9.39
CA PRO C 973 10.27 -25.76 8.63
C PRO C 973 9.83 -26.60 7.45
N LYS C 974 10.75 -27.31 6.79
CA LYS C 974 10.33 -28.24 5.73
C LYS C 974 9.57 -29.42 6.31
N LEU C 975 9.91 -29.84 7.54
CA LEU C 975 9.12 -30.89 8.18
C LEU C 975 7.73 -30.41 8.58
N VAL C 976 7.61 -29.15 9.00
CA VAL C 976 6.29 -28.55 9.26
C VAL C 976 5.49 -28.47 7.96
N MET C 977 6.16 -28.16 6.85
CA MET C 977 5.54 -28.20 5.53
C MET C 977 5.05 -29.59 5.17
N ILE C 978 5.86 -30.62 5.46
CA ILE C 978 5.47 -32.00 5.19
C ILE C 978 4.24 -32.40 6.02
N GLN C 979 4.19 -31.95 7.27
CA GLN C 979 3.06 -32.26 8.15
C GLN C 979 1.77 -31.60 7.66
N LYS C 980 1.83 -30.31 7.30
CA LYS C 980 0.63 -29.64 6.82
C LYS C 980 0.23 -30.09 5.43
N MET C 981 1.19 -30.50 4.59
CA MET C 981 0.84 -31.08 3.30
C MET C 981 0.26 -32.47 3.44
N MET C 982 0.64 -33.23 4.47
CA MET C 982 -0.02 -34.50 4.72
C MET C 982 -1.45 -34.30 5.23
N GLN C 983 -1.68 -33.23 5.99
CA GLN C 983 -3.06 -32.83 6.29
C GLN C 983 -3.85 -32.51 5.02
N ASP C 984 -3.22 -31.75 4.11
CA ASP C 984 -3.86 -31.41 2.84
C ASP C 984 -4.13 -32.64 1.98
N LEU C 985 -3.20 -33.61 2.00
CA LEU C 985 -3.37 -34.85 1.25
C LEU C 985 -4.48 -35.70 1.85
N ALA C 986 -4.57 -35.76 3.19
CA ALA C 986 -5.65 -36.50 3.83
C ALA C 986 -7.01 -35.86 3.59
N GLN C 987 -7.03 -34.55 3.34
CA GLN C 987 -8.28 -33.91 2.94
C GLN C 987 -8.63 -34.18 1.47
N PHE C 988 -7.65 -34.06 0.57
CA PHE C 988 -7.90 -34.20 -0.86
C PHE C 988 -8.07 -35.66 -1.30
N ILE C 989 -7.66 -36.61 -0.46
CA ILE C 989 -7.64 -38.02 -0.86
C ILE C 989 -9.04 -38.59 -1.06
N ILE C 990 -10.08 -37.99 -0.47
CA ILE C 990 -11.42 -38.51 -0.72
C ILE C 990 -11.91 -38.10 -2.12
N ILE C 991 -11.55 -36.90 -2.59
CA ILE C 991 -11.90 -36.48 -3.95
C ILE C 991 -11.12 -37.31 -4.97
N LEU C 992 -9.83 -37.51 -4.70
CA LEU C 992 -9.00 -38.32 -5.58
C LEU C 992 -9.47 -39.76 -5.63
N ALA C 993 -9.88 -40.32 -4.49
CA ALA C 993 -10.38 -41.69 -4.45
C ALA C 993 -11.74 -41.81 -5.13
N VAL C 994 -12.58 -40.76 -5.02
CA VAL C 994 -13.88 -40.77 -5.67
C VAL C 994 -13.73 -40.84 -7.20
N PHE C 995 -12.87 -39.99 -7.77
CA PHE C 995 -12.69 -40.05 -9.22
C PHE C 995 -11.94 -41.30 -9.65
N THR C 996 -10.99 -41.77 -8.82
CA THR C 996 -10.22 -42.97 -9.12
C THR C 996 -11.12 -44.21 -9.14
N ILE C 997 -11.98 -44.36 -8.13
CA ILE C 997 -12.86 -45.52 -8.06
C ILE C 997 -13.96 -45.43 -9.11
N ALA C 998 -14.41 -44.22 -9.47
CA ALA C 998 -15.37 -44.06 -10.57
C ALA C 998 -14.80 -44.56 -11.89
N TYR C 999 -13.61 -44.06 -12.25
CA TYR C 999 -12.97 -44.52 -13.48
C TYR C 999 -12.56 -45.98 -13.40
N GLY C 1000 -12.22 -46.50 -12.22
CA GLY C 1000 -11.85 -47.89 -12.11
C GLY C 1000 -13.03 -48.84 -12.30
N ILE C 1001 -14.18 -48.48 -11.73
CA ILE C 1001 -15.42 -49.22 -11.97
C ILE C 1001 -15.77 -49.21 -13.45
N ALA C 1002 -15.66 -48.03 -14.09
CA ALA C 1002 -15.95 -47.92 -15.52
C ALA C 1002 -14.98 -48.75 -16.38
N LEU C 1003 -13.68 -48.64 -16.08
CA LEU C 1003 -12.66 -49.29 -16.89
C LEU C 1003 -12.71 -50.81 -16.73
N HIS C 1004 -12.84 -51.30 -15.49
CA HIS C 1004 -12.90 -52.75 -15.30
C HIS C 1004 -14.23 -53.30 -15.79
N ALA C 1005 -15.30 -52.49 -15.79
CA ALA C 1005 -16.57 -52.99 -16.30
C ALA C 1005 -16.58 -53.05 -17.83
N VAL C 1006 -15.84 -52.18 -18.50
CA VAL C 1006 -15.80 -52.28 -19.95
C VAL C 1006 -14.72 -53.24 -20.45
N MET C 1007 -13.67 -53.49 -19.66
CA MET C 1007 -12.67 -54.46 -20.10
C MET C 1007 -13.11 -55.89 -19.83
N PHE C 1008 -13.68 -56.14 -18.64
CA PHE C 1008 -13.96 -57.50 -18.17
C PHE C 1008 -15.44 -57.61 -17.80
N PRO C 1009 -16.32 -57.86 -18.78
CA PRO C 1009 -17.71 -58.16 -18.45
C PRO C 1009 -17.82 -59.47 -17.67
N SER C 1010 -18.38 -59.38 -16.47
CA SER C 1010 -18.32 -60.53 -15.56
C SER C 1010 -19.32 -61.64 -15.85
N PRO C 1011 -20.47 -61.41 -16.48
CA PRO C 1011 -21.12 -62.61 -17.06
C PRO C 1011 -20.77 -62.81 -18.53
N GLY C 1012 -19.55 -63.27 -18.77
CA GLY C 1012 -19.08 -63.50 -20.13
C GLY C 1012 -17.82 -64.33 -20.13
N ILE C 1013 -17.31 -64.58 -21.34
CA ILE C 1013 -16.05 -65.29 -21.48
C ILE C 1013 -14.87 -64.43 -21.02
N TYR C 1014 -15.02 -63.11 -21.00
CA TYR C 1014 -13.99 -62.20 -20.54
C TYR C 1014 -14.11 -61.86 -19.06
N ALA C 1015 -14.76 -62.73 -18.29
CA ALA C 1015 -14.98 -62.48 -16.87
C ALA C 1015 -13.73 -62.75 -16.06
N ARG C 1016 -13.32 -61.78 -15.24
CA ARG C 1016 -12.46 -62.11 -14.12
C ARG C 1016 -13.30 -62.77 -13.03
N ASN C 1017 -13.07 -64.06 -12.82
CA ASN C 1017 -13.88 -64.87 -11.91
C ASN C 1017 -13.25 -64.87 -10.50
N ASN C 1018 -13.10 -63.65 -9.98
CA ASN C 1018 -12.38 -63.41 -8.74
C ASN C 1018 -12.80 -62.02 -8.27
N THR C 1019 -13.43 -61.96 -7.09
CA THR C 1019 -13.87 -60.68 -6.54
C THR C 1019 -12.68 -59.81 -6.15
N TRP C 1020 -11.62 -60.43 -5.64
CA TRP C 1020 -10.51 -59.68 -5.08
C TRP C 1020 -9.68 -58.99 -6.14
N VAL C 1021 -9.41 -59.65 -7.27
CA VAL C 1021 -8.65 -58.99 -8.32
C VAL C 1021 -9.49 -57.95 -9.04
N THR C 1022 -10.83 -58.09 -9.01
CA THR C 1022 -11.71 -57.05 -9.54
C THR C 1022 -11.63 -55.78 -8.69
N ILE C 1023 -11.77 -55.93 -7.37
CA ILE C 1023 -11.76 -54.78 -6.47
C ILE C 1023 -10.38 -54.12 -6.46
N THR C 1024 -9.32 -54.95 -6.37
CA THR C 1024 -7.97 -54.38 -6.41
C THR C 1024 -7.60 -53.84 -7.78
N SER C 1025 -8.24 -54.31 -8.86
CA SER C 1025 -7.99 -53.69 -10.16
C SER C 1025 -8.63 -52.31 -10.24
N VAL C 1026 -9.87 -52.19 -9.75
CA VAL C 1026 -10.55 -50.90 -9.68
C VAL C 1026 -9.78 -49.89 -8.83
N VAL C 1027 -9.20 -50.36 -7.72
CA VAL C 1027 -8.37 -49.47 -6.90
C VAL C 1027 -7.01 -49.20 -7.57
N GLN C 1028 -6.44 -50.23 -8.20
CA GLN C 1028 -5.02 -50.28 -8.55
C GLN C 1028 -4.71 -49.59 -9.87
N TYR C 1029 -5.39 -50.00 -10.94
CA TYR C 1029 -5.02 -49.57 -12.28
C TYR C 1029 -5.21 -48.08 -12.56
N PRO C 1030 -6.29 -47.39 -12.15
CA PRO C 1030 -6.29 -45.92 -12.27
C PRO C 1030 -5.25 -45.25 -11.42
N TYR C 1031 -4.89 -45.85 -10.29
CA TYR C 1031 -3.86 -45.26 -9.42
C TYR C 1031 -2.50 -45.28 -10.09
N TRP C 1032 -2.11 -46.39 -10.72
CA TRP C 1032 -0.81 -46.38 -11.39
C TRP C 1032 -0.84 -45.63 -12.70
N GLN C 1033 -2.00 -45.62 -13.39
CA GLN C 1033 -2.15 -44.78 -14.57
C GLN C 1033 -2.06 -43.30 -14.24
N MET C 1034 -2.44 -42.93 -13.02
CA MET C 1034 -2.37 -41.56 -12.53
C MET C 1034 -0.94 -41.02 -12.47
N TYR C 1035 0.07 -41.89 -12.34
CA TYR C 1035 1.47 -41.48 -12.35
C TYR C 1035 2.13 -41.67 -13.71
N GLY C 1036 1.33 -41.78 -14.77
CA GLY C 1036 1.88 -41.97 -16.10
C GLY C 1036 2.31 -43.37 -16.43
N GLU C 1037 2.12 -44.34 -15.53
CA GLU C 1037 2.33 -45.75 -15.86
C GLU C 1037 1.07 -46.20 -16.60
N LEU C 1038 1.05 -45.92 -17.89
CA LEU C 1038 -0.10 -46.22 -18.73
C LEU C 1038 -0.07 -47.68 -19.12
N PHE C 1039 -1.16 -48.39 -18.88
CA PHE C 1039 -1.25 -49.81 -19.23
C PHE C 1039 -1.82 -49.98 -20.63
N LEU C 1040 -1.22 -49.29 -21.60
CA LEU C 1040 -1.78 -49.21 -22.95
C LEU C 1040 -1.73 -50.55 -23.67
N ASP C 1041 -0.65 -51.32 -23.48
CA ASP C 1041 -0.64 -52.66 -24.02
C ASP C 1041 -1.62 -53.57 -23.29
N GLU C 1042 -1.81 -53.33 -22.00
CA GLU C 1042 -2.69 -54.18 -21.20
C GLU C 1042 -4.16 -53.92 -21.51
N ILE C 1043 -4.58 -52.65 -21.55
CA ILE C 1043 -6.00 -52.35 -21.67
C ILE C 1043 -6.52 -52.45 -23.10
N GLN C 1044 -5.65 -52.58 -24.09
CA GLN C 1044 -6.04 -52.74 -25.49
C GLN C 1044 -6.10 -54.21 -25.91
N GLY C 1045 -6.07 -55.13 -24.95
CA GLY C 1045 -6.22 -56.54 -25.25
C GLY C 1045 -4.93 -57.31 -25.42
N GLU C 1046 -3.79 -56.64 -25.59
CA GLU C 1046 -2.53 -57.34 -25.58
C GLU C 1046 -2.13 -57.66 -24.15
N LYS C 1047 -1.04 -58.42 -24.02
CA LYS C 1047 -0.65 -59.08 -22.77
C LYS C 1047 -1.81 -59.82 -22.08
N PRO C 1048 -2.37 -60.87 -22.70
CA PRO C 1048 -3.56 -61.50 -22.10
C PRO C 1048 -3.25 -62.41 -20.92
N LYS C 1049 -1.98 -62.74 -20.68
CA LYS C 1049 -1.61 -63.72 -19.66
C LYS C 1049 -1.44 -63.08 -18.28
N GLU C 1050 -0.67 -62.01 -18.21
CA GLU C 1050 -0.40 -61.35 -16.93
C GLU C 1050 -1.36 -60.21 -16.62
N PHE C 1051 -2.23 -59.84 -17.56
CA PHE C 1051 -3.27 -58.85 -17.32
C PHE C 1051 -4.67 -59.44 -17.43
N GLY C 1052 -4.96 -60.13 -18.51
CA GLY C 1052 -6.27 -60.72 -18.72
C GLY C 1052 -6.78 -60.51 -20.12
N GLU C 1053 -7.63 -61.44 -20.58
CA GLU C 1053 -8.33 -61.31 -21.85
C GLU C 1053 -9.30 -60.12 -21.79
N VAL C 1054 -9.00 -59.06 -22.52
CA VAL C 1054 -9.84 -57.88 -22.55
C VAL C 1054 -10.92 -58.10 -23.61
N ASP C 1055 -12.15 -57.72 -23.28
CA ASP C 1055 -13.25 -57.73 -24.25
C ASP C 1055 -12.91 -56.84 -25.45
N PRO C 1056 -13.19 -57.28 -26.68
CA PRO C 1056 -12.74 -56.53 -27.86
C PRO C 1056 -13.39 -55.17 -28.03
N ASP C 1057 -14.54 -54.93 -27.42
CA ASP C 1057 -15.12 -53.59 -27.45
C ASP C 1057 -14.64 -52.73 -26.29
N GLY C 1058 -14.01 -53.34 -25.28
CA GLY C 1058 -13.23 -52.57 -24.32
C GLY C 1058 -11.87 -52.19 -24.83
N ARG C 1059 -11.39 -52.85 -25.91
CA ARG C 1059 -10.04 -52.61 -26.40
C ARG C 1059 -9.91 -51.27 -27.12
N TRP C 1060 -10.99 -50.75 -27.69
CA TRP C 1060 -10.98 -49.41 -28.26
C TRP C 1060 -11.52 -48.36 -27.31
N LEU C 1061 -12.39 -48.74 -26.39
CA LEU C 1061 -13.01 -47.79 -25.47
C LEU C 1061 -12.12 -47.46 -24.29
N SER C 1062 -11.27 -48.41 -23.87
CA SER C 1062 -10.32 -48.16 -22.80
C SER C 1062 -9.28 -47.08 -23.09
N PRO C 1063 -8.74 -46.91 -24.32
CA PRO C 1063 -7.92 -45.71 -24.55
C PRO C 1063 -8.71 -44.40 -24.48
N LEU C 1064 -9.99 -44.39 -24.85
CA LEU C 1064 -10.78 -43.17 -24.75
C LEU C 1064 -11.08 -42.81 -23.30
N LEU C 1065 -11.49 -43.81 -22.51
CA LEU C 1065 -11.72 -43.59 -21.08
C LEU C 1065 -10.45 -43.21 -20.37
N LEU C 1066 -9.32 -43.84 -20.75
CA LEU C 1066 -8.05 -43.46 -20.17
C LEU C 1066 -7.60 -42.08 -20.63
N ALA C 1067 -8.01 -41.65 -21.83
CA ALA C 1067 -7.72 -40.29 -22.29
C ALA C 1067 -8.43 -39.27 -21.42
N ILE C 1068 -9.73 -39.48 -21.18
CA ILE C 1068 -10.50 -38.60 -20.30
C ILE C 1068 -9.94 -38.63 -18.88
N TYR C 1069 -9.51 -39.80 -18.41
CA TYR C 1069 -8.99 -39.92 -17.05
C TYR C 1069 -7.61 -39.26 -16.92
N MET C 1070 -6.78 -39.32 -17.96
CA MET C 1070 -5.47 -38.68 -17.90
C MET C 1070 -5.59 -37.16 -18.04
N VAL C 1071 -6.55 -36.69 -18.84
CA VAL C 1071 -6.70 -35.23 -18.96
C VAL C 1071 -7.39 -34.67 -17.72
N PHE C 1072 -8.13 -35.50 -16.98
CA PHE C 1072 -8.82 -35.00 -15.79
C PHE C 1072 -8.04 -35.22 -14.50
N THR C 1073 -7.19 -36.25 -14.40
CA THR C 1073 -6.59 -36.61 -13.12
C THR C 1073 -5.12 -36.28 -13.03
N ASN C 1074 -4.32 -36.68 -14.04
CA ASN C 1074 -2.90 -36.36 -14.01
C ASN C 1074 -2.67 -34.87 -14.30
N ILE C 1075 -3.56 -34.23 -15.05
CA ILE C 1075 -3.39 -32.81 -15.37
C ILE C 1075 -4.16 -31.92 -14.42
N LEU C 1076 -5.44 -32.22 -14.16
CA LEU C 1076 -6.26 -31.29 -13.40
C LEU C 1076 -6.23 -31.58 -11.89
N LEU C 1077 -6.50 -32.82 -11.49
CA LEU C 1077 -6.61 -33.17 -10.08
C LEU C 1077 -5.24 -33.15 -9.37
N LEU C 1078 -4.23 -33.72 -10.02
CA LEU C 1078 -2.90 -33.77 -9.40
C LEU C 1078 -2.26 -32.39 -9.31
N ASN C 1079 -2.44 -31.55 -10.32
CA ASN C 1079 -1.90 -30.21 -10.24
C ASN C 1079 -2.75 -29.31 -9.36
N LEU C 1080 -4.02 -29.65 -9.16
CA LEU C 1080 -4.79 -29.04 -8.07
C LEU C 1080 -4.20 -29.37 -6.71
N LEU C 1081 -3.82 -30.63 -6.50
CA LEU C 1081 -3.19 -31.03 -5.25
C LEU C 1081 -1.81 -30.39 -5.08
N ILE C 1082 -1.07 -30.25 -6.18
CA ILE C 1082 0.22 -29.54 -6.17
C ILE C 1082 0.00 -28.06 -5.84
N ALA C 1083 -1.11 -27.49 -6.32
CA ALA C 1083 -1.42 -26.09 -6.01
C ALA C 1083 -1.79 -25.91 -4.54
N ILE C 1084 -2.50 -26.89 -3.96
CA ILE C 1084 -2.77 -26.89 -2.52
C ILE C 1084 -1.46 -26.97 -1.73
N PHE C 1085 -0.54 -27.83 -2.19
CA PHE C 1085 0.76 -27.96 -1.54
C PHE C 1085 1.57 -26.68 -1.67
N ASN C 1086 1.46 -25.99 -2.80
CA ASN C 1086 2.21 -24.75 -2.99
C ASN C 1086 1.63 -23.61 -2.16
N TYR C 1087 0.31 -23.58 -1.99
CA TYR C 1087 -0.32 -22.60 -1.10
C TYR C 1087 0.11 -22.84 0.35
N THR C 1088 0.15 -24.11 0.75
CA THR C 1088 0.68 -24.48 2.07
C THR C 1088 2.15 -24.10 2.21
N PHE C 1089 2.94 -24.33 1.16
CA PHE C 1089 4.34 -23.94 1.13
C PHE C 1089 4.52 -22.45 1.33
N GLU C 1090 3.71 -21.63 0.66
CA GLU C 1090 3.86 -20.19 0.79
C GLU C 1090 3.45 -19.72 2.18
N ARG C 1091 2.38 -20.31 2.74
CA ARG C 1091 1.94 -19.96 4.09
C ARG C 1091 2.98 -20.33 5.14
N VAL C 1092 3.70 -21.44 4.95
CA VAL C 1092 4.70 -21.79 5.95
C VAL C 1092 6.01 -21.04 5.68
N GLN C 1093 6.38 -20.84 4.40
CA GLN C 1093 7.64 -20.22 4.04
C GLN C 1093 7.67 -18.74 4.40
N GLU C 1094 6.51 -18.07 4.43
CA GLU C 1094 6.50 -16.68 4.86
C GLU C 1094 6.76 -16.52 6.36
N ASP C 1095 6.61 -17.60 7.15
CA ASP C 1095 6.88 -17.57 8.58
C ASP C 1095 7.79 -18.72 9.01
N SER C 1096 8.64 -19.21 8.10
CA SER C 1096 9.47 -20.39 8.35
C SER C 1096 10.47 -20.15 9.48
N ASP C 1097 11.04 -18.95 9.56
CA ASP C 1097 11.97 -18.62 10.64
C ASP C 1097 11.27 -18.70 11.99
N LYS C 1098 10.07 -18.10 12.09
CA LYS C 1098 9.35 -18.08 13.35
C LYS C 1098 8.82 -19.46 13.74
N VAL C 1099 8.45 -20.29 12.77
CA VAL C 1099 7.97 -21.62 13.17
C VAL C 1099 9.14 -22.51 13.56
N TRP C 1100 10.34 -22.27 13.00
CA TRP C 1100 11.52 -22.97 13.53
C TRP C 1100 11.84 -22.53 14.94
N LYS C 1101 11.73 -21.21 15.21
CA LYS C 1101 11.93 -20.71 16.57
C LYS C 1101 10.91 -21.28 17.54
N PHE C 1102 9.68 -21.55 17.07
CA PHE C 1102 8.64 -22.09 17.94
C PHE C 1102 8.84 -23.57 18.22
N GLN C 1103 9.21 -24.36 17.20
CA GLN C 1103 9.45 -25.79 17.43
C GLN C 1103 10.79 -26.06 18.12
N ARG C 1104 11.69 -25.06 18.14
CA ARG C 1104 12.92 -25.20 18.90
C ARG C 1104 12.64 -25.33 20.40
N TYR C 1105 11.57 -24.69 20.89
CA TYR C 1105 11.11 -24.90 22.27
C TYR C 1105 10.74 -26.35 22.52
N ASP C 1106 10.01 -26.96 21.58
CA ASP C 1106 9.61 -28.36 21.74
C ASP C 1106 10.80 -29.29 21.69
N LEU C 1107 11.84 -28.94 20.91
CA LEU C 1107 13.07 -29.72 20.90
C LEU C 1107 13.81 -29.60 22.24
N VAL C 1108 13.89 -28.37 22.78
CA VAL C 1108 14.55 -28.14 24.08
C VAL C 1108 13.80 -28.87 25.20
N GLN C 1109 12.47 -28.87 25.16
CA GLN C 1109 11.71 -29.59 26.17
C GLN C 1109 11.78 -31.10 25.96
N GLU C 1110 11.96 -31.56 24.71
CA GLU C 1110 12.15 -32.99 24.46
C GLU C 1110 13.47 -33.49 25.03
N TYR C 1111 14.51 -32.66 24.99
CA TYR C 1111 15.83 -33.12 25.45
C TYR C 1111 16.26 -32.56 26.79
N HIS C 1112 15.42 -31.76 27.45
CA HIS C 1112 15.76 -31.24 28.77
C HIS C 1112 15.52 -32.27 29.86
N SER C 1113 14.59 -33.20 29.66
CA SER C 1113 14.19 -34.16 30.67
C SER C 1113 14.83 -35.54 30.47
N ARG C 1114 15.68 -35.69 29.47
CA ARG C 1114 16.33 -36.96 29.20
C ARG C 1114 17.32 -37.30 30.32
N PRO C 1115 17.67 -38.59 30.49
CA PRO C 1115 18.67 -38.96 31.51
C PRO C 1115 20.05 -38.39 31.21
N VAL C 1116 20.74 -37.98 32.27
CA VAL C 1116 22.05 -37.33 32.17
C VAL C 1116 23.10 -38.44 32.15
N PHE C 1117 23.25 -39.13 31.02
CA PHE C 1117 23.91 -40.43 31.03
C PHE C 1117 24.43 -40.74 29.63
N ALA C 1118 25.19 -41.84 29.55
CA ALA C 1118 25.87 -42.22 28.32
C ALA C 1118 24.88 -42.67 27.24
N PRO C 1119 25.15 -42.36 25.97
CA PRO C 1119 24.14 -42.62 24.91
C PRO C 1119 23.91 -44.09 24.60
N PRO C 1120 24.89 -45.01 24.73
CA PRO C 1120 24.48 -46.43 24.75
C PRO C 1120 23.97 -46.91 26.08
N LEU C 1121 24.08 -46.11 27.15
CA LEU C 1121 23.74 -46.56 28.50
C LEU C 1121 22.58 -45.78 29.10
N VAL C 1122 21.66 -45.29 28.27
CA VAL C 1122 20.52 -44.52 28.81
C VAL C 1122 19.54 -45.41 29.55
N LEU C 1123 19.50 -46.73 29.25
CA LEU C 1123 18.67 -47.63 30.04
C LEU C 1123 19.25 -47.84 31.43
N LEU C 1124 20.59 -47.92 31.54
CA LEU C 1124 21.26 -47.82 32.83
C LEU C 1124 20.95 -46.48 33.50
N GLY C 1125 20.77 -45.43 32.70
CA GLY C 1125 20.31 -44.16 33.24
C GLY C 1125 18.91 -44.22 33.81
N HIS C 1126 18.02 -44.98 33.17
CA HIS C 1126 16.69 -45.16 33.72
C HIS C 1126 16.72 -46.00 34.99
N ILE C 1127 17.68 -46.93 35.07
CA ILE C 1127 17.92 -47.65 36.32
C ILE C 1127 18.35 -46.68 37.43
N LEU C 1128 19.27 -45.77 37.12
CA LEU C 1128 19.75 -44.82 38.12
C LEU C 1128 18.82 -43.62 38.31
N ILE C 1129 17.73 -43.54 37.56
CA ILE C 1129 16.62 -42.65 37.91
C ILE C 1129 15.71 -43.44 38.85
N PHE C 1130 15.54 -44.74 38.54
CA PHE C 1130 14.71 -45.60 39.37
C PHE C 1130 15.35 -45.90 40.72
N ILE C 1131 16.68 -45.95 40.78
CA ILE C 1131 17.38 -46.16 42.03
C ILE C 1131 18.19 -44.92 42.41
N LYS C 1150 11.46 -22.66 34.36
CA LYS C 1150 10.59 -22.90 35.50
C LYS C 1150 11.39 -22.81 36.80
N ILE C 1151 11.52 -21.59 37.34
CA ILE C 1151 12.21 -21.38 38.61
C ILE C 1151 11.29 -20.62 39.56
N GLY C 1152 11.51 -20.82 40.85
CA GLY C 1152 10.79 -20.09 41.89
C GLY C 1152 11.72 -19.08 42.53
N LEU C 1153 11.15 -17.94 42.94
CA LEU C 1153 11.93 -16.81 43.41
C LEU C 1153 11.45 -16.38 44.79
N SER C 1154 12.27 -15.56 45.45
CA SER C 1154 11.93 -15.00 46.75
C SER C 1154 10.77 -14.01 46.62
N PRO C 1155 9.94 -13.86 47.65
CA PRO C 1155 8.75 -12.99 47.53
C PRO C 1155 9.05 -11.52 47.31
N ALA C 1156 10.04 -10.97 48.02
CA ALA C 1156 10.50 -9.61 47.72
C ALA C 1156 11.16 -9.55 46.35
N GLU C 1157 11.86 -10.62 45.96
CA GLU C 1157 12.43 -10.72 44.62
C GLU C 1157 11.34 -10.83 43.57
N MET C 1158 10.24 -11.53 43.89
CA MET C 1158 9.11 -11.60 42.97
C MET C 1158 8.41 -10.25 42.82
N GLU C 1159 8.28 -9.50 43.91
CA GLU C 1159 7.70 -8.16 43.80
C GLU C 1159 8.61 -7.21 43.04
N GLN C 1160 9.92 -7.40 43.14
CA GLN C 1160 10.87 -6.60 42.38
C GLN C 1160 10.84 -6.95 40.90
N MET C 1161 10.71 -8.25 40.59
CA MET C 1161 10.40 -8.73 39.24
C MET C 1161 9.14 -8.06 38.69
N ASP C 1162 8.08 -8.03 39.50
CA ASP C 1162 6.81 -7.46 39.06
C ASP C 1162 6.91 -5.97 38.83
N ASN C 1163 7.66 -5.26 39.68
CA ASN C 1163 7.84 -3.82 39.50
C ASN C 1163 8.64 -3.50 38.25
N TRP C 1164 9.71 -4.26 37.99
CA TRP C 1164 10.51 -4.03 36.79
C TRP C 1164 9.73 -4.38 35.53
N GLU C 1165 8.95 -5.47 35.57
CA GLU C 1165 8.13 -5.86 34.43
C GLU C 1165 7.02 -4.84 34.17
N PHE C 1166 6.41 -4.31 35.23
CA PHE C 1166 5.34 -3.33 35.07
C PHE C 1166 5.88 -1.99 34.58
N GLN C 1167 7.09 -1.61 34.97
CA GLN C 1167 7.62 -0.34 34.45
C GLN C 1167 8.16 -0.47 33.03
N ALA C 1168 8.65 -1.66 32.63
CA ALA C 1168 8.93 -1.86 31.22
C ALA C 1168 7.65 -1.88 30.40
N ALA C 1169 6.57 -2.38 30.98
CA ALA C 1169 5.26 -2.27 30.34
C ALA C 1169 4.83 -0.81 30.24
N GLU C 1170 5.09 -0.01 31.27
CA GLU C 1170 4.80 1.43 31.22
C GLU C 1170 5.54 2.10 30.08
N MET C 1171 6.82 1.75 29.88
CA MET C 1171 7.57 2.33 28.77
C MET C 1171 7.05 1.86 27.41
N TYR C 1172 6.61 0.59 27.30
CA TYR C 1172 6.04 0.13 26.04
C TYR C 1172 4.69 0.79 25.75
N ILE C 1173 3.85 0.96 26.77
CA ILE C 1173 2.57 1.65 26.61
C ILE C 1173 2.79 3.11 26.23
N HIS C 1174 3.79 3.76 26.84
CA HIS C 1174 4.10 5.15 26.51
C HIS C 1174 4.64 5.27 25.09
N GLN C 1175 5.47 4.32 24.65
CA GLN C 1175 5.97 4.36 23.28
C GLN C 1175 4.86 4.08 22.26
N GLN C 1176 3.90 3.21 22.59
CA GLN C 1176 2.77 3.00 21.69
C GLN C 1176 1.86 4.22 21.65
N GLN C 1177 1.71 4.93 22.78
CA GLN C 1177 0.93 6.17 22.76
C GLN C 1177 1.63 7.26 21.96
N GLN C 1178 2.97 7.30 22.01
CA GLN C 1178 3.69 8.26 21.18
C GLN C 1178 3.65 7.86 19.70
N LYS C 1179 3.54 6.56 19.40
CA LYS C 1179 3.37 6.14 18.02
C LYS C 1179 1.96 6.47 17.50
N ASN C 1180 0.93 6.27 18.33
CA ASN C 1180 -0.43 6.58 17.91
C ASN C 1180 -0.64 8.09 17.77
N SER C 1181 -0.12 8.88 18.72
CA SER C 1181 -0.17 10.33 18.60
C SER C 1181 0.72 10.83 17.47
N GLY C 1182 1.74 10.06 17.10
CA GLY C 1182 2.59 10.36 15.98
C GLY C 1182 2.08 9.89 14.65
N THR C 1183 0.96 9.18 14.61
CA THR C 1183 0.34 8.84 13.33
C THR C 1183 -0.24 10.10 12.68
N LEU C 1184 -0.38 10.03 11.35
CA LEU C 1184 -0.71 11.20 10.56
C LEU C 1184 -2.16 11.63 10.79
N GLU C 1185 -3.06 10.67 10.97
CA GLU C 1185 -4.47 10.99 11.19
C GLU C 1185 -4.68 11.66 12.54
N GLU C 1186 -3.96 11.19 13.57
CA GLU C 1186 -4.07 11.82 14.88
C GLU C 1186 -3.38 13.18 14.93
N ARG C 1187 -2.33 13.37 14.13
CA ARG C 1187 -1.72 14.69 14.00
C ARG C 1187 -2.68 15.67 13.33
N VAL C 1188 -3.39 15.23 12.29
CA VAL C 1188 -4.37 16.10 11.63
C VAL C 1188 -5.57 16.36 12.54
N ARG C 1189 -5.97 15.39 13.35
CA ARG C 1189 -7.07 15.61 14.30
C ARG C 1189 -6.69 16.58 15.41
N ALA C 1190 -5.48 16.45 15.95
CA ALA C 1190 -4.99 17.41 16.94
C ALA C 1190 -4.78 18.78 16.32
N LEU C 1191 -4.45 18.80 15.04
CA LEU C 1191 -4.27 20.04 14.30
C LEU C 1191 -5.63 20.73 14.23
N GLY C 1192 -6.66 19.99 13.85
CA GLY C 1192 -8.00 20.53 13.79
C GLY C 1192 -8.49 21.02 15.14
N ASP C 1193 -8.10 20.33 16.22
CA ASP C 1193 -8.41 20.82 17.56
C ASP C 1193 -7.68 22.12 17.87
N ARG C 1194 -6.43 22.25 17.40
CA ARG C 1194 -5.67 23.48 17.58
C ARG C 1194 -6.31 24.65 16.84
N VAL C 1195 -6.76 24.42 15.59
CA VAL C 1195 -7.39 25.53 14.87
C VAL C 1195 -8.81 25.80 15.38
N ASP C 1196 -9.46 24.82 16.01
CA ASP C 1196 -10.72 25.11 16.70
C ASP C 1196 -10.48 25.97 17.94
N CYS C 1197 -9.37 25.73 18.64
CA CYS C 1197 -8.99 26.61 19.74
C CYS C 1197 -8.63 28.01 19.25
N ILE C 1198 -7.99 28.10 18.08
CA ILE C 1198 -7.68 29.40 17.48
C ILE C 1198 -8.95 30.15 17.12
N ASN C 1199 -9.93 29.44 16.53
CA ASN C 1199 -11.21 30.05 16.17
C ASN C 1199 -11.99 30.48 17.40
N SER C 1200 -11.93 29.68 18.47
CA SER C 1200 -12.62 30.02 19.71
C SER C 1200 -12.00 31.24 20.37
N GLN C 1201 -10.67 31.30 20.43
CA GLN C 1201 -10.01 32.47 21.01
C GLN C 1201 -10.17 33.71 20.14
N LEU C 1202 -10.27 33.55 18.82
CA LEU C 1202 -10.52 34.69 17.96
C LEU C 1202 -11.95 35.19 18.09
N ASN C 1203 -12.90 34.29 18.38
CA ASN C 1203 -14.25 34.73 18.70
C ASN C 1203 -14.32 35.38 20.07
N ARG C 1204 -13.45 34.97 20.99
CA ARG C 1204 -13.35 35.65 22.28
C ARG C 1204 -12.74 37.04 22.13
N VAL C 1205 -11.81 37.22 21.20
CA VAL C 1205 -11.29 38.55 20.90
C VAL C 1205 -12.36 39.40 20.22
N LEU C 1206 -13.06 38.82 19.25
CA LEU C 1206 -14.15 39.51 18.56
C LEU C 1206 -15.35 39.65 19.49
N ALA D 94 25.98 13.90 68.28
CA ALA D 94 25.71 12.53 67.86
C ALA D 94 25.68 12.43 66.33
N TYR D 95 26.66 11.73 65.78
CA TYR D 95 26.76 11.53 64.34
C TYR D 95 27.12 10.08 64.06
N GLY D 96 26.60 9.56 62.95
CA GLY D 96 26.84 8.17 62.64
C GLY D 96 26.12 7.69 61.41
N GLU D 97 25.51 6.51 61.46
CA GLU D 97 24.97 5.88 60.26
C GLU D 97 23.85 4.93 60.64
N ILE D 98 22.63 5.25 60.21
CA ILE D 98 21.47 4.41 60.49
C ILE D 98 21.50 3.19 59.58
N ASP D 99 21.29 2.01 60.17
CA ASP D 99 20.90 0.79 59.47
C ASP D 99 19.42 0.59 59.79
N PHE D 100 18.56 0.89 58.82
CA PHE D 100 17.14 0.67 59.02
C PHE D 100 16.82 -0.82 58.99
N GLU D 101 15.98 -1.26 59.92
CA GLU D 101 15.78 -2.69 60.20
C GLU D 101 14.90 -3.31 59.11
N GLY D 102 15.51 -3.64 57.99
CA GLY D 102 14.85 -4.33 56.90
C GLY D 102 13.78 -3.54 56.20
N TYR D 103 13.97 -2.23 56.04
CA TYR D 103 12.97 -1.35 55.46
C TYR D 103 13.18 -1.15 53.96
N GLY D 104 13.98 -1.99 53.33
CA GLY D 104 14.22 -1.88 51.90
C GLY D 104 15.55 -1.24 51.57
N GLY D 105 16.53 -2.06 51.17
CA GLY D 105 17.83 -1.53 50.78
C GLY D 105 18.92 -2.00 51.73
N GLN D 106 20.03 -2.46 51.14
CA GLN D 106 21.18 -2.90 51.91
C GLN D 106 22.01 -1.73 52.42
N LYS D 107 22.06 -0.63 51.66
CA LYS D 107 22.94 0.48 51.98
C LYS D 107 22.43 1.27 53.19
N ARG D 108 23.35 1.72 54.03
CA ARG D 108 23.04 2.44 55.24
C ARG D 108 23.20 3.94 55.01
N ALA D 109 22.55 4.74 55.86
CA ALA D 109 22.48 6.18 55.60
C ALA D 109 23.08 6.98 56.76
N PRO D 110 24.11 7.79 56.55
CA PRO D 110 24.71 8.55 57.65
C PRO D 110 23.89 9.76 58.07
N TYR D 111 24.00 10.08 59.36
CA TYR D 111 23.31 11.21 59.97
C TYR D 111 24.31 12.10 60.71
N LEU D 112 23.95 13.38 60.79
CA LEU D 112 24.80 14.39 61.42
C LEU D 112 23.95 15.36 62.22
N ARG D 113 24.23 15.46 63.51
CA ARG D 113 23.67 16.51 64.36
C ARG D 113 24.35 17.84 64.07
N MET D 114 23.55 18.91 64.00
CA MET D 114 24.06 20.22 63.60
C MET D 114 23.37 21.29 64.43
N SER D 115 24.02 22.43 64.58
CA SER D 115 23.43 23.66 65.07
C SER D 115 23.48 24.71 63.97
N HIS D 116 22.64 25.74 64.09
CA HIS D 116 22.61 26.81 63.10
C HIS D 116 23.74 27.81 63.26
N ASP D 117 24.53 27.70 64.33
CA ASP D 117 25.68 28.57 64.50
C ASP D 117 26.79 28.22 63.49
N THR D 118 26.91 26.95 63.13
CA THR D 118 27.95 26.54 62.20
C THR D 118 27.62 26.99 60.79
N ASP D 119 28.65 27.40 60.06
CA ASP D 119 28.49 27.85 58.68
C ASP D 119 28.19 26.67 57.76
N ALA D 120 27.75 26.99 56.54
CA ALA D 120 27.42 25.96 55.58
C ALA D 120 28.63 25.45 54.82
N ASN D 121 29.74 26.20 54.82
CA ASN D 121 30.93 25.77 54.07
C ASN D 121 31.57 24.54 54.71
N LEU D 122 31.53 24.46 56.04
CA LEU D 122 31.99 23.25 56.74
C LEU D 122 31.10 22.07 56.39
N VAL D 123 29.79 22.30 56.23
CA VAL D 123 28.87 21.24 55.85
C VAL D 123 29.17 20.74 54.45
N ILE D 124 29.50 21.66 53.53
CA ILE D 124 29.76 21.27 52.15
C ILE D 124 31.11 20.55 52.03
N THR D 125 32.13 21.03 52.73
CA THR D 125 33.41 20.31 52.70
C THR D 125 33.37 19.03 53.52
N LEU D 126 32.39 18.87 54.40
CA LEU D 126 32.19 17.59 55.07
C LEU D 126 31.48 16.59 54.14
N MET D 127 30.48 17.07 53.38
CA MET D 127 29.73 16.16 52.53
C MET D 127 30.39 15.88 51.19
N LEU D 128 31.41 16.67 50.81
CA LEU D 128 32.14 16.39 49.57
C LEU D 128 33.47 15.68 49.80
N LYS D 129 34.02 15.72 51.01
CA LYS D 129 35.29 15.07 51.32
C LYS D 129 35.14 13.94 52.33
N ARG D 130 34.50 14.21 53.48
CA ARG D 130 34.44 13.22 54.54
C ARG D 130 33.43 12.13 54.26
N TRP D 131 32.41 12.42 53.44
CA TRP D 131 31.38 11.44 53.10
C TRP D 131 31.46 10.97 51.66
N ASN D 132 32.37 11.54 50.86
CA ASN D 132 32.73 11.07 49.51
C ASN D 132 31.54 11.11 48.55
N LEU D 133 31.05 12.33 48.29
CA LEU D 133 30.00 12.56 47.31
C LEU D 133 30.57 13.37 46.15
N GLU D 134 30.17 13.00 44.93
CA GLU D 134 30.60 13.75 43.76
C GLU D 134 29.84 15.07 43.66
N ILE D 135 30.51 16.08 43.11
CA ILE D 135 29.89 17.38 42.86
C ILE D 135 28.92 17.22 41.68
N PRO D 136 27.62 17.31 41.91
CA PRO D 136 26.65 16.86 40.91
C PRO D 136 26.44 17.91 39.82
N ASN D 137 25.66 17.51 38.82
CA ASN D 137 25.23 18.43 37.77
C ASN D 137 24.01 19.25 38.15
N LEU D 138 23.35 18.90 39.25
CA LEU D 138 22.08 19.47 39.64
C LEU D 138 21.80 19.13 41.09
N VAL D 139 21.12 20.03 41.80
CA VAL D 139 20.54 19.75 43.10
C VAL D 139 19.06 20.11 43.05
N ILE D 140 18.21 19.09 43.11
CA ILE D 140 16.76 19.26 43.18
C ILE D 140 16.37 19.31 44.65
N SER D 141 15.54 20.29 45.03
CA SER D 141 15.02 20.38 46.39
C SER D 141 13.51 20.22 46.33
N VAL D 142 13.00 19.09 46.81
CA VAL D 142 11.58 18.78 46.73
C VAL D 142 10.91 19.19 48.04
N THR D 143 9.79 19.93 47.93
CA THR D 143 9.17 20.54 49.09
C THR D 143 7.66 20.39 49.00
N GLY D 144 7.03 19.98 50.11
CA GLY D 144 5.60 19.94 50.18
C GLY D 144 5.08 19.67 51.58
N GLY D 145 3.92 19.03 51.67
CA GLY D 145 3.34 18.72 52.95
C GLY D 145 3.91 17.45 53.57
N ALA D 146 3.78 17.35 54.89
CA ALA D 146 4.20 16.17 55.62
C ALA D 146 3.03 15.44 56.28
N LYS D 147 2.26 16.12 57.12
CA LYS D 147 1.12 15.48 57.77
C LYS D 147 -0.17 15.72 56.98
N SER D 148 -0.53 16.98 56.77
CA SER D 148 -1.63 17.33 55.88
C SER D 148 -1.11 17.29 54.44
N PHE D 149 -1.47 16.23 53.70
CA PHE D 149 -0.93 16.04 52.36
C PHE D 149 -1.95 15.23 51.56
N VAL D 150 -2.73 15.92 50.71
CA VAL D 150 -3.73 15.31 49.85
C VAL D 150 -3.22 15.35 48.42
N LEU D 151 -3.23 14.21 47.74
CA LEU D 151 -2.56 14.07 46.46
C LEU D 151 -3.38 13.21 45.51
N LYS D 152 -3.37 13.60 44.22
CA LYS D 152 -4.08 12.93 43.13
C LYS D 152 -3.24 11.77 42.59
N PRO D 153 -3.87 10.67 42.16
CA PRO D 153 -3.07 9.52 41.67
C PRO D 153 -2.39 9.76 40.33
N ARG D 154 -3.07 10.41 39.38
CA ARG D 154 -2.44 10.79 38.12
C ARG D 154 -1.30 11.77 38.36
N LEU D 155 -1.53 12.76 39.23
CA LEU D 155 -0.51 13.76 39.51
C LEU D 155 0.67 13.16 40.25
N ARG D 156 0.42 12.25 41.21
CA ARG D 156 1.52 11.63 41.93
C ARG D 156 2.33 10.72 41.01
N GLU D 157 1.68 10.04 40.05
CA GLU D 157 2.41 9.15 39.15
C GLU D 157 3.24 9.95 38.15
N MET D 158 2.67 11.01 37.58
CA MET D 158 3.42 11.86 36.66
C MET D 158 4.56 12.58 37.36
N PHE D 159 4.34 13.03 38.60
CA PHE D 159 5.39 13.71 39.35
C PHE D 159 6.53 12.77 39.70
N ARG D 160 6.22 11.56 40.19
CA ARG D 160 7.29 10.65 40.56
C ARG D 160 8.01 10.12 39.33
N ARG D 161 7.31 9.95 38.20
CA ARG D 161 7.95 9.48 36.99
C ARG D 161 8.90 10.54 36.42
N GLY D 162 8.46 11.79 36.36
CA GLY D 162 9.32 12.86 35.88
C GLY D 162 10.49 13.14 36.81
N LEU D 163 10.26 13.09 38.12
CA LEU D 163 11.31 13.38 39.08
C LEU D 163 12.36 12.28 39.11
N ILE D 164 11.92 11.01 39.06
CA ILE D 164 12.84 9.88 38.94
C ILE D 164 13.62 9.95 37.64
N LYS D 165 12.95 10.28 36.53
CA LYS D 165 13.64 10.37 35.24
C LYS D 165 14.70 11.45 35.22
N ALA D 166 14.38 12.62 35.79
CA ALA D 166 15.35 13.71 35.87
C ALA D 166 16.51 13.37 36.80
N ALA D 167 16.22 12.80 37.97
CA ALA D 167 17.26 12.55 38.96
C ALA D 167 18.14 11.36 38.58
N LYS D 168 17.63 10.45 37.75
CA LYS D 168 18.45 9.31 37.34
C LYS D 168 19.18 9.55 36.02
N THR D 169 18.63 10.36 35.11
CA THR D 169 19.39 10.72 33.93
C THR D 169 20.41 11.82 34.21
N THR D 170 20.18 12.62 35.25
CA THR D 170 21.17 13.63 35.63
C THR D 170 22.16 13.11 36.66
N GLY D 171 21.68 12.43 37.70
CA GLY D 171 22.51 12.09 38.84
C GLY D 171 22.56 13.24 39.81
N ALA D 172 21.38 13.67 40.28
CA ALA D 172 21.23 14.88 41.07
C ALA D 172 20.97 14.56 42.53
N TRP D 173 21.32 15.51 43.39
CA TRP D 173 21.02 15.42 44.81
C TRP D 173 19.57 15.82 45.06
N ILE D 174 18.81 14.95 45.72
CA ILE D 174 17.43 15.26 46.08
C ILE D 174 17.43 15.66 47.56
N ILE D 175 17.26 16.95 47.81
CA ILE D 175 17.17 17.48 49.16
C ILE D 175 15.70 17.63 49.54
N THR D 176 15.28 16.88 50.56
CA THR D 176 13.92 16.92 51.10
C THR D 176 13.98 17.06 52.62
N GLY D 177 12.83 16.88 53.28
CA GLY D 177 12.81 16.73 54.72
C GLY D 177 13.12 15.31 55.14
N GLY D 178 13.26 15.12 56.46
CA GLY D 178 13.54 13.82 57.01
C GLY D 178 12.32 13.16 57.62
N THR D 179 11.19 13.26 56.92
CA THR D 179 9.90 12.83 57.44
C THR D 179 9.43 11.58 56.71
N ASN D 180 8.88 10.63 57.46
CA ASN D 180 8.38 9.38 56.88
C ASN D 180 6.92 9.49 56.42
N THR D 181 6.40 10.71 56.25
CA THR D 181 5.06 10.88 55.71
C THR D 181 4.99 12.18 54.91
N GLY D 182 4.13 12.18 53.90
CA GLY D 182 3.94 13.36 53.06
C GLY D 182 4.55 13.23 51.67
N VAL D 183 5.08 14.33 51.13
CA VAL D 183 5.77 14.25 49.85
C VAL D 183 7.13 13.59 50.01
N MET D 184 7.71 13.63 51.21
CA MET D 184 8.96 12.93 51.46
C MET D 184 8.78 11.43 51.39
N LYS D 185 7.64 10.93 51.89
CA LYS D 185 7.35 9.50 51.79
C LYS D 185 7.12 9.07 50.35
N HIS D 186 6.45 9.89 49.54
CA HIS D 186 6.19 9.50 48.17
C HIS D 186 7.45 9.61 47.30
N VAL D 187 8.30 10.61 47.57
CA VAL D 187 9.61 10.66 46.91
C VAL D 187 10.46 9.47 47.32
N GLY D 188 10.41 9.09 48.60
CA GLY D 188 11.17 7.93 49.06
C GLY D 188 10.68 6.60 48.50
N GLU D 189 9.36 6.43 48.36
CA GLU D 189 8.83 5.24 47.73
C GLU D 189 9.12 5.23 46.23
N ALA D 190 9.12 6.40 45.59
CA ALA D 190 9.49 6.50 44.19
C ALA D 190 10.96 6.15 43.98
N VAL D 191 11.84 6.58 44.87
CA VAL D 191 13.23 6.18 44.81
C VAL D 191 13.38 4.68 45.08
N LYS D 192 12.57 4.16 46.01
CA LYS D 192 12.64 2.75 46.39
C LYS D 192 12.25 1.83 45.23
N GLU D 193 11.18 2.16 44.51
CA GLU D 193 10.80 1.37 43.37
C GLU D 193 11.63 1.67 42.12
N GLN D 194 12.50 2.69 42.16
CA GLN D 194 13.31 3.05 41.01
C GLN D 194 14.80 3.12 41.33
N GLN D 195 15.23 2.56 42.46
CA GLN D 195 16.65 2.26 42.65
C GLN D 195 16.92 0.77 42.75
N LEU D 196 15.88 -0.04 42.99
CA LEU D 196 16.02 -1.48 42.99
C LEU D 196 15.91 -2.00 41.56
N MET D 197 16.78 -2.96 41.23
CA MET D 197 16.78 -3.72 39.98
C MET D 197 16.95 -2.79 38.77
N PHE D 198 18.14 -2.22 38.73
CA PHE D 198 18.67 -1.49 37.58
C PHE D 198 20.13 -1.86 37.45
N GLY D 199 20.88 -1.07 36.69
CA GLY D 199 22.33 -1.17 36.73
C GLY D 199 22.88 -0.86 38.10
N SER D 200 24.10 -1.36 38.35
CA SER D 200 24.68 -1.25 39.68
C SER D 200 25.09 0.18 40.01
N ASP D 201 25.38 1.00 39.00
CA ASP D 201 25.71 2.41 39.22
C ASP D 201 24.47 3.29 39.11
N THR D 202 23.41 2.93 39.84
CA THR D 202 22.15 3.68 39.87
C THR D 202 21.80 3.93 41.34
N GLN D 203 22.36 5.01 41.90
CA GLN D 203 22.05 5.42 43.26
C GLN D 203 21.94 6.92 43.30
N VAL D 204 20.81 7.42 43.77
CA VAL D 204 20.56 8.85 43.88
C VAL D 204 20.83 9.28 45.32
N ASN D 205 21.71 10.27 45.48
CA ASN D 205 22.05 10.79 46.81
C ASN D 205 20.88 11.61 47.33
N VAL D 206 20.10 11.02 48.22
CA VAL D 206 18.89 11.65 48.75
C VAL D 206 19.24 12.20 50.12
N ILE D 207 19.42 13.52 50.18
CA ILE D 207 19.75 14.22 51.42
C ILE D 207 18.44 14.69 52.06
N GLY D 208 18.31 14.49 53.37
CA GLY D 208 17.20 15.04 54.12
C GLY D 208 17.65 16.01 55.19
N ILE D 209 17.26 17.27 55.05
CA ILE D 209 17.51 18.29 56.07
C ILE D 209 16.25 18.39 56.92
N ALA D 210 16.36 18.07 58.21
CA ALA D 210 15.23 18.12 59.12
C ALA D 210 15.72 18.58 60.49
N THR D 211 14.83 18.49 61.48
CA THR D 211 15.14 18.93 62.83
C THR D 211 15.33 17.74 63.75
N TRP D 212 16.20 17.94 64.74
CA TRP D 212 16.39 16.95 65.80
C TRP D 212 15.22 16.92 66.77
N GLY D 213 14.44 18.00 66.82
CA GLY D 213 13.29 18.09 67.70
C GLY D 213 12.03 17.37 67.22
N ILE D 214 12.10 16.59 66.16
CA ILE D 214 10.93 15.82 65.71
C ILE D 214 11.26 14.34 65.65
N VAL D 215 12.55 14.00 65.65
CA VAL D 215 12.95 12.61 65.47
C VAL D 215 12.84 11.86 66.80
N ASP D 216 12.83 10.54 66.71
CA ASP D 216 12.71 9.69 67.89
C ASP D 216 14.07 9.49 68.55
N GLY D 243 7.77 14.23 67.15
CA GLY D 243 7.30 14.83 65.91
C GLY D 243 7.03 13.82 64.81
N ALA D 244 8.10 13.40 64.13
CA ALA D 244 7.98 12.45 63.03
C ALA D 244 9.29 11.70 62.87
N MET D 245 9.18 10.39 62.64
CA MET D 245 10.35 9.54 62.47
C MET D 245 10.97 9.75 61.08
N LEU D 246 12.17 9.19 60.92
CA LEU D 246 12.91 9.36 59.67
C LEU D 246 12.38 8.44 58.59
N ASP D 247 12.39 8.93 57.37
CA ASP D 247 12.06 8.11 56.21
C ASP D 247 13.24 7.21 55.89
N PRO D 248 13.06 5.88 55.85
CA PRO D 248 14.20 4.98 55.60
C PRO D 248 14.69 4.92 54.15
N ASN D 249 14.27 5.83 53.27
CA ASN D 249 14.74 5.82 51.89
C ASN D 249 15.70 6.96 51.58
N HIS D 250 15.89 7.91 52.50
CA HIS D 250 16.91 8.94 52.32
C HIS D 250 18.30 8.35 52.45
N SER D 251 19.29 9.09 51.93
CA SER D 251 20.67 8.63 51.92
C SER D 251 21.58 9.41 52.86
N HIS D 252 21.20 10.62 53.25
CA HIS D 252 21.99 11.43 54.16
C HIS D 252 21.04 12.22 55.05
N PHE D 253 21.43 12.48 56.29
CA PHE D 253 20.57 13.19 57.24
C PHE D 253 21.30 14.35 57.89
N PHE D 254 20.71 15.54 57.79
CA PHE D 254 21.17 16.74 58.49
C PHE D 254 20.09 17.08 59.52
N LEU D 255 20.32 16.75 60.79
CA LEU D 255 19.35 17.01 61.84
C LEU D 255 19.83 18.18 62.68
N VAL D 256 19.11 19.30 62.59
CA VAL D 256 19.59 20.57 63.17
C VAL D 256 18.57 21.12 64.15
N ASP D 257 19.06 21.68 65.26
CA ASP D 257 18.20 22.25 66.29
C ASP D 257 18.96 23.28 67.10
N ASP D 258 18.21 24.11 67.84
CA ASP D 258 18.78 24.98 68.85
C ASP D 258 18.00 24.97 70.17
N GLY D 259 16.71 24.66 70.17
CA GLY D 259 15.90 24.73 71.35
C GLY D 259 15.16 23.42 71.58
N THR D 260 13.97 23.55 72.18
CA THR D 260 13.15 22.41 72.55
C THR D 260 12.44 21.84 71.32
N GLU D 261 11.67 20.77 71.53
CA GLU D 261 10.99 20.10 70.45
C GLU D 261 9.80 20.93 69.96
N GLY D 262 9.59 20.94 68.65
CA GLY D 262 8.57 21.73 68.01
C GLY D 262 9.08 22.86 67.15
N LYS D 263 10.38 23.13 67.18
CA LYS D 263 10.95 24.19 66.35
C LYS D 263 11.15 23.70 64.93
N TYR D 264 10.73 24.52 63.97
CA TYR D 264 10.72 24.13 62.56
C TYR D 264 11.59 25.01 61.67
N GLY D 265 11.85 26.26 62.06
CA GLY D 265 12.49 27.21 61.16
C GLY D 265 13.98 27.01 60.97
N VAL D 266 14.64 26.26 61.88
CA VAL D 266 16.06 26.03 61.72
C VAL D 266 16.33 25.06 60.56
N GLU D 267 15.38 24.16 60.27
CA GLU D 267 15.40 23.36 59.05
C GLU D 267 15.34 24.26 57.81
N ILE D 268 14.51 25.30 57.87
CA ILE D 268 14.35 26.22 56.75
C ILE D 268 15.63 27.02 56.53
N GLY D 269 16.26 27.49 57.62
CA GLY D 269 17.49 28.27 57.49
C GLY D 269 18.67 27.45 57.01
N MET D 270 18.78 26.20 57.48
CA MET D 270 19.84 25.33 56.98
C MET D 270 19.62 24.94 55.53
N ARG D 271 18.36 24.67 55.15
CA ARG D 271 18.05 24.34 53.77
C ARG D 271 18.27 25.52 52.83
N SER D 272 18.19 26.75 53.36
CA SER D 272 18.58 27.92 52.59
C SER D 272 20.10 28.02 52.44
N ARG D 273 20.83 28.04 53.57
CA ARG D 273 22.24 28.39 53.52
C ARG D 273 23.13 27.27 52.98
N ILE D 274 22.79 26.00 53.23
CA ILE D 274 23.56 24.89 52.68
C ILE D 274 23.44 24.84 51.17
N GLU D 275 22.24 25.07 50.64
CA GLU D 275 22.10 25.10 49.18
C GLU D 275 22.69 26.36 48.57
N GLU D 276 22.75 27.46 49.33
CA GLU D 276 23.52 28.63 48.88
C GLU D 276 25.00 28.27 48.74
N ALA D 277 25.56 27.56 49.71
CA ALA D 277 26.95 27.14 49.62
C ALA D 277 27.17 26.06 48.58
N ILE D 278 26.12 25.30 48.21
CA ILE D 278 26.19 24.44 47.04
C ILE D 278 26.32 25.28 45.78
N MET D 279 25.53 26.36 45.69
CA MET D 279 25.63 27.28 44.55
C MET D 279 26.99 27.97 44.49
N LYS D 280 27.65 28.17 45.64
CA LYS D 280 28.98 28.76 45.63
C LYS D 280 30.01 27.82 45.04
N VAL D 281 29.98 26.54 45.43
CA VAL D 281 30.93 25.57 44.92
C VAL D 281 30.46 24.97 43.60
N ILE D 292 27.51 30.83 38.66
CA ILE D 292 27.60 29.89 39.76
C ILE D 292 28.23 28.58 39.28
N GLY D 293 28.51 27.69 40.22
CA GLY D 293 29.09 26.41 39.90
C GLY D 293 28.07 25.31 39.70
N VAL D 294 27.18 25.13 40.66
CA VAL D 294 26.20 24.05 40.66
C VAL D 294 24.80 24.65 40.60
N PRO D 295 23.99 24.33 39.60
CA PRO D 295 22.60 24.82 39.57
C PRO D 295 21.73 24.08 40.57
N VAL D 296 21.02 24.83 41.40
CA VAL D 296 20.11 24.28 42.41
C VAL D 296 18.70 24.75 42.04
N VAL D 297 17.75 23.81 42.02
CA VAL D 297 16.37 24.10 41.65
C VAL D 297 15.46 23.68 42.81
N LEU D 298 14.30 24.34 42.89
CA LEU D 298 13.29 24.03 43.89
C LEU D 298 12.02 23.54 43.21
N LEU D 299 11.42 22.49 43.78
CA LEU D 299 10.13 21.97 43.35
C LEU D 299 9.17 22.08 44.52
N VAL D 300 8.02 22.71 44.30
CA VAL D 300 7.03 22.92 45.34
C VAL D 300 5.69 22.39 44.84
N LEU D 301 5.11 21.45 45.59
CA LEU D 301 3.76 20.98 45.35
C LEU D 301 3.15 20.52 46.66
N GLU D 302 1.92 20.97 46.92
CA GLU D 302 1.04 20.47 47.99
C GLU D 302 1.66 20.64 49.38
N GLY D 303 1.90 21.89 49.75
CA GLY D 303 2.57 22.17 51.00
C GLY D 303 1.80 23.07 51.96
N GLY D 304 2.45 23.51 53.04
CA GLY D 304 1.82 24.35 54.02
C GLY D 304 2.57 25.65 54.26
N PRO D 305 2.54 26.13 55.51
CA PRO D 305 3.25 27.39 55.81
C PRO D 305 4.76 27.27 55.78
N ASN D 306 5.31 26.16 56.27
CA ASN D 306 6.75 25.97 56.23
C ASN D 306 7.23 25.70 54.80
N THR D 307 6.35 25.17 53.94
CA THR D 307 6.68 24.99 52.53
C THR D 307 6.92 26.32 51.83
N VAL D 308 5.98 27.26 51.96
CA VAL D 308 6.17 28.57 51.35
C VAL D 308 7.22 29.39 52.11
N ALA D 309 7.48 29.06 53.38
CA ALA D 309 8.62 29.68 54.07
C ALA D 309 9.95 29.22 53.48
N THR D 310 10.08 27.92 53.18
CA THR D 310 11.26 27.44 52.46
C THR D 310 11.35 28.03 51.07
N MET D 311 10.20 28.22 50.41
CA MET D 311 10.15 28.89 49.11
C MET D 311 10.75 30.29 49.18
N TYR D 312 10.33 31.08 50.17
CA TYR D 312 10.84 32.43 50.35
C TYR D 312 12.33 32.43 50.69
N GLU D 313 12.75 31.58 51.64
CA GLU D 313 14.14 31.55 52.05
C GLU D 313 15.05 30.98 50.97
N LEU D 314 14.54 30.21 50.01
CA LEU D 314 15.34 29.77 48.88
C LEU D 314 15.34 30.75 47.72
N ILE D 315 14.27 31.54 47.55
CA ILE D 315 14.34 32.66 46.62
C ILE D 315 15.33 33.71 47.14
N LYS D 316 15.45 33.84 48.46
CA LYS D 316 16.48 34.70 49.06
C LYS D 316 17.89 34.21 48.76
N LYS D 317 18.09 32.89 48.61
CA LYS D 317 19.40 32.33 48.35
C LYS D 317 19.64 32.10 46.86
N LYS D 318 18.88 32.79 45.99
CA LYS D 318 19.02 32.75 44.54
C LYS D 318 18.85 31.34 43.96
N VAL D 319 17.97 30.55 44.57
CA VAL D 319 17.59 29.25 44.07
C VAL D 319 16.27 29.39 43.32
N PRO D 320 16.24 29.14 42.01
CA PRO D 320 14.95 29.22 41.29
C PRO D 320 14.03 28.08 41.67
N ALA D 321 12.72 28.35 41.53
CA ALA D 321 11.68 27.46 42.03
C ALA D 321 10.70 27.10 40.92
N VAL D 322 10.21 25.87 40.95
CA VAL D 322 9.18 25.38 40.05
C VAL D 322 8.00 24.94 40.89
N VAL D 323 6.84 25.57 40.66
CA VAL D 323 5.64 25.35 41.45
C VAL D 323 4.63 24.57 40.60
N ILE D 324 4.25 23.40 41.08
CA ILE D 324 3.27 22.56 40.38
C ILE D 324 1.89 23.15 40.66
N ASP D 325 1.36 23.92 39.71
CA ASP D 325 0.03 24.48 39.85
C ASP D 325 -1.01 23.39 39.60
N GLY D 326 -2.18 23.56 40.23
CA GLY D 326 -3.21 22.55 40.11
C GLY D 326 -2.92 21.30 40.91
N SER D 327 -2.10 21.39 41.94
CA SER D 327 -1.72 20.23 42.74
C SER D 327 -2.43 20.18 44.08
N GLY D 328 -2.32 21.23 44.89
CA GLY D 328 -2.85 21.17 46.24
C GLY D 328 -3.31 22.49 46.81
N ARG D 329 -2.94 22.75 48.07
CA ARG D 329 -3.51 23.83 48.84
C ARG D 329 -2.65 25.10 48.88
N ALA D 330 -1.33 24.97 48.72
CA ALA D 330 -0.45 26.15 48.72
C ALA D 330 0.22 26.41 47.38
N ALA D 331 0.53 25.35 46.62
CA ALA D 331 1.11 25.54 45.29
C ALA D 331 0.11 26.16 44.33
N SER D 332 -1.18 25.86 44.51
CA SER D 332 -2.22 26.52 43.74
C SER D 332 -2.32 28.00 44.09
N VAL D 333 -2.02 28.37 45.33
CA VAL D 333 -2.03 29.78 45.72
C VAL D 333 -0.87 30.53 45.06
N VAL D 334 0.31 29.88 44.99
CA VAL D 334 1.46 30.49 44.33
C VAL D 334 1.21 30.61 42.83
N GLY D 335 0.58 29.60 42.24
CA GLY D 335 0.24 29.67 40.83
C GLY D 335 -0.80 30.74 40.52
N PHE D 336 -1.84 30.83 41.35
CA PHE D 336 -2.89 31.82 41.15
C PHE D 336 -2.42 33.23 41.48
N ALA D 337 -1.37 33.37 42.28
CA ALA D 337 -0.72 34.66 42.44
C ALA D 337 0.27 34.96 41.32
N TYR D 338 0.74 33.95 40.61
CA TYR D 338 1.73 34.17 39.55
C TYR D 338 1.07 34.58 38.23
N ASN D 339 0.26 33.70 37.65
CA ASN D 339 -0.20 33.92 36.28
C ASN D 339 -1.50 34.69 36.18
N HIS D 340 -2.28 34.76 37.25
CA HIS D 340 -3.54 35.49 37.26
C HIS D 340 -3.36 36.94 37.69
N THR D 341 -2.34 37.23 38.48
CA THR D 341 -2.17 38.57 39.05
C THR D 341 -0.81 39.16 38.68
N ILE D 342 -0.45 39.08 37.40
CA ILE D 342 0.80 39.65 36.92
C ILE D 342 0.63 41.16 36.75
N LYS D 343 1.65 41.92 37.16
CA LYS D 343 1.61 43.38 37.10
C LYS D 343 3.02 43.93 37.19
N ARG D 344 3.32 44.93 36.36
CA ARG D 344 4.60 45.64 36.40
C ARG D 344 4.29 47.13 36.44
N ASN D 345 4.32 47.72 37.63
CA ASN D 345 3.93 49.12 37.82
C ASN D 345 4.89 49.81 38.78
N VAL D 346 6.20 49.61 38.60
CA VAL D 346 7.19 50.13 39.54
C VAL D 346 8.51 50.33 38.80
N ASP D 347 9.35 51.21 39.34
CA ASP D 347 10.75 51.33 38.95
C ASP D 347 11.60 50.63 40.01
N GLY D 348 12.86 50.38 39.68
CA GLY D 348 13.69 49.58 40.55
C GLY D 348 13.70 48.12 40.14
N GLN D 349 14.11 47.88 38.88
CA GLN D 349 14.23 46.59 38.21
C GLN D 349 12.90 45.89 37.97
N THR D 350 11.77 46.62 38.12
CA THR D 350 10.44 46.25 37.62
C THR D 350 9.96 44.91 38.20
N ILE D 351 9.71 44.95 39.51
CA ILE D 351 9.32 43.74 40.24
C ILE D 351 7.87 43.40 39.95
N ASN D 352 7.47 42.18 40.32
CA ASN D 352 6.09 41.75 40.21
C ASN D 352 5.45 41.70 41.59
N VAL D 353 4.23 42.20 41.70
CA VAL D 353 3.45 42.20 42.92
C VAL D 353 2.05 41.68 42.61
N ILE D 354 1.19 41.68 43.65
CA ILE D 354 -0.18 41.24 43.46
C ILE D 354 -0.98 42.33 42.74
N ASP D 355 -2.09 41.92 42.11
CA ASP D 355 -3.00 42.93 41.58
C ASP D 355 -3.84 43.54 42.70
N PRO D 356 -4.14 44.83 42.61
CA PRO D 356 -5.12 45.42 43.54
C PRO D 356 -6.54 44.97 43.28
N GLN D 357 -6.82 44.43 42.09
CA GLN D 357 -8.16 43.94 41.78
C GLN D 357 -8.45 42.61 42.47
N TYR D 358 -7.49 41.68 42.45
CA TYR D 358 -7.69 40.34 42.98
C TYR D 358 -6.92 40.10 44.28
N GLU D 359 -6.64 41.16 45.04
CA GLU D 359 -5.96 40.98 46.30
C GLU D 359 -6.89 40.43 47.38
N ASP D 360 -8.20 40.71 47.26
CA ASP D 360 -9.16 40.18 48.23
C ASP D 360 -9.34 38.68 48.03
N GLU D 361 -9.32 38.21 46.77
CA GLU D 361 -9.49 36.79 46.50
C GLU D 361 -8.29 35.98 46.97
N VAL D 362 -7.07 36.49 46.75
CA VAL D 362 -5.90 35.76 47.23
C VAL D 362 -5.77 35.90 48.75
N ARG D 363 -6.32 36.98 49.33
CA ARG D 363 -6.36 37.10 50.79
C ARG D 363 -7.29 36.05 51.41
N ALA D 364 -8.48 35.88 50.82
CA ALA D 364 -9.41 34.85 51.27
C ALA D 364 -8.87 33.45 51.01
N LYS D 365 -8.13 33.26 49.92
CA LYS D 365 -7.57 31.95 49.61
C LYS D 365 -6.41 31.62 50.54
N VAL D 366 -5.59 32.60 50.91
CA VAL D 366 -4.49 32.33 51.83
C VAL D 366 -4.97 32.24 53.28
N VAL D 367 -6.17 32.76 53.59
CA VAL D 367 -6.68 32.59 54.95
C VAL D 367 -7.60 31.37 55.09
N GLU D 368 -8.11 30.83 53.98
CA GLU D 368 -9.06 29.73 54.06
C GLU D 368 -8.44 28.38 53.70
N VAL D 369 -7.58 28.33 52.67
CA VAL D 369 -7.17 27.05 52.13
C VAL D 369 -6.05 26.43 52.96
N PHE D 370 -5.11 27.24 53.43
CA PHE D 370 -4.10 26.76 54.37
C PHE D 370 -3.79 27.87 55.38
N GLY D 371 -3.74 27.50 56.66
CA GLY D 371 -3.40 28.46 57.69
C GLY D 371 -4.61 29.22 58.20
N ALA D 372 -4.88 29.13 59.51
CA ALA D 372 -6.02 29.82 60.10
C ALA D 372 -5.62 31.17 60.68
N LYS D 373 -4.70 31.16 61.64
CA LYS D 373 -4.28 32.38 62.33
C LYS D 373 -2.87 32.77 61.88
N GLY D 374 -2.61 34.08 61.91
CA GLY D 374 -1.31 34.60 61.53
C GLY D 374 -1.01 34.51 60.05
N ALA D 375 -2.02 34.72 59.19
CA ALA D 375 -1.85 34.62 57.76
C ALA D 375 -1.32 35.90 57.13
N ASP D 376 -1.11 36.96 57.92
CA ASP D 376 -0.65 38.22 57.37
C ASP D 376 0.83 38.15 57.01
N LYS D 377 1.64 37.51 57.85
CA LYS D 377 3.06 37.39 57.58
C LYS D 377 3.32 36.48 56.37
N THR D 378 2.54 35.39 56.23
CA THR D 378 2.72 34.55 55.06
C THR D 378 2.08 35.16 53.81
N TYR D 379 1.12 36.08 53.97
CA TYR D 379 0.59 36.76 52.80
C TYR D 379 1.57 37.81 52.27
N SER D 380 2.18 38.59 53.17
CA SER D 380 3.24 39.50 52.75
C SER D 380 4.46 38.74 52.25
N MET D 381 4.73 37.55 52.82
CA MET D 381 5.85 36.75 52.38
C MET D 381 5.60 36.12 51.00
N ILE D 382 4.37 35.70 50.73
CA ILE D 382 4.06 35.15 49.41
C ILE D 382 3.91 36.26 48.37
N LYS D 383 3.67 37.50 48.79
CA LYS D 383 3.83 38.62 47.86
C LYS D 383 5.29 38.94 47.58
N ASP D 384 6.16 38.80 48.60
CA ASP D 384 7.58 39.07 48.41
C ASP D 384 8.34 37.94 47.72
N VAL D 385 7.74 36.74 47.63
CA VAL D 385 8.33 35.67 46.82
C VAL D 385 8.38 36.06 45.35
N LEU D 386 7.32 36.70 44.86
CA LEU D 386 7.17 37.07 43.46
C LEU D 386 7.97 38.32 43.06
N GLU D 387 8.95 38.73 43.87
CA GLU D 387 9.70 39.96 43.66
C GLU D 387 10.60 39.89 42.42
N ASP D 388 10.99 38.70 41.98
CA ASP D 388 11.82 38.57 40.79
C ASP D 388 11.14 37.61 39.81
N GLU D 389 10.96 38.07 38.58
CA GLU D 389 10.25 37.27 37.58
C GLU D 389 11.08 36.08 37.10
N LYS D 390 12.40 36.19 37.15
CA LYS D 390 13.28 35.13 36.67
C LYS D 390 13.51 34.03 37.68
N MET D 391 13.02 34.19 38.91
CA MET D 391 13.31 33.26 39.98
C MET D 391 12.15 32.33 40.32
N ILE D 392 10.92 32.69 39.97
CA ILE D 392 9.76 31.84 40.19
C ILE D 392 9.29 31.34 38.83
N SER D 393 8.93 30.06 38.77
CA SER D 393 8.35 29.46 37.58
C SER D 393 7.19 28.59 38.04
N VAL D 394 6.09 28.64 37.31
CA VAL D 394 4.87 27.92 37.67
C VAL D 394 4.48 27.05 36.49
N TYR D 395 4.61 25.75 36.66
CA TYR D 395 4.24 24.77 35.65
C TYR D 395 3.05 23.96 36.17
N SER D 396 1.92 24.07 35.49
CA SER D 396 0.70 23.43 35.97
C SER D 396 0.66 21.96 35.52
N LEU D 397 -0.39 21.26 35.92
CA LEU D 397 -0.63 19.91 35.43
C LEU D 397 -1.53 19.93 34.20
N ASP D 398 -2.74 20.48 34.35
CA ASP D 398 -3.74 20.43 33.28
C ASP D 398 -3.41 21.34 32.10
N GLY D 399 -2.48 22.27 32.27
CA GLY D 399 -2.00 23.07 31.16
C GLY D 399 -1.18 22.24 30.20
N GLU D 400 -0.13 21.60 30.70
CA GLU D 400 0.72 20.72 29.90
C GLU D 400 0.93 19.42 30.66
N ILE D 401 0.32 18.34 30.18
CA ILE D 401 0.53 17.01 30.77
C ILE D 401 1.72 16.32 30.14
N SER D 402 1.80 16.34 28.81
CA SER D 402 2.85 15.64 28.06
C SER D 402 4.20 16.35 28.12
N GLN D 403 4.31 17.47 28.82
CA GLN D 403 5.58 18.14 29.04
C GLN D 403 6.14 17.69 30.39
N ASP D 404 7.33 17.10 30.36
CA ASP D 404 7.92 16.53 31.57
C ASP D 404 8.47 17.62 32.48
N ILE D 405 8.63 17.27 33.77
CA ILE D 405 9.04 18.24 34.77
C ILE D 405 10.51 18.63 34.62
N ASP D 406 11.31 17.82 33.94
CA ASP D 406 12.72 18.16 33.75
C ASP D 406 12.88 19.32 32.79
N LEU D 407 11.99 19.45 31.80
CA LEU D 407 11.98 20.65 30.96
C LEU D 407 11.57 21.89 31.74
N ALA D 408 10.69 21.74 32.74
CA ALA D 408 10.34 22.87 33.60
C ALA D 408 11.53 23.29 34.47
N ILE D 409 12.26 22.31 34.99
CA ILE D 409 13.47 22.58 35.76
C ILE D 409 14.52 23.28 34.89
N LEU D 410 14.68 22.80 33.65
CA LEU D 410 15.68 23.38 32.76
C LEU D 410 15.28 24.78 32.31
N LYS D 411 13.98 25.02 32.08
CA LYS D 411 13.51 26.36 31.77
C LYS D 411 13.68 27.31 32.95
N ALA D 412 13.50 26.82 34.19
CA ALA D 412 13.75 27.66 35.35
C ALA D 412 15.22 28.01 35.49
N LEU D 413 16.12 27.05 35.23
CA LEU D 413 17.54 27.31 35.34
C LEU D 413 18.05 28.21 34.22
N LEU D 414 17.49 28.07 33.01
CA LEU D 414 17.85 28.97 31.92
C LEU D 414 17.13 30.32 32.02
N LYS D 415 16.08 30.40 32.84
CA LYS D 415 15.40 31.66 33.07
C LYS D 415 16.07 32.47 34.16
N ALA D 416 16.66 31.80 35.16
CA ALA D 416 17.32 32.50 36.26
C ALA D 416 18.60 33.20 35.79
N ASN D 417 19.25 32.68 34.75
CA ASN D 417 20.45 33.25 34.13
C ASN D 417 21.59 33.39 35.14
N ARG D 418 21.87 32.30 35.86
CA ARG D 418 22.97 32.26 36.80
C ARG D 418 23.94 31.13 36.56
N SER D 419 23.52 30.05 35.91
CA SER D 419 24.36 28.88 35.70
C SER D 419 25.37 29.12 34.59
N SER D 420 26.40 28.28 34.56
CA SER D 420 27.35 28.29 33.48
C SER D 420 26.69 27.76 32.20
N PRO D 421 27.16 28.18 31.02
CA PRO D 421 26.63 27.59 29.78
C PRO D 421 26.92 26.11 29.63
N VAL D 422 28.03 25.61 30.19
CA VAL D 422 28.31 24.18 30.11
C VAL D 422 27.42 23.39 31.07
N ALA D 423 26.98 23.99 32.17
CA ALA D 423 26.06 23.32 33.08
C ALA D 423 24.66 23.24 32.48
N GLN D 424 24.19 24.34 31.87
CA GLN D 424 22.95 24.30 31.11
C GLN D 424 23.05 23.32 29.95
N LEU D 425 24.23 23.23 29.34
CA LEU D 425 24.43 22.35 28.19
C LEU D 425 24.36 20.87 28.58
N ASN D 426 25.05 20.46 29.66
CA ASN D 426 24.99 19.04 29.99
C ASN D 426 23.71 18.67 30.74
N LEU D 427 23.01 19.63 31.35
CA LEU D 427 21.66 19.35 31.81
C LEU D 427 20.71 19.15 30.63
N ALA D 428 20.90 19.91 29.54
CA ALA D 428 20.13 19.67 28.33
C ALA D 428 20.52 18.34 27.67
N LEU D 429 21.77 17.93 27.80
CA LEU D 429 22.22 16.64 27.28
C LEU D 429 21.56 15.48 28.02
N ALA D 430 21.56 15.55 29.36
CA ALA D 430 21.04 14.45 30.16
C ALA D 430 19.53 14.26 29.97
N TRP D 431 18.83 15.31 29.59
CA TRP D 431 17.38 15.28 29.45
C TRP D 431 16.90 15.24 28.00
N ASN D 432 17.83 15.21 27.04
CA ASN D 432 17.56 15.13 25.60
C ASN D 432 16.70 16.32 25.15
N ARG D 433 17.05 17.51 25.62
CA ARG D 433 16.32 18.74 25.31
C ARG D 433 17.07 19.47 24.21
N ILE D 434 16.72 19.14 22.96
CA ILE D 434 17.46 19.70 21.83
C ILE D 434 16.90 21.05 21.39
N ASP D 435 15.59 21.28 21.52
CA ASP D 435 14.99 22.52 21.05
C ASP D 435 15.31 23.69 21.97
N LEU D 436 15.29 23.45 23.29
CA LEU D 436 15.66 24.51 24.23
C LEU D 436 17.15 24.79 24.17
N ALA D 437 17.96 23.77 23.82
CA ALA D 437 19.39 23.99 23.62
C ALA D 437 19.64 24.83 22.37
N LYS D 438 18.90 24.56 21.29
CA LYS D 438 19.02 25.39 20.09
C LYS D 438 18.49 26.80 20.30
N SER D 439 17.49 26.95 21.18
CA SER D 439 16.90 28.26 21.41
C SER D 439 17.76 29.13 22.32
N ASP D 440 18.06 28.65 23.52
CA ASP D 440 18.58 29.52 24.58
C ASP D 440 19.96 29.15 25.10
N ILE D 441 20.59 28.09 24.57
CA ILE D 441 21.95 27.75 24.96
C ILE D 441 22.95 28.05 23.85
N PHE D 442 22.56 27.94 22.59
CA PHE D 442 23.42 28.15 21.44
C PHE D 442 23.08 29.45 20.73
N THR D 443 22.83 30.51 21.50
CA THR D 443 22.51 31.82 20.96
C THR D 443 23.73 32.44 20.27
N GLU D 444 23.48 33.60 19.65
CA GLU D 444 24.52 34.28 18.88
C GLU D 444 25.56 34.92 19.79
N GLU D 445 25.11 35.60 20.84
CA GLU D 445 26.02 36.39 21.68
C GLU D 445 26.97 35.54 22.51
N GLN D 446 26.66 34.26 22.71
CA GLN D 446 27.52 33.35 23.46
C GLN D 446 28.24 32.44 22.46
N GLN D 447 29.57 32.49 22.48
CA GLN D 447 30.40 31.79 21.51
C GLN D 447 30.97 30.52 22.13
N TRP D 448 30.88 29.42 21.39
CA TRP D 448 31.41 28.13 21.83
C TRP D 448 32.73 27.82 21.15
N THR D 449 33.51 26.95 21.79
CA THR D 449 34.79 26.51 21.24
C THR D 449 34.95 25.00 21.37
N THR D 450 36.16 24.50 21.12
CA THR D 450 36.41 23.07 21.20
C THR D 450 36.41 22.58 22.64
N GLU D 451 37.10 23.30 23.53
CA GLU D 451 37.33 22.82 24.90
C GLU D 451 36.07 22.91 25.76
N THR D 452 35.20 23.88 25.51
CA THR D 452 33.95 23.95 26.25
C THR D 452 32.95 22.92 25.77
N LEU D 453 32.98 22.57 24.49
CA LEU D 453 32.10 21.56 23.92
C LEU D 453 32.68 20.15 24.00
N SER D 454 33.89 19.98 24.54
CA SER D 454 34.58 18.69 24.46
C SER D 454 33.92 17.62 25.32
N ALA D 455 33.73 17.90 26.61
CA ALA D 455 33.11 16.91 27.49
C ALA D 455 31.64 16.69 27.15
N ALA D 456 30.98 17.74 26.65
CA ALA D 456 29.62 17.61 26.16
C ALA D 456 29.56 16.72 24.91
N MET D 457 30.56 16.83 24.04
CA MET D 457 30.63 15.98 22.86
C MET D 457 30.88 14.52 23.25
N LEU D 458 31.73 14.31 24.25
CA LEU D 458 31.99 12.96 24.75
C LEU D 458 30.73 12.35 25.36
N THR D 459 29.96 13.16 26.09
CA THR D 459 28.69 12.70 26.65
C THR D 459 27.67 12.40 25.56
N ALA D 460 27.61 13.25 24.52
CA ALA D 460 26.65 13.05 23.45
C ALA D 460 27.01 11.86 22.57
N LEU D 461 28.30 11.57 22.41
CA LEU D 461 28.71 10.38 21.67
C LEU D 461 28.42 9.12 22.47
N LEU D 462 28.85 9.08 23.75
CA LEU D 462 28.73 7.86 24.55
C LEU D 462 27.29 7.51 24.92
N ASP D 463 26.37 8.48 24.89
CA ASP D 463 24.99 8.22 25.24
C ASP D 463 24.07 8.17 24.02
N ASP D 464 24.64 8.20 22.81
CA ASP D 464 23.91 8.26 21.53
C ASP D 464 22.94 9.44 21.51
N LYS D 465 23.52 10.64 21.50
CA LYS D 465 22.78 11.89 21.33
C LYS D 465 23.25 12.48 20.01
N ALA D 466 22.61 12.06 18.92
CA ALA D 466 23.08 12.40 17.58
C ALA D 466 22.69 13.81 17.18
N GLU D 467 21.53 14.29 17.62
CA GLU D 467 21.15 15.67 17.36
C GLU D 467 22.05 16.64 18.10
N PHE D 468 22.42 16.31 19.34
CA PHE D 468 23.38 17.12 20.08
C PHE D 468 24.77 17.05 19.47
N ALA D 469 25.16 15.88 18.96
CA ALA D 469 26.46 15.73 18.30
C ALA D 469 26.53 16.55 17.01
N GLU D 470 25.45 16.51 16.23
CA GLU D 470 25.35 17.34 15.03
C GLU D 470 25.40 18.81 15.36
N LEU D 471 24.68 19.23 16.41
CA LEU D 471 24.64 20.63 16.82
C LEU D 471 25.99 21.11 17.32
N PHE D 472 26.71 20.24 18.03
CA PHE D 472 28.07 20.57 18.47
C PHE D 472 29.00 20.74 17.28
N LEU D 473 28.90 19.84 16.30
CA LEU D 473 29.75 19.94 15.12
C LEU D 473 29.42 21.16 14.25
N GLN D 474 28.17 21.62 14.26
CA GLN D 474 27.80 22.77 13.42
C GLN D 474 27.63 24.07 14.21
N ASN D 475 28.05 24.13 15.47
CA ASN D 475 28.15 25.42 16.16
C ASN D 475 29.58 25.88 16.43
N GLY D 476 30.38 25.09 17.15
CA GLY D 476 31.68 25.59 17.56
C GLY D 476 32.82 24.59 17.59
N LEU D 477 32.57 23.37 17.15
CA LEU D 477 33.48 22.26 17.39
C LEU D 477 33.93 21.60 16.10
N SER D 478 35.21 21.24 16.05
CA SER D 478 35.80 20.49 14.95
C SER D 478 36.32 19.14 15.48
N MET D 479 36.14 18.10 14.67
CA MET D 479 36.68 16.78 15.02
C MET D 479 38.20 16.76 15.03
N ARG D 480 38.83 17.65 14.26
CA ARG D 480 40.29 17.70 14.17
C ARG D 480 40.93 18.07 15.51
N GLU D 481 40.30 18.99 16.25
CA GLU D 481 40.81 19.41 17.55
C GLU D 481 40.24 18.59 18.69
N PHE D 482 39.03 18.05 18.52
CA PHE D 482 38.38 17.29 19.60
C PHE D 482 39.04 15.93 19.81
N LEU D 483 39.02 15.08 18.79
CA LEU D 483 39.36 13.68 18.97
C LEU D 483 40.87 13.48 19.09
N SER D 484 41.27 12.74 20.11
CA SER D 484 42.65 12.28 20.30
C SER D 484 42.65 10.76 20.38
N LEU D 485 43.81 10.19 20.73
CA LEU D 485 43.92 8.74 20.81
C LEU D 485 43.19 8.20 22.03
N ASP D 486 43.34 8.86 23.18
CA ASP D 486 42.73 8.36 24.41
C ASP D 486 41.22 8.54 24.41
N ILE D 487 40.72 9.62 23.79
CA ILE D 487 39.29 9.82 23.64
C ILE D 487 38.69 8.75 22.73
N LEU D 488 39.42 8.35 21.69
CA LEU D 488 38.93 7.34 20.77
C LEU D 488 38.95 5.95 21.41
N CYS D 489 39.99 5.62 22.16
CA CYS D 489 40.05 4.32 22.84
C CYS D 489 39.04 4.26 23.98
N LYS D 490 38.80 5.38 24.66
CA LYS D 490 37.74 5.47 25.65
C LYS D 490 36.37 5.41 24.98
N LEU D 491 36.26 5.93 23.76
CA LEU D 491 34.99 5.90 23.03
C LEU D 491 34.63 4.47 22.62
N TYR D 492 35.64 3.68 22.24
CA TYR D 492 35.45 2.24 22.07
C TYR D 492 35.39 1.48 23.39
N ALA D 493 35.77 2.11 24.51
CA ALA D 493 35.75 1.41 25.80
C ALA D 493 34.35 1.36 26.40
N GLU D 494 33.61 2.48 26.39
CA GLU D 494 32.28 2.56 26.98
C GLU D 494 31.18 2.35 25.94
N VAL D 495 31.37 1.42 25.02
CA VAL D 495 30.29 0.87 24.20
C VAL D 495 29.28 0.23 25.15
N PRO D 496 27.96 0.28 24.85
CA PRO D 496 26.95 -0.04 25.89
C PRO D 496 26.90 -1.50 26.33
N GLY D 497 26.82 -2.45 25.41
CA GLY D 497 26.75 -3.84 25.80
C GLY D 497 25.74 -4.67 25.01
N ASN D 498 24.70 -4.02 24.50
CA ASN D 498 23.71 -4.67 23.66
C ASN D 498 24.11 -4.73 22.19
N THR D 499 25.36 -4.38 21.87
CA THR D 499 25.85 -4.34 20.51
C THR D 499 26.53 -5.66 20.14
N THR D 500 26.96 -5.73 18.87
CA THR D 500 27.81 -6.83 18.41
C THR D 500 29.28 -6.52 18.68
N ILE D 501 29.63 -5.23 18.73
CA ILE D 501 31.02 -4.82 18.80
C ILE D 501 31.62 -5.09 20.18
N LYS D 502 30.81 -5.11 21.25
CA LYS D 502 31.38 -5.47 22.55
C LYS D 502 31.71 -6.97 22.64
N PRO D 503 30.85 -7.92 22.19
CA PRO D 503 31.34 -9.31 22.08
C PRO D 503 32.51 -9.49 21.12
N LEU D 504 32.57 -8.76 19.99
CA LEU D 504 33.70 -8.92 19.09
C LEU D 504 35.00 -8.39 19.69
N LEU D 505 34.96 -7.23 20.35
CA LEU D 505 36.15 -6.66 20.96
C LEU D 505 36.59 -7.47 22.19
N GLN D 506 35.64 -7.99 22.97
CA GLN D 506 36.03 -8.81 24.11
C GLN D 506 36.53 -10.18 23.68
N LYS D 507 36.03 -10.71 22.55
CA LYS D 507 36.58 -11.95 22.02
C LYS D 507 38.00 -11.75 21.48
N GLU D 508 38.25 -10.60 20.87
CA GLU D 508 39.61 -10.34 20.39
C GLU D 508 40.58 -10.02 21.53
N MET D 509 40.11 -9.32 22.57
CA MET D 509 40.96 -9.09 23.74
C MET D 509 41.17 -10.36 24.54
N GLY D 510 40.24 -11.32 24.44
CA GLY D 510 40.50 -12.63 25.00
C GLY D 510 41.54 -13.42 24.22
N LYS D 511 41.66 -13.14 22.93
CA LYS D 511 42.68 -13.79 22.10
C LYS D 511 44.05 -13.15 22.25
N ARG D 512 44.16 -12.00 22.92
CA ARG D 512 45.43 -11.32 23.10
C ARG D 512 45.82 -11.11 24.56
N GLN D 513 44.92 -11.42 25.51
CA GLN D 513 45.15 -11.33 26.96
C GLN D 513 45.57 -9.92 27.38
N VAL D 514 44.84 -8.92 26.89
CA VAL D 514 45.04 -7.53 27.26
C VAL D 514 43.73 -7.02 27.85
N LYS D 515 43.80 -6.45 29.05
CA LYS D 515 42.60 -6.02 29.74
C LYS D 515 42.07 -4.67 29.26
N THR D 516 42.92 -3.85 28.65
CA THR D 516 42.51 -2.56 28.14
C THR D 516 42.28 -2.64 26.63
N ILE D 517 41.54 -1.65 26.12
CA ILE D 517 41.27 -1.55 24.69
C ILE D 517 42.20 -0.51 24.08
N ASP D 518 42.76 -0.84 22.93
CA ASP D 518 43.51 0.10 22.11
C ASP D 518 43.02 -0.02 20.68
N MET D 519 43.64 0.71 19.77
CA MET D 519 43.16 0.69 18.40
C MET D 519 43.66 -0.49 17.60
N ASP D 520 44.59 -1.29 18.13
CA ASP D 520 45.02 -2.48 17.39
C ASP D 520 43.97 -3.58 17.47
N VAL D 521 43.28 -3.69 18.61
CA VAL D 521 42.20 -4.66 18.75
C VAL D 521 41.01 -4.26 17.88
N VAL D 522 40.67 -2.95 17.90
CA VAL D 522 39.64 -2.40 17.03
C VAL D 522 40.00 -2.61 15.56
N GLY D 523 41.29 -2.44 15.23
CA GLY D 523 41.73 -2.65 13.87
C GLY D 523 41.66 -4.10 13.44
N GLU D 524 41.96 -5.03 14.34
CA GLU D 524 41.86 -6.45 13.98
C GLU D 524 40.41 -6.89 13.84
N VAL D 525 39.52 -6.34 14.68
CA VAL D 525 38.09 -6.60 14.52
C VAL D 525 37.59 -6.06 13.18
N ILE D 526 38.04 -4.86 12.81
CA ILE D 526 37.65 -4.28 11.52
C ILE D 526 38.25 -5.09 10.35
N GLU D 527 39.47 -5.62 10.51
CA GLU D 527 40.07 -6.42 9.45
C GLU D 527 39.37 -7.76 9.26
N GLU D 528 39.00 -8.43 10.36
CA GLU D 528 38.24 -9.66 10.23
C GLU D 528 36.76 -9.42 9.93
N LEU D 529 36.30 -8.17 10.06
CA LEU D 529 34.92 -7.80 9.84
C LEU D 529 34.72 -7.05 8.53
N MET D 530 35.79 -6.81 7.77
CA MET D 530 35.73 -6.45 6.37
C MET D 530 36.08 -7.60 5.45
N GLY D 531 37.09 -8.40 5.83
CA GLY D 531 37.55 -9.51 5.03
C GLY D 531 38.30 -9.07 3.78
N ASP D 532 38.63 -10.07 2.96
CA ASP D 532 39.25 -9.91 1.64
C ASP D 532 40.59 -9.20 1.72
N MET D 533 41.37 -9.53 2.76
CA MET D 533 42.70 -8.96 3.04
C MET D 533 42.65 -7.45 3.21
N PHE D 534 41.59 -6.97 3.88
CA PHE D 534 41.53 -5.58 4.31
C PHE D 534 42.61 -5.33 5.36
N GLU D 535 43.24 -4.17 5.29
CA GLU D 535 44.25 -3.77 6.26
C GLU D 535 43.82 -2.44 6.88
N SER D 536 43.43 -2.48 8.14
CA SER D 536 42.95 -1.28 8.82
C SER D 536 44.12 -0.37 9.15
N TYR D 537 43.86 0.95 9.07
CA TYR D 537 44.94 1.92 9.22
C TYR D 537 45.34 2.19 10.66
N TYR D 538 44.68 1.58 11.64
CA TYR D 538 45.13 1.72 13.02
C TYR D 538 46.38 0.90 13.29
N ARG D 539 46.58 -0.16 12.52
CA ARG D 539 47.69 -1.07 12.68
C ARG D 539 48.95 -0.55 12.01
N LYS D 540 48.82 0.34 11.03
CA LYS D 540 49.94 0.77 10.21
C LYS D 540 50.39 2.18 10.47
N ASP D 541 49.49 3.06 10.90
CA ASP D 541 49.81 4.45 11.16
C ASP D 541 50.26 4.62 12.60
N GLY D 542 51.26 5.48 12.81
CA GLY D 542 51.79 5.74 14.14
C GLY D 542 50.91 6.59 15.03
N HIS D 543 49.87 7.20 14.48
CA HIS D 543 48.95 8.04 15.25
C HIS D 543 47.96 7.22 16.07
N TYR D 544 47.93 5.90 15.92
CA TYR D 544 46.95 5.06 16.59
C TYR D 544 47.60 3.95 17.41
N PHE D 545 48.82 4.18 17.89
CA PHE D 545 49.54 3.18 18.67
C PHE D 545 49.50 3.49 20.16
N PRO D 575 47.36 15.75 16.24
CA PRO D 575 45.97 15.32 16.04
C PRO D 575 45.89 14.03 15.22
N LEU D 576 44.69 13.46 15.13
CA LEU D 576 44.52 12.25 14.35
C LEU D 576 44.24 12.59 12.89
N PRO D 577 44.67 11.73 11.94
CA PRO D 577 44.52 12.05 10.51
C PRO D 577 43.06 12.11 10.05
N THR D 578 42.26 11.10 10.39
CA THR D 578 40.85 11.02 9.98
C THR D 578 39.95 10.93 11.21
N PRO D 579 39.62 12.06 11.84
CA PRO D 579 38.73 11.98 13.01
C PRO D 579 37.28 11.73 12.65
N TYR D 580 36.80 12.35 11.57
CA TYR D 580 35.44 12.10 11.10
C TYR D 580 35.25 10.64 10.71
N LEU D 581 36.26 10.06 10.04
CA LEU D 581 36.15 8.69 9.54
C LEU D 581 36.14 7.67 10.67
N ASP D 582 37.00 7.82 11.68
CA ASP D 582 37.02 6.78 12.70
C ASP D 582 35.97 6.98 13.79
N VAL D 583 35.51 8.21 14.05
CA VAL D 583 34.30 8.33 14.88
C VAL D 583 33.08 7.82 14.11
N PHE D 584 33.07 7.98 12.77
CA PHE D 584 32.05 7.37 11.94
C PHE D 584 32.08 5.84 12.02
N LEU D 585 33.27 5.25 11.97
CA LEU D 585 33.40 3.80 12.05
C LEU D 585 33.01 3.29 13.43
N TRP D 586 33.28 4.08 14.48
CA TRP D 586 32.80 3.73 15.81
C TRP D 586 31.27 3.72 15.87
N ALA D 587 30.63 4.72 15.27
CA ALA D 587 29.17 4.76 15.28
C ALA D 587 28.57 3.67 14.41
N VAL D 588 29.29 3.24 13.38
CA VAL D 588 28.83 2.12 12.55
C VAL D 588 28.98 0.80 13.29
N LEU D 589 30.08 0.62 14.03
CA LEU D 589 30.26 -0.60 14.81
C LEU D 589 29.27 -0.72 15.96
N CYS D 590 28.79 0.41 16.48
CA CYS D 590 27.85 0.40 17.59
C CYS D 590 26.39 0.30 17.16
N ASN D 591 26.14 0.22 15.83
CA ASN D 591 24.79 0.16 15.24
C ASN D 591 23.95 1.37 15.67
N ARG D 592 24.53 2.55 15.57
CA ARG D 592 23.85 3.79 15.93
C ARG D 592 23.46 4.47 14.62
N ARG D 593 22.15 4.53 14.36
CA ARG D 593 21.62 4.99 13.08
C ARG D 593 21.94 6.45 12.83
N GLU D 594 21.35 7.33 13.65
CA GLU D 594 21.42 8.77 13.40
C GLU D 594 22.82 9.32 13.66
N LEU D 595 23.57 8.71 14.57
CA LEU D 595 24.92 9.17 14.85
C LEU D 595 25.86 8.86 13.69
N ALA D 596 25.78 7.64 13.15
CA ALA D 596 26.56 7.32 11.95
C ALA D 596 26.09 8.12 10.75
N ARG D 597 24.80 8.48 10.70
CA ARG D 597 24.33 9.36 9.64
C ARG D 597 24.97 10.74 9.73
N VAL D 598 25.01 11.33 10.94
CA VAL D 598 25.63 12.64 11.15
C VAL D 598 27.12 12.60 10.82
N LEU D 599 27.81 11.54 11.26
CA LEU D 599 29.25 11.43 11.02
C LEU D 599 29.56 11.11 9.56
N TRP D 600 28.62 10.47 8.85
CA TRP D 600 28.78 10.29 7.41
C TRP D 600 28.58 11.61 6.69
N GLU D 601 27.59 12.40 7.11
CA GLU D 601 27.32 13.69 6.47
C GLU D 601 28.43 14.70 6.75
N ALA D 602 29.14 14.55 7.87
CA ALA D 602 30.19 15.49 8.23
C ALA D 602 31.56 15.12 7.68
N GLY D 603 31.75 13.91 7.17
CA GLY D 603 33.06 13.39 6.84
C GLY D 603 33.36 13.36 5.35
N ARG D 604 34.66 13.20 5.06
CA ARG D 604 35.16 13.12 3.70
C ARG D 604 35.12 11.69 3.19
N GLU D 605 35.29 11.55 1.86
CA GLU D 605 35.16 10.34 1.05
C GLU D 605 33.89 9.57 1.41
N PRO D 606 32.72 10.10 1.04
CA PRO D 606 31.46 9.60 1.64
C PRO D 606 30.96 8.29 1.06
N MET D 607 31.09 8.04 -0.24
CA MET D 607 30.56 6.78 -0.76
C MET D 607 31.45 5.61 -0.38
N ALA D 608 32.75 5.85 -0.24
CA ALA D 608 33.66 4.84 0.30
C ALA D 608 33.32 4.53 1.75
N ALA D 609 32.99 5.57 2.52
CA ALA D 609 32.59 5.39 3.91
C ALA D 609 31.27 4.62 4.00
N ALA D 610 30.33 4.91 3.10
CA ALA D 610 29.05 4.22 3.13
C ALA D 610 29.16 2.77 2.67
N LEU D 611 30.04 2.48 1.70
CA LEU D 611 30.23 1.10 1.28
C LEU D 611 30.98 0.29 2.33
N MET D 612 31.98 0.89 2.99
CA MET D 612 32.66 0.23 4.10
C MET D 612 31.70 0.01 5.27
N ALA D 613 30.82 0.97 5.52
CA ALA D 613 29.81 0.83 6.57
C ALA D 613 28.82 -0.28 6.23
N SER D 614 28.43 -0.38 4.95
CA SER D 614 27.50 -1.44 4.54
C SER D 614 28.11 -2.82 4.68
N ARG D 615 29.36 -2.99 4.21
CA ARG D 615 30.11 -4.23 4.40
C ARG D 615 30.25 -4.58 5.87
N LEU D 616 30.59 -3.59 6.69
CA LEU D 616 30.87 -3.82 8.10
C LEU D 616 29.59 -4.19 8.85
N LEU D 617 28.48 -3.52 8.53
CA LEU D 617 27.20 -3.80 9.19
C LEU D 617 26.61 -5.13 8.77
N LYS D 618 26.67 -5.48 7.48
CA LYS D 618 26.10 -6.78 7.11
C LYS D 618 27.02 -7.93 7.45
N ARG D 619 28.32 -7.70 7.62
CA ARG D 619 29.16 -8.78 8.11
C ARG D 619 29.02 -8.93 9.62
N MET D 620 28.71 -7.83 10.33
CA MET D 620 28.22 -7.96 11.70
C MET D 620 26.89 -8.68 11.77
N ALA D 621 26.03 -8.49 10.77
CA ALA D 621 24.75 -9.19 10.73
C ALA D 621 24.95 -10.69 10.56
N SER D 622 25.85 -11.08 9.65
CA SER D 622 26.19 -12.49 9.47
C SER D 622 26.87 -13.06 10.72
N ARG D 623 27.71 -12.25 11.38
CA ARG D 623 28.39 -12.70 12.59
C ARG D 623 27.43 -12.88 13.75
N ALA D 624 26.44 -12.00 13.89
CA ALA D 624 25.44 -12.15 14.93
C ALA D 624 24.45 -13.26 14.60
N GLN D 625 24.28 -13.56 13.31
CA GLN D 625 23.38 -14.63 12.91
C GLN D 625 24.01 -16.01 13.09
N GLU D 626 25.33 -16.13 12.91
CA GLU D 626 25.97 -17.43 12.98
C GLU D 626 26.56 -17.75 14.36
N ASP D 627 26.56 -16.79 15.29
CA ASP D 627 27.12 -17.00 16.61
C ASP D 627 26.00 -16.90 17.65
N ASN D 628 25.98 -17.86 18.59
CA ASN D 628 24.99 -17.84 19.66
C ASN D 628 25.42 -16.98 20.84
N THR D 629 26.72 -16.74 21.02
CA THR D 629 27.20 -15.88 22.08
C THR D 629 27.03 -14.39 21.76
N ILE D 630 26.62 -14.07 20.54
CA ILE D 630 26.33 -12.70 20.13
C ILE D 630 24.81 -12.59 19.92
N THR D 631 24.22 -11.54 20.48
CA THR D 631 22.78 -11.32 20.37
C THR D 631 22.38 -11.08 18.92
N ASP D 632 21.39 -11.85 18.45
CA ASP D 632 20.93 -11.74 17.07
C ASP D 632 20.12 -10.46 16.87
N ILE D 633 20.81 -9.40 16.47
CA ILE D 633 20.19 -8.12 16.13
C ILE D 633 20.36 -7.95 14.62
N SER D 634 20.36 -9.09 13.91
CA SER D 634 20.83 -9.15 12.53
C SER D 634 19.97 -8.35 11.57
N SER D 635 18.64 -8.34 11.76
CA SER D 635 17.77 -7.60 10.85
C SER D 635 17.97 -6.09 10.97
N ASP D 636 18.23 -5.62 12.19
CA ASP D 636 18.60 -4.22 12.40
C ASP D 636 19.90 -3.89 11.67
N LEU D 637 20.86 -4.81 11.70
CA LEU D 637 22.15 -4.59 11.05
C LEU D 637 22.02 -4.63 9.53
N TYR D 638 21.17 -5.51 8.99
CA TYR D 638 20.94 -5.52 7.54
C TYR D 638 20.18 -4.29 7.08
N ASP D 639 19.24 -3.79 7.91
CA ASP D 639 18.55 -2.55 7.57
C ASP D 639 19.51 -1.35 7.57
N HIS D 640 20.43 -1.32 8.53
CA HIS D 640 21.42 -0.24 8.60
C HIS D 640 22.41 -0.33 7.44
N ALA D 641 22.77 -1.57 7.06
CA ALA D 641 23.65 -1.75 5.91
C ALA D 641 22.96 -1.38 4.60
N ARG D 642 21.67 -1.68 4.46
CA ARG D 642 20.90 -1.24 3.30
C ARG D 642 20.74 0.27 3.27
N LEU D 643 20.66 0.90 4.45
CA LEU D 643 20.63 2.35 4.54
C LEU D 643 21.92 2.97 4.02
N PHE D 644 23.07 2.38 4.38
CA PHE D 644 24.31 2.89 3.80
C PHE D 644 24.48 2.50 2.33
N GLU D 645 23.88 1.39 1.91
CA GLU D 645 23.83 1.05 0.48
C GLU D 645 23.14 2.15 -0.32
N GLU D 646 21.93 2.55 0.10
CA GLU D 646 21.21 3.56 -0.66
C GLU D 646 21.85 4.95 -0.52
N ARG D 647 22.53 5.22 0.60
CA ARG D 647 23.31 6.46 0.69
C ARG D 647 24.46 6.48 -0.31
N ALA D 648 25.19 5.36 -0.44
CA ALA D 648 26.27 5.27 -1.42
C ALA D 648 25.74 5.37 -2.86
N VAL D 649 24.59 4.73 -3.13
CA VAL D 649 23.98 4.78 -4.46
C VAL D 649 23.53 6.20 -4.80
N GLY D 650 23.00 6.92 -3.81
CA GLY D 650 22.58 8.30 -4.06
C GLY D 650 23.74 9.25 -4.26
N VAL D 651 24.84 9.05 -3.52
CA VAL D 651 26.04 9.87 -3.74
C VAL D 651 26.63 9.58 -5.12
N LEU D 652 26.64 8.31 -5.53
CA LEU D 652 27.09 7.96 -6.89
C LEU D 652 26.15 8.53 -7.95
N ASP D 653 24.85 8.59 -7.66
CA ASP D 653 23.89 9.14 -8.63
C ASP D 653 24.05 10.64 -8.79
N GLU D 654 24.29 11.35 -7.69
CA GLU D 654 24.53 12.79 -7.79
C GLU D 654 25.89 13.08 -8.42
N CYS D 655 26.87 12.18 -8.21
CA CYS D 655 28.12 12.28 -8.96
C CYS D 655 27.91 11.99 -10.45
N PHE D 656 26.95 11.14 -10.78
CA PHE D 656 26.74 10.75 -12.17
C PHE D 656 25.92 11.79 -12.93
N ASN D 657 25.10 12.56 -12.23
CA ASN D 657 24.24 13.54 -12.90
C ASN D 657 25.01 14.76 -13.41
N GLU D 658 26.26 14.96 -13.02
CA GLU D 658 27.13 15.95 -13.66
C GLU D 658 28.50 15.34 -13.91
N ASN D 659 28.95 15.43 -15.18
CA ASN D 659 30.30 15.06 -15.62
C ASN D 659 30.64 13.61 -15.31
N GLU D 660 30.01 12.69 -16.03
CA GLU D 660 30.11 11.24 -15.81
C GLU D 660 31.55 10.72 -15.84
N THR D 661 32.46 11.39 -16.57
CA THR D 661 33.86 10.98 -16.62
C THR D 661 34.51 11.10 -15.24
N LEU D 662 34.11 12.11 -14.47
CA LEU D 662 34.56 12.22 -13.08
C LEU D 662 34.02 11.09 -12.22
N SER D 663 32.81 10.59 -12.52
CA SER D 663 32.29 9.44 -11.80
C SER D 663 33.11 8.19 -12.11
N GLN D 664 33.45 7.98 -13.38
CA GLN D 664 34.26 6.82 -13.75
C GLN D 664 35.66 6.89 -13.14
N THR D 665 36.29 8.07 -13.12
CA THR D 665 37.59 8.15 -12.49
C THR D 665 37.52 8.25 -10.96
N LEU D 666 36.34 8.50 -10.40
CA LEU D 666 36.16 8.48 -8.95
C LEU D 666 35.95 7.06 -8.43
N LEU D 667 35.35 6.19 -9.27
CA LEU D 667 35.12 4.81 -8.86
C LEU D 667 36.39 3.95 -8.82
N VAL D 668 37.50 4.43 -9.38
CA VAL D 668 38.72 3.63 -9.48
C VAL D 668 39.89 4.28 -8.76
N ARG D 669 39.62 5.16 -7.80
CA ARG D 669 40.68 5.82 -7.06
C ARG D 669 41.34 4.86 -6.06
N GLU D 670 42.65 5.04 -5.88
CA GLU D 670 43.31 4.55 -4.67
C GLU D 670 42.70 5.25 -3.47
N LEU D 671 42.30 4.47 -2.47
CA LEU D 671 41.73 5.01 -1.24
C LEU D 671 42.64 4.55 -0.09
N ASP D 672 43.59 5.41 0.28
CA ASP D 672 44.63 5.04 1.23
C ASP D 672 44.07 4.85 2.63
N HIS D 673 42.94 5.49 2.93
CA HIS D 673 42.27 5.35 4.20
C HIS D 673 41.31 4.16 4.22
N TYR D 674 41.31 3.35 3.15
CA TYR D 674 40.46 2.17 3.02
C TYR D 674 41.25 0.98 2.51
N SER D 675 42.54 0.90 2.88
CA SER D 675 43.50 -0.14 2.46
C SER D 675 43.66 -0.21 0.95
N ARG D 676 43.70 0.97 0.31
CA ARG D 676 44.13 1.15 -1.08
C ARG D 676 43.23 0.44 -2.09
N MET D 677 41.95 0.26 -1.76
CA MET D 677 41.00 -0.40 -2.64
C MET D 677 39.94 0.61 -3.09
N THR D 678 39.37 0.35 -4.26
CA THR D 678 38.50 1.32 -4.92
C THR D 678 37.08 1.25 -4.39
N ALA D 679 36.23 2.16 -4.89
CA ALA D 679 34.81 2.11 -4.56
C ALA D 679 34.14 0.89 -5.20
N LEU D 680 34.62 0.47 -6.37
CA LEU D 680 34.17 -0.79 -6.97
C LEU D 680 34.48 -1.97 -6.07
N GLU D 681 35.71 -2.03 -5.55
CA GLU D 681 36.12 -3.15 -4.73
C GLU D 681 35.49 -3.09 -3.34
N LEU D 682 35.28 -1.89 -2.80
CA LEU D 682 34.51 -1.75 -1.56
C LEU D 682 33.05 -2.14 -1.76
N ALA D 683 32.50 -1.93 -2.95
CA ALA D 683 31.11 -2.30 -3.19
C ALA D 683 30.94 -3.79 -3.43
N VAL D 684 31.90 -4.43 -4.09
CA VAL D 684 31.77 -5.85 -4.35
C VAL D 684 32.28 -6.69 -3.18
N SER D 685 33.06 -6.10 -2.27
CA SER D 685 33.25 -6.72 -0.98
C SER D 685 31.95 -6.66 -0.19
N ALA D 686 31.26 -5.52 -0.24
CA ALA D 686 30.00 -5.33 0.46
C ALA D 686 28.82 -6.05 -0.19
N GLU D 687 29.00 -6.61 -1.39
CA GLU D 687 27.93 -7.17 -2.22
C GLU D 687 26.79 -6.16 -2.42
N SER D 688 27.15 -4.89 -2.61
CA SER D 688 26.17 -3.83 -2.80
C SER D 688 25.74 -3.88 -4.26
N GLN D 689 24.68 -4.65 -4.51
CA GLN D 689 24.21 -4.86 -5.88
C GLN D 689 23.57 -3.60 -6.45
N ASP D 690 23.03 -2.74 -5.60
CA ASP D 690 22.47 -1.48 -6.07
C ASP D 690 23.54 -0.50 -6.51
N PHE D 691 24.76 -0.63 -5.97
CA PHE D 691 25.84 0.27 -6.35
C PHE D 691 26.45 -0.16 -7.68
N ILE D 692 26.62 -1.47 -7.88
CA ILE D 692 27.20 -1.96 -9.13
C ILE D 692 26.20 -1.87 -10.27
N ALA D 693 24.90 -2.02 -9.99
CA ALA D 693 23.90 -1.90 -11.04
C ALA D 693 23.58 -0.46 -11.40
N HIS D 694 24.17 0.51 -10.70
CA HIS D 694 24.06 1.90 -11.12
C HIS D 694 24.78 2.10 -12.45
N THR D 695 24.31 3.09 -13.21
CA THR D 695 24.73 3.28 -14.59
C THR D 695 26.21 3.65 -14.70
N SER D 696 26.75 4.34 -13.68
CA SER D 696 28.16 4.73 -13.68
C SER D 696 29.08 3.53 -13.62
N CYS D 697 28.81 2.60 -12.68
CA CYS D 697 29.60 1.39 -12.57
C CYS D 697 29.46 0.50 -13.79
N GLN D 698 28.28 0.50 -14.43
CA GLN D 698 28.09 -0.37 -15.57
C GLN D 698 28.75 0.16 -16.83
N VAL D 699 28.72 1.48 -17.04
CA VAL D 699 29.46 2.01 -18.19
C VAL D 699 30.96 1.97 -17.92
N LEU D 700 31.38 2.01 -16.64
CA LEU D 700 32.79 1.82 -16.32
C LEU D 700 33.23 0.39 -16.58
N LEU D 701 32.39 -0.59 -16.23
CA LEU D 701 32.69 -1.98 -16.55
C LEU D 701 32.60 -2.25 -18.04
N THR D 702 31.84 -1.45 -18.79
CA THR D 702 31.84 -1.59 -20.24
C THR D 702 33.12 -0.99 -20.83
N ARG D 703 33.62 0.13 -20.28
CA ARG D 703 34.90 0.68 -20.70
C ARG D 703 36.05 -0.27 -20.38
N LEU D 704 36.05 -0.85 -19.17
CA LEU D 704 37.04 -1.85 -18.82
C LEU D 704 36.88 -3.13 -19.64
N TRP D 705 35.64 -3.46 -19.99
CA TRP D 705 35.35 -4.67 -20.75
C TRP D 705 35.69 -4.49 -22.22
N MET D 706 35.34 -3.34 -22.79
CA MET D 706 35.72 -3.01 -24.16
C MET D 706 36.98 -2.12 -24.13
N GLY D 707 38.07 -2.72 -23.65
CA GLY D 707 39.27 -1.98 -23.29
C GLY D 707 40.03 -1.36 -24.44
N THR D 708 39.93 -0.04 -24.55
CA THR D 708 40.47 0.78 -25.65
C THR D 708 39.98 0.23 -26.99
N MET D 709 38.66 0.31 -27.17
CA MET D 709 37.89 -0.23 -28.28
C MET D 709 36.48 0.31 -28.13
N ALA D 710 35.79 0.46 -29.26
CA ALA D 710 34.44 1.01 -29.25
C ALA D 710 33.47 0.08 -28.53
N MET D 711 32.58 0.68 -27.75
CA MET D 711 31.73 -0.02 -26.79
C MET D 711 30.65 -0.87 -27.44
N ASN D 712 30.36 -0.68 -28.73
CA ASN D 712 29.30 -1.41 -29.41
C ASN D 712 29.81 -2.29 -30.55
N THR D 713 31.10 -2.64 -30.54
CA THR D 713 31.60 -3.61 -31.51
C THR D 713 31.13 -5.01 -31.13
N ARG D 714 30.51 -5.70 -32.08
CA ARG D 714 29.83 -6.96 -31.81
C ARG D 714 30.84 -8.09 -31.65
N TRP D 715 30.32 -9.24 -31.20
CA TRP D 715 31.19 -10.39 -30.92
C TRP D 715 31.74 -11.01 -32.19
N TRP D 716 31.00 -10.95 -33.30
CA TRP D 716 31.45 -11.58 -34.53
C TRP D 716 32.56 -10.78 -35.21
N LYS D 717 32.56 -9.45 -35.05
CA LYS D 717 33.66 -8.64 -35.56
C LYS D 717 34.95 -8.93 -34.80
N VAL D 718 34.85 -9.03 -33.47
CA VAL D 718 35.98 -9.43 -32.63
C VAL D 718 36.43 -10.84 -32.99
N LEU D 719 35.49 -11.71 -33.33
CA LEU D 719 35.82 -13.08 -33.72
C LEU D 719 36.58 -13.14 -35.04
N VAL D 720 36.11 -12.42 -36.06
CA VAL D 720 36.78 -12.47 -37.35
C VAL D 720 38.08 -11.66 -37.34
N CYS D 721 38.25 -10.75 -36.38
CA CYS D 721 39.52 -10.04 -36.24
C CYS D 721 40.46 -10.70 -35.25
N LEU D 722 39.98 -11.69 -34.50
CA LEU D 722 40.79 -12.36 -33.48
C LEU D 722 41.74 -13.38 -34.07
N TYR D 723 41.33 -14.04 -35.16
CA TYR D 723 42.18 -14.98 -35.85
C TYR D 723 42.73 -14.44 -37.17
N LEU D 724 42.26 -13.27 -37.61
CA LEU D 724 42.80 -12.55 -38.75
C LEU D 724 43.22 -11.17 -38.27
N PRO D 725 44.47 -11.01 -37.81
CA PRO D 725 44.90 -9.70 -37.29
C PRO D 725 44.98 -8.61 -38.34
N VAL D 726 45.26 -8.97 -39.60
CA VAL D 726 45.32 -7.98 -40.67
C VAL D 726 43.94 -7.38 -40.96
N LEU D 727 42.86 -8.05 -40.55
CA LEU D 727 41.51 -7.53 -40.70
C LEU D 727 41.07 -6.72 -39.48
N ILE D 728 41.94 -6.55 -38.47
CA ILE D 728 41.64 -5.65 -37.35
C ILE D 728 41.54 -4.21 -37.83
N PHE D 729 42.40 -3.84 -38.78
CA PHE D 729 42.50 -2.44 -39.23
C PHE D 729 41.25 -1.89 -39.93
N PRO D 730 40.51 -2.64 -40.83
CA PRO D 730 39.28 -2.05 -41.38
C PRO D 730 38.15 -1.80 -40.39
N ILE D 731 37.69 -2.81 -39.66
CA ILE D 731 36.36 -2.78 -39.07
C ILE D 731 36.34 -2.55 -37.56
N ILE D 732 37.46 -2.77 -36.86
CA ILE D 732 37.47 -2.55 -35.41
C ILE D 732 37.68 -1.07 -35.15
N TYR D 733 36.65 -0.41 -34.63
CA TYR D 733 36.72 1.00 -34.29
C TYR D 733 37.31 1.15 -32.89
N PHE D 734 38.28 2.05 -32.76
CA PHE D 734 38.92 2.31 -31.48
C PHE D 734 38.51 3.68 -30.96
N VAL D 735 38.39 3.79 -29.64
CA VAL D 735 38.02 5.05 -29.00
C VAL D 735 39.08 6.14 -29.14
N PRO D 736 40.39 5.86 -29.37
CA PRO D 736 41.10 7.05 -29.86
C PRO D 736 40.79 7.37 -31.33
N PHE D 826 49.33 -0.14 -37.75
CA PHE D 826 50.47 -0.29 -36.84
C PHE D 826 50.08 -1.28 -35.74
N CYS D 827 51.07 -1.83 -35.03
CA CYS D 827 50.83 -2.83 -34.00
C CYS D 827 50.20 -2.26 -32.73
N ASP D 828 50.06 -0.94 -32.62
CA ASP D 828 49.34 -0.34 -31.50
C ASP D 828 47.88 -0.76 -31.51
N ARG D 829 47.25 -0.75 -32.70
CA ARG D 829 45.87 -1.21 -32.83
C ARG D 829 45.75 -2.71 -32.56
N ILE D 830 46.78 -3.48 -32.92
CA ILE D 830 46.78 -4.93 -32.68
C ILE D 830 46.81 -5.21 -31.19
N MET D 831 47.76 -4.58 -30.49
CA MET D 831 47.92 -4.82 -29.06
C MET D 831 46.78 -4.22 -28.25
N HIS D 832 46.13 -3.17 -28.76
CA HIS D 832 44.95 -2.65 -28.08
C HIS D 832 43.70 -3.46 -28.40
N PHE D 833 43.68 -4.17 -29.53
CA PHE D 833 42.60 -5.12 -29.77
C PHE D 833 42.71 -6.30 -28.82
N TYR D 834 43.91 -6.90 -28.73
CA TYR D 834 44.05 -8.06 -27.86
C TYR D 834 44.12 -7.70 -26.38
N SER D 835 44.22 -6.41 -26.02
CA SER D 835 44.16 -6.00 -24.62
C SER D 835 42.75 -5.96 -24.08
N ALA D 836 41.75 -6.02 -24.95
CA ALA D 836 40.37 -5.96 -24.50
C ALA D 836 39.99 -7.25 -23.79
N PRO D 837 39.41 -7.17 -22.58
CA PRO D 837 38.87 -8.37 -21.94
C PRO D 837 37.71 -9.00 -22.70
N PHE D 838 37.01 -8.25 -23.56
CA PHE D 838 36.01 -8.87 -24.42
C PHE D 838 36.68 -9.69 -25.53
N SER D 839 37.82 -9.23 -26.04
CA SER D 839 38.56 -10.01 -27.03
C SER D 839 39.15 -11.26 -26.40
N LYS D 840 39.70 -11.14 -25.19
CA LYS D 840 40.16 -12.28 -24.42
C LYS D 840 39.01 -13.22 -24.08
N PHE D 841 37.80 -12.67 -23.88
CA PHE D 841 36.61 -13.47 -23.60
C PHE D 841 36.21 -14.29 -24.82
N VAL D 842 36.14 -13.66 -26.00
CA VAL D 842 35.79 -14.37 -27.22
C VAL D 842 36.87 -15.40 -27.56
N GLY D 843 38.13 -15.08 -27.28
CA GLY D 843 39.20 -16.06 -27.45
C GLY D 843 39.07 -17.25 -26.54
N ASN D 844 38.71 -17.01 -25.27
CA ASN D 844 38.48 -18.09 -24.32
C ASN D 844 37.29 -18.95 -24.75
N VAL D 845 36.23 -18.30 -25.28
CA VAL D 845 35.04 -19.02 -25.75
C VAL D 845 35.38 -19.93 -26.92
N VAL D 846 36.10 -19.42 -27.91
CA VAL D 846 36.32 -20.18 -29.13
C VAL D 846 37.37 -21.26 -28.92
N GLY D 847 38.51 -20.92 -28.30
CA GLY D 847 39.48 -21.94 -27.96
C GLY D 847 39.00 -22.93 -26.93
N TYR D 848 38.04 -22.53 -26.10
CA TYR D 848 37.48 -23.45 -25.13
C TYR D 848 36.48 -24.40 -25.78
N LEU D 849 35.68 -23.91 -26.74
CA LEU D 849 34.84 -24.82 -27.53
C LEU D 849 35.69 -25.81 -28.31
N ALA D 850 36.84 -25.35 -28.82
CA ALA D 850 37.80 -26.27 -29.43
C ALA D 850 38.33 -27.28 -28.42
N PHE D 851 38.57 -26.84 -27.18
CA PHE D 851 39.01 -27.74 -26.11
C PHE D 851 37.95 -28.77 -25.74
N ILE D 852 36.69 -28.35 -25.66
CA ILE D 852 35.62 -29.27 -25.28
C ILE D 852 35.36 -30.27 -26.41
N PHE D 853 35.46 -29.81 -27.66
CA PHE D 853 35.32 -30.72 -28.80
C PHE D 853 36.49 -31.70 -28.85
N LEU D 854 37.70 -31.25 -28.47
CA LEU D 854 38.86 -32.12 -28.45
C LEU D 854 38.77 -33.14 -27.31
N TYR D 855 38.34 -32.69 -26.14
CA TYR D 855 38.19 -33.56 -24.97
C TYR D 855 37.10 -34.59 -25.21
N ALA D 856 36.04 -34.18 -25.92
CA ALA D 856 34.97 -35.10 -26.29
C ALA D 856 35.42 -36.09 -27.36
N TYR D 857 36.26 -35.66 -28.31
CA TYR D 857 36.81 -36.60 -29.28
C TYR D 857 37.71 -37.63 -28.60
N VAL D 858 38.45 -37.19 -27.58
CA VAL D 858 39.31 -38.12 -26.82
C VAL D 858 38.46 -39.12 -26.04
N VAL D 859 37.49 -38.65 -25.27
CA VAL D 859 36.77 -39.59 -24.40
C VAL D 859 35.71 -40.38 -25.15
N LEU D 860 35.22 -39.92 -26.30
CA LEU D 860 34.18 -40.63 -27.04
C LEU D 860 34.72 -41.40 -28.22
N PHE D 861 35.92 -41.08 -28.71
CA PHE D 861 36.39 -41.68 -29.96
C PHE D 861 37.76 -42.32 -29.85
N ASN D 862 38.70 -41.71 -29.12
CA ASN D 862 40.06 -42.25 -29.14
C ASN D 862 40.75 -41.94 -27.80
N PHE D 863 40.71 -42.91 -26.91
CA PHE D 863 41.48 -42.89 -25.66
C PHE D 863 41.97 -44.32 -25.40
N PRO D 864 43.02 -44.74 -26.10
CA PRO D 864 43.38 -46.17 -26.11
C PRO D 864 44.14 -46.58 -24.86
N ARG D 865 44.21 -47.89 -24.66
CA ARG D 865 44.99 -48.44 -23.56
C ARG D 865 46.47 -48.30 -23.85
N PHE D 866 47.23 -47.87 -22.84
CA PHE D 866 48.66 -47.62 -23.02
C PHE D 866 49.42 -48.93 -23.17
N ASP D 867 50.34 -48.95 -24.14
CA ASP D 867 51.25 -50.07 -24.33
C ASP D 867 52.58 -49.56 -24.87
N PRO D 868 53.70 -50.07 -24.35
CA PRO D 868 55.01 -49.65 -24.86
C PRO D 868 55.41 -50.24 -26.20
N ALA D 869 54.55 -51.03 -26.85
CA ALA D 869 54.94 -51.68 -28.10
C ALA D 869 54.95 -50.70 -29.26
N LYS D 870 53.80 -50.12 -29.59
CA LYS D 870 53.69 -49.24 -30.74
C LYS D 870 54.15 -47.82 -30.39
N THR D 871 54.20 -46.98 -31.42
CA THR D 871 54.83 -45.66 -31.30
C THR D 871 53.97 -44.72 -30.46
N LEU D 872 54.67 -43.85 -29.71
CA LEU D 872 54.11 -42.83 -28.81
C LEU D 872 53.23 -43.46 -27.72
N GLY D 873 53.47 -44.74 -27.41
CA GLY D 873 52.63 -45.46 -26.47
C GLY D 873 51.24 -45.79 -26.99
N GLY D 874 50.99 -45.62 -28.28
CA GLY D 874 49.65 -45.71 -28.82
C GLY D 874 48.82 -44.46 -28.69
N ILE D 875 49.36 -43.41 -28.08
CA ILE D 875 48.59 -42.20 -27.82
C ILE D 875 48.37 -41.44 -29.12
N HIS D 876 47.10 -41.12 -29.40
CA HIS D 876 46.77 -40.30 -30.55
C HIS D 876 47.20 -38.86 -30.27
N PRO D 877 47.67 -38.11 -31.28
CA PRO D 877 48.13 -36.74 -31.04
C PRO D 877 47.05 -35.75 -30.64
N THR D 878 45.76 -36.07 -30.84
CA THR D 878 44.70 -35.26 -30.25
C THR D 878 44.77 -35.30 -28.72
N GLU D 879 45.14 -36.43 -28.15
CA GLU D 879 45.35 -36.52 -26.71
C GLU D 879 46.59 -35.74 -26.27
N ILE D 880 47.60 -35.63 -27.15
CA ILE D 880 48.78 -34.83 -26.83
C ILE D 880 48.44 -33.33 -26.84
N VAL D 881 47.63 -32.90 -27.81
CA VAL D 881 47.14 -31.52 -27.83
C VAL D 881 46.21 -31.26 -26.65
N LEU D 882 45.47 -32.29 -26.22
CA LEU D 882 44.67 -32.21 -25.01
C LEU D 882 45.54 -31.98 -23.78
N TYR D 883 46.65 -32.73 -23.68
CA TYR D 883 47.62 -32.53 -22.60
C TYR D 883 48.18 -31.12 -22.63
N PHE D 884 48.47 -30.63 -23.83
CA PHE D 884 49.01 -29.28 -24.00
C PHE D 884 48.02 -28.21 -23.53
N TRP D 885 46.74 -28.35 -23.86
CA TRP D 885 45.80 -27.31 -23.47
C TRP D 885 45.42 -27.41 -21.99
N VAL D 886 45.41 -28.61 -21.40
CA VAL D 886 45.14 -28.63 -19.97
C VAL D 886 46.37 -28.16 -19.17
N PHE D 887 47.58 -28.40 -19.69
CA PHE D 887 48.76 -27.78 -19.10
C PHE D 887 48.71 -26.27 -19.25
N THR D 888 48.13 -25.78 -20.35
CA THR D 888 47.91 -24.35 -20.53
C THR D 888 46.95 -23.80 -19.49
N ILE D 889 45.86 -24.53 -19.21
CA ILE D 889 44.91 -24.13 -18.17
C ILE D 889 45.56 -24.18 -16.79
N LEU D 890 46.47 -25.13 -16.57
CA LEU D 890 47.17 -25.24 -15.29
C LEU D 890 48.12 -24.06 -15.07
N ILE D 891 48.89 -23.70 -16.10
CA ILE D 891 49.77 -22.53 -16.01
C ILE D 891 48.95 -21.25 -15.94
N GLU D 892 47.75 -21.24 -16.54
CA GLU D 892 46.81 -20.13 -16.37
C GLU D 892 46.37 -19.96 -14.93
N GLU D 893 46.03 -21.06 -14.25
CA GLU D 893 45.59 -20.96 -12.87
C GLU D 893 46.77 -20.66 -11.92
N ILE D 894 47.97 -21.13 -12.26
CA ILE D 894 49.16 -20.75 -11.50
C ILE D 894 49.46 -19.26 -11.67
N ARG D 895 49.24 -18.73 -12.88
CA ARG D 895 49.38 -17.30 -13.13
C ARG D 895 48.34 -16.50 -12.35
N GLN D 896 47.10 -17.00 -12.28
CA GLN D 896 46.06 -16.31 -11.54
C GLN D 896 46.31 -16.37 -10.03
N LEU D 897 46.94 -17.45 -9.56
CA LEU D 897 47.36 -17.50 -8.16
C LEU D 897 48.49 -16.52 -7.88
N ALA D 898 49.47 -16.44 -8.79
CA ALA D 898 50.63 -15.59 -8.57
C ALA D 898 50.34 -14.10 -8.75
N ALA D 899 49.30 -13.75 -9.51
CA ALA D 899 48.96 -12.36 -9.77
C ALA D 899 47.92 -11.82 -8.79
N LYS D 900 47.75 -12.46 -7.64
CA LYS D 900 46.84 -11.94 -6.63
C LYS D 900 47.49 -10.75 -5.91
N PRO D 901 46.68 -9.75 -5.52
CA PRO D 901 47.23 -8.51 -4.92
C PRO D 901 48.01 -8.68 -3.61
N PRO D 902 47.71 -9.63 -2.71
CA PRO D 902 48.60 -9.81 -1.55
C PRO D 902 49.97 -10.35 -1.93
N LYS D 903 50.88 -10.29 -0.96
CA LYS D 903 52.28 -10.66 -1.13
C LYS D 903 52.60 -12.06 -0.62
N TYR D 904 52.07 -12.43 0.55
CA TYR D 904 52.29 -13.76 1.09
C TYR D 904 51.54 -14.80 0.27
N ILE D 905 52.13 -15.99 0.16
CA ILE D 905 51.57 -17.04 -0.68
C ILE D 905 50.29 -17.59 -0.07
N LYS D 906 50.22 -17.69 1.26
CA LYS D 906 49.00 -18.12 1.94
C LYS D 906 47.87 -17.12 1.75
N ASP D 907 48.19 -15.84 1.75
CA ASP D 907 47.18 -14.82 1.48
C ASP D 907 46.76 -14.83 0.01
N LYS D 908 47.69 -15.14 -0.90
CA LYS D 908 47.33 -15.34 -2.30
C LYS D 908 46.38 -16.52 -2.48
N VAL D 909 46.61 -17.59 -1.72
CA VAL D 909 45.70 -18.75 -1.76
C VAL D 909 44.34 -18.40 -1.20
N SER D 910 44.30 -17.58 -0.13
CA SER D 910 43.03 -17.19 0.47
C SER D 910 42.23 -16.25 -0.45
N VAL D 911 42.92 -15.39 -1.20
CA VAL D 911 42.22 -14.57 -2.18
C VAL D 911 41.83 -15.40 -3.40
N TYR D 912 42.65 -16.38 -3.77
CA TYR D 912 42.40 -17.22 -4.94
C TYR D 912 41.17 -18.10 -4.75
N PHE D 913 41.02 -18.70 -3.57
CA PHE D 913 39.86 -19.54 -3.28
C PHE D 913 38.70 -18.74 -2.69
N SER D 914 38.58 -17.45 -3.01
CA SER D 914 37.43 -16.66 -2.59
C SER D 914 36.25 -16.79 -3.54
N ASP D 915 36.48 -17.27 -4.77
CA ASP D 915 35.41 -17.59 -5.71
C ASP D 915 35.35 -19.09 -5.95
N THR D 916 34.14 -19.57 -6.24
CA THR D 916 33.91 -21.01 -6.44
C THR D 916 34.47 -21.49 -7.78
N TRP D 917 34.69 -20.56 -8.73
CA TRP D 917 35.24 -20.94 -10.04
C TRP D 917 36.67 -21.44 -9.92
N ASN D 918 37.42 -20.92 -8.95
CA ASN D 918 38.76 -21.46 -8.72
C ASN D 918 38.70 -22.84 -8.06
N PHE D 919 37.66 -23.10 -7.26
CA PHE D 919 37.46 -24.47 -6.75
C PHE D 919 37.17 -25.43 -7.89
N VAL D 920 36.34 -25.02 -8.84
CA VAL D 920 36.03 -25.85 -10.00
C VAL D 920 37.28 -26.05 -10.87
N ASP D 921 38.08 -25.00 -11.02
CA ASP D 921 39.34 -25.08 -11.77
C ASP D 921 40.32 -26.05 -11.12
N ILE D 922 40.60 -25.89 -9.82
CA ILE D 922 41.57 -26.75 -9.14
C ILE D 922 41.08 -28.19 -9.07
N PHE D 923 39.76 -28.40 -8.90
CA PHE D 923 39.22 -29.75 -8.90
C PHE D 923 39.35 -30.41 -10.27
N SER D 924 39.00 -29.68 -11.34
CA SER D 924 39.06 -30.25 -12.68
C SER D 924 40.50 -30.52 -13.11
N LEU D 925 41.42 -29.63 -12.76
CA LEU D 925 42.83 -29.83 -13.12
C LEU D 925 43.44 -30.97 -12.33
N THR D 926 43.13 -31.08 -11.02
CA THR D 926 43.66 -32.16 -10.21
C THR D 926 43.11 -33.52 -10.65
N VAL D 927 41.81 -33.57 -10.97
CA VAL D 927 41.18 -34.80 -11.44
C VAL D 927 41.74 -35.20 -12.81
N PHE D 928 42.05 -34.21 -13.67
CA PHE D 928 42.72 -34.50 -14.94
C PHE D 928 44.13 -35.06 -14.72
N ILE D 929 44.90 -34.45 -13.81
CA ILE D 929 46.27 -34.89 -13.58
C ILE D 929 46.29 -36.28 -12.95
N ILE D 930 45.32 -36.59 -12.10
CA ILE D 930 45.18 -37.95 -11.56
C ILE D 930 44.84 -38.95 -12.68
N ALA D 931 43.94 -38.57 -13.59
CA ALA D 931 43.59 -39.45 -14.72
C ALA D 931 44.77 -39.70 -15.63
N ILE D 932 45.60 -38.68 -15.86
CA ILE D 932 46.71 -38.85 -16.79
C ILE D 932 47.93 -39.46 -16.09
N ILE D 933 48.00 -39.43 -14.76
CA ILE D 933 48.94 -40.30 -14.06
C ILE D 933 48.51 -41.76 -14.21
N LEU D 934 47.22 -42.04 -13.99
CA LEU D 934 46.70 -43.41 -14.13
C LEU D 934 46.65 -43.89 -15.57
N ARG D 935 46.86 -42.99 -16.55
CA ARG D 935 46.95 -43.35 -17.97
C ARG D 935 47.97 -44.43 -18.27
N PHE D 936 49.16 -44.35 -17.67
CA PHE D 936 50.36 -45.00 -18.19
C PHE D 936 50.71 -46.32 -17.48
N PHE D 937 49.77 -46.94 -16.78
CA PHE D 937 50.13 -48.09 -15.94
C PHE D 937 49.85 -49.45 -16.56
N THR D 938 49.10 -49.50 -17.68
CA THR D 938 48.85 -50.69 -18.52
C THR D 938 47.96 -51.73 -17.82
N ASN D 939 47.63 -51.52 -16.55
CA ASN D 939 46.69 -52.38 -15.86
C ASN D 939 45.27 -52.09 -16.34
N SER D 940 44.43 -53.12 -16.34
CA SER D 940 43.07 -52.97 -16.83
C SER D 940 42.22 -52.14 -15.87
N ARG D 941 42.37 -52.38 -14.56
CA ARG D 941 41.59 -51.64 -13.58
C ARG D 941 42.08 -50.20 -13.45
N ILE D 942 43.39 -49.98 -13.55
CA ILE D 942 43.93 -48.64 -13.40
C ILE D 942 43.60 -47.78 -14.61
N PHE D 943 43.69 -48.35 -15.82
CA PHE D 943 43.28 -47.63 -17.01
C PHE D 943 41.77 -47.43 -17.07
N THR D 944 41.01 -48.38 -16.52
CA THR D 944 39.56 -48.20 -16.42
C THR D 944 39.22 -47.03 -15.49
N ALA D 945 39.91 -46.95 -14.35
CA ALA D 945 39.76 -45.81 -13.45
C ALA D 945 40.17 -44.51 -14.13
N SER D 946 41.22 -44.55 -14.96
CA SER D 946 41.69 -43.37 -15.66
C SER D 946 40.65 -42.85 -16.66
N ARG D 947 40.10 -43.74 -17.49
CA ARG D 947 39.11 -43.30 -18.48
C ARG D 947 37.79 -42.91 -17.83
N ILE D 948 37.42 -43.57 -16.72
CA ILE D 948 36.21 -43.18 -15.98
C ILE D 948 36.37 -41.80 -15.37
N ILE D 949 37.54 -41.52 -14.78
CA ILE D 949 37.79 -40.24 -14.13
C ILE D 949 37.86 -39.11 -15.17
N LEU D 950 38.45 -39.38 -16.34
CA LEU D 950 38.51 -38.39 -17.41
C LEU D 950 37.11 -38.11 -17.98
N SER D 951 36.34 -39.18 -18.18
CA SER D 951 34.99 -39.09 -18.73
C SER D 951 34.01 -38.48 -17.75
N LEU D 952 34.32 -38.49 -16.46
CA LEU D 952 33.54 -37.72 -15.50
C LEU D 952 34.07 -36.31 -15.30
N ASP D 953 35.31 -36.02 -15.71
CA ASP D 953 35.89 -34.70 -15.55
C ASP D 953 35.53 -33.74 -16.68
N ILE D 954 35.06 -34.27 -17.82
CA ILE D 954 34.42 -33.39 -18.81
C ILE D 954 33.24 -32.61 -18.21
N ILE D 955 32.50 -33.23 -17.28
CA ILE D 955 31.39 -32.56 -16.59
C ILE D 955 31.88 -31.35 -15.82
N PHE D 956 33.01 -31.48 -15.13
CA PHE D 956 33.53 -30.37 -14.33
C PHE D 956 34.17 -29.29 -15.18
N PHE D 957 34.75 -29.65 -16.34
CA PHE D 957 35.17 -28.59 -17.27
C PHE D 957 33.98 -27.81 -17.80
N ILE D 958 32.85 -28.47 -18.03
CA ILE D 958 31.70 -27.73 -18.54
C ILE D 958 30.99 -26.95 -17.40
N VAL D 959 31.12 -27.43 -16.16
CA VAL D 959 30.76 -26.61 -15.00
C VAL D 959 31.61 -25.34 -14.95
N ARG D 960 32.89 -25.46 -15.33
CA ARG D 960 33.72 -24.25 -15.48
C ARG D 960 33.29 -23.42 -16.70
N SER D 961 32.75 -24.06 -17.74
CA SER D 961 32.23 -23.32 -18.91
C SER D 961 31.08 -22.41 -18.55
N LEU D 962 30.33 -22.76 -17.51
CA LEU D 962 29.14 -22.01 -17.10
C LEU D 962 29.39 -20.53 -16.78
N GLN D 963 30.63 -20.08 -16.58
CA GLN D 963 30.88 -18.66 -16.34
C GLN D 963 30.73 -17.82 -17.61
N ILE D 964 30.88 -18.45 -18.79
CA ILE D 964 30.75 -17.74 -20.08
C ILE D 964 29.36 -17.15 -20.24
N PHE D 965 28.34 -17.85 -19.73
CA PHE D 965 26.95 -17.43 -19.90
C PHE D 965 26.58 -16.24 -19.02
N SER D 966 27.48 -15.76 -18.16
CA SER D 966 27.26 -14.55 -17.40
C SER D 966 27.47 -13.27 -18.22
N VAL D 967 27.91 -13.38 -19.47
CA VAL D 967 27.99 -12.22 -20.34
C VAL D 967 26.60 -11.83 -20.85
N ASN D 968 25.65 -12.76 -20.84
CA ASN D 968 24.30 -12.52 -21.32
C ASN D 968 23.46 -12.04 -20.14
N ARG D 969 22.66 -11.00 -20.38
CA ARG D 969 21.75 -10.48 -19.36
C ARG D 969 20.70 -11.50 -18.97
N LEU D 970 20.37 -12.43 -19.86
CA LEU D 970 19.32 -13.40 -19.64
C LEU D 970 19.84 -14.71 -19.05
N LEU D 971 21.05 -15.13 -19.41
CA LEU D 971 21.52 -16.48 -19.08
C LEU D 971 22.20 -16.54 -17.71
N GLY D 972 23.04 -15.57 -17.40
CA GLY D 972 23.74 -15.47 -16.13
C GLY D 972 22.90 -15.47 -14.86
N PRO D 973 21.79 -14.69 -14.83
CA PRO D 973 20.83 -14.86 -13.73
C PRO D 973 20.24 -16.25 -13.64
N LYS D 974 20.05 -16.96 -14.76
CA LYS D 974 19.61 -18.35 -14.67
C LYS D 974 20.69 -19.23 -14.08
N LEU D 975 21.97 -18.90 -14.32
CA LEU D 975 23.05 -19.65 -13.67
C LEU D 975 23.11 -19.38 -12.16
N VAL D 976 22.82 -18.15 -11.75
CA VAL D 976 22.71 -17.83 -10.32
C VAL D 976 21.54 -18.60 -9.70
N MET D 977 20.44 -18.73 -10.45
CA MET D 977 19.31 -19.55 -10.04
C MET D 977 19.71 -21.02 -9.88
N ILE D 978 20.49 -21.54 -10.83
CA ILE D 978 20.97 -22.92 -10.75
C ILE D 978 21.85 -23.14 -9.53
N GLN D 979 22.69 -22.16 -9.21
CA GLN D 979 23.58 -22.26 -8.05
C GLN D 979 22.80 -22.25 -6.73
N LYS D 980 21.83 -21.33 -6.61
CA LYS D 980 21.05 -21.29 -5.38
C LYS D 980 20.08 -22.46 -5.26
N MET D 981 19.59 -22.98 -6.39
CA MET D 981 18.77 -24.18 -6.35
C MET D 981 19.59 -25.42 -6.03
N MET D 982 20.87 -25.45 -6.41
CA MET D 982 21.71 -26.55 -5.97
C MET D 982 22.01 -26.47 -4.48
N GLN D 983 22.11 -25.25 -3.94
CA GLN D 983 22.15 -25.10 -2.47
C GLN D 983 20.87 -25.64 -1.83
N ASP D 984 19.71 -25.31 -2.41
CA ASP D 984 18.43 -25.80 -1.91
C ASP D 984 18.33 -27.32 -2.00
N LEU D 985 18.85 -27.91 -3.09
CA LEU D 985 18.85 -29.34 -3.26
C LEU D 985 19.77 -30.03 -2.27
N ALA D 986 20.94 -29.45 -2.02
CA ALA D 986 21.85 -30.00 -1.02
C ALA D 986 21.28 -29.91 0.39
N GLN D 987 20.39 -28.94 0.63
CA GLN D 987 19.70 -28.90 1.91
C GLN D 987 18.57 -29.91 1.99
N PHE D 988 17.75 -30.04 0.94
CA PHE D 988 16.59 -30.92 0.95
C PHE D 988 16.95 -32.40 0.77
N ILE D 989 18.18 -32.69 0.31
CA ILE D 989 18.56 -34.06 -0.03
C ILE D 989 18.65 -34.96 1.19
N ILE D 990 18.82 -34.42 2.40
CA ILE D 990 18.83 -35.29 3.57
C ILE D 990 17.42 -35.76 3.91
N ILE D 991 16.41 -34.90 3.74
CA ILE D 991 15.02 -35.31 3.97
C ILE D 991 14.58 -36.31 2.91
N LEU D 992 14.95 -36.04 1.65
CA LEU D 992 14.62 -36.95 0.55
C LEU D 992 15.30 -38.31 0.74
N ALA D 993 16.57 -38.30 1.19
CA ALA D 993 17.29 -39.55 1.42
C ALA D 993 16.74 -40.30 2.62
N VAL D 994 16.28 -39.58 3.65
CA VAL D 994 15.68 -40.22 4.82
C VAL D 994 14.42 -40.99 4.45
N PHE D 995 13.51 -40.35 3.70
CA PHE D 995 12.29 -41.06 3.30
C PHE D 995 12.59 -42.16 2.28
N THR D 996 13.56 -41.91 1.39
CA THR D 996 13.94 -42.88 0.36
C THR D 996 14.53 -44.14 0.99
N ILE D 997 15.47 -43.98 1.93
CA ILE D 997 16.10 -45.12 2.57
C ILE D 997 15.11 -45.83 3.51
N ALA D 998 14.18 -45.10 4.14
CA ALA D 998 13.13 -45.74 4.94
C ALA D 998 12.27 -46.67 4.10
N TYR D 999 11.73 -46.15 3.01
CA TYR D 999 10.92 -46.99 2.11
C TYR D 999 11.74 -48.07 1.44
N GLY D 1000 13.04 -47.83 1.19
CA GLY D 1000 13.86 -48.87 0.57
C GLY D 1000 14.15 -50.03 1.50
N ILE D 1001 14.42 -49.72 2.77
CA ILE D 1001 14.57 -50.75 3.80
C ILE D 1001 13.28 -51.56 3.93
N ALA D 1002 12.14 -50.87 3.97
CA ALA D 1002 10.84 -51.55 4.06
C ALA D 1002 10.56 -52.43 2.85
N LEU D 1003 10.79 -51.89 1.65
CA LEU D 1003 10.45 -52.59 0.41
C LEU D 1003 11.36 -53.79 0.20
N HIS D 1004 12.68 -53.62 0.39
CA HIS D 1004 13.57 -54.76 0.21
C HIS D 1004 13.41 -55.78 1.32
N ALA D 1005 12.97 -55.35 2.51
CA ALA D 1005 12.75 -56.31 3.58
C ALA D 1005 11.48 -57.12 3.37
N VAL D 1006 10.47 -56.54 2.72
CA VAL D 1006 9.27 -57.33 2.46
C VAL D 1006 9.36 -58.13 1.16
N MET D 1007 10.18 -57.70 0.19
CA MET D 1007 10.33 -58.50 -1.03
C MET D 1007 11.29 -59.66 -0.84
N PHE D 1008 12.42 -59.42 -0.17
CA PHE D 1008 13.52 -60.38 -0.08
C PHE D 1008 13.86 -60.65 1.38
N PRO D 1009 13.13 -61.56 2.05
CA PRO D 1009 13.54 -61.98 3.39
C PRO D 1009 14.87 -62.72 3.35
N SER D 1010 15.84 -62.19 4.08
CA SER D 1010 17.21 -62.67 3.93
C SER D 1010 17.51 -63.99 4.64
N PRO D 1011 16.83 -64.38 5.72
CA PRO D 1011 16.92 -65.83 6.03
C PRO D 1011 15.77 -66.64 5.45
N GLY D 1012 15.82 -66.84 4.14
CA GLY D 1012 14.79 -67.61 3.46
C GLY D 1012 15.24 -67.99 2.07
N ILE D 1013 14.34 -68.68 1.35
CA ILE D 1013 14.61 -69.04 -0.03
C ILE D 1013 14.60 -67.82 -0.94
N TYR D 1014 13.93 -66.74 -0.53
CA TYR D 1014 13.88 -65.50 -1.30
C TYR D 1014 14.98 -64.53 -0.91
N ALA D 1015 16.07 -65.02 -0.33
CA ALA D 1015 17.15 -64.16 0.13
C ALA D 1015 18.03 -63.70 -1.03
N ARG D 1016 18.23 -62.38 -1.12
CA ARG D 1016 19.38 -61.90 -1.87
C ARG D 1016 20.64 -62.11 -1.03
N ASN D 1017 21.49 -63.04 -1.47
CA ASN D 1017 22.67 -63.45 -0.70
C ASN D 1017 23.88 -62.61 -1.12
N ASN D 1018 23.71 -61.31 -0.96
CA ASN D 1018 24.67 -60.31 -1.44
C ASN D 1018 24.37 -59.02 -0.70
N THR D 1019 25.33 -58.53 0.10
CA THR D 1019 25.14 -57.30 0.85
C THR D 1019 25.04 -56.10 -0.09
N TRP D 1020 25.83 -56.12 -1.17
CA TRP D 1020 25.96 -54.95 -2.02
C TRP D 1020 24.70 -54.70 -2.85
N VAL D 1021 24.08 -55.75 -3.39
CA VAL D 1021 22.86 -55.52 -4.15
C VAL D 1021 21.69 -55.21 -3.22
N THR D 1022 21.75 -55.64 -1.95
CA THR D 1022 20.75 -55.23 -0.97
C THR D 1022 20.83 -53.74 -0.68
N ILE D 1023 22.04 -53.24 -0.38
CA ILE D 1023 22.21 -51.83 -0.05
C ILE D 1023 21.93 -50.95 -1.26
N THR D 1024 22.44 -51.33 -2.44
CA THR D 1024 22.16 -50.56 -3.64
C THR D 1024 20.71 -50.70 -4.09
N SER D 1025 20.00 -51.78 -3.72
CA SER D 1025 18.58 -51.84 -4.02
C SER D 1025 17.79 -50.88 -3.15
N VAL D 1026 18.12 -50.82 -1.85
CA VAL D 1026 17.50 -49.87 -0.91
C VAL D 1026 17.73 -48.43 -1.37
N VAL D 1027 18.93 -48.13 -1.87
CA VAL D 1027 19.21 -46.79 -2.39
C VAL D 1027 18.53 -46.58 -3.74
N GLN D 1028 18.52 -47.61 -4.59
CA GLN D 1028 18.29 -47.48 -6.02
C GLN D 1028 16.80 -47.48 -6.38
N TYR D 1029 16.08 -48.51 -5.94
CA TYR D 1029 14.71 -48.73 -6.41
C TYR D 1029 13.71 -47.66 -5.98
N PRO D 1030 13.69 -47.15 -4.73
CA PRO D 1030 12.84 -45.98 -4.47
C PRO D 1030 13.23 -44.73 -5.23
N TYR D 1031 14.53 -44.60 -5.54
CA TYR D 1031 14.99 -43.44 -6.30
C TYR D 1031 14.45 -43.46 -7.73
N TRP D 1032 14.49 -44.61 -8.40
CA TRP D 1032 13.95 -44.62 -9.75
C TRP D 1032 12.44 -44.64 -9.76
N GLN D 1033 11.81 -45.25 -8.74
CA GLN D 1033 10.37 -45.17 -8.60
C GLN D 1033 9.90 -43.74 -8.35
N MET D 1034 10.75 -42.92 -7.73
CA MET D 1034 10.46 -41.52 -7.47
C MET D 1034 10.26 -40.70 -8.75
N TYR D 1035 10.85 -41.13 -9.87
CA TYR D 1035 10.67 -40.46 -11.16
C TYR D 1035 9.60 -41.12 -12.01
N GLY D 1036 8.73 -41.92 -11.42
CA GLY D 1036 7.70 -42.60 -12.18
C GLY D 1036 8.14 -43.84 -12.92
N GLU D 1037 9.41 -44.26 -12.79
CA GLU D 1037 9.85 -45.55 -13.30
C GLU D 1037 9.42 -46.59 -12.28
N LEU D 1038 8.16 -46.99 -12.40
CA LEU D 1038 7.57 -47.92 -11.45
C LEU D 1038 7.98 -49.35 -11.82
N PHE D 1039 8.54 -50.08 -10.85
CA PHE D 1039 8.96 -51.46 -11.09
C PHE D 1039 7.83 -52.42 -10.77
N LEU D 1040 6.65 -52.19 -11.36
CA LEU D 1040 5.44 -52.91 -10.98
C LEU D 1040 5.50 -54.38 -11.40
N ASP D 1041 6.09 -54.68 -12.55
CA ASP D 1041 6.32 -56.07 -12.91
C ASP D 1041 7.38 -56.70 -12.04
N GLU D 1042 8.37 -55.90 -11.62
CA GLU D 1042 9.46 -56.42 -10.82
C GLU D 1042 9.04 -56.72 -9.38
N ILE D 1043 8.35 -55.77 -8.74
CA ILE D 1043 8.04 -55.92 -7.31
C ILE D 1043 6.86 -56.83 -7.02
N GLN D 1044 6.09 -57.21 -8.04
CA GLN D 1044 4.98 -58.14 -7.88
C GLN D 1044 5.36 -59.58 -8.17
N GLY D 1045 6.65 -59.88 -8.24
CA GLY D 1045 7.12 -61.24 -8.42
C GLY D 1045 7.39 -61.67 -9.84
N GLU D 1046 6.92 -60.91 -10.83
CA GLU D 1046 7.32 -61.20 -12.20
C GLU D 1046 8.73 -60.65 -12.44
N LYS D 1047 9.25 -60.97 -13.62
CA LYS D 1047 10.66 -60.83 -13.96
C LYS D 1047 11.62 -61.38 -12.88
N PRO D 1048 11.61 -62.68 -12.63
CA PRO D 1048 12.43 -63.20 -11.51
C PRO D 1048 13.90 -63.32 -11.82
N LYS D 1049 14.30 -63.17 -13.08
CA LYS D 1049 15.68 -63.40 -13.48
C LYS D 1049 16.55 -62.15 -13.33
N GLU D 1050 16.09 -61.02 -13.86
CA GLU D 1050 16.86 -59.78 -13.82
C GLU D 1050 16.52 -58.90 -12.62
N PHE D 1051 15.50 -59.26 -11.84
CA PHE D 1051 15.18 -58.57 -10.61
C PHE D 1051 15.36 -59.44 -9.38
N GLY D 1052 14.77 -60.63 -9.38
CA GLY D 1052 14.87 -61.54 -8.25
C GLY D 1052 13.54 -62.17 -7.90
N GLU D 1053 13.60 -63.38 -7.34
CA GLU D 1053 12.43 -64.05 -6.80
C GLU D 1053 11.85 -63.27 -5.63
N VAL D 1054 10.69 -62.66 -5.82
CA VAL D 1054 10.04 -61.90 -4.77
C VAL D 1054 9.22 -62.85 -3.91
N ASP D 1055 9.27 -62.66 -2.59
CA ASP D 1055 8.43 -63.41 -1.67
C ASP D 1055 6.96 -63.17 -2.00
N PRO D 1056 6.11 -64.22 -1.98
CA PRO D 1056 4.72 -64.07 -2.44
C PRO D 1056 3.87 -63.17 -1.57
N ASP D 1057 4.25 -62.94 -0.32
CA ASP D 1057 3.53 -61.97 0.49
C ASP D 1057 4.09 -60.56 0.35
N GLY D 1058 5.28 -60.43 -0.22
CA GLY D 1058 5.73 -59.13 -0.70
C GLY D 1058 5.13 -58.73 -2.03
N ARG D 1059 4.55 -59.69 -2.77
CA ARG D 1059 4.03 -59.43 -4.10
C ARG D 1059 2.73 -58.62 -4.07
N TRP D 1060 1.95 -58.73 -2.99
CA TRP D 1060 0.78 -57.89 -2.84
C TRP D 1060 1.04 -56.67 -1.97
N LEU D 1061 2.01 -56.74 -1.07
CA LEU D 1061 2.31 -55.64 -0.16
C LEU D 1061 3.17 -54.57 -0.80
N SER D 1062 4.03 -54.96 -1.74
CA SER D 1062 4.85 -53.99 -2.47
C SER D 1062 4.07 -52.99 -3.32
N PRO D 1063 2.94 -53.32 -3.98
CA PRO D 1063 2.13 -52.22 -4.57
C PRO D 1063 1.51 -51.29 -3.55
N LEU D 1064 1.16 -51.77 -2.34
CA LEU D 1064 0.60 -50.88 -1.33
C LEU D 1064 1.66 -49.93 -0.77
N LEU D 1065 2.84 -50.48 -0.45
CA LEU D 1065 3.94 -49.66 0.03
C LEU D 1065 4.39 -48.68 -1.05
N LEU D 1066 4.41 -49.12 -2.31
CA LEU D 1066 4.75 -48.22 -3.40
C LEU D 1066 3.66 -47.19 -3.63
N ALA D 1067 2.39 -47.52 -3.32
CA ALA D 1067 1.31 -46.54 -3.40
C ALA D 1067 1.51 -45.41 -2.39
N ILE D 1068 1.81 -45.79 -1.14
CA ILE D 1068 2.09 -44.79 -0.10
C ILE D 1068 3.34 -43.99 -0.45
N TYR D 1069 4.36 -44.64 -1.03
CA TYR D 1069 5.59 -43.95 -1.37
C TYR D 1069 5.40 -43.00 -2.56
N MET D 1070 4.55 -43.36 -3.52
CA MET D 1070 4.31 -42.49 -4.66
C MET D 1070 3.41 -41.31 -4.26
N VAL D 1071 2.46 -41.53 -3.35
CA VAL D 1071 1.61 -40.41 -2.95
C VAL D 1071 2.37 -39.50 -1.99
N PHE D 1072 3.41 -40.01 -1.33
CA PHE D 1072 4.16 -39.17 -0.40
C PHE D 1072 5.39 -38.52 -1.02
N THR D 1073 6.03 -39.13 -2.03
CA THR D 1073 7.32 -38.67 -2.49
C THR D 1073 7.26 -38.00 -3.86
N ASN D 1074 6.63 -38.64 -4.84
CA ASN D 1074 6.51 -38.02 -6.17
C ASN D 1074 5.51 -36.86 -6.14
N ILE D 1075 4.51 -36.91 -5.26
CA ILE D 1075 3.52 -35.84 -5.20
C ILE D 1075 3.87 -34.81 -4.13
N LEU D 1076 4.22 -35.23 -2.92
CA LEU D 1076 4.38 -34.27 -1.84
C LEU D 1076 5.82 -33.76 -1.71
N LEU D 1077 6.79 -34.68 -1.63
CA LEU D 1077 8.18 -34.29 -1.40
C LEU D 1077 8.80 -33.60 -2.62
N LEU D 1078 8.56 -34.15 -3.80
CA LEU D 1078 9.15 -33.58 -5.01
C LEU D 1078 8.54 -32.23 -5.35
N ASN D 1079 7.23 -32.07 -5.17
CA ASN D 1079 6.62 -30.78 -5.42
C ASN D 1079 6.91 -29.78 -4.29
N LEU D 1080 7.23 -30.27 -3.09
CA LEU D 1080 7.83 -29.41 -2.07
C LEU D 1080 9.17 -28.88 -2.52
N LEU D 1081 10.01 -29.74 -3.11
CA LEU D 1081 11.31 -29.31 -3.62
C LEU D 1081 11.15 -28.36 -4.82
N ILE D 1082 10.16 -28.61 -5.67
CA ILE D 1082 9.84 -27.71 -6.77
C ILE D 1082 9.35 -26.36 -6.23
N ALA D 1083 8.62 -26.38 -5.11
CA ALA D 1083 8.17 -25.13 -4.49
C ALA D 1083 9.33 -24.35 -3.90
N ILE D 1084 10.32 -25.05 -3.31
CA ILE D 1084 11.55 -24.40 -2.85
C ILE D 1084 12.28 -23.77 -4.02
N PHE D 1085 12.36 -24.50 -5.14
CA PHE D 1085 13.01 -23.98 -6.34
C PHE D 1085 12.26 -22.78 -6.90
N ASN D 1086 10.94 -22.78 -6.82
CA ASN D 1086 10.15 -21.66 -7.34
C ASN D 1086 10.27 -20.43 -6.44
N TYR D 1087 10.36 -20.63 -5.12
CA TYR D 1087 10.63 -19.53 -4.20
C TYR D 1087 12.00 -18.91 -4.46
N THR D 1088 13.01 -19.77 -4.70
CA THR D 1088 14.33 -19.30 -5.09
C THR D 1088 14.29 -18.56 -6.43
N PHE D 1089 13.51 -19.09 -7.38
CA PHE D 1089 13.32 -18.45 -8.68
C PHE D 1089 12.74 -17.05 -8.54
N GLU D 1090 11.73 -16.89 -7.69
CA GLU D 1090 11.10 -15.59 -7.53
C GLU D 1090 12.06 -14.60 -6.85
N ARG D 1091 12.80 -15.08 -5.84
CA ARG D 1091 13.78 -14.23 -5.15
C ARG D 1091 14.89 -13.77 -6.09
N VAL D 1092 15.32 -14.62 -7.03
CA VAL D 1092 16.37 -14.18 -7.94
C VAL D 1092 15.79 -13.38 -9.10
N GLN D 1093 14.60 -13.75 -9.59
CA GLN D 1093 13.99 -13.12 -10.75
C GLN D 1093 13.55 -11.69 -10.44
N GLU D 1094 13.21 -11.39 -9.18
CA GLU D 1094 12.86 -10.01 -8.85
C GLU D 1094 14.08 -9.08 -8.85
N ASP D 1095 15.30 -9.63 -8.81
CA ASP D 1095 16.53 -8.84 -8.86
C ASP D 1095 17.51 -9.36 -9.91
N SER D 1096 16.98 -10.03 -10.95
CA SER D 1096 17.83 -10.69 -11.96
C SER D 1096 18.70 -9.70 -12.72
N ASP D 1097 18.17 -8.52 -13.04
CA ASP D 1097 18.94 -7.49 -13.72
C ASP D 1097 20.13 -7.06 -12.86
N LYS D 1098 19.88 -6.78 -11.58
CA LYS D 1098 20.93 -6.32 -10.68
C LYS D 1098 21.97 -7.41 -10.39
N VAL D 1099 21.55 -8.68 -10.31
CA VAL D 1099 22.56 -9.70 -10.05
C VAL D 1099 23.38 -9.98 -11.32
N TRP D 1100 22.81 -9.77 -12.51
CA TRP D 1100 23.63 -9.82 -13.71
C TRP D 1100 24.63 -8.67 -13.75
N LYS D 1101 24.19 -7.47 -13.34
CA LYS D 1101 25.11 -6.33 -13.26
C LYS D 1101 26.21 -6.57 -12.23
N PHE D 1102 25.91 -7.32 -11.17
CA PHE D 1102 26.91 -7.59 -10.14
C PHE D 1102 27.92 -8.64 -10.58
N GLN D 1103 27.46 -9.72 -11.22
CA GLN D 1103 28.39 -10.74 -11.70
C GLN D 1103 29.15 -10.32 -12.96
N ARG D 1104 28.68 -9.26 -13.63
CA ARG D 1104 29.43 -8.70 -14.75
C ARG D 1104 30.77 -8.14 -14.30
N TYR D 1105 30.85 -7.63 -13.06
CA TYR D 1105 32.12 -7.22 -12.47
C TYR D 1105 33.07 -8.41 -12.35
N ASP D 1106 32.57 -9.56 -11.90
CA ASP D 1106 33.41 -10.74 -11.75
C ASP D 1106 33.87 -11.26 -13.10
N LEU D 1107 33.04 -11.10 -14.13
CA LEU D 1107 33.46 -11.46 -15.49
C LEU D 1107 34.56 -10.52 -16.01
N VAL D 1108 34.41 -9.21 -15.77
CA VAL D 1108 35.42 -8.24 -16.17
C VAL D 1108 36.73 -8.47 -15.43
N GLN D 1109 36.66 -8.80 -14.15
CA GLN D 1109 37.88 -9.09 -13.40
C GLN D 1109 38.48 -10.44 -13.80
N GLU D 1110 37.66 -11.39 -14.23
CA GLU D 1110 38.16 -12.67 -14.73
C GLU D 1110 38.94 -12.49 -16.02
N TYR D 1111 38.51 -11.57 -16.89
CA TYR D 1111 39.16 -11.41 -18.19
C TYR D 1111 40.04 -10.18 -18.31
N HIS D 1112 40.18 -9.39 -17.25
CA HIS D 1112 41.06 -8.23 -17.30
C HIS D 1112 42.53 -8.60 -17.11
N SER D 1113 42.79 -9.70 -16.40
CA SER D 1113 44.14 -10.11 -16.06
C SER D 1113 44.69 -11.20 -16.97
N ARG D 1114 43.93 -11.64 -17.98
CA ARG D 1114 44.37 -12.67 -18.90
C ARG D 1114 45.53 -12.17 -19.77
N PRO D 1115 46.33 -13.08 -20.32
CA PRO D 1115 47.42 -12.64 -21.22
C PRO D 1115 46.90 -12.00 -22.50
N VAL D 1116 47.63 -10.96 -22.95
CA VAL D 1116 47.23 -10.16 -24.10
C VAL D 1116 47.81 -10.84 -25.34
N PHE D 1117 47.20 -11.93 -25.77
CA PHE D 1117 47.87 -12.87 -26.66
C PHE D 1117 46.86 -13.70 -27.42
N ALA D 1118 47.36 -14.49 -28.38
CA ALA D 1118 46.51 -15.23 -29.29
C ALA D 1118 45.80 -16.38 -28.58
N PRO D 1119 44.55 -16.68 -28.95
CA PRO D 1119 43.75 -17.66 -28.17
C PRO D 1119 44.23 -19.10 -28.27
N PRO D 1120 44.84 -19.57 -29.38
CA PRO D 1120 45.57 -20.84 -29.27
C PRO D 1120 46.96 -20.72 -28.67
N LEU D 1121 47.46 -19.50 -28.48
CA LEU D 1121 48.84 -19.29 -28.04
C LEU D 1121 48.93 -18.61 -26.68
N VAL D 1122 47.95 -18.82 -25.80
CA VAL D 1122 47.99 -18.19 -24.48
C VAL D 1122 49.07 -18.82 -23.59
N LEU D 1123 49.47 -20.06 -23.85
CA LEU D 1123 50.60 -20.62 -23.10
C LEU D 1123 51.92 -19.97 -23.51
N LEU D 1124 52.08 -19.69 -24.81
CA LEU D 1124 53.14 -18.79 -25.26
C LEU D 1124 53.03 -17.43 -24.61
N GLY D 1125 51.80 -16.99 -24.34
CA GLY D 1125 51.62 -15.77 -23.58
C GLY D 1125 52.09 -15.86 -22.15
N HIS D 1126 51.91 -17.03 -21.53
CA HIS D 1126 52.45 -17.22 -20.18
C HIS D 1126 53.97 -17.30 -20.20
N ILE D 1127 54.54 -17.80 -21.29
CA ILE D 1127 55.99 -17.73 -21.50
C ILE D 1127 56.45 -16.28 -21.57
N LEU D 1128 55.74 -15.44 -22.33
CA LEU D 1128 56.12 -14.04 -22.47
C LEU D 1128 55.65 -13.16 -21.32
N ILE D 1129 54.94 -13.73 -20.34
CA ILE D 1129 54.76 -13.07 -19.05
C ILE D 1129 55.95 -13.50 -18.18
N PHE D 1130 56.35 -14.76 -18.31
CA PHE D 1130 57.49 -15.28 -17.56
C PHE D 1130 58.81 -14.70 -18.05
N ILE D 1131 58.92 -14.40 -19.34
CA ILE D 1131 60.12 -13.79 -19.89
C ILE D 1131 59.83 -12.39 -20.39
N LYS D 1150 41.37 0.69 -10.68
CA LYS D 1150 42.46 0.85 -9.72
C LYS D 1150 43.53 1.75 -10.29
N ILE D 1151 43.38 3.07 -10.11
CA ILE D 1151 44.39 4.03 -10.56
C ILE D 1151 44.78 4.92 -9.39
N GLY D 1152 46.00 5.44 -9.45
CA GLY D 1152 46.51 6.39 -8.48
C GLY D 1152 46.55 7.78 -9.09
N LEU D 1153 46.33 8.79 -8.26
CA LEU D 1153 46.16 10.16 -8.74
C LEU D 1153 47.12 11.08 -7.99
N SER D 1154 47.28 12.29 -8.54
CA SER D 1154 48.10 13.31 -7.92
C SER D 1154 47.45 13.81 -6.62
N PRO D 1155 48.25 14.25 -5.63
CA PRO D 1155 47.66 14.62 -4.33
C PRO D 1155 46.74 15.83 -4.37
N ALA D 1156 47.09 16.88 -5.12
CA ALA D 1156 46.15 17.97 -5.35
C ALA D 1156 44.95 17.50 -6.17
N GLU D 1157 45.19 16.58 -7.11
CA GLU D 1157 44.10 15.98 -7.87
C GLU D 1157 43.23 15.10 -6.98
N MET D 1158 43.84 14.42 -6.00
CA MET D 1158 43.06 13.63 -5.05
C MET D 1158 42.22 14.51 -4.14
N GLU D 1159 42.76 15.66 -3.71
CA GLU D 1159 41.97 16.59 -2.89
C GLU D 1159 40.85 17.22 -3.72
N GLN D 1160 41.07 17.43 -5.01
CA GLN D 1160 40.03 17.95 -5.88
C GLN D 1160 38.93 16.91 -6.12
N MET D 1161 39.33 15.65 -6.30
CA MET D 1161 38.41 14.50 -6.27
C MET D 1161 37.56 14.49 -5.01
N ASP D 1162 38.21 14.67 -3.85
CA ASP D 1162 37.52 14.62 -2.56
C ASP D 1162 36.56 15.79 -2.40
N ASN D 1163 36.95 16.97 -2.88
CA ASN D 1163 36.07 18.14 -2.80
C ASN D 1163 34.84 17.98 -3.69
N TRP D 1164 35.03 17.47 -4.92
CA TRP D 1164 33.90 17.26 -5.81
C TRP D 1164 32.98 16.16 -5.30
N GLU D 1165 33.56 15.09 -4.75
CA GLU D 1165 32.76 13.99 -4.19
C GLU D 1165 31.99 14.46 -2.96
N PHE D 1166 32.61 15.28 -2.11
CA PHE D 1166 31.95 15.77 -0.90
C PHE D 1166 30.85 16.77 -1.24
N GLN D 1167 31.02 17.58 -2.29
CA GLN D 1167 29.94 18.51 -2.62
C GLN D 1167 28.79 17.83 -3.37
N ALA D 1168 29.07 16.76 -4.14
CA ALA D 1168 27.97 15.96 -4.65
C ALA D 1168 27.25 15.23 -3.53
N ALA D 1169 27.98 14.83 -2.48
CA ALA D 1169 27.35 14.31 -1.28
C ALA D 1169 26.49 15.37 -0.59
N GLU D 1170 26.98 16.62 -0.55
CA GLU D 1170 26.19 17.73 0.00
C GLU D 1170 24.88 17.91 -0.75
N MET D 1171 24.93 17.81 -2.07
CA MET D 1171 23.70 17.93 -2.86
C MET D 1171 22.76 16.73 -2.63
N TYR D 1172 23.31 15.52 -2.47
CA TYR D 1172 22.43 14.38 -2.18
C TYR D 1172 21.82 14.47 -0.78
N ILE D 1173 22.60 14.92 0.21
CA ILE D 1173 22.08 15.12 1.56
C ILE D 1173 21.00 16.20 1.58
N HIS D 1174 21.22 17.28 0.81
CA HIS D 1174 20.23 18.35 0.74
C HIS D 1174 18.96 17.88 0.04
N GLN D 1175 19.09 17.07 -1.02
CA GLN D 1175 17.90 16.54 -1.68
C GLN D 1175 17.15 15.55 -0.80
N GLN D 1176 17.86 14.75 0.01
CA GLN D 1176 17.17 13.87 0.94
C GLN D 1176 16.49 14.65 2.05
N GLN D 1177 17.08 15.76 2.50
CA GLN D 1177 16.43 16.60 3.48
C GLN D 1177 15.19 17.30 2.90
N GLN D 1178 15.24 17.67 1.63
CA GLN D 1178 14.05 18.23 0.98
C GLN D 1178 12.99 17.16 0.75
N LYS D 1179 13.40 15.90 0.57
CA LYS D 1179 12.42 14.83 0.46
C LYS D 1179 11.77 14.52 1.80
N ASN D 1180 12.57 14.51 2.88
CA ASN D 1180 12.01 14.25 4.21
C ASN D 1180 11.12 15.39 4.69
N SER D 1181 11.55 16.64 4.46
CA SER D 1181 10.69 17.78 4.78
C SER D 1181 9.49 17.86 3.85
N GLY D 1182 9.59 17.27 2.65
CA GLY D 1182 8.49 17.17 1.72
C GLY D 1182 7.57 15.99 1.94
N THR D 1183 7.87 15.11 2.88
CA THR D 1183 6.94 14.06 3.25
C THR D 1183 5.73 14.66 3.96
N LEU D 1184 4.62 13.91 3.90
CA LEU D 1184 3.33 14.43 4.34
C LEU D 1184 3.26 14.55 5.86
N GLU D 1185 3.89 13.61 6.58
CA GLU D 1185 3.90 13.66 8.04
C GLU D 1185 4.71 14.84 8.55
N GLU D 1186 5.84 15.12 7.91
CA GLU D 1186 6.65 16.27 8.32
C GLU D 1186 6.01 17.59 7.93
N ARG D 1187 5.25 17.61 6.83
CA ARG D 1187 4.47 18.80 6.47
C ARG D 1187 3.38 19.06 7.51
N VAL D 1188 2.69 18.01 7.96
CA VAL D 1188 1.67 18.18 8.99
C VAL D 1188 2.28 18.57 10.34
N ARG D 1189 3.47 18.05 10.65
CA ARG D 1189 4.14 18.44 11.90
C ARG D 1189 4.60 19.89 11.87
N ALA D 1190 5.17 20.34 10.74
CA ALA D 1190 5.53 21.74 10.60
C ALA D 1190 4.31 22.64 10.57
N LEU D 1191 3.20 22.10 10.07
CA LEU D 1191 1.94 22.82 10.03
C LEU D 1191 1.49 23.04 11.46
N GLY D 1192 1.52 21.99 12.27
CA GLY D 1192 1.16 22.10 13.67
C GLY D 1192 2.07 23.06 14.44
N ASP D 1193 3.35 23.10 14.07
CA ASP D 1193 4.24 24.09 14.65
C ASP D 1193 3.86 25.51 14.24
N ARG D 1194 3.42 25.69 12.99
CA ARG D 1194 2.97 26.99 12.52
C ARG D 1194 1.71 27.44 13.26
N VAL D 1195 0.76 26.54 13.47
CA VAL D 1195 -0.44 26.95 14.20
C VAL D 1195 -0.18 27.09 15.70
N ASP D 1196 0.85 26.43 16.24
CA ASP D 1196 1.25 26.72 17.61
C ASP D 1196 1.88 28.10 17.71
N CYS D 1197 2.64 28.51 16.69
CA CYS D 1197 3.15 29.88 16.64
C CYS D 1197 2.01 30.89 16.49
N ILE D 1198 0.97 30.55 15.72
CA ILE D 1198 -0.19 31.42 15.59
C ILE D 1198 -0.92 31.55 16.92
N ASN D 1199 -1.09 30.44 17.65
CA ASN D 1199 -1.74 30.47 18.96
C ASN D 1199 -0.91 31.25 19.98
N SER D 1200 0.42 31.12 19.91
CA SER D 1200 1.29 31.85 20.83
C SER D 1200 1.25 33.36 20.55
N GLN D 1201 1.29 33.75 19.27
CA GLN D 1201 1.22 35.16 18.94
C GLN D 1201 -0.17 35.74 19.22
N LEU D 1202 -1.22 34.93 19.10
CA LEU D 1202 -2.56 35.41 19.43
C LEU D 1202 -2.73 35.55 20.95
N ASN D 1203 -2.05 34.71 21.72
CA ASN D 1203 -2.03 34.91 23.17
C ASN D 1203 -1.19 36.12 23.56
N ARG D 1204 -0.16 36.43 22.76
CA ARG D 1204 0.60 37.66 22.98
C ARG D 1204 -0.22 38.90 22.63
N VAL D 1205 -1.09 38.81 21.63
CA VAL D 1205 -2.03 39.91 21.34
C VAL D 1205 -3.06 40.03 22.46
N LEU D 1206 -3.62 38.90 22.88
CA LEU D 1206 -4.58 38.87 23.97
C LEU D 1206 -3.88 39.16 25.30
C1 NAG E . 34.61 -51.96 -32.73
C2 NAG E . 34.09 -53.33 -32.27
C3 NAG E . 35.09 -53.97 -31.28
C4 NAG E . 36.50 -53.98 -31.84
C5 NAG E . 36.89 -52.59 -32.34
C6 NAG E . 38.22 -52.57 -33.05
C7 NAG E . 31.63 -53.38 -32.32
C8 NAG E . 30.37 -53.25 -31.51
N2 NAG E . 32.78 -53.22 -31.65
O3 NAG E . 34.65 -55.29 -30.97
O4 NAG E . 37.41 -54.34 -30.80
O5 NAG E . 35.93 -52.11 -33.28
O6 NAG E . 38.44 -53.78 -33.77
O7 NAG E . 31.61 -53.63 -33.53
C1 NAG E . 37.93 -55.67 -30.98
C2 NAG E . 39.22 -55.79 -30.16
C3 NAG E . 39.78 -57.20 -30.25
C4 NAG E . 38.72 -58.24 -29.86
C5 NAG E . 37.45 -58.02 -30.68
C6 NAG E . 36.31 -58.91 -30.24
C7 NAG E . 40.66 -53.84 -29.82
C8 NAG E . 41.68 -52.92 -30.44
N2 NAG E . 40.21 -54.82 -30.60
O3 NAG E . 40.90 -57.32 -29.40
O4 NAG E . 39.21 -59.56 -30.07
O5 NAG E . 36.99 -56.67 -30.54
O6 NAG E . 35.17 -58.16 -29.84
O7 NAG E . 40.28 -53.70 -28.66
C1 NAG F . -0.74 -51.39 -48.23
C2 NAG F . 0.36 -52.42 -47.92
C3 NAG F . 1.54 -52.23 -48.87
C4 NAG F . 1.10 -52.19 -50.33
C5 NAG F . -0.03 -51.17 -50.51
C6 NAG F . -0.62 -51.19 -51.90
C7 NAG F . 0.27 -53.08 -45.55
C8 NAG F . 0.87 -52.87 -44.19
N2 NAG F . 0.80 -52.34 -46.54
O3 NAG F . 2.47 -53.29 -48.67
O4 NAG F . 2.19 -51.76 -51.13
O5 NAG F . -1.11 -51.48 -49.61
O6 NAG F . -0.61 -52.51 -52.45
O7 NAG F . -0.63 -53.88 -45.74
C1 NAG F . 2.75 -52.84 -51.92
C2 NAG F . 3.53 -52.23 -53.07
C3 NAG F . 4.19 -53.33 -53.90
C4 NAG F . 5.03 -54.24 -53.02
C5 NAG F . 4.19 -54.78 -51.86
C6 NAG F . 4.99 -55.58 -50.87
C7 NAG F . 2.85 -50.08 -54.06
C8 NAG F . 1.88 -49.38 -54.96
N2 NAG F . 2.67 -51.40 -53.91
O3 NAG F . 5.02 -52.73 -54.90
O4 NAG F . 5.53 -55.34 -53.78
O5 NAG F . 3.60 -53.68 -51.14
O6 NAG F . 4.93 -55.01 -49.56
O7 NAG F . 3.77 -49.48 -53.50
C1 NAG G . -15.13 -66.97 -15.99
C2 NAG G . -14.31 -67.43 -17.20
C3 NAG G . -15.20 -67.45 -18.45
C4 NAG G . -16.49 -68.23 -18.21
C5 NAG G . -17.19 -67.75 -16.95
C6 NAG G . -18.38 -68.59 -16.57
C7 NAG G . -11.94 -66.83 -16.92
C8 NAG G . -10.87 -65.84 -17.27
N2 NAG G . -13.16 -66.57 -17.42
O3 NAG G . -14.46 -68.02 -19.53
O4 NAG G . -17.38 -68.02 -19.31
O5 NAG G . -16.29 -67.81 -15.83
O6 NAG G . -18.18 -69.96 -16.91
O7 NAG G . -11.72 -67.81 -16.22
C1 NAG G . -17.48 -69.17 -20.16
C2 NAG G . -18.78 -69.05 -20.97
C3 NAG G . -18.91 -70.22 -21.95
C4 NAG G . -17.66 -70.35 -22.81
C5 NAG G . -16.41 -70.43 -21.93
C6 NAG G . -15.13 -70.42 -22.73
C7 NAG G . -20.72 -67.89 -20.04
C8 NAG G . -21.88 -67.98 -19.08
N2 NAG G . -19.93 -68.97 -20.10
O3 NAG G . -20.05 -70.02 -22.77
O4 NAG G . -17.74 -71.53 -23.61
O5 NAG G . -16.36 -69.30 -21.05
O6 NAG G . -14.30 -69.31 -22.38
O7 NAG G . -20.53 -66.90 -20.73
C1 NAG H . 20.21 -67.52 -0.47
C2 NAG H . 19.42 -68.32 -1.52
C3 NAG H . 18.34 -69.16 -0.84
C4 NAG H . 18.91 -70.01 0.30
C5 NAG H . 19.74 -69.14 1.24
C6 NAG H . 20.46 -69.95 2.30
C7 NAG H . 19.41 -67.11 -3.67
C8 NAG H . 18.63 -66.20 -4.57
N2 NAG H . 18.82 -67.43 -2.51
O3 NAG H . 17.72 -69.99 -1.81
O4 NAG H . 17.85 -70.57 1.04
O5 NAG H . 20.74 -68.43 0.51
O6 NAG H . 20.87 -71.20 1.79
O7 NAG H . 20.52 -67.53 -3.98
C1 NAG H . 17.70 -71.98 0.80
C2 NAG H . 16.91 -72.59 1.96
C3 NAG H . 16.68 -74.08 1.73
C4 NAG H . 16.03 -74.32 0.38
C5 NAG H . 16.84 -73.65 -0.73
C6 NAG H . 16.18 -73.73 -2.09
C7 NAG H . 17.07 -71.63 4.22
C8 NAG H . 17.92 -71.50 5.45
N2 NAG H . 17.59 -72.36 3.23
O3 NAG H . 15.84 -74.59 2.76
O4 NAG H . 15.93 -75.71 0.12
O5 NAG H . 17.02 -72.25 -0.44
O6 NAG H . 15.95 -72.44 -2.63
O7 NAG H . 15.98 -71.09 4.13
CA CA I . 0.18 -12.85 -44.67
OP3 A2R J . 45.78 46.16 10.15
P2' A2R J . 45.63 47.67 10.14
OP1 A2R J . 45.68 48.19 8.72
OP2 A2R J . 46.77 48.28 10.94
O2' A2R J . 44.19 48.10 10.86
C2' A2R J . 42.95 48.25 10.06
C1' A2R J . 42.63 46.90 9.22
N9 A2R J . 42.00 47.14 7.93
C4 A2R J . 42.30 46.46 6.81
N3 A2R J . 43.19 45.47 6.60
C2 A2R J . 43.37 44.87 5.26
N1 A2R J . 42.56 45.34 4.15
C6 A2R J . 41.62 46.39 4.38
N6 A2R J . 40.82 46.88 3.34
C5 A2R J . 41.50 46.97 5.80
N7 A2R J . 40.73 47.91 6.30
C8 A2R J . 41.03 48.03 7.64
O4' A2R J . 41.90 46.10 9.97
C3' A2R J . 41.79 48.35 11.01
O3' A2R J . 42.21 48.97 12.32
C4' A2R J . 41.44 46.83 11.20
C5' A2R J . 40.05 46.65 11.37
O5' A2R J . 39.64 45.69 10.38
P A2R J . 38.02 45.72 9.87
O1 A2R J . 37.26 46.70 10.71
O2 A2R J . 37.44 44.35 10.03
O3 A2R J . 37.96 46.19 8.26
P1 A2R J . 36.62 47.02 7.60
O11 A2R J . 35.37 46.18 7.75
O12 A2R J . 36.44 48.33 8.33
O15' A2R J . 36.91 47.32 5.98
C15' A2R J . 37.48 46.28 5.16
C14' A2R J . 37.41 46.65 3.79
C13' A2R J . 36.17 47.53 3.47
O13' A2R J . 36.60 48.88 3.05
C12' A2R J . 35.57 46.94 2.46
O12' A2R J . 36.00 47.59 1.21
C11' A2R J . 36.03 45.40 2.48
O14' A2R J . 37.26 45.39 2.91
O11' A2R J . 35.22 44.67 3.33
CA CA K . -31.78 -32.70 -8.92
OP3 A2R L . -13.88 54.53 -34.11
P2' A2R L . -14.66 55.76 -33.67
OP1 A2R L . -16.15 55.50 -33.82
OP2 A2R L . -14.26 56.93 -34.56
O2' A2R L . -14.31 56.13 -32.10
C2' A2R L . -15.10 55.58 -30.97
C1' A2R L . -15.14 53.94 -31.05
N9 A2R L . -16.37 53.36 -30.57
C4 A2R L . -16.98 52.32 -31.14
N3 A2R L . -16.65 51.60 -32.23
C2 A2R L . -17.47 50.48 -32.70
N1 A2R L . -18.70 50.14 -31.99
C6 A2R L . -19.05 50.90 -30.84
N6 A2R L . -20.22 50.60 -30.12
C5 A2R L . -18.13 52.05 -30.41
N7 A2R L . -18.19 52.90 -29.41
C8 A2R L . -17.11 53.73 -29.50
O4' A2R L . -14.10 53.48 -30.38
C3' A2R L . -14.36 55.85 -29.70
O3' A2R L . -13.54 57.10 -29.80
C4' A2R L . -13.41 54.58 -29.63
C5' A2R L . -13.23 54.19 -28.29
O5' A2R L . -13.58 52.79 -28.21
P A2R L . -14.08 52.18 -26.70
O1 A2R L . -13.87 53.25 -25.64
O2 A2R L . -13.25 50.97 -26.38
O3 A2R L . -15.70 51.77 -26.77
P1 A2R L . -16.73 51.83 -25.41
O11 A2R L . -16.19 50.89 -24.34
O12 A2R L . -16.77 53.24 -24.88
O15' A2R L . -18.26 51.35 -25.86
C15' A2R L . -18.43 50.20 -26.73
C14' A2R L . -19.78 49.82 -26.79
C13' A2R L . -20.53 50.10 -25.45
O13' A2R L . -21.58 51.13 -25.67
C12' A2R L . -21.12 48.98 -25.12
O12' A2R L . -22.51 49.00 -25.59
C11' A2R L . -20.30 47.80 -25.86
O14' A2R L . -19.89 48.30 -27.01
O11' A2R L . -19.22 47.43 -25.10
CA CA M . 8.36 -39.34 23.28
OP3 A2R N . -57.52 25.53 19.20
P2' A2R N . -57.79 26.58 20.25
OP1 A2R N . -57.82 25.95 21.63
OP2 A2R N . -59.14 27.23 19.97
O2' A2R N . -56.62 27.76 20.19
C2' A2R N . -55.39 27.65 21.02
C1' A2R N . -54.61 26.25 20.73
N9 A2R N . -53.93 25.70 21.89
C4 A2R N . -53.91 24.41 22.20
N3 A2R N . -54.47 23.35 21.57
C2 A2R N . -54.31 21.98 22.11
N1 A2R N . -53.55 21.76 23.31
C6 A2R N . -52.96 22.88 23.97
N6 A2R N . -52.22 22.70 25.15
C5 A2R N . -53.17 24.26 23.36
N7 A2R N . -52.75 25.47 23.74
C8 A2R N . -53.22 26.36 22.82
O4' A2R N . -53.78 26.43 19.73
C3' A2R N . -54.42 28.69 20.53
O3' A2R N . -55.13 29.88 19.98
C4' A2R N . -53.68 27.89 19.39
C5' A2R N . -52.33 28.26 19.31
O5' A2R N . -51.56 27.06 19.39
P A2R N . -49.96 27.17 19.98
O1 A2R N . -49.59 28.62 20.12
O2 A2R N . -49.05 26.51 18.98
O3 A2R N . -49.85 26.40 21.46
P1 A2R N . -48.73 26.88 22.66
O11 A2R N . -47.32 26.75 22.11
O12 A2R N . -48.99 28.31 23.05
O15' A2R N . -48.91 25.89 23.99
C15' A2R N . -49.07 24.46 23.81
C14' A2R N . -48.95 23.79 25.05
C13' A2R N . -47.97 24.51 26.01
O13' A2R N . -48.71 25.02 27.20
C12' A2R N . -47.13 23.59 26.42
O12' A2R N . -47.57 23.05 27.71
C11' A2R N . -47.13 22.44 25.30
O14' A2R N . -48.37 22.38 24.83
O11' A2R N . -46.26 22.75 24.28
CA CA O . 40.33 -19.47 -12.43
OP3 A2R P . 2.14 17.17 63.49
P2' A2R P . 2.51 18.52 64.10
OP1 A2R P . 4.01 18.66 64.19
OP2 A2R P . 1.90 18.60 65.49
O2' A2R P . 1.88 19.75 63.18
C2' A2R P . 2.67 20.36 62.08
C1' A2R P . 3.16 19.23 61.01
N9 A2R P . 4.45 19.50 60.42
C4 A2R P . 5.38 18.57 60.18
N3 A2R P . 5.37 17.24 60.43
C2 A2R P . 6.53 16.39 60.09
N1 A2R P . 7.70 16.98 59.48
C6 A2R P . 7.71 18.39 59.21
N6 A2R P . 8.82 19.00 58.62
C5 A2R P . 6.47 19.20 59.60
N7 A2R P . 6.18 20.48 59.48
C8 A2R P . 4.93 20.68 59.98
O4' A2R P . 2.23 19.08 60.10
C3' A2R P . 1.74 21.22 61.26
O3' A2R P . 0.64 21.78 62.11
C4' A2R P . 1.18 20.16 60.25
C5' A2R P . 0.96 20.76 58.99
O5' A2R P . 1.66 19.97 58.02
P A2R P . 2.14 20.73 56.57
O1 A2R P . 1.54 22.11 56.51
O2 A2R P . 1.65 19.91 55.41
O3 A2R P . 3.81 20.84 56.53
P1 A2R P . 4.62 22.10 55.70
O11 A2R P . 4.25 22.06 54.23
O12 A2R P . 4.22 23.43 56.28
O15' A2R P . 6.27 21.89 55.86
C15' A2R P . 6.84 20.57 55.72
C14' A2R P . 8.25 20.64 55.65
C13' A2R P . 8.74 21.95 54.97
O13' A2R P . 9.48 22.78 55.96
C12' A2R P . 9.56 21.59 54.03
O12' A2R P . 10.94 21.66 54.54
C11' A2R P . 9.20 20.05 53.66
O14' A2R P . 8.79 19.49 54.78
O11' A2R P . 8.17 20.03 52.72
#